data_4O9C
#
_entry.id   4O9C
#
_cell.length_a   102.092
_cell.length_b   157.438
_cell.length_c   114.867
_cell.angle_alpha   90.00
_cell.angle_beta   90.00
_cell.angle_gamma   90.00
#
_symmetry.space_group_name_H-M   'P 1 21 1'
#
loop_
_entity.id
_entity.type
_entity.pdbx_description
1 polymer 'Acetyl-CoA acetyltransferase'
2 non-polymer 'COENZYME A'
3 water water
#
_entity_poly.entity_id   1
_entity_poly.type   'polypeptide(L)'
_entity_poly.pdbx_seq_one_letter_code
;MTDVVIVSAARTAVGKFGGSLAKIPAPELGAVVIKAALERAGVKPEQVSEVIMGQVLTAGSGQNPARQAAIKAGLPAMVP
AMTINKVSGSGLKAVMLAANAIMAGDAEIVVAGGQENMSAAPHVLPGSRDGFRMGDAKLVDTMIVDGLWDVYNQYHMGIT
AENVAKEYGITREAQDEFAVGSQNKAEAAQKAGKFDEEIVPVLIPQRKGDPVAFKTDEFVRQGATLDSMSGLKPAFDKAG
TVTAANASGLNDGAAAVVVMSAAKAKELGLTPLATIKSYANAGVDPKVMGMGPVPASKRALSRAEWTPQDLDLMEINEAF
AAQALAVHQQMGWDTSKVNVNGGAIAIGHPIGASGCRILVTLLHEMKRRDAKKGLASLCIGGGMGVALAVERK
;
_entity_poly.pdbx_strand_id   A,B,C,D,E,F,G,H
#
# COMPACT_ATOMS: atom_id res chain seq x y z
N MET A 1 16.59 -36.92 8.73
CA MET A 1 16.09 -37.39 7.41
C MET A 1 17.24 -37.87 6.51
N THR A 2 17.69 -37.00 5.59
CA THR A 2 18.36 -37.42 4.38
C THR A 2 19.32 -36.34 3.94
N ASP A 3 20.52 -36.69 3.50
CA ASP A 3 21.46 -35.72 2.93
C ASP A 3 21.28 -35.71 1.41
N VAL A 4 21.35 -34.51 0.84
CA VAL A 4 21.39 -34.30 -0.60
C VAL A 4 22.76 -33.97 -1.09
N VAL A 5 23.17 -34.59 -2.20
CA VAL A 5 24.42 -34.39 -2.74
C VAL A 5 24.36 -33.93 -4.21
N ILE A 6 25.44 -33.27 -4.63
CA ILE A 6 25.61 -32.88 -6.01
C ILE A 6 26.66 -33.79 -6.62
N VAL A 7 26.29 -34.52 -7.69
CA VAL A 7 27.17 -35.44 -8.31
C VAL A 7 27.89 -34.94 -9.51
N SER A 8 27.41 -33.85 -10.13
CA SER A 8 28.08 -33.30 -11.26
C SER A 8 27.60 -31.86 -11.53
N ALA A 9 28.34 -31.19 -12.41
CA ALA A 9 28.18 -29.75 -12.62
C ALA A 9 28.76 -29.38 -13.92
N ALA A 10 27.98 -28.62 -14.72
CA ALA A 10 28.43 -28.14 -16.01
C ALA A 10 27.82 -26.78 -16.33
N ARG A 11 28.57 -25.94 -17.04
CA ARG A 11 28.03 -24.71 -17.58
C ARG A 11 28.49 -24.46 -19.02
N THR A 12 27.71 -23.68 -19.76
CA THR A 12 28.21 -23.12 -20.98
C THR A 12 29.14 -22.01 -20.60
N ALA A 13 30.01 -21.65 -21.51
CA ALA A 13 30.61 -20.29 -21.45
C ALA A 13 29.48 -19.27 -21.49
N VAL A 14 29.77 -18.10 -20.98
CA VAL A 14 28.82 -17.00 -21.02
C VAL A 14 29.09 -16.11 -22.22
N GLY A 15 28.03 -15.90 -23.00
CA GLY A 15 28.08 -15.09 -24.20
C GLY A 15 27.82 -13.62 -23.84
N LYS A 16 28.37 -12.72 -24.67
CA LYS A 16 28.17 -11.28 -24.57
C LYS A 16 26.86 -11.01 -25.22
N PHE A 17 26.30 -9.84 -24.92
CA PHE A 17 25.04 -9.41 -25.51
C PHE A 17 25.24 -9.30 -27.01
N GLY A 18 24.38 -9.97 -27.78
CA GLY A 18 24.48 -10.02 -29.19
C GLY A 18 25.70 -10.79 -29.59
N GLY A 19 26.28 -11.63 -28.73
CA GLY A 19 27.48 -12.34 -29.11
C GLY A 19 27.29 -13.78 -29.54
N SER A 20 28.21 -14.64 -29.11
CA SER A 20 28.31 -15.97 -29.75
C SER A 20 27.07 -16.84 -29.55
N LEU A 21 26.33 -16.65 -28.44
CA LEU A 21 25.15 -17.45 -28.17
C LEU A 21 23.83 -16.77 -28.55
N ALA A 22 23.89 -15.65 -29.22
CA ALA A 22 22.69 -14.81 -29.36
C ALA A 22 21.59 -15.48 -30.17
N LYS A 23 21.96 -16.38 -31.07
CA LYS A 23 21.00 -17.06 -31.90
C LYS A 23 20.67 -18.46 -31.43
N ILE A 24 21.10 -18.85 -30.26
CA ILE A 24 20.80 -20.19 -29.74
C ILE A 24 19.72 -20.02 -28.65
N PRO A 25 18.52 -20.53 -28.88
CA PRO A 25 17.48 -20.39 -27.87
C PRO A 25 17.85 -20.93 -26.47
N ALA A 26 17.38 -20.27 -25.42
CA ALA A 26 17.70 -20.63 -24.05
C ALA A 26 17.52 -22.14 -23.78
N PRO A 27 16.43 -22.75 -24.26
CA PRO A 27 16.29 -24.23 -24.00
C PRO A 27 17.39 -25.10 -24.62
N GLU A 28 17.94 -24.65 -25.74
CA GLU A 28 19.01 -25.37 -26.37
C GLU A 28 20.28 -25.21 -25.58
N LEU A 29 20.48 -24.07 -24.94
CA LEU A 29 21.61 -23.94 -24.01
C LEU A 29 21.41 -24.79 -22.81
N GLY A 30 20.20 -24.78 -22.25
CA GLY A 30 19.86 -25.68 -21.19
C GLY A 30 20.13 -27.16 -21.54
N ALA A 31 19.75 -27.57 -22.74
CA ALA A 31 19.99 -28.93 -23.12
C ALA A 31 21.47 -29.31 -23.13
N VAL A 32 22.33 -28.38 -23.55
CA VAL A 32 23.73 -28.64 -23.59
C VAL A 32 24.26 -29.03 -22.21
N VAL A 33 23.89 -28.26 -21.19
CA VAL A 33 24.32 -28.51 -19.84
C VAL A 33 23.61 -29.70 -19.15
N ILE A 34 22.31 -29.92 -19.41
CA ILE A 34 21.65 -31.12 -18.84
C ILE A 34 22.33 -32.40 -19.38
N LYS A 35 22.55 -32.46 -20.68
CA LYS A 35 23.18 -33.61 -21.32
C LYS A 35 24.59 -33.85 -20.76
N ALA A 36 25.39 -32.78 -20.70
CA ALA A 36 26.80 -32.83 -20.19
C ALA A 36 26.80 -33.20 -18.73
N ALA A 37 25.93 -32.57 -17.93
CA ALA A 37 25.96 -32.88 -16.51
C ALA A 37 25.63 -34.41 -16.20
N LEU A 38 24.73 -34.99 -16.97
CA LEU A 38 24.39 -36.39 -16.81
C LEU A 38 25.56 -37.31 -17.22
N GLU A 39 26.16 -37.02 -18.38
CA GLU A 39 27.36 -37.72 -18.84
C GLU A 39 28.45 -37.68 -17.77
N ARG A 40 28.71 -36.49 -17.25
CA ARG A 40 29.74 -36.35 -16.21
C ARG A 40 29.40 -37.16 -14.96
N ALA A 41 28.13 -37.21 -14.60
CA ALA A 41 27.74 -37.95 -13.40
C ALA A 41 27.76 -39.47 -13.58
N GLY A 42 27.63 -39.92 -14.83
CA GLY A 42 27.44 -41.32 -15.14
C GLY A 42 26.01 -41.74 -14.85
N VAL A 43 25.04 -40.88 -15.19
CA VAL A 43 23.63 -41.13 -14.96
C VAL A 43 22.97 -41.11 -16.32
N LYS A 44 22.22 -42.16 -16.61
CA LYS A 44 21.49 -42.27 -17.88
C LYS A 44 20.23 -41.39 -17.83
N PRO A 45 19.83 -40.85 -18.96
CA PRO A 45 18.64 -39.96 -19.03
C PRO A 45 17.37 -40.56 -18.45
N GLU A 46 17.18 -41.86 -18.67
CA GLU A 46 16.03 -42.54 -18.14
C GLU A 46 16.01 -42.73 -16.64
N GLN A 47 17.14 -42.55 -15.94
CA GLN A 47 17.17 -42.54 -14.47
C GLN A 47 16.77 -41.20 -13.82
N VAL A 48 16.59 -40.18 -14.62
CA VAL A 48 16.26 -38.86 -14.07
C VAL A 48 14.80 -38.79 -13.60
N SER A 49 14.53 -38.28 -12.39
CA SER A 49 13.15 -38.20 -11.93
C SER A 49 12.47 -36.88 -12.38
N GLU A 50 13.23 -35.81 -12.53
CA GLU A 50 12.65 -34.50 -12.88
C GLU A 50 13.75 -33.53 -13.32
N VAL A 51 13.36 -32.57 -14.19
CA VAL A 51 14.29 -31.48 -14.57
C VAL A 51 13.62 -30.17 -14.15
N ILE A 52 14.37 -29.29 -13.47
CA ILE A 52 13.88 -28.04 -13.00
C ILE A 52 14.86 -27.00 -13.51
N MET A 53 14.40 -26.10 -14.35
CA MET A 53 15.27 -25.07 -14.90
C MET A 53 14.67 -23.69 -14.77
N GLY A 54 15.48 -22.80 -14.27
CA GLY A 54 15.14 -21.40 -14.20
C GLY A 54 15.27 -20.78 -15.63
N GLN A 55 14.29 -19.92 -15.96
CA GLN A 55 14.41 -19.07 -17.12
C GLN A 55 13.52 -17.86 -16.89
N VAL A 56 14.06 -16.61 -16.89
CA VAL A 56 13.18 -15.46 -16.58
C VAL A 56 12.40 -14.94 -17.81
N LEU A 57 13.10 -14.89 -18.91
CA LEU A 57 12.64 -14.24 -20.14
C LEU A 57 12.07 -15.31 -21.10
N THR A 58 10.75 -15.44 -21.13
CA THR A 58 10.08 -16.56 -21.80
C THR A 58 9.06 -16.17 -22.85
N ALA A 59 9.05 -14.89 -23.21
CA ALA A 59 8.01 -14.36 -24.13
C ALA A 59 8.31 -14.93 -25.55
N GLY A 60 7.38 -15.72 -26.06
CA GLY A 60 7.56 -16.35 -27.33
C GLY A 60 8.50 -17.57 -27.29
N SER A 61 8.88 -18.05 -26.11
CA SER A 61 9.79 -19.17 -25.97
C SER A 61 9.18 -20.50 -26.24
N GLY A 62 7.86 -20.54 -26.34
CA GLY A 62 7.14 -21.79 -26.40
C GLY A 62 6.81 -22.45 -25.07
N GLN A 63 5.97 -23.50 -25.10
CA GLN A 63 5.49 -24.19 -23.89
C GLN A 63 6.67 -24.72 -23.07
N ASN A 64 6.72 -24.35 -21.78
CA ASN A 64 7.57 -24.89 -20.75
C ASN A 64 9.02 -25.04 -21.19
N PRO A 65 9.79 -23.93 -21.17
CA PRO A 65 11.21 -24.00 -21.60
C PRO A 65 12.05 -25.11 -20.97
N ALA A 66 11.79 -25.44 -19.71
CA ALA A 66 12.53 -26.51 -19.02
C ALA A 66 12.26 -27.88 -19.68
N ARG A 67 11.00 -28.15 -20.06
CA ARG A 67 10.66 -29.38 -20.78
C ARG A 67 11.36 -29.40 -22.15
N GLN A 68 11.43 -28.25 -22.80
CA GLN A 68 12.12 -28.19 -24.11
C GLN A 68 13.61 -28.52 -23.95
N ALA A 69 14.24 -28.05 -22.87
CA ALA A 69 15.63 -28.32 -22.66
C ALA A 69 15.83 -29.83 -22.41
N ALA A 70 14.94 -30.41 -21.63
CA ALA A 70 15.00 -31.84 -21.24
C ALA A 70 14.87 -32.75 -22.43
N ILE A 71 13.86 -32.51 -23.25
CA ILE A 71 13.67 -33.23 -24.51
C ILE A 71 14.83 -33.01 -25.49
N LYS A 72 15.28 -31.77 -25.64
CA LYS A 72 16.41 -31.51 -26.54
C LYS A 72 17.71 -32.15 -26.02
N ALA A 73 17.88 -32.30 -24.72
CA ALA A 73 19.02 -33.01 -24.16
C ALA A 73 19.06 -34.54 -24.39
N GLY A 74 17.97 -35.12 -24.81
CA GLY A 74 17.81 -36.53 -25.08
C GLY A 74 16.98 -37.21 -24.02
N LEU A 75 16.38 -36.49 -23.06
CA LEU A 75 15.69 -37.17 -22.02
C LEU A 75 14.37 -37.67 -22.55
N PRO A 76 13.97 -38.86 -22.13
CA PRO A 76 12.71 -39.38 -22.69
C PRO A 76 11.49 -38.60 -22.17
N ALA A 77 10.38 -38.77 -22.85
CA ALA A 77 9.16 -38.07 -22.51
C ALA A 77 8.65 -38.44 -21.10
N MET A 78 9.01 -39.61 -20.60
CA MET A 78 8.58 -39.97 -19.28
C MET A 78 9.18 -39.11 -18.20
N VAL A 79 10.25 -38.36 -18.49
CA VAL A 79 10.86 -37.50 -17.45
C VAL A 79 10.14 -36.14 -17.39
N PRO A 80 9.47 -35.86 -16.31
CA PRO A 80 8.82 -34.54 -16.33
C PRO A 80 9.76 -33.34 -16.02
N ALA A 81 9.30 -32.11 -16.27
CA ALA A 81 10.13 -30.94 -16.15
C ALA A 81 9.26 -29.74 -15.82
N MET A 82 9.84 -28.76 -15.15
CA MET A 82 9.15 -27.53 -14.79
C MET A 82 10.11 -26.34 -14.96
N THR A 83 9.59 -25.18 -15.40
CA THR A 83 10.36 -23.96 -15.52
C THR A 83 10.00 -23.09 -14.31
N ILE A 84 10.99 -22.44 -13.74
CA ILE A 84 10.75 -21.53 -12.65
C ILE A 84 11.30 -20.15 -12.93
N ASN A 85 10.77 -19.18 -12.17
CA ASN A 85 11.19 -17.80 -12.24
C ASN A 85 11.21 -17.19 -10.84
N LYS A 86 12.42 -17.02 -10.28
CA LYS A 86 12.68 -16.22 -9.06
C LYS A 86 13.75 -15.18 -9.46
N VAL A 87 13.54 -14.55 -10.64
CA VAL A 87 14.50 -13.61 -11.34
C VAL A 87 15.95 -14.11 -11.29
N SER A 88 16.92 -13.33 -10.77
CA SER A 88 18.34 -13.84 -10.72
C SER A 88 18.53 -15.03 -9.77
N GLY A 89 17.56 -15.25 -8.90
CA GLY A 89 17.58 -16.37 -8.01
C GLY A 89 17.29 -17.71 -8.65
N SER A 90 16.69 -17.68 -9.82
CA SER A 90 16.15 -18.85 -10.47
C SER A 90 17.07 -20.10 -10.50
N GLY A 91 18.28 -19.96 -11.01
CA GLY A 91 19.23 -21.03 -11.21
C GLY A 91 19.61 -21.72 -9.92
N LEU A 92 19.66 -20.97 -8.83
CA LEU A 92 19.97 -21.53 -7.53
C LEU A 92 18.76 -22.08 -6.83
N LYS A 93 17.62 -21.36 -6.93
CA LYS A 93 16.39 -21.82 -6.41
C LYS A 93 16.00 -23.17 -7.05
N ALA A 94 16.36 -23.42 -8.30
CA ALA A 94 16.06 -24.73 -8.88
C ALA A 94 16.70 -25.92 -8.09
N VAL A 95 17.93 -25.68 -7.64
CA VAL A 95 18.71 -26.68 -6.91
C VAL A 95 18.09 -26.87 -5.56
N MET A 96 17.63 -25.76 -4.99
CA MET A 96 16.88 -25.79 -3.70
C MET A 96 15.58 -26.57 -3.79
N LEU A 97 14.84 -26.35 -4.86
CA LEU A 97 13.66 -27.12 -5.12
C LEU A 97 13.98 -28.61 -5.30
N ALA A 98 15.08 -28.91 -5.97
CA ALA A 98 15.44 -30.30 -6.23
C ALA A 98 15.71 -30.95 -4.88
N ALA A 99 16.41 -30.23 -4.01
CA ALA A 99 16.77 -30.76 -2.69
C ALA A 99 15.52 -30.97 -1.84
N ASN A 100 14.60 -30.00 -1.78
CA ASN A 100 13.31 -30.21 -1.13
C ASN A 100 12.61 -31.47 -1.65
N ALA A 101 12.61 -31.69 -2.93
CA ALA A 101 11.87 -32.81 -3.49
C ALA A 101 12.51 -34.15 -3.11
N ILE A 102 13.85 -34.17 -3.11
CA ILE A 102 14.56 -35.37 -2.72
C ILE A 102 14.30 -35.62 -1.25
N MET A 103 14.45 -34.60 -0.45
CA MET A 103 14.22 -34.79 0.95
C MET A 103 12.78 -35.25 1.29
N ALA A 104 11.79 -34.74 0.57
CA ALA A 104 10.43 -35.12 0.82
C ALA A 104 10.11 -36.49 0.25
N GLY A 105 11.03 -37.09 -0.50
CA GLY A 105 10.82 -38.36 -1.14
C GLY A 105 9.98 -38.27 -2.39
N ASP A 106 9.79 -37.06 -2.92
CA ASP A 106 9.05 -36.89 -4.12
C ASP A 106 9.89 -37.28 -5.37
N ALA A 107 11.20 -37.11 -5.31
CA ALA A 107 12.05 -37.38 -6.47
C ALA A 107 13.28 -38.12 -6.01
N GLU A 108 13.93 -38.84 -6.90
CA GLU A 108 15.21 -39.46 -6.59
C GLU A 108 16.39 -38.73 -7.19
N ILE A 109 16.35 -38.45 -8.50
CA ILE A 109 17.44 -37.81 -9.18
C ILE A 109 16.88 -36.59 -9.92
N VAL A 110 17.48 -35.41 -9.75
CA VAL A 110 16.95 -34.16 -10.36
C VAL A 110 18.06 -33.45 -11.05
N VAL A 111 17.84 -33.06 -12.31
CA VAL A 111 18.78 -32.13 -12.95
C VAL A 111 18.21 -30.72 -12.73
N ALA A 112 18.99 -29.85 -12.09
CA ALA A 112 18.53 -28.51 -11.73
C ALA A 112 19.56 -27.45 -12.19
N GLY A 113 19.06 -26.31 -12.66
CA GLY A 113 19.87 -25.16 -12.97
C GLY A 113 19.06 -24.06 -13.62
N GLY A 114 19.66 -23.41 -14.62
CA GLY A 114 19.05 -22.29 -15.30
C GLY A 114 19.62 -22.03 -16.68
N GLN A 115 18.86 -21.27 -17.44
CA GLN A 115 19.16 -21.07 -18.84
C GLN A 115 18.62 -19.69 -19.18
N GLU A 116 19.34 -18.93 -19.99
CA GLU A 116 18.83 -17.59 -20.32
C GLU A 116 19.47 -17.14 -21.60
N ASN A 117 18.68 -16.58 -22.49
CA ASN A 117 19.26 -15.87 -23.63
C ASN A 117 18.67 -14.47 -23.64
N MET A 118 19.41 -13.55 -23.05
CA MET A 118 18.97 -12.17 -22.99
C MET A 118 18.99 -11.49 -24.39
N SER A 119 20.01 -11.79 -25.18
CA SER A 119 20.12 -11.26 -26.55
C SER A 119 18.83 -11.48 -27.34
N ALA A 120 18.18 -12.66 -27.19
CA ALA A 120 17.07 -13.08 -28.03
C ALA A 120 15.73 -12.61 -27.45
N ALA A 121 15.73 -12.00 -26.29
CA ALA A 121 14.46 -11.51 -25.73
C ALA A 121 13.79 -10.53 -26.70
N PRO A 122 12.49 -10.72 -26.99
CA PRO A 122 11.84 -9.85 -27.95
C PRO A 122 11.16 -8.67 -27.34
N HIS A 123 10.66 -7.79 -28.19
CA HIS A 123 9.78 -6.73 -27.78
C HIS A 123 8.40 -7.27 -27.80
N VAL A 124 7.58 -6.73 -26.93
CA VAL A 124 6.24 -7.10 -26.83
C VAL A 124 5.32 -5.89 -27.06
N LEU A 125 4.11 -6.18 -27.52
CA LEU A 125 3.14 -5.16 -27.86
C LEU A 125 1.92 -5.28 -26.95
N PRO A 126 1.94 -4.63 -25.76
CA PRO A 126 0.84 -4.81 -24.87
C PRO A 126 -0.43 -4.21 -25.47
N GLY A 127 -1.56 -4.90 -25.29
CA GLY A 127 -2.85 -4.44 -25.79
C GLY A 127 -3.09 -4.79 -27.25
N SER A 128 -2.18 -5.56 -27.86
CA SER A 128 -2.28 -5.94 -29.28
C SER A 128 -3.55 -6.70 -29.62
N ARG A 129 -4.03 -7.47 -28.66
CA ARG A 129 -5.18 -8.30 -28.90
C ARG A 129 -6.43 -7.43 -29.05
N ASP A 130 -6.49 -6.33 -28.33
CA ASP A 130 -7.56 -5.36 -28.40
C ASP A 130 -7.45 -4.36 -29.53
N GLY A 131 -6.24 -3.94 -29.85
CA GLY A 131 -6.00 -2.94 -30.89
C GLY A 131 -5.81 -1.57 -30.33
N PHE A 132 -5.46 -0.63 -31.21
CA PHE A 132 -5.11 0.70 -30.82
C PHE A 132 -5.92 1.73 -31.60
N ARG A 133 -7.08 2.11 -31.05
CA ARG A 133 -8.11 2.79 -31.83
C ARG A 133 -7.64 4.21 -32.31
N MET A 134 -6.77 4.85 -31.54
CA MET A 134 -6.18 6.14 -31.88
C MET A 134 -5.06 6.48 -30.95
N GLY A 135 -3.93 6.82 -31.52
CA GLY A 135 -2.80 7.19 -30.75
C GLY A 135 -1.69 6.17 -30.87
N ASP A 136 -0.55 6.61 -30.45
CA ASP A 136 0.65 5.89 -30.59
C ASP A 136 0.60 4.72 -29.63
N ALA A 137 1.36 3.67 -29.92
CA ALA A 137 1.42 2.54 -29.04
C ALA A 137 2.88 2.33 -28.75
N LYS A 138 3.13 1.45 -27.79
CA LYS A 138 4.46 1.24 -27.25
C LYS A 138 4.82 -0.23 -27.43
N LEU A 139 6.01 -0.44 -27.98
CA LEU A 139 6.66 -1.73 -28.06
C LEU A 139 7.67 -1.79 -26.89
N VAL A 140 7.47 -2.70 -25.96
CA VAL A 140 8.20 -2.70 -24.71
C VAL A 140 9.24 -3.80 -24.77
N ASP A 141 10.46 -3.52 -24.28
CA ASP A 141 11.57 -4.45 -24.28
C ASP A 141 11.33 -5.49 -23.16
N THR A 142 10.99 -6.74 -23.50
CA THR A 142 10.74 -7.77 -22.42
C THR A 142 11.96 -7.97 -21.54
N MET A 143 13.14 -7.78 -22.09
CA MET A 143 14.37 -7.97 -21.25
C MET A 143 14.38 -6.99 -20.11
N ILE A 144 14.03 -5.74 -20.43
CA ILE A 144 13.91 -4.74 -19.40
C ILE A 144 12.70 -4.94 -18.47
N VAL A 145 11.47 -5.01 -18.96
CA VAL A 145 10.33 -5.04 -18.08
C VAL A 145 10.21 -6.35 -17.28
N ASP A 146 10.52 -7.45 -17.90
CA ASP A 146 10.40 -8.74 -17.21
C ASP A 146 11.68 -9.13 -16.46
N GLY A 147 12.82 -8.61 -16.88
CA GLY A 147 14.09 -9.03 -16.29
C GLY A 147 14.73 -7.99 -15.37
N LEU A 148 14.56 -6.68 -15.64
CA LEU A 148 15.46 -5.68 -15.10
C LEU A 148 14.77 -4.50 -14.46
N TRP A 149 13.46 -4.52 -14.37
CA TRP A 149 12.68 -3.33 -13.95
C TRP A 149 11.90 -3.65 -12.71
N ASP A 150 12.07 -2.85 -11.67
CA ASP A 150 11.30 -3.08 -10.45
C ASP A 150 9.85 -2.65 -10.61
N VAL A 151 8.95 -3.57 -10.27
CA VAL A 151 7.51 -3.37 -10.46
C VAL A 151 7.04 -2.24 -9.53
N TYR A 152 7.54 -2.27 -8.28
CA TYR A 152 6.91 -1.53 -7.17
C TYR A 152 7.34 -0.09 -7.26
N ASN A 153 8.55 0.16 -7.75
CA ASN A 153 9.04 1.53 -7.81
C ASN A 153 9.23 2.06 -9.20
N GLN A 154 8.97 1.23 -10.20
CA GLN A 154 9.07 1.59 -11.57
C GLN A 154 10.41 2.23 -11.91
N TYR A 155 11.50 1.54 -11.62
CA TYR A 155 12.79 1.99 -12.12
C TYR A 155 13.70 0.79 -12.28
N HIS A 156 14.79 0.98 -12.97
CA HIS A 156 15.71 -0.10 -13.28
C HIS A 156 16.39 -0.70 -12.05
N MET A 157 16.81 -1.96 -12.15
CA MET A 157 17.69 -2.55 -11.09
C MET A 157 18.91 -1.62 -10.71
N GLY A 158 19.47 -0.91 -11.68
CA GLY A 158 20.63 -0.06 -11.43
C GLY A 158 20.32 1.03 -10.43
N ILE A 159 19.07 1.51 -10.39
CA ILE A 159 18.64 2.44 -9.34
C ILE A 159 18.61 1.80 -7.97
N THR A 160 18.15 0.55 -7.90
CA THR A 160 18.26 -0.16 -6.59
C THR A 160 19.73 -0.21 -6.13
N ALA A 161 20.66 -0.41 -7.06
CA ALA A 161 22.11 -0.41 -6.76
C ALA A 161 22.57 1.00 -6.26
N GLU A 162 22.06 2.09 -6.88
CA GLU A 162 22.28 3.43 -6.38
C GLU A 162 21.76 3.57 -4.99
N ASN A 163 20.56 3.05 -4.72
CA ASN A 163 20.00 3.14 -3.37
C ASN A 163 20.93 2.47 -2.33
N VAL A 164 21.43 1.31 -2.71
CA VAL A 164 22.27 0.51 -1.81
C VAL A 164 23.59 1.25 -1.61
N ALA A 165 24.18 1.75 -2.69
CA ALA A 165 25.38 2.58 -2.62
C ALA A 165 25.24 3.73 -1.64
N LYS A 166 24.10 4.41 -1.65
CA LYS A 166 23.90 5.57 -0.75
C LYS A 166 23.75 5.12 0.69
N GLU A 167 22.85 4.17 0.89
CA GLU A 167 22.61 3.58 2.22
C GLU A 167 23.86 3.04 2.91
N TYR A 168 24.75 2.35 2.19
CA TYR A 168 25.88 1.70 2.82
C TYR A 168 27.20 2.43 2.58
N GLY A 169 27.13 3.62 1.97
CA GLY A 169 28.29 4.45 1.71
C GLY A 169 29.29 3.85 0.78
N ILE A 170 28.81 3.28 -0.33
CA ILE A 170 29.71 2.63 -1.26
C ILE A 170 30.07 3.62 -2.33
N THR A 171 31.32 4.07 -2.35
CA THR A 171 31.64 5.21 -3.22
C THR A 171 31.91 4.72 -4.60
N ARG A 172 31.82 5.62 -5.57
CA ARG A 172 32.22 5.36 -6.96
C ARG A 172 33.63 4.78 -7.11
N GLU A 173 34.59 5.35 -6.36
CA GLU A 173 35.94 4.80 -6.39
C GLU A 173 36.00 3.34 -5.88
N ALA A 174 35.31 3.02 -4.80
CA ALA A 174 35.35 1.64 -4.32
C ALA A 174 34.67 0.66 -5.31
N GLN A 175 33.56 1.11 -5.91
CA GLN A 175 32.90 0.34 -7.00
C GLN A 175 33.84 0.03 -8.14
N ASP A 176 34.58 1.03 -8.63
CA ASP A 176 35.44 0.84 -9.72
C ASP A 176 36.61 -0.09 -9.36
N GLU A 177 37.11 0.04 -8.14
CA GLU A 177 38.22 -0.75 -7.69
C GLU A 177 37.79 -2.26 -7.63
N PHE A 178 36.60 -2.47 -7.11
CA PHE A 178 36.00 -3.81 -7.04
C PHE A 178 35.82 -4.37 -8.46
N ALA A 179 35.34 -3.54 -9.41
CA ALA A 179 35.13 -3.94 -10.79
C ALA A 179 36.47 -4.33 -11.49
N VAL A 180 37.54 -3.56 -11.31
CA VAL A 180 38.84 -3.89 -11.89
C VAL A 180 39.32 -5.18 -11.29
N GLY A 181 39.12 -5.38 -10.01
CA GLY A 181 39.49 -6.61 -9.36
C GLY A 181 38.82 -7.83 -9.98
N SER A 182 37.52 -7.75 -10.22
CA SER A 182 36.77 -8.85 -10.81
C SER A 182 37.28 -9.19 -12.20
N GLN A 183 37.43 -8.17 -13.03
CA GLN A 183 38.05 -8.37 -14.36
C GLN A 183 39.43 -9.03 -14.27
N ASN A 184 40.29 -8.54 -13.39
CA ASN A 184 41.67 -9.07 -13.36
C ASN A 184 41.68 -10.50 -12.80
N LYS A 185 40.88 -10.78 -11.78
CA LYS A 185 40.70 -12.15 -11.31
C LYS A 185 40.19 -13.08 -12.38
N ALA A 186 39.20 -12.65 -13.15
CA ALA A 186 38.67 -13.46 -14.21
C ALA A 186 39.67 -13.71 -15.33
N GLU A 187 40.32 -12.64 -15.80
CA GLU A 187 41.38 -12.72 -16.79
C GLU A 187 42.47 -13.69 -16.32
N ALA A 188 42.88 -13.59 -15.06
CA ALA A 188 43.92 -14.48 -14.54
C ALA A 188 43.45 -15.94 -14.50
N ALA A 189 42.19 -16.18 -14.10
CA ALA A 189 41.69 -17.54 -14.08
C ALA A 189 41.55 -18.11 -15.51
N GLN A 190 40.97 -17.31 -16.37
CA GLN A 190 40.83 -17.68 -17.75
C GLN A 190 42.19 -18.02 -18.38
N LYS A 191 43.18 -17.15 -18.19
CA LYS A 191 44.49 -17.27 -18.87
C LYS A 191 45.24 -18.52 -18.37
N ALA A 192 44.97 -18.92 -17.11
CA ALA A 192 45.51 -20.11 -16.50
C ALA A 192 44.69 -21.44 -16.70
N GLY A 193 43.65 -21.41 -17.53
CA GLY A 193 42.87 -22.62 -17.83
C GLY A 193 41.90 -23.04 -16.71
N LYS A 194 41.67 -22.17 -15.73
CA LYS A 194 40.84 -22.57 -14.57
C LYS A 194 39.33 -22.83 -14.87
N PHE A 195 38.82 -22.26 -15.97
CA PHE A 195 37.41 -22.42 -16.39
C PHE A 195 37.26 -23.58 -17.34
N ASP A 196 38.39 -24.21 -17.72
CA ASP A 196 38.35 -25.30 -18.76
C ASP A 196 37.48 -26.49 -18.39
N GLU A 197 37.61 -26.94 -17.14
CA GLU A 197 36.97 -28.14 -16.68
C GLU A 197 35.41 -27.94 -16.56
N GLU A 198 34.97 -26.76 -16.15
CA GLU A 198 33.58 -26.51 -15.89
C GLU A 198 32.74 -26.21 -17.13
N ILE A 199 33.38 -25.71 -18.17
CA ILE A 199 32.70 -25.28 -19.36
C ILE A 199 32.51 -26.47 -20.28
N VAL A 200 31.31 -26.61 -20.81
CA VAL A 200 31.10 -27.52 -21.92
C VAL A 200 30.82 -26.71 -23.18
N PRO A 201 31.26 -27.17 -24.36
CA PRO A 201 31.10 -26.30 -25.55
C PRO A 201 29.66 -26.28 -26.08
N VAL A 202 29.30 -25.18 -26.76
CA VAL A 202 28.05 -25.09 -27.53
C VAL A 202 28.53 -24.97 -28.97
N LEU A 203 27.99 -25.79 -29.87
CA LEU A 203 28.38 -25.76 -31.27
C LEU A 203 27.54 -24.75 -32.00
N ILE A 204 28.15 -23.74 -32.62
CA ILE A 204 27.41 -22.68 -33.27
C ILE A 204 27.38 -22.95 -34.80
N PRO A 205 26.21 -23.11 -35.39
CA PRO A 205 26.12 -23.43 -36.82
C PRO A 205 26.69 -22.30 -37.65
N GLN A 206 27.28 -22.66 -38.81
CA GLN A 206 28.00 -21.74 -39.69
C GLN A 206 27.46 -22.01 -41.06
N ARG A 207 26.91 -20.98 -41.71
CA ARG A 207 26.17 -21.00 -43.00
C ARG A 207 26.48 -22.13 -44.01
N LYS A 208 27.74 -22.33 -44.39
CA LYS A 208 28.11 -23.40 -45.32
C LYS A 208 29.40 -24.01 -44.81
N GLY A 209 29.37 -24.57 -43.61
CA GLY A 209 30.58 -25.11 -43.02
C GLY A 209 30.17 -25.92 -41.81
N ASP A 210 31.14 -26.43 -41.10
CA ASP A 210 30.92 -27.17 -39.88
C ASP A 210 30.64 -26.22 -38.74
N PRO A 211 29.98 -26.70 -37.67
CA PRO A 211 29.80 -25.77 -36.55
C PRO A 211 31.08 -25.51 -35.81
N VAL A 212 31.15 -24.37 -35.15
CA VAL A 212 32.32 -23.99 -34.39
C VAL A 212 31.95 -24.01 -32.91
N ALA A 213 32.86 -24.52 -32.07
CA ALA A 213 32.64 -24.63 -30.66
C ALA A 213 32.80 -23.24 -30.06
N PHE A 214 31.88 -22.84 -29.21
CA PHE A 214 32.03 -21.65 -28.35
C PHE A 214 32.25 -22.15 -26.97
N LYS A 215 33.35 -21.75 -26.37
CA LYS A 215 33.72 -22.25 -25.08
C LYS A 215 34.62 -21.33 -24.25
N THR A 216 34.51 -20.04 -24.45
CA THR A 216 35.24 -19.05 -23.71
C THR A 216 34.30 -17.92 -23.25
N ASP A 217 34.50 -17.44 -22.02
CA ASP A 217 33.75 -16.38 -21.44
C ASP A 217 34.15 -15.06 -22.08
N GLU A 218 33.52 -14.77 -23.22
CA GLU A 218 33.95 -13.70 -24.12
C GLU A 218 33.65 -12.31 -23.57
N PHE A 219 32.93 -12.22 -22.46
CA PHE A 219 32.63 -10.91 -21.89
C PHE A 219 33.78 -10.42 -21.01
N VAL A 220 34.62 -11.34 -20.60
CA VAL A 220 35.76 -10.99 -19.70
C VAL A 220 36.65 -9.99 -20.43
N ARG A 221 36.93 -8.86 -19.78
CA ARG A 221 37.86 -7.87 -20.35
C ARG A 221 39.30 -8.07 -19.84
N GLN A 222 40.15 -8.56 -20.71
CA GLN A 222 41.57 -8.71 -20.41
C GLN A 222 42.32 -7.32 -20.42
N GLY A 223 43.36 -7.16 -19.59
CA GLY A 223 44.12 -5.90 -19.47
C GLY A 223 43.26 -4.72 -18.98
N ALA A 224 42.24 -4.99 -18.16
CA ALA A 224 41.38 -3.93 -17.65
C ALA A 224 42.13 -3.15 -16.59
N THR A 225 41.99 -1.82 -16.61
CA THR A 225 42.69 -0.96 -15.63
C THR A 225 41.68 -0.04 -14.98
N LEU A 226 42.05 0.48 -13.82
CA LEU A 226 41.26 1.50 -13.13
C LEU A 226 40.97 2.74 -13.99
N ASP A 227 41.92 3.08 -14.86
CA ASP A 227 41.82 4.26 -15.71
C ASP A 227 40.78 4.09 -16.76
N SER A 228 40.61 2.86 -17.25
CA SER A 228 39.58 2.60 -18.23
C SER A 228 38.14 2.70 -17.64
N MET A 229 38.00 2.86 -16.33
CA MET A 229 36.68 2.94 -15.68
C MET A 229 36.38 4.27 -15.00
N SER A 230 37.38 4.83 -14.34
CA SER A 230 37.23 5.97 -13.45
C SER A 230 36.77 7.22 -14.26
N GLY A 231 36.85 7.20 -15.59
CA GLY A 231 36.34 8.30 -16.42
C GLY A 231 34.92 8.14 -16.95
N LEU A 232 34.25 7.02 -16.71
CA LEU A 232 32.99 6.75 -17.38
C LEU A 232 31.85 7.52 -16.73
N LYS A 233 30.81 7.76 -17.48
CA LYS A 233 29.62 8.41 -16.96
C LYS A 233 28.65 7.38 -16.34
N PRO A 234 27.96 7.76 -15.26
CA PRO A 234 26.96 6.93 -14.65
C PRO A 234 25.91 6.48 -15.63
N ALA A 235 25.43 5.25 -15.44
CA ALA A 235 24.57 4.64 -16.45
C ALA A 235 23.11 4.89 -16.22
N PHE A 236 22.72 5.11 -14.96
CA PHE A 236 21.34 5.09 -14.57
C PHE A 236 20.89 6.37 -13.96
N ASP A 237 21.78 7.11 -13.30
CA ASP A 237 21.41 8.34 -12.64
C ASP A 237 22.55 9.32 -12.90
N LYS A 238 22.26 10.48 -13.46
CA LYS A 238 23.30 11.44 -13.85
C LYS A 238 24.17 11.86 -12.68
N ALA A 239 23.65 11.86 -11.47
CA ALA A 239 24.47 12.19 -10.29
C ALA A 239 24.95 10.97 -9.60
N GLY A 240 24.92 9.83 -10.27
CA GLY A 240 25.07 8.58 -9.58
C GLY A 240 26.48 8.04 -9.61
N THR A 241 26.60 6.76 -9.19
CA THR A 241 27.88 6.04 -9.05
C THR A 241 28.01 4.77 -9.88
N VAL A 242 26.87 4.26 -10.37
CA VAL A 242 26.86 3.01 -11.11
C VAL A 242 27.05 3.25 -12.60
N THR A 243 28.00 2.56 -13.22
CA THR A 243 28.34 2.69 -14.64
C THR A 243 28.24 1.33 -15.36
N ALA A 244 28.44 1.33 -16.67
CA ALA A 244 28.52 0.08 -17.44
C ALA A 244 29.67 -0.80 -17.02
N ALA A 245 30.74 -0.20 -16.51
CA ALA A 245 31.92 -0.94 -16.07
C ALA A 245 31.87 -1.50 -14.66
N ASN A 246 31.11 -0.89 -13.79
CA ASN A 246 30.99 -1.43 -12.44
C ASN A 246 29.64 -2.18 -12.13
N ALA A 247 28.90 -2.53 -13.18
CA ALA A 247 27.74 -3.39 -13.17
C ALA A 247 28.05 -4.56 -14.07
N SER A 248 27.34 -5.66 -13.89
CA SER A 248 27.47 -6.76 -14.80
C SER A 248 26.83 -6.43 -16.14
N GLY A 249 26.92 -7.34 -17.10
CA GLY A 249 26.32 -7.14 -18.40
C GLY A 249 24.97 -7.79 -18.61
N LEU A 250 24.53 -7.76 -19.85
CA LEU A 250 23.39 -8.52 -20.36
C LEU A 250 23.98 -9.69 -21.12
N ASN A 251 23.63 -10.92 -20.73
CA ASN A 251 24.40 -12.05 -21.17
C ASN A 251 23.58 -13.28 -21.39
N ASP A 252 24.18 -14.26 -22.09
CA ASP A 252 23.52 -15.48 -22.47
C ASP A 252 24.29 -16.69 -21.87
N GLY A 253 23.58 -17.72 -21.43
CA GLY A 253 24.24 -18.93 -20.94
C GLY A 253 23.29 -19.87 -20.17
N ALA A 254 23.85 -21.01 -19.80
CA ALA A 254 23.16 -21.98 -18.97
C ALA A 254 24.10 -22.77 -18.09
N ALA A 255 23.54 -23.40 -17.07
CA ALA A 255 24.31 -24.17 -16.10
C ALA A 255 23.37 -25.15 -15.48
N ALA A 256 23.89 -26.33 -15.15
CA ALA A 256 23.12 -27.33 -14.49
C ALA A 256 23.95 -28.21 -13.54
N VAL A 257 23.29 -28.75 -12.51
CA VAL A 257 23.87 -29.74 -11.66
C VAL A 257 22.96 -30.96 -11.59
N VAL A 258 23.53 -32.12 -11.26
CA VAL A 258 22.72 -33.34 -10.95
C VAL A 258 22.76 -33.58 -9.46
N VAL A 259 21.57 -33.71 -8.89
CA VAL A 259 21.34 -33.82 -7.47
C VAL A 259 20.62 -35.16 -7.16
N MET A 260 20.95 -35.75 -6.00
CA MET A 260 20.29 -36.98 -5.51
C MET A 260 20.59 -37.12 -4.04
N SER A 261 19.98 -38.09 -3.34
CA SER A 261 20.32 -38.26 -1.96
C SER A 261 21.71 -38.92 -1.90
N ALA A 262 22.37 -38.78 -0.76
CA ALA A 262 23.64 -39.45 -0.53
C ALA A 262 23.48 -40.95 -0.64
N ALA A 263 22.36 -41.46 -0.11
CA ALA A 263 22.12 -42.93 -0.13
C ALA A 263 21.97 -43.38 -1.54
N LYS A 264 21.32 -42.58 -2.40
CA LYS A 264 21.23 -42.90 -3.82
C LYS A 264 22.58 -42.86 -4.56
N ALA A 265 23.41 -41.86 -4.28
CA ALA A 265 24.73 -41.84 -4.90
C ALA A 265 25.52 -43.16 -4.55
N LYS A 266 25.41 -43.58 -3.31
CA LYS A 266 26.17 -44.78 -2.85
C LYS A 266 25.60 -46.05 -3.53
N GLU A 267 24.28 -46.16 -3.62
CA GLU A 267 23.63 -47.23 -4.38
C GLU A 267 24.14 -47.30 -5.84
N LEU A 268 24.43 -46.15 -6.45
CA LEU A 268 24.83 -46.12 -7.80
C LEU A 268 26.35 -46.11 -7.97
N GLY A 269 27.13 -46.07 -6.92
CA GLY A 269 28.59 -46.06 -7.13
C GLY A 269 29.16 -44.72 -7.57
N LEU A 270 28.50 -43.62 -7.23
CA LEU A 270 28.93 -42.28 -7.65
C LEU A 270 29.57 -41.53 -6.51
N THR A 271 30.73 -40.96 -6.75
CA THR A 271 31.38 -40.14 -5.72
C THR A 271 30.92 -38.67 -5.90
N PRO A 272 30.24 -38.13 -4.93
CA PRO A 272 29.69 -36.76 -5.13
C PRO A 272 30.73 -35.69 -5.18
N LEU A 273 30.39 -34.56 -5.81
CA LEU A 273 31.25 -33.39 -5.76
C LEU A 273 31.22 -32.75 -4.39
N ALA A 274 30.05 -32.79 -3.74
CA ALA A 274 29.80 -32.13 -2.49
C ALA A 274 28.42 -32.49 -1.96
N THR A 275 28.26 -32.25 -0.67
CA THR A 275 27.00 -32.33 -0.02
C THR A 275 26.40 -30.92 0.09
N ILE A 276 25.09 -30.82 -0.15
CA ILE A 276 24.36 -29.58 0.16
C ILE A 276 24.16 -29.57 1.64
N LYS A 277 24.74 -28.55 2.26
CA LYS A 277 24.73 -28.44 3.69
C LYS A 277 23.47 -27.74 4.16
N SER A 278 23.09 -26.66 3.49
CA SER A 278 21.89 -25.93 3.86
C SER A 278 21.58 -24.97 2.71
N TYR A 279 20.42 -24.38 2.79
CA TYR A 279 20.05 -23.30 1.89
C TYR A 279 18.91 -22.49 2.52
N ALA A 280 18.71 -21.28 1.98
CA ALA A 280 17.69 -20.39 2.47
C ALA A 280 17.37 -19.30 1.44
N ASN A 281 16.14 -18.79 1.52
CA ASN A 281 15.77 -17.54 0.81
C ASN A 281 15.56 -16.47 1.85
N ALA A 282 15.22 -15.28 1.37
CA ALA A 282 14.94 -14.16 2.23
C ALA A 282 14.31 -13.06 1.39
N GLY A 283 13.58 -12.16 2.07
CA GLY A 283 12.93 -11.03 1.39
C GLY A 283 13.50 -9.74 1.95
N VAL A 284 13.72 -8.73 1.11
CA VAL A 284 14.06 -7.38 1.60
C VAL A 284 13.20 -6.37 0.83
N ASP A 285 13.33 -5.08 1.16
CA ASP A 285 12.56 -4.07 0.44
C ASP A 285 13.00 -4.08 -1.00
N PRO A 286 12.08 -4.07 -1.98
CA PRO A 286 12.55 -3.99 -3.36
C PRO A 286 13.58 -2.86 -3.69
N LYS A 287 13.47 -1.75 -2.99
CA LYS A 287 14.37 -0.60 -3.20
C LYS A 287 15.82 -0.96 -2.98
N VAL A 288 16.07 -1.93 -2.10
CA VAL A 288 17.44 -2.36 -1.76
C VAL A 288 17.67 -3.85 -2.04
N MET A 289 17.16 -4.31 -3.18
CA MET A 289 17.18 -5.73 -3.52
C MET A 289 18.57 -6.36 -3.54
N GLY A 290 19.60 -5.58 -3.91
CA GLY A 290 21.01 -6.03 -3.83
C GLY A 290 21.51 -6.56 -2.50
N MET A 291 20.81 -6.23 -1.42
CA MET A 291 21.12 -6.71 -0.09
C MET A 291 20.54 -8.11 0.24
N GLY A 292 19.73 -8.70 -0.64
CA GLY A 292 19.14 -10.00 -0.31
C GLY A 292 20.12 -11.08 0.16
N PRO A 293 21.32 -11.14 -0.42
CA PRO A 293 22.32 -12.13 0.02
C PRO A 293 22.64 -12.06 1.51
N VAL A 294 22.38 -10.93 2.18
CA VAL A 294 22.73 -10.82 3.62
C VAL A 294 21.79 -11.69 4.49
N PRO A 295 20.48 -11.36 4.57
CA PRO A 295 19.67 -12.24 5.38
C PRO A 295 19.63 -13.66 4.76
N ALA A 296 19.77 -13.82 3.44
CA ALA A 296 19.75 -15.21 2.93
C ALA A 296 21.01 -15.98 3.37
N SER A 297 22.17 -15.34 3.24
CA SER A 297 23.40 -16.02 3.64
C SER A 297 23.45 -16.26 5.14
N LYS A 298 23.00 -15.29 5.92
CA LYS A 298 22.90 -15.49 7.37
C LYS A 298 21.97 -16.65 7.77
N ARG A 299 20.82 -16.74 7.14
CA ARG A 299 19.93 -17.85 7.40
C ARG A 299 20.54 -19.19 6.97
N ALA A 300 21.16 -19.23 5.82
CA ALA A 300 21.79 -20.44 5.34
C ALA A 300 22.95 -20.90 6.30
N LEU A 301 23.72 -19.95 6.77
CA LEU A 301 24.83 -20.23 7.70
C LEU A 301 24.28 -20.73 9.03
N SER A 302 23.19 -20.15 9.46
CA SER A 302 22.57 -20.57 10.69
C SER A 302 21.99 -21.96 10.53
N ARG A 303 21.33 -22.25 9.41
CA ARG A 303 20.88 -23.61 9.18
C ARG A 303 22.04 -24.59 9.10
N ALA A 304 23.17 -24.20 8.60
CA ALA A 304 24.35 -25.05 8.54
C ALA A 304 25.08 -25.17 9.89
N GLU A 305 24.75 -24.29 10.84
CA GLU A 305 25.51 -24.10 12.08
C GLU A 305 26.92 -23.76 11.78
N TRP A 306 27.10 -22.87 10.79
CA TRP A 306 28.39 -22.28 10.47
C TRP A 306 28.43 -20.80 10.72
N THR A 307 29.62 -20.27 10.92
CA THR A 307 29.82 -18.84 11.01
C THR A 307 30.37 -18.42 9.64
N PRO A 308 30.30 -17.13 9.34
CA PRO A 308 30.91 -16.62 8.13
C PRO A 308 32.42 -16.96 7.99
N GLN A 309 33.14 -17.00 9.12
CA GLN A 309 34.57 -17.38 9.18
C GLN A 309 34.88 -18.86 8.92
N ASP A 310 33.92 -19.75 9.09
CA ASP A 310 34.13 -21.17 8.74
C ASP A 310 34.26 -21.39 7.23
N LEU A 311 33.78 -20.43 6.43
CA LEU A 311 33.78 -20.66 4.98
C LEU A 311 35.17 -20.62 4.38
N ASP A 312 35.45 -21.55 3.47
CA ASP A 312 36.70 -21.55 2.69
C ASP A 312 36.60 -20.76 1.38
N LEU A 313 35.42 -20.70 0.75
CA LEU A 313 35.30 -20.09 -0.57
C LEU A 313 33.83 -19.71 -0.72
N MET A 314 33.58 -18.59 -1.38
CA MET A 314 32.21 -18.12 -1.65
C MET A 314 32.13 -17.61 -3.10
N GLU A 315 30.92 -17.68 -3.62
CA GLU A 315 30.60 -17.01 -4.86
C GLU A 315 29.36 -16.17 -4.53
N ILE A 316 29.53 -14.85 -4.52
CA ILE A 316 28.47 -13.92 -4.27
C ILE A 316 28.32 -13.12 -5.57
N ASN A 317 27.13 -13.25 -6.18
CA ASN A 317 26.92 -12.74 -7.55
C ASN A 317 27.08 -11.24 -7.53
N GLU A 318 27.70 -10.75 -8.58
CA GLU A 318 28.06 -9.33 -8.74
C GLU A 318 27.10 -8.72 -9.76
N ALA A 319 25.87 -8.51 -9.40
CA ALA A 319 24.99 -7.84 -10.39
C ALA A 319 25.49 -6.39 -10.53
N PHE A 320 25.84 -5.81 -9.38
CA PHE A 320 26.41 -4.48 -9.30
C PHE A 320 27.48 -4.42 -8.22
N ALA A 321 28.63 -3.87 -8.55
CA ALA A 321 29.68 -3.72 -7.53
C ALA A 321 29.09 -3.08 -6.26
N ALA A 322 28.18 -2.13 -6.43
CA ALA A 322 27.67 -1.38 -5.28
C ALA A 322 27.03 -2.35 -4.33
N GLN A 323 26.26 -3.32 -4.86
CA GLN A 323 25.60 -4.27 -3.96
C GLN A 323 26.54 -5.36 -3.43
N ALA A 324 27.40 -5.92 -4.26
CA ALA A 324 28.37 -6.89 -3.77
C ALA A 324 29.23 -6.27 -2.66
N LEU A 325 29.70 -5.03 -2.83
CA LEU A 325 30.43 -4.40 -1.69
C LEU A 325 29.60 -4.21 -0.42
N ALA A 326 28.34 -3.79 -0.56
CA ALA A 326 27.55 -3.65 0.64
C ALA A 326 27.38 -4.96 1.31
N VAL A 327 27.16 -6.02 0.51
CA VAL A 327 26.95 -7.36 1.10
C VAL A 327 28.22 -7.71 1.93
N HIS A 328 29.41 -7.53 1.34
CA HIS A 328 30.65 -7.90 2.03
C HIS A 328 30.84 -7.09 3.29
N GLN A 329 30.46 -5.81 3.22
CA GLN A 329 30.54 -4.93 4.40
C GLN A 329 29.67 -5.50 5.53
N GLN A 330 28.45 -5.93 5.21
CA GLN A 330 27.49 -6.34 6.22
C GLN A 330 27.77 -7.76 6.70
N MET A 331 28.31 -8.62 5.85
CA MET A 331 28.65 -9.97 6.33
C MET A 331 29.95 -10.02 7.13
N GLY A 332 30.90 -9.18 6.81
CA GLY A 332 32.18 -9.12 7.55
C GLY A 332 33.15 -10.22 7.20
N TRP A 333 32.83 -11.10 6.26
CA TRP A 333 33.69 -12.23 5.89
C TRP A 333 34.88 -11.79 5.00
N ASP A 334 35.79 -12.72 4.72
CA ASP A 334 37.08 -12.43 4.16
C ASP A 334 36.94 -12.45 2.65
N THR A 335 37.13 -11.29 2.04
CA THR A 335 36.77 -11.17 0.63
C THR A 335 37.84 -11.70 -0.26
N SER A 336 39.04 -12.00 0.27
CA SER A 336 39.99 -12.74 -0.55
C SER A 336 39.50 -14.17 -0.87
N LYS A 337 38.45 -14.66 -0.19
CA LYS A 337 37.87 -16.00 -0.50
C LYS A 337 36.59 -15.97 -1.38
N VAL A 338 36.22 -14.78 -1.86
CA VAL A 338 34.95 -14.60 -2.57
C VAL A 338 35.31 -14.33 -4.00
N ASN A 339 34.65 -15.05 -4.92
CA ASN A 339 34.81 -14.83 -6.35
C ASN A 339 36.32 -14.79 -6.73
N VAL A 340 37.04 -15.82 -6.33
CA VAL A 340 38.49 -15.84 -6.51
C VAL A 340 38.85 -15.91 -7.99
N ASN A 341 37.92 -16.40 -8.83
CA ASN A 341 38.14 -16.43 -10.24
C ASN A 341 37.39 -15.31 -10.96
N GLY A 342 37.06 -14.25 -10.25
CA GLY A 342 36.24 -13.21 -10.83
C GLY A 342 34.73 -13.47 -10.69
N GLY A 343 33.92 -12.43 -10.95
CA GLY A 343 32.48 -12.59 -10.98
C GLY A 343 31.81 -11.97 -12.18
N ALA A 344 30.53 -11.72 -11.99
CA ALA A 344 29.61 -11.43 -13.07
C ALA A 344 29.92 -10.11 -13.79
N ILE A 345 30.50 -9.14 -13.07
CA ILE A 345 30.98 -7.92 -13.76
C ILE A 345 31.90 -8.27 -14.95
N ALA A 346 32.77 -9.28 -14.76
CA ALA A 346 33.64 -9.78 -15.81
C ALA A 346 33.04 -10.87 -16.66
N ILE A 347 32.42 -11.86 -15.99
CA ILE A 347 31.98 -13.08 -16.67
C ILE A 347 30.64 -12.94 -17.41
N GLY A 348 29.77 -12.10 -16.84
CA GLY A 348 28.45 -11.85 -17.35
C GLY A 348 27.37 -12.38 -16.41
N HIS A 349 26.13 -11.92 -16.63
CA HIS A 349 25.01 -12.22 -15.79
C HIS A 349 23.74 -12.64 -16.62
N PRO A 350 23.74 -13.85 -17.16
CA PRO A 350 22.50 -14.34 -17.74
C PRO A 350 21.47 -14.66 -16.71
N ILE A 351 20.49 -13.77 -16.51
CA ILE A 351 19.84 -13.71 -15.21
C ILE A 351 19.32 -15.06 -14.68
N GLY A 352 18.60 -15.83 -15.49
CA GLY A 352 17.95 -17.07 -15.00
C GLY A 352 18.95 -18.20 -14.84
N ALA A 353 20.14 -18.07 -15.44
CA ALA A 353 21.20 -19.05 -15.28
C ALA A 353 22.22 -18.78 -14.16
N SER A 354 22.38 -17.52 -13.78
CA SER A 354 23.54 -17.17 -12.93
C SER A 354 23.59 -17.89 -11.61
N GLY A 355 22.43 -18.11 -10.98
CA GLY A 355 22.33 -18.83 -9.72
C GLY A 355 23.03 -20.21 -9.78
N CYS A 356 22.92 -20.89 -10.89
CA CYS A 356 23.58 -22.19 -10.99
C CYS A 356 24.96 -22.02 -11.60
N ARG A 357 25.14 -21.01 -12.46
CA ARG A 357 26.47 -20.72 -13.01
C ARG A 357 27.45 -20.50 -11.88
N ILE A 358 27.06 -19.75 -10.84
CA ILE A 358 28.04 -19.47 -9.77
C ILE A 358 28.32 -20.70 -8.90
N LEU A 359 27.34 -21.58 -8.79
CA LEU A 359 27.47 -22.82 -8.07
C LEU A 359 28.43 -23.75 -8.78
N VAL A 360 28.32 -23.85 -10.10
CA VAL A 360 29.23 -24.61 -10.93
C VAL A 360 30.67 -24.13 -10.69
N THR A 361 30.84 -22.81 -10.72
CA THR A 361 32.12 -22.20 -10.58
C THR A 361 32.69 -22.46 -9.19
N LEU A 362 31.85 -22.30 -8.17
CA LEU A 362 32.23 -22.56 -6.80
C LEU A 362 32.73 -24.01 -6.64
N LEU A 363 31.95 -24.96 -7.11
CA LEU A 363 32.30 -26.37 -6.92
C LEU A 363 33.63 -26.76 -7.58
N HIS A 364 33.90 -26.24 -8.77
CA HIS A 364 35.09 -26.61 -9.48
C HIS A 364 36.35 -25.99 -8.78
N GLU A 365 36.22 -24.77 -8.30
CA GLU A 365 37.31 -24.15 -7.61
C GLU A 365 37.55 -24.82 -6.24
N MET A 366 36.46 -25.12 -5.49
CA MET A 366 36.59 -25.89 -4.23
C MET A 366 37.44 -27.14 -4.40
N LYS A 367 37.13 -27.91 -5.42
CA LYS A 367 37.88 -29.12 -5.66
C LYS A 367 39.31 -28.77 -5.95
N ARG A 368 39.55 -27.79 -6.83
CA ARG A 368 40.93 -27.41 -7.13
C ARG A 368 41.72 -26.96 -5.91
N ARG A 369 41.13 -26.33 -4.93
CA ARG A 369 41.97 -25.96 -3.80
C ARG A 369 41.70 -26.78 -2.58
N ASP A 370 41.01 -27.90 -2.77
CA ASP A 370 40.55 -28.72 -1.67
C ASP A 370 39.91 -27.87 -0.54
N ALA A 371 39.14 -26.87 -0.96
CA ALA A 371 38.23 -26.20 0.00
C ALA A 371 37.13 -27.12 0.53
N LYS A 372 36.81 -27.01 1.81
CA LYS A 372 35.84 -27.88 2.38
C LYS A 372 34.44 -27.24 2.55
N LYS A 373 34.36 -25.93 2.80
CA LYS A 373 33.06 -25.32 3.08
C LYS A 373 32.89 -24.12 2.15
N GLY A 374 31.81 -24.11 1.36
CA GLY A 374 31.53 -23.06 0.42
C GLY A 374 30.06 -22.57 0.49
N LEU A 375 29.87 -21.36 -0.04
CA LEU A 375 28.57 -20.76 -0.09
C LEU A 375 28.43 -20.02 -1.41
N ALA A 376 27.22 -20.16 -1.98
CA ALA A 376 26.81 -19.35 -3.15
C ALA A 376 25.56 -18.55 -2.78
N SER A 377 25.50 -17.29 -3.22
CA SER A 377 24.37 -16.44 -2.93
C SER A 377 24.20 -15.32 -3.95
N LEU A 378 22.94 -14.92 -4.20
CA LEU A 378 22.64 -13.90 -5.20
C LEU A 378 21.46 -13.04 -4.74
N CYS A 379 21.48 -11.77 -5.17
CA CYS A 379 20.36 -10.87 -4.99
C CYS A 379 19.33 -11.10 -6.05
N ILE A 380 18.11 -10.60 -5.83
CA ILE A 380 16.98 -10.92 -6.66
C ILE A 380 16.10 -9.71 -6.78
N GLY A 381 15.82 -9.37 -8.03
CA GLY A 381 14.94 -8.24 -8.35
C GLY A 381 13.61 -8.38 -7.66
N GLY A 382 13.09 -7.30 -7.06
CA GLY A 382 11.85 -7.36 -6.32
C GLY A 382 12.07 -7.61 -4.83
N GLY A 383 13.35 -7.78 -4.45
CA GLY A 383 13.74 -7.72 -3.05
C GLY A 383 13.86 -9.07 -2.40
N MET A 384 14.70 -9.92 -2.96
CA MET A 384 14.94 -11.18 -2.36
C MET A 384 16.40 -11.60 -2.44
N GLY A 385 16.69 -12.69 -1.74
CA GLY A 385 17.99 -13.32 -1.81
C GLY A 385 17.84 -14.83 -1.68
N VAL A 386 18.79 -15.57 -2.26
CA VAL A 386 18.89 -16.98 -2.03
C VAL A 386 20.37 -17.23 -1.70
N ALA A 387 20.63 -18.28 -0.93
CA ALA A 387 21.96 -18.72 -0.59
C ALA A 387 21.95 -20.27 -0.40
N LEU A 388 23.01 -20.93 -0.84
CA LEU A 388 23.11 -22.37 -0.64
C LEU A 388 24.58 -22.67 -0.23
N ALA A 389 24.70 -23.52 0.79
CA ALA A 389 26.02 -23.93 1.29
C ALA A 389 26.31 -25.36 0.94
N VAL A 390 27.56 -25.61 0.59
CA VAL A 390 27.97 -26.92 0.23
C VAL A 390 29.20 -27.34 1.10
N GLU A 391 29.35 -28.65 1.32
CA GLU A 391 30.46 -29.17 2.10
C GLU A 391 31.12 -30.33 1.37
N ARG A 392 32.45 -30.32 1.34
CA ARG A 392 33.26 -31.43 0.84
C ARG A 392 33.96 -32.17 2.01
N LYS A 393 34.09 -33.48 1.85
CA LYS A 393 34.63 -34.35 2.91
C LYS A 393 36.08 -34.05 3.14
N MET B 1 7.15 -39.45 7.67
CA MET B 1 7.33 -38.02 7.27
C MET B 1 6.16 -37.14 7.78
N THR B 2 6.42 -35.84 7.91
CA THR B 2 5.44 -34.84 8.37
C THR B 2 4.18 -34.91 7.53
N ASP B 3 3.00 -34.78 8.13
CA ASP B 3 1.75 -34.76 7.31
C ASP B 3 1.56 -33.30 6.96
N VAL B 4 1.17 -33.04 5.73
CA VAL B 4 0.91 -31.65 5.25
C VAL B 4 -0.61 -31.49 5.02
N VAL B 5 -1.17 -30.40 5.53
CA VAL B 5 -2.61 -30.15 5.43
C VAL B 5 -2.85 -28.84 4.65
N ILE B 6 -4.06 -28.74 4.12
CA ILE B 6 -4.50 -27.52 3.47
C ILE B 6 -5.51 -26.91 4.42
N VAL B 7 -5.33 -25.65 4.79
CA VAL B 7 -6.18 -25.02 5.86
C VAL B 7 -7.23 -24.11 5.32
N SER B 8 -7.08 -23.67 4.06
CA SER B 8 -8.10 -22.83 3.41
C SER B 8 -7.88 -22.88 1.90
N ALA B 9 -8.86 -22.38 1.18
CA ALA B 9 -8.93 -22.49 -0.27
C ALA B 9 -9.91 -21.44 -0.82
N ALA B 10 -9.47 -20.72 -1.86
CA ALA B 10 -10.26 -19.63 -2.46
C ALA B 10 -9.97 -19.54 -3.93
N ARG B 11 -10.99 -19.19 -4.74
CA ARG B 11 -10.77 -18.92 -6.17
C ARG B 11 -11.56 -17.72 -6.59
N THR B 12 -11.12 -17.05 -7.64
CA THR B 12 -11.99 -16.13 -8.30
C THR B 12 -13.03 -16.89 -9.12
N ALA B 13 -14.16 -16.25 -9.45
CA ALA B 13 -14.92 -16.77 -10.57
C ALA B 13 -13.98 -16.72 -11.81
N VAL B 14 -14.25 -17.58 -12.79
CA VAL B 14 -13.52 -17.64 -14.03
C VAL B 14 -14.16 -16.73 -15.07
N GLY B 15 -13.35 -15.87 -15.65
CA GLY B 15 -13.80 -14.93 -16.61
C GLY B 15 -13.74 -15.49 -18.02
N LYS B 16 -14.67 -15.08 -18.87
CA LYS B 16 -14.60 -15.39 -20.31
C LYS B 16 -13.51 -14.63 -21.02
N PHE B 17 -13.09 -15.11 -22.19
CA PHE B 17 -12.07 -14.40 -22.99
C PHE B 17 -12.61 -13.01 -23.34
N GLY B 18 -11.89 -11.94 -23.02
CA GLY B 18 -12.36 -10.58 -23.30
C GLY B 18 -13.46 -10.18 -22.36
N GLY B 19 -13.67 -10.95 -21.28
CA GLY B 19 -14.79 -10.80 -20.38
C GLY B 19 -14.49 -9.96 -19.16
N SER B 20 -15.13 -10.28 -18.05
CA SER B 20 -15.14 -9.36 -16.90
C SER B 20 -13.78 -9.17 -16.21
N LEU B 21 -12.88 -10.14 -16.36
CA LEU B 21 -11.54 -10.02 -15.78
C LEU B 21 -10.50 -9.58 -16.75
N ALA B 22 -10.86 -9.33 -18.00
CA ALA B 22 -9.84 -9.12 -19.05
C ALA B 22 -8.87 -7.97 -18.82
N LYS B 23 -9.26 -6.95 -18.08
CA LYS B 23 -8.41 -5.84 -17.84
C LYS B 23 -7.69 -5.94 -16.53
N ILE B 24 -7.82 -7.04 -15.78
CA ILE B 24 -7.23 -7.10 -14.44
C ILE B 24 -6.00 -8.02 -14.59
N PRO B 25 -4.78 -7.49 -14.43
CA PRO B 25 -3.57 -8.29 -14.61
C PRO B 25 -3.55 -9.54 -13.73
N ALA B 26 -2.96 -10.63 -14.20
CA ALA B 26 -2.97 -11.90 -13.47
C ALA B 26 -2.51 -11.78 -12.01
N PRO B 27 -1.45 -11.00 -11.74
CA PRO B 27 -1.01 -10.88 -10.33
C PRO B 27 -2.02 -10.16 -9.43
N GLU B 28 -2.88 -9.32 -10.01
CA GLU B 28 -3.98 -8.78 -9.20
C GLU B 28 -5.04 -9.81 -8.86
N LEU B 29 -5.32 -10.69 -9.81
CA LEU B 29 -6.13 -11.84 -9.56
C LEU B 29 -5.55 -12.73 -8.47
N GLY B 30 -4.26 -13.02 -8.57
CA GLY B 30 -3.60 -13.81 -7.55
C GLY B 30 -3.69 -13.13 -6.23
N ALA B 31 -3.54 -11.78 -6.21
CA ALA B 31 -3.61 -11.08 -4.93
C ALA B 31 -4.96 -11.29 -4.24
N VAL B 32 -6.04 -11.31 -5.03
CA VAL B 32 -7.35 -11.40 -4.47
C VAL B 32 -7.46 -12.70 -3.70
N VAL B 33 -6.98 -13.77 -4.33
CA VAL B 33 -7.08 -15.10 -3.73
C VAL B 33 -6.07 -15.42 -2.63
N ILE B 34 -4.87 -14.87 -2.70
CA ILE B 34 -3.89 -15.02 -1.61
C ILE B 34 -4.49 -14.35 -0.37
N LYS B 35 -4.92 -13.11 -0.54
CA LYS B 35 -5.47 -12.38 0.60
C LYS B 35 -6.66 -13.10 1.21
N ALA B 36 -7.57 -13.63 0.41
CA ALA B 36 -8.77 -14.28 0.92
C ALA B 36 -8.44 -15.62 1.54
N ALA B 37 -7.53 -16.39 0.93
CA ALA B 37 -7.16 -17.66 1.57
C ALA B 37 -6.57 -17.47 2.94
N LEU B 38 -5.79 -16.40 3.12
CA LEU B 38 -5.17 -16.14 4.41
C LEU B 38 -6.23 -15.70 5.44
N GLU B 39 -7.15 -14.85 4.99
CA GLU B 39 -8.28 -14.47 5.87
C GLU B 39 -9.12 -15.66 6.29
N ARG B 40 -9.39 -16.55 5.35
CA ARG B 40 -10.18 -17.71 5.63
C ARG B 40 -9.46 -18.64 6.54
N ALA B 41 -8.13 -18.78 6.36
CA ALA B 41 -7.35 -19.59 7.26
C ALA B 41 -7.24 -19.06 8.67
N GLY B 42 -7.32 -17.74 8.84
CA GLY B 42 -6.96 -17.09 10.10
C GLY B 42 -5.45 -17.02 10.26
N VAL B 43 -4.73 -16.76 9.18
CA VAL B 43 -3.29 -16.67 9.16
C VAL B 43 -2.96 -15.27 8.69
N LYS B 44 -2.16 -14.58 9.48
CA LYS B 44 -1.70 -13.24 9.16
C LYS B 44 -0.63 -13.31 8.07
N PRO B 45 -0.60 -12.28 7.23
CA PRO B 45 0.41 -12.21 6.18
C PRO B 45 1.84 -12.38 6.66
N GLU B 46 2.17 -11.88 7.86
CA GLU B 46 3.55 -11.95 8.33
C GLU B 46 3.92 -13.36 8.79
N GLN B 47 2.95 -14.26 8.95
CA GLN B 47 3.22 -15.66 9.27
C GLN B 47 3.61 -16.48 8.05
N VAL B 48 3.49 -15.90 6.86
CA VAL B 48 3.65 -16.73 5.65
C VAL B 48 5.14 -16.98 5.41
N SER B 49 5.57 -18.21 5.11
CA SER B 49 6.99 -18.51 4.80
C SER B 49 7.31 -18.24 3.32
N GLU B 50 6.38 -18.48 2.39
CA GLU B 50 6.69 -18.40 0.96
C GLU B 50 5.36 -18.34 0.21
N VAL B 51 5.35 -17.67 -0.93
CA VAL B 51 4.25 -17.77 -1.89
C VAL B 51 4.76 -18.41 -3.21
N ILE B 52 4.01 -19.36 -3.77
CA ILE B 52 4.35 -20.01 -5.00
C ILE B 52 3.11 -19.92 -5.89
N MET B 53 3.21 -19.21 -7.02
CA MET B 53 2.05 -19.09 -7.95
C MET B 53 2.49 -19.50 -9.35
N GLY B 54 1.69 -20.31 -10.00
CA GLY B 54 1.87 -20.57 -11.38
C GLY B 54 1.30 -19.45 -12.20
N GLN B 55 1.95 -19.20 -13.33
CA GLN B 55 1.48 -18.28 -14.36
C GLN B 55 2.20 -18.64 -15.61
N VAL B 56 1.45 -19.00 -16.66
CA VAL B 56 2.08 -19.45 -17.87
C VAL B 56 2.51 -18.27 -18.77
N LEU B 57 1.63 -17.30 -18.91
CA LEU B 57 1.80 -16.31 -19.95
C LEU B 57 2.30 -15.03 -19.24
N THR B 58 3.60 -14.76 -19.38
CA THR B 58 4.25 -13.74 -18.59
C THR B 58 4.93 -12.62 -19.42
N ALA B 59 4.70 -12.60 -20.74
CA ALA B 59 5.31 -11.61 -21.58
C ALA B 59 4.81 -10.20 -21.20
N GLY B 60 5.74 -9.37 -20.75
CA GLY B 60 5.40 -8.02 -20.36
C GLY B 60 4.75 -7.95 -19.01
N SER B 61 4.70 -9.07 -18.30
CA SER B 61 4.02 -9.05 -17.02
C SER B 61 4.84 -8.41 -15.87
N GLY B 62 6.12 -8.10 -16.12
CA GLY B 62 6.94 -7.49 -15.07
C GLY B 62 7.66 -8.57 -14.26
N GLN B 63 8.65 -8.16 -13.48
CA GLN B 63 9.45 -9.13 -12.75
C GLN B 63 8.59 -10.00 -11.82
N ASN B 64 8.84 -11.31 -11.84
CA ASN B 64 8.30 -12.34 -10.91
C ASN B 64 6.84 -12.15 -10.50
N PRO B 65 5.94 -12.57 -11.38
CA PRO B 65 4.52 -12.37 -11.14
C PRO B 65 4.01 -12.86 -9.81
N ALA B 66 4.55 -13.95 -9.28
CA ALA B 66 4.08 -14.40 -7.97
C ALA B 66 4.42 -13.35 -6.91
N ARG B 67 5.63 -12.73 -6.97
CA ARG B 67 5.96 -11.66 -5.98
C ARG B 67 5.00 -10.45 -6.06
N GLN B 68 4.66 -10.13 -7.29
CA GLN B 68 3.68 -9.06 -7.53
C GLN B 68 2.38 -9.37 -6.83
N ALA B 69 1.90 -10.61 -6.95
CA ALA B 69 0.65 -11.01 -6.31
C ALA B 69 0.77 -10.94 -4.82
N ALA B 70 1.90 -11.48 -4.27
CA ALA B 70 2.09 -11.44 -2.83
C ALA B 70 2.05 -10.03 -2.28
N ILE B 71 2.77 -9.14 -2.95
CA ILE B 71 2.89 -7.75 -2.45
C ILE B 71 1.53 -7.05 -2.58
N LYS B 72 0.87 -7.28 -3.72
CA LYS B 72 -0.49 -6.73 -3.87
C LYS B 72 -1.50 -7.24 -2.89
N ALA B 73 -1.33 -8.47 -2.43
CA ALA B 73 -2.18 -9.05 -1.43
C ALA B 73 -1.95 -8.53 -0.03
N GLY B 74 -0.90 -7.72 0.17
CA GLY B 74 -0.57 -7.10 1.45
C GLY B 74 0.48 -7.85 2.22
N LEU B 75 1.14 -8.81 1.60
CA LEU B 75 2.17 -9.53 2.32
C LEU B 75 3.42 -8.64 2.38
N PRO B 76 4.10 -8.70 3.49
CA PRO B 76 5.28 -7.85 3.62
C PRO B 76 6.44 -8.33 2.74
N ALA B 77 7.38 -7.43 2.50
CA ALA B 77 8.57 -7.70 1.64
C ALA B 77 9.44 -8.88 2.12
N MET B 78 9.41 -9.18 3.43
CA MET B 78 10.18 -10.29 4.00
C MET B 78 9.72 -11.67 3.52
N VAL B 79 8.52 -11.75 2.97
CA VAL B 79 7.95 -13.02 2.46
C VAL B 79 8.43 -13.28 1.01
N PRO B 80 9.27 -14.30 0.81
CA PRO B 80 9.69 -14.59 -0.57
C PRO B 80 8.58 -15.21 -1.44
N ALA B 81 8.72 -15.09 -2.74
CA ALA B 81 7.78 -15.73 -3.65
C ALA B 81 8.49 -16.13 -4.89
N MET B 82 7.89 -17.06 -5.61
CA MET B 82 8.39 -17.56 -6.83
C MET B 82 7.25 -17.92 -7.78
N THR B 83 7.52 -17.73 -9.08
CA THR B 83 6.57 -18.05 -10.16
C THR B 83 6.99 -19.36 -10.78
N ILE B 84 6.05 -20.23 -11.15
CA ILE B 84 6.42 -21.41 -11.85
C ILE B 84 5.57 -21.57 -13.08
N ASN B 85 6.07 -22.41 -13.99
CA ASN B 85 5.41 -22.79 -15.23
C ASN B 85 5.62 -24.29 -15.51
N LYS B 86 4.56 -25.06 -15.31
CA LYS B 86 4.43 -26.42 -15.80
C LYS B 86 3.11 -26.42 -16.60
N VAL B 87 2.89 -25.40 -17.46
CA VAL B 87 1.71 -25.20 -18.36
C VAL B 87 0.42 -25.37 -17.52
N SER B 88 -0.58 -26.15 -17.97
CA SER B 88 -1.76 -26.37 -17.15
C SER B 88 -1.57 -27.07 -15.84
N GLY B 89 -0.43 -27.70 -15.64
CA GLY B 89 -0.11 -28.25 -14.33
C GLY B 89 0.27 -27.28 -13.23
N SER B 90 0.59 -26.04 -13.63
CA SER B 90 1.23 -25.08 -12.75
C SER B 90 0.54 -24.90 -11.40
N GLY B 91 -0.77 -24.66 -11.38
CA GLY B 91 -1.50 -24.33 -10.17
C GLY B 91 -1.53 -25.49 -9.16
N LEU B 92 -1.49 -26.71 -9.65
CA LEU B 92 -1.47 -27.86 -8.77
C LEU B 92 -0.01 -28.20 -8.35
N LYS B 93 0.89 -28.08 -9.32
CA LYS B 93 2.35 -28.26 -9.05
C LYS B 93 2.76 -27.31 -8.00
N ALA B 94 2.15 -26.12 -7.97
CA ALA B 94 2.51 -25.18 -6.90
C ALA B 94 2.29 -25.80 -5.49
N VAL B 95 1.20 -26.51 -5.35
CA VAL B 95 0.80 -27.05 -4.04
C VAL B 95 1.72 -28.20 -3.65
N MET B 96 2.08 -28.98 -4.67
CA MET B 96 3.10 -30.00 -4.54
C MET B 96 4.45 -29.51 -4.05
N LEU B 97 4.93 -28.38 -4.59
CA LEU B 97 6.17 -27.75 -4.18
C LEU B 97 6.06 -27.24 -2.78
N ALA B 98 4.89 -26.70 -2.43
CA ALA B 98 4.65 -26.30 -1.06
C ALA B 98 4.80 -27.47 -0.08
N ALA B 99 4.13 -28.58 -0.37
CA ALA B 99 4.24 -29.82 0.47
C ALA B 99 5.67 -30.34 0.55
N ASN B 100 6.41 -30.37 -0.56
CA ASN B 100 7.82 -30.67 -0.57
C ASN B 100 8.61 -29.80 0.39
N ALA B 101 8.36 -28.48 0.37
CA ALA B 101 9.16 -27.58 1.16
C ALA B 101 8.80 -27.74 2.64
N ILE B 102 7.52 -28.00 2.92
CA ILE B 102 7.08 -28.21 4.33
C ILE B 102 7.74 -29.51 4.84
N MET B 103 7.67 -30.56 4.04
CA MET B 103 8.20 -31.85 4.49
C MET B 103 9.73 -31.81 4.69
N ALA B 104 10.44 -31.08 3.84
CA ALA B 104 11.83 -30.88 3.95
C ALA B 104 12.27 -29.96 5.08
N GLY B 105 11.37 -29.26 5.74
CA GLY B 105 11.78 -28.33 6.79
C GLY B 105 12.20 -26.97 6.22
N ASP B 106 12.00 -26.74 4.93
CA ASP B 106 12.39 -25.50 4.30
C ASP B 106 11.38 -24.34 4.57
N ALA B 107 10.10 -24.63 4.73
CA ALA B 107 9.07 -23.63 4.91
C ALA B 107 8.09 -24.18 5.95
N GLU B 108 7.34 -23.31 6.59
CA GLU B 108 6.30 -23.68 7.54
C GLU B 108 4.93 -23.40 6.97
N ILE B 109 4.64 -22.20 6.45
CA ILE B 109 3.31 -21.85 5.91
C ILE B 109 3.53 -21.39 4.49
N VAL B 110 2.93 -22.07 3.51
CA VAL B 110 3.02 -21.65 2.11
C VAL B 110 1.65 -21.34 1.51
N VAL B 111 1.58 -20.25 0.75
CA VAL B 111 0.42 -19.97 -0.02
C VAL B 111 0.81 -20.42 -1.44
N ALA B 112 -0.01 -21.26 -2.04
CA ALA B 112 0.30 -21.93 -3.30
C ALA B 112 -0.96 -21.92 -4.20
N GLY B 113 -0.77 -21.61 -5.47
CA GLY B 113 -1.84 -21.67 -6.44
C GLY B 113 -1.35 -21.20 -7.80
N GLY B 114 -2.20 -20.47 -8.50
CA GLY B 114 -1.96 -20.07 -9.83
C GLY B 114 -2.89 -18.94 -10.23
N GLN B 115 -2.47 -18.25 -11.28
CA GLN B 115 -3.12 -17.05 -11.76
C GLN B 115 -2.90 -16.97 -13.27
N GLU B 116 -3.91 -16.54 -14.04
CA GLU B 116 -3.73 -16.39 -15.45
C GLU B 116 -4.72 -15.39 -16.02
N ASN B 117 -4.25 -14.56 -16.95
CA ASN B 117 -5.10 -13.72 -17.72
C ASN B 117 -4.78 -13.91 -19.18
N MET B 118 -5.54 -14.79 -19.80
CA MET B 118 -5.30 -15.10 -21.20
C MET B 118 -5.79 -13.99 -22.09
N SER B 119 -6.89 -13.34 -21.72
CA SER B 119 -7.36 -12.13 -22.47
C SER B 119 -6.28 -11.09 -22.75
N ALA B 120 -5.46 -10.82 -21.74
CA ALA B 120 -4.46 -9.73 -21.81
C ALA B 120 -3.17 -10.22 -22.50
N ALA B 121 -3.03 -11.49 -22.80
CA ALA B 121 -1.74 -11.91 -23.41
C ALA B 121 -1.44 -11.18 -24.72
N PRO B 122 -0.24 -10.63 -24.87
CA PRO B 122 0.10 -9.80 -26.06
C PRO B 122 0.81 -10.58 -27.16
N HIS B 123 1.10 -9.87 -28.24
CA HIS B 123 1.93 -10.37 -29.28
C HIS B 123 3.35 -9.94 -29.09
N VAL B 124 4.27 -10.75 -29.57
CA VAL B 124 5.63 -10.45 -29.48
C VAL B 124 6.24 -10.37 -30.86
N LEU B 125 7.38 -9.67 -30.93
CA LEU B 125 8.12 -9.43 -32.16
C LEU B 125 9.49 -10.06 -32.11
N PRO B 126 9.59 -11.33 -32.49
CA PRO B 126 10.92 -11.87 -32.41
C PRO B 126 11.84 -11.19 -33.42
N GLY B 127 13.12 -11.09 -33.08
CA GLY B 127 14.14 -10.51 -33.89
C GLY B 127 14.18 -8.98 -33.83
N SER B 128 13.37 -8.40 -32.98
CA SER B 128 13.20 -6.93 -32.90
C SER B 128 14.49 -6.21 -32.57
N ARG B 129 15.46 -6.90 -31.94
CA ARG B 129 16.75 -6.25 -31.63
C ARG B 129 17.62 -6.02 -32.78
N ASP B 130 17.63 -7.01 -33.65
CA ASP B 130 18.42 -6.97 -34.80
C ASP B 130 17.79 -6.12 -35.87
N GLY B 131 16.48 -6.08 -35.94
CA GLY B 131 15.81 -5.30 -36.99
C GLY B 131 15.52 -6.18 -38.17
N PHE B 132 14.82 -5.61 -39.16
CA PHE B 132 14.27 -6.34 -40.29
C PHE B 132 14.72 -5.57 -41.54
N ARG B 133 15.87 -5.96 -42.07
CA ARG B 133 16.53 -5.16 -43.09
C ARG B 133 15.65 -5.07 -44.34
N MET B 134 14.93 -6.13 -44.64
CA MET B 134 14.00 -6.16 -45.76
C MET B 134 13.02 -7.31 -45.67
N GLY B 135 11.80 -7.06 -46.05
CA GLY B 135 10.80 -8.08 -46.00
C GLY B 135 9.96 -8.03 -44.72
N ASP B 136 8.93 -8.82 -44.72
CA ASP B 136 7.95 -8.80 -43.71
C ASP B 136 8.42 -9.54 -42.45
N ALA B 137 7.72 -9.35 -41.35
CA ALA B 137 8.15 -9.97 -40.10
C ALA B 137 6.90 -10.36 -39.35
N LYS B 138 7.05 -11.36 -38.51
CA LYS B 138 5.88 -11.96 -37.86
C LYS B 138 5.63 -11.34 -36.47
N LEU B 139 4.40 -10.95 -36.10
CA LEU B 139 4.05 -10.65 -34.73
C LEU B 139 3.41 -11.96 -34.20
N VAL B 140 3.98 -12.56 -33.17
CA VAL B 140 3.59 -13.89 -32.73
C VAL B 140 2.66 -13.76 -31.53
N ASP B 141 1.53 -14.50 -31.51
CA ASP B 141 0.58 -14.49 -30.41
C ASP B 141 1.14 -15.32 -29.20
N THR B 142 1.49 -14.67 -28.10
CA THR B 142 2.10 -15.39 -26.97
C THR B 142 1.13 -16.38 -26.38
N MET B 143 -0.18 -16.12 -26.44
CA MET B 143 -1.11 -17.01 -25.79
C MET B 143 -1.03 -18.36 -26.49
N ILE B 144 -0.96 -18.31 -27.81
CA ILE B 144 -0.87 -19.49 -28.61
C ILE B 144 0.50 -20.17 -28.45
N VAL B 145 1.58 -19.46 -28.72
CA VAL B 145 2.89 -20.12 -28.78
C VAL B 145 3.32 -20.54 -27.40
N ASP B 146 3.04 -19.71 -26.41
CA ASP B 146 3.50 -20.05 -25.01
C ASP B 146 2.55 -20.94 -24.19
N GLY B 147 1.27 -20.93 -24.56
CA GLY B 147 0.25 -21.60 -23.83
C GLY B 147 -0.35 -22.83 -24.50
N LEU B 148 -0.45 -22.81 -25.83
CA LEU B 148 -1.37 -23.71 -26.55
C LEU B 148 -0.79 -24.50 -27.70
N TRP B 149 0.51 -24.39 -27.95
CA TRP B 149 1.15 -24.96 -29.13
C TRP B 149 2.24 -25.92 -28.74
N ASP B 150 2.15 -27.14 -29.25
CA ASP B 150 3.20 -28.13 -28.93
C ASP B 150 4.47 -27.83 -29.65
N VAL B 151 5.57 -27.75 -28.88
CA VAL B 151 6.88 -27.47 -29.40
C VAL B 151 7.38 -28.55 -30.35
N TYR B 152 7.21 -29.78 -29.96
CA TYR B 152 7.82 -30.92 -30.61
C TYR B 152 7.11 -31.27 -31.90
N ASN B 153 5.79 -31.14 -31.93
CA ASN B 153 5.06 -31.47 -33.13
C ASN B 153 4.57 -30.25 -33.88
N GLN B 154 4.70 -29.06 -33.29
CA GLN B 154 4.28 -27.83 -33.94
C GLN B 154 2.82 -27.83 -34.42
N TYR B 155 1.92 -28.11 -33.49
CA TYR B 155 0.50 -27.95 -33.71
C TYR B 155 -0.20 -27.70 -32.40
N HIS B 156 -1.44 -27.32 -32.53
CA HIS B 156 -2.21 -26.87 -31.41
C HIS B 156 -2.49 -28.01 -30.42
N MET B 157 -2.69 -27.67 -29.15
CA MET B 157 -3.19 -28.66 -28.16
C MET B 157 -4.43 -29.45 -28.68
N GLY B 158 -5.31 -28.79 -29.42
CA GLY B 158 -6.47 -29.44 -30.06
C GLY B 158 -6.15 -30.65 -30.91
N ILE B 159 -5.03 -30.62 -31.64
CA ILE B 159 -4.59 -31.78 -32.43
C ILE B 159 -4.15 -32.94 -31.51
N THR B 160 -3.48 -32.62 -30.39
CA THR B 160 -3.19 -33.68 -29.45
C THR B 160 -4.49 -34.32 -28.97
N ALA B 161 -5.54 -33.51 -28.79
CA ALA B 161 -6.86 -34.07 -28.41
C ALA B 161 -7.43 -34.98 -29.53
N GLU B 162 -7.26 -34.60 -30.78
CA GLU B 162 -7.66 -35.49 -31.89
C GLU B 162 -6.87 -36.76 -31.89
N ASN B 163 -5.60 -36.68 -31.50
CA ASN B 163 -4.77 -37.88 -31.44
C ASN B 163 -5.32 -38.86 -30.42
N VAL B 164 -5.70 -38.33 -29.26
CA VAL B 164 -6.24 -39.12 -28.18
C VAL B 164 -7.60 -39.68 -28.63
N ALA B 165 -8.45 -38.86 -29.24
CA ALA B 165 -9.76 -39.33 -29.65
C ALA B 165 -9.63 -40.57 -30.58
N LYS B 166 -8.70 -40.48 -31.53
CA LYS B 166 -8.43 -41.60 -32.44
C LYS B 166 -7.86 -42.81 -31.73
N GLU B 167 -6.89 -42.60 -30.87
CA GLU B 167 -6.20 -43.71 -30.22
C GLU B 167 -7.13 -44.53 -29.33
N TYR B 168 -8.02 -43.83 -28.66
CA TYR B 168 -8.86 -44.40 -27.64
C TYR B 168 -10.30 -44.58 -28.09
N GLY B 169 -10.59 -44.29 -29.36
CA GLY B 169 -11.92 -44.47 -29.95
C GLY B 169 -12.97 -43.60 -29.26
N ILE B 170 -12.63 -42.32 -29.04
CA ILE B 170 -13.60 -41.39 -28.47
C ILE B 170 -14.33 -40.64 -29.55
N THR B 171 -15.62 -40.95 -29.74
CA THR B 171 -16.36 -40.39 -30.88
C THR B 171 -16.75 -38.95 -30.66
N ARG B 172 -16.98 -38.26 -31.76
CA ARG B 172 -17.65 -36.99 -31.73
C ARG B 172 -18.88 -36.96 -30.83
N GLU B 173 -19.76 -37.95 -31.01
CA GLU B 173 -21.01 -38.02 -30.30
C GLU B 173 -20.70 -38.23 -28.80
N ALA B 174 -19.77 -39.09 -28.42
CA ALA B 174 -19.35 -39.24 -26.98
C ALA B 174 -18.79 -37.92 -26.37
N GLN B 175 -18.02 -37.16 -27.17
CA GLN B 175 -17.46 -35.88 -26.75
C GLN B 175 -18.53 -34.90 -26.50
N ASP B 176 -19.48 -34.82 -27.42
CA ASP B 176 -20.56 -33.85 -27.28
C ASP B 176 -21.46 -34.17 -26.10
N GLU B 177 -21.70 -35.46 -25.88
CA GLU B 177 -22.48 -35.88 -24.74
C GLU B 177 -21.80 -35.44 -23.42
N PHE B 178 -20.48 -35.59 -23.40
CA PHE B 178 -19.70 -35.28 -22.21
C PHE B 178 -19.80 -33.79 -21.95
N ALA B 179 -19.61 -33.04 -23.01
CA ALA B 179 -19.62 -31.64 -22.94
C ALA B 179 -20.95 -31.08 -22.46
N VAL B 180 -22.07 -31.62 -22.97
CA VAL B 180 -23.36 -31.21 -22.51
C VAL B 180 -23.56 -31.57 -21.04
N GLY B 181 -23.14 -32.76 -20.59
CA GLY B 181 -23.15 -33.11 -19.17
C GLY B 181 -22.44 -32.05 -18.30
N SER B 182 -21.25 -31.62 -18.72
CA SER B 182 -20.44 -30.68 -17.97
C SER B 182 -21.13 -29.36 -17.89
N GLN B 183 -21.68 -28.86 -19.01
CA GLN B 183 -22.47 -27.63 -18.97
C GLN B 183 -23.71 -27.77 -18.06
N ASN B 184 -24.43 -28.86 -18.21
CA ASN B 184 -25.63 -29.02 -17.37
C ASN B 184 -25.28 -29.17 -15.86
N LYS B 185 -24.24 -29.93 -15.54
CA LYS B 185 -23.79 -30.01 -14.16
C LYS B 185 -23.38 -28.64 -13.59
N ALA B 186 -22.71 -27.80 -14.42
CA ALA B 186 -22.26 -26.47 -13.99
C ALA B 186 -23.42 -25.55 -13.79
N GLU B 187 -24.36 -25.63 -14.72
CA GLU B 187 -25.62 -24.88 -14.59
C GLU B 187 -26.38 -25.19 -13.28
N ALA B 188 -26.52 -26.48 -12.94
CA ALA B 188 -27.22 -26.94 -11.74
C ALA B 188 -26.49 -26.43 -10.49
N ALA B 189 -25.15 -26.52 -10.49
CA ALA B 189 -24.33 -25.99 -9.42
C ALA B 189 -24.46 -24.48 -9.22
N GLN B 190 -24.44 -23.72 -10.29
CA GLN B 190 -24.70 -22.32 -10.23
C GLN B 190 -26.07 -22.00 -9.62
N LYS B 191 -27.11 -22.64 -10.11
CA LYS B 191 -28.47 -22.34 -9.69
C LYS B 191 -28.64 -22.73 -8.24
N ALA B 192 -27.95 -23.76 -7.78
CA ALA B 192 -28.07 -24.16 -6.42
C ALA B 192 -27.09 -23.41 -5.49
N GLY B 193 -26.23 -22.56 -5.98
CA GLY B 193 -25.28 -21.86 -5.09
C GLY B 193 -24.13 -22.70 -4.61
N LYS B 194 -23.84 -23.77 -5.28
CA LYS B 194 -22.72 -24.59 -4.85
C LYS B 194 -21.35 -23.90 -4.87
N PHE B 195 -21.18 -22.88 -5.72
CA PHE B 195 -19.91 -22.22 -5.84
C PHE B 195 -19.89 -21.02 -4.90
N ASP B 196 -20.96 -20.75 -4.12
CA ASP B 196 -20.96 -19.49 -3.36
C ASP B 196 -19.78 -19.43 -2.36
N GLU B 197 -19.50 -20.53 -1.72
CA GLU B 197 -18.50 -20.56 -0.67
C GLU B 197 -17.07 -20.43 -1.23
N GLU B 198 -16.77 -21.02 -2.37
CA GLU B 198 -15.39 -21.08 -2.83
C GLU B 198 -14.97 -19.77 -3.57
N ILE B 199 -15.94 -19.08 -4.15
CA ILE B 199 -15.67 -17.92 -4.97
C ILE B 199 -15.52 -16.70 -4.15
N VAL B 200 -14.40 -15.98 -4.37
CA VAL B 200 -14.26 -14.67 -3.77
C VAL B 200 -14.40 -13.62 -4.90
N PRO B 201 -15.14 -12.55 -4.60
CA PRO B 201 -15.38 -11.54 -5.63
C PRO B 201 -14.14 -10.74 -6.04
N VAL B 202 -14.09 -10.32 -7.32
CA VAL B 202 -13.09 -9.33 -7.80
C VAL B 202 -13.88 -8.06 -8.11
N LEU B 203 -13.46 -6.90 -7.59
CA LEU B 203 -14.24 -5.69 -7.80
C LEU B 203 -13.80 -5.03 -9.08
N ILE B 204 -14.71 -4.90 -10.04
CA ILE B 204 -14.35 -4.41 -11.37
C ILE B 204 -14.61 -2.89 -11.46
N PRO B 205 -13.59 -2.08 -11.65
CA PRO B 205 -13.88 -0.66 -11.68
C PRO B 205 -14.84 -0.24 -12.82
N GLN B 206 -15.66 0.80 -12.58
CA GLN B 206 -16.75 1.26 -13.50
C GLN B 206 -16.59 2.73 -13.63
N ARG B 207 -16.56 3.21 -14.87
CA ARG B 207 -16.06 4.56 -15.20
C ARG B 207 -16.40 5.72 -14.25
N LYS B 208 -17.66 5.91 -13.89
CA LYS B 208 -18.08 7.01 -12.98
C LYS B 208 -19.09 6.43 -12.01
N GLY B 209 -18.65 5.45 -11.28
CA GLY B 209 -19.56 4.64 -10.50
C GLY B 209 -18.77 3.77 -9.56
N ASP B 210 -19.48 3.07 -8.69
CA ASP B 210 -18.82 2.19 -7.79
C ASP B 210 -18.42 0.91 -8.55
N PRO B 211 -17.35 0.27 -8.09
CA PRO B 211 -16.97 -1.00 -8.64
C PRO B 211 -18.10 -2.01 -8.51
N VAL B 212 -18.22 -2.91 -9.47
CA VAL B 212 -19.12 -4.06 -9.45
C VAL B 212 -18.38 -5.39 -9.16
N ALA B 213 -18.97 -6.20 -8.30
CA ALA B 213 -18.45 -7.45 -7.89
C ALA B 213 -18.64 -8.47 -9.00
N PHE B 214 -17.55 -9.02 -9.52
CA PHE B 214 -17.60 -10.15 -10.43
C PHE B 214 -17.40 -11.41 -9.61
N LYS B 215 -18.41 -12.27 -9.65
CA LYS B 215 -18.45 -13.43 -8.77
C LYS B 215 -19.21 -14.63 -9.28
N THR B 216 -19.31 -14.73 -10.58
CA THR B 216 -19.97 -15.82 -11.23
C THR B 216 -19.18 -16.30 -12.41
N ASP B 217 -19.18 -17.61 -12.63
CA ASP B 217 -18.46 -18.21 -13.76
C ASP B 217 -19.19 -17.98 -15.09
N GLU B 218 -18.88 -16.85 -15.70
CA GLU B 218 -19.65 -16.34 -16.78
C GLU B 218 -19.46 -17.15 -18.07
N PHE B 219 -18.56 -18.12 -18.08
CA PHE B 219 -18.35 -18.90 -19.31
C PHE B 219 -19.39 -20.03 -19.37
N VAL B 220 -20.01 -20.34 -18.23
CA VAL B 220 -20.93 -21.46 -18.15
C VAL B 220 -22.15 -21.16 -19.07
N ARG B 221 -22.50 -22.08 -19.96
CA ARG B 221 -23.68 -21.87 -20.83
C ARG B 221 -24.85 -22.66 -20.26
N GLN B 222 -25.82 -21.95 -19.73
CA GLN B 222 -27.04 -22.52 -19.20
C GLN B 222 -27.95 -22.90 -20.37
N GLY B 223 -28.74 -23.96 -20.19
CA GLY B 223 -29.63 -24.51 -21.26
C GLY B 223 -28.93 -25.15 -22.43
N ALA B 224 -27.78 -25.78 -22.19
CA ALA B 224 -26.99 -26.32 -23.25
C ALA B 224 -27.61 -27.65 -23.63
N THR B 225 -27.74 -27.92 -24.92
CA THR B 225 -28.34 -29.19 -25.37
C THR B 225 -27.45 -29.81 -26.36
N LEU B 226 -27.60 -31.12 -26.56
CA LEU B 226 -26.91 -31.83 -27.63
C LEU B 226 -27.07 -31.25 -29.04
N ASP B 227 -28.28 -30.79 -29.39
CA ASP B 227 -28.51 -30.18 -30.69
C ASP B 227 -27.73 -28.91 -30.85
N SER B 228 -27.50 -28.15 -29.76
CA SER B 228 -26.66 -26.97 -29.86
C SER B 228 -25.20 -27.30 -30.21
N MET B 229 -24.78 -28.54 -30.00
CA MET B 229 -23.38 -28.92 -30.22
C MET B 229 -23.11 -29.79 -31.44
N SER B 230 -24.03 -30.70 -31.75
CA SER B 230 -23.78 -31.77 -32.73
C SER B 230 -23.72 -31.27 -34.16
N GLY B 231 -24.09 -30.02 -34.41
CA GLY B 231 -23.99 -29.41 -35.71
C GLY B 231 -22.73 -28.61 -35.97
N LEU B 232 -21.95 -28.30 -34.93
CA LEU B 232 -20.77 -27.47 -35.09
C LEU B 232 -19.67 -28.17 -35.91
N LYS B 233 -18.91 -27.36 -36.60
CA LYS B 233 -17.79 -27.82 -37.37
C LYS B 233 -16.57 -27.99 -36.49
N PRO B 234 -15.75 -28.98 -36.80
CA PRO B 234 -14.54 -29.16 -35.96
C PRO B 234 -13.59 -27.96 -35.99
N ALA B 235 -12.90 -27.69 -34.87
CA ALA B 235 -12.16 -26.44 -34.70
C ALA B 235 -10.71 -26.50 -35.17
N PHE B 236 -10.09 -27.68 -35.19
CA PHE B 236 -8.62 -27.77 -35.41
C PHE B 236 -8.24 -28.63 -36.60
N ASP B 237 -9.13 -29.48 -37.05
CA ASP B 237 -8.87 -30.40 -38.14
C ASP B 237 -10.22 -30.58 -38.87
N LYS B 238 -10.23 -30.32 -40.16
CA LYS B 238 -11.47 -30.35 -40.95
C LYS B 238 -12.10 -31.75 -40.91
N ALA B 239 -11.33 -32.80 -40.66
CA ALA B 239 -11.86 -34.15 -40.57
C ALA B 239 -11.98 -34.64 -39.16
N GLY B 240 -11.93 -33.72 -38.20
CA GLY B 240 -11.78 -34.12 -36.83
C GLY B 240 -13.09 -34.20 -36.06
N THR B 241 -12.97 -34.13 -34.76
CA THR B 241 -14.06 -34.36 -33.84
C THR B 241 -14.15 -33.28 -32.76
N VAL B 242 -13.07 -32.55 -32.55
CA VAL B 242 -12.97 -31.53 -31.50
C VAL B 242 -13.50 -30.22 -32.05
N THR B 243 -14.46 -29.65 -31.32
CA THR B 243 -15.08 -28.40 -31.64
C THR B 243 -14.90 -27.40 -30.49
N ALA B 244 -15.36 -26.16 -30.72
CA ALA B 244 -15.34 -25.17 -29.71
C ALA B 244 -16.26 -25.56 -28.56
N ALA B 245 -17.24 -26.42 -28.80
CA ALA B 245 -18.21 -26.73 -27.73
C ALA B 245 -17.83 -27.95 -26.94
N ASN B 246 -16.98 -28.80 -27.47
CA ASN B 246 -16.54 -29.89 -26.66
C ASN B 246 -15.09 -29.77 -26.20
N ALA B 247 -14.57 -28.56 -26.25
CA ALA B 247 -13.25 -28.22 -25.65
C ALA B 247 -13.45 -27.03 -24.72
N SER B 248 -12.51 -26.80 -23.79
CA SER B 248 -12.64 -25.62 -22.92
C SER B 248 -12.24 -24.41 -23.67
N GLY B 249 -12.34 -23.28 -22.97
CA GLY B 249 -12.13 -21.99 -23.52
C GLY B 249 -10.78 -21.39 -23.20
N LEU B 250 -10.69 -20.10 -23.49
CA LEU B 250 -9.57 -19.31 -23.17
C LEU B 250 -10.14 -18.39 -22.10
N ASN B 251 -9.51 -18.33 -20.93
CA ASN B 251 -10.18 -17.79 -19.72
C ASN B 251 -9.19 -17.18 -18.75
N ASP B 252 -9.73 -16.43 -17.81
CA ASP B 252 -8.94 -15.68 -16.86
C ASP B 252 -9.43 -16.08 -15.45
N GLY B 253 -8.50 -16.15 -14.50
CA GLY B 253 -8.87 -16.46 -13.16
C GLY B 253 -7.64 -16.72 -12.28
N ALA B 254 -7.87 -16.95 -11.00
CA ALA B 254 -6.78 -17.34 -10.08
C ALA B 254 -7.37 -18.17 -8.95
N ALA B 255 -6.50 -18.86 -8.22
CA ALA B 255 -6.92 -19.72 -7.14
C ALA B 255 -5.73 -19.92 -6.20
N ALA B 256 -6.01 -20.08 -4.91
CA ALA B 256 -4.96 -20.34 -3.93
C ALA B 256 -5.45 -21.19 -2.77
N VAL B 257 -4.50 -21.93 -2.19
CA VAL B 257 -4.70 -22.64 -0.92
C VAL B 257 -3.52 -22.29 0.06
N VAL B 258 -3.79 -22.37 1.35
CA VAL B 258 -2.82 -22.22 2.42
C VAL B 258 -2.47 -23.60 3.00
N VAL B 259 -1.16 -23.89 2.97
CA VAL B 259 -0.59 -25.18 3.23
C VAL B 259 0.35 -25.05 4.45
N MET B 260 0.31 -26.07 5.32
CA MET B 260 1.24 -26.12 6.48
C MET B 260 1.25 -27.57 7.03
N SER B 261 2.13 -27.86 7.96
CA SER B 261 2.18 -29.23 8.52
C SER B 261 0.99 -29.41 9.38
N ALA B 262 0.59 -30.66 9.61
CA ALA B 262 -0.48 -30.93 10.58
C ALA B 262 -0.12 -30.43 11.99
N ALA B 263 1.13 -30.62 12.39
CA ALA B 263 1.63 -30.12 13.67
C ALA B 263 1.44 -28.62 13.77
N LYS B 264 1.78 -27.87 12.71
CA LYS B 264 1.56 -26.39 12.75
C LYS B 264 0.10 -25.94 12.85
N ALA B 265 -0.78 -26.58 12.11
CA ALA B 265 -2.20 -26.24 12.15
C ALA B 265 -2.72 -26.55 13.61
N LYS B 266 -2.24 -27.66 14.20
CA LYS B 266 -2.61 -27.99 15.59
C LYS B 266 -2.13 -26.89 16.53
N GLU B 267 -0.87 -26.48 16.38
CA GLU B 267 -0.36 -25.45 17.22
C GLU B 267 -1.16 -24.15 17.06
N LEU B 268 -1.65 -23.89 15.85
CA LEU B 268 -2.33 -22.64 15.62
C LEU B 268 -3.80 -22.73 15.89
N GLY B 269 -4.28 -23.90 16.27
CA GLY B 269 -5.72 -24.08 16.56
C GLY B 269 -6.54 -24.07 15.29
N LEU B 270 -5.96 -24.49 14.15
CA LEU B 270 -6.70 -24.43 12.90
C LEU B 270 -7.16 -25.82 12.53
N THR B 271 -8.41 -25.92 12.15
CA THR B 271 -8.97 -27.19 11.65
C THR B 271 -8.77 -27.27 10.15
N PRO B 272 -8.06 -28.28 9.63
CA PRO B 272 -7.82 -28.24 8.20
C PRO B 272 -9.05 -28.55 7.40
N LEU B 273 -9.05 -28.14 6.14
CA LEU B 273 -10.01 -28.67 5.18
C LEU B 273 -9.68 -30.13 4.88
N ALA B 274 -8.40 -30.47 4.75
CA ALA B 274 -8.00 -31.84 4.41
C ALA B 274 -6.53 -32.03 4.63
N THR B 275 -6.12 -33.29 4.63
CA THR B 275 -4.73 -33.68 4.59
C THR B 275 -4.36 -34.03 3.19
N ILE B 276 -3.17 -33.60 2.77
CA ILE B 276 -2.62 -34.04 1.51
C ILE B 276 -2.14 -35.47 1.68
N LYS B 277 -2.75 -36.42 0.96
CA LYS B 277 -2.42 -37.84 1.12
C LYS B 277 -1.21 -38.19 0.28
N SER B 278 -1.18 -37.70 -0.96
CA SER B 278 -0.08 -38.08 -1.90
C SER B 278 -0.16 -37.13 -3.10
N TYR B 279 0.89 -37.19 -3.93
CA TYR B 279 0.89 -36.49 -5.21
C TYR B 279 1.93 -37.06 -6.11
N ALA B 280 1.82 -36.82 -7.42
CA ALA B 280 2.77 -37.36 -8.37
C ALA B 280 2.69 -36.58 -9.62
N ASN B 281 3.81 -36.54 -10.35
CA ASN B 281 3.80 -36.08 -11.76
C ASN B 281 4.05 -37.28 -12.66
N ALA B 282 3.99 -37.08 -13.96
CA ALA B 282 4.22 -38.12 -14.97
C ALA B 282 4.52 -37.46 -16.27
N GLY B 283 5.22 -38.18 -17.14
CA GLY B 283 5.44 -37.75 -18.48
C GLY B 283 4.94 -38.73 -19.48
N VAL B 284 4.43 -38.22 -20.60
CA VAL B 284 3.93 -39.06 -21.67
C VAL B 284 4.37 -38.42 -22.97
N ASP B 285 4.11 -39.09 -24.09
CA ASP B 285 4.43 -38.51 -25.37
C ASP B 285 3.68 -37.19 -25.58
N PRO B 286 4.37 -36.12 -25.99
CA PRO B 286 3.62 -34.85 -26.24
C PRO B 286 2.40 -34.98 -27.17
N LYS B 287 2.47 -35.92 -28.13
CA LYS B 287 1.34 -36.15 -29.08
C LYS B 287 0.05 -36.53 -28.42
N VAL B 288 0.13 -37.12 -27.23
CA VAL B 288 -1.04 -37.54 -26.47
C VAL B 288 -1.02 -36.99 -25.02
N MET B 289 -0.68 -35.72 -24.91
CA MET B 289 -0.48 -35.08 -23.60
C MET B 289 -1.73 -35.17 -22.72
N GLY B 290 -2.91 -35.23 -23.36
CA GLY B 290 -4.22 -35.36 -22.67
C GLY B 290 -4.32 -36.57 -21.74
N MET B 291 -3.50 -37.59 -22.03
CA MET B 291 -3.46 -38.83 -21.21
C MET B 291 -2.61 -38.70 -19.93
N GLY B 292 -1.89 -37.58 -19.74
CA GLY B 292 -1.04 -37.37 -18.56
C GLY B 292 -1.65 -37.78 -17.23
N PRO B 293 -2.92 -37.47 -17.02
CA PRO B 293 -3.55 -37.79 -15.74
C PRO B 293 -3.61 -39.27 -15.40
N VAL B 294 -3.55 -40.15 -16.41
CA VAL B 294 -3.59 -41.64 -16.14
C VAL B 294 -2.35 -42.05 -15.37
N PRO B 295 -1.13 -41.92 -15.96
CA PRO B 295 0.01 -42.32 -15.10
C PRO B 295 0.18 -41.46 -13.84
N ALA B 296 -0.15 -40.17 -13.90
CA ALA B 296 -0.01 -39.32 -12.72
C ALA B 296 -0.97 -39.83 -11.64
N SER B 297 -2.21 -40.10 -12.00
CA SER B 297 -3.21 -40.48 -10.99
C SER B 297 -2.91 -41.88 -10.46
N LYS B 298 -2.43 -42.78 -11.33
CA LYS B 298 -2.01 -44.12 -10.88
C LYS B 298 -0.84 -44.04 -9.91
N ARG B 299 0.15 -43.19 -10.18
CA ARG B 299 1.25 -43.00 -9.23
C ARG B 299 0.76 -42.37 -7.95
N ALA B 300 -0.15 -41.41 -8.00
CA ALA B 300 -0.62 -40.79 -6.76
C ALA B 300 -1.40 -41.79 -5.90
N LEU B 301 -2.22 -42.60 -6.56
CA LEU B 301 -3.02 -43.62 -5.87
C LEU B 301 -2.12 -44.67 -5.23
N SER B 302 -1.13 -45.11 -5.99
CA SER B 302 -0.10 -46.03 -5.51
C SER B 302 0.60 -45.50 -4.26
N ARG B 303 1.04 -44.24 -4.33
CA ARG B 303 1.66 -43.60 -3.16
C ARG B 303 0.73 -43.45 -1.99
N ALA B 304 -0.57 -43.33 -2.23
CA ALA B 304 -1.52 -43.27 -1.19
C ALA B 304 -1.98 -44.67 -0.69
N GLU B 305 -1.63 -45.75 -1.42
CA GLU B 305 -2.12 -47.11 -1.14
C GLU B 305 -3.61 -47.07 -1.23
N TRP B 306 -4.13 -46.40 -2.25
CA TRP B 306 -5.56 -46.40 -2.55
C TRP B 306 -5.77 -47.00 -3.92
N THR B 307 -6.98 -47.42 -4.21
CA THR B 307 -7.36 -47.85 -5.54
C THR B 307 -8.34 -46.85 -6.12
N PRO B 308 -8.62 -46.92 -7.44
CA PRO B 308 -9.54 -45.90 -8.00
C PRO B 308 -10.90 -45.91 -7.37
N GLN B 309 -11.31 -47.12 -6.94
CA GLN B 309 -12.57 -47.35 -6.32
C GLN B 309 -12.61 -46.79 -4.89
N ASP B 310 -11.48 -46.61 -4.21
CA ASP B 310 -11.47 -45.96 -2.90
C ASP B 310 -11.96 -44.49 -2.93
N LEU B 311 -11.78 -43.82 -4.06
CA LEU B 311 -12.06 -42.36 -4.17
C LEU B 311 -13.54 -42.03 -4.02
N ASP B 312 -13.89 -40.97 -3.29
CA ASP B 312 -15.29 -40.54 -3.15
C ASP B 312 -15.61 -39.41 -4.14
N LEU B 313 -14.58 -38.70 -4.56
CA LEU B 313 -14.80 -37.52 -5.42
C LEU B 313 -13.53 -37.18 -6.21
N MET B 314 -13.68 -36.80 -7.46
CA MET B 314 -12.51 -36.41 -8.24
C MET B 314 -12.77 -35.15 -9.01
N GLU B 315 -11.69 -34.45 -9.30
CA GLU B 315 -11.73 -33.36 -10.26
C GLU B 315 -10.67 -33.60 -11.27
N ILE B 316 -11.11 -33.90 -12.48
CA ILE B 316 -10.19 -34.22 -13.54
C ILE B 316 -10.45 -33.13 -14.57
N ASN B 317 -9.44 -32.32 -14.84
CA ASN B 317 -9.61 -31.12 -15.71
C ASN B 317 -9.99 -31.53 -17.14
N GLU B 318 -10.91 -30.77 -17.69
CA GLU B 318 -11.56 -31.05 -18.99
C GLU B 318 -11.00 -30.07 -20.01
N ALA B 319 -9.72 -30.16 -20.28
CA ALA B 319 -9.17 -29.34 -21.39
C ALA B 319 -9.97 -29.65 -22.69
N PHE B 320 -10.17 -30.93 -22.96
CA PHE B 320 -10.91 -31.40 -24.11
C PHE B 320 -11.74 -32.60 -23.68
N ALA B 321 -12.99 -32.65 -24.12
CA ALA B 321 -13.83 -33.84 -23.84
C ALA B 321 -13.10 -35.10 -24.29
N ALA B 322 -12.43 -34.99 -25.43
CA ALA B 322 -11.74 -36.14 -26.00
C ALA B 322 -10.76 -36.75 -25.01
N GLN B 323 -9.99 -35.92 -24.30
CA GLN B 323 -9.00 -36.43 -23.37
C GLN B 323 -9.60 -36.80 -22.02
N ALA B 324 -10.57 -36.03 -21.54
CA ALA B 324 -11.19 -36.37 -20.30
C ALA B 324 -11.81 -37.78 -20.38
N LEU B 325 -12.50 -38.05 -21.50
CA LEU B 325 -13.14 -39.34 -21.74
C LEU B 325 -12.15 -40.48 -21.84
N ALA B 326 -11.02 -40.28 -22.52
CA ALA B 326 -9.97 -41.31 -22.56
C ALA B 326 -9.38 -41.58 -21.19
N VAL B 327 -9.20 -40.53 -20.38
CA VAL B 327 -8.68 -40.73 -19.05
C VAL B 327 -9.66 -41.58 -18.26
N HIS B 328 -10.98 -41.30 -18.38
CA HIS B 328 -11.96 -42.11 -17.60
C HIS B 328 -11.98 -43.59 -18.06
N GLN B 329 -11.88 -43.79 -19.36
CA GLN B 329 -11.89 -45.12 -19.95
C GLN B 329 -10.70 -45.87 -19.40
N GLN B 330 -9.54 -45.22 -19.30
CA GLN B 330 -8.35 -45.95 -18.84
C GLN B 330 -8.31 -46.17 -17.32
N MET B 331 -8.80 -45.23 -16.52
CA MET B 331 -8.78 -45.39 -15.09
C MET B 331 -9.83 -46.36 -14.59
N GLY B 332 -10.96 -46.40 -15.30
CA GLY B 332 -12.10 -47.19 -14.96
C GLY B 332 -12.82 -46.80 -13.70
N TRP B 333 -12.72 -45.56 -13.24
CA TRP B 333 -13.37 -45.16 -12.00
C TRP B 333 -14.75 -44.65 -12.27
N ASP B 334 -15.50 -44.33 -11.23
CA ASP B 334 -16.90 -44.01 -11.33
C ASP B 334 -17.09 -42.56 -11.73
N THR B 335 -17.45 -42.32 -12.98
CA THR B 335 -17.56 -40.97 -13.51
C THR B 335 -18.67 -40.13 -12.92
N SER B 336 -19.65 -40.73 -12.26
CA SER B 336 -20.66 -39.94 -11.48
C SER B 336 -20.05 -39.21 -10.29
N LYS B 337 -18.82 -39.58 -9.91
CA LYS B 337 -18.08 -38.95 -8.81
C LYS B 337 -17.06 -37.93 -9.31
N VAL B 338 -17.01 -37.71 -10.62
CA VAL B 338 -16.04 -36.80 -11.26
C VAL B 338 -16.67 -35.51 -11.72
N ASN B 339 -16.04 -34.40 -11.37
CA ASN B 339 -16.51 -33.08 -11.76
C ASN B 339 -18.00 -32.88 -11.52
N VAL B 340 -18.44 -33.13 -10.29
CA VAL B 340 -19.87 -33.17 -9.99
C VAL B 340 -20.56 -31.84 -10.14
N ASN B 341 -19.79 -30.76 -10.05
CA ASN B 341 -20.33 -29.46 -10.30
C ASN B 341 -19.98 -28.90 -11.67
N GLY B 342 -19.57 -29.76 -12.60
CA GLY B 342 -19.15 -29.31 -13.96
C GLY B 342 -17.64 -29.18 -14.02
N GLY B 343 -17.12 -29.00 -15.24
CA GLY B 343 -15.70 -28.93 -15.42
C GLY B 343 -15.40 -27.80 -16.35
N ALA B 344 -14.15 -27.79 -16.78
CA ALA B 344 -13.64 -26.67 -17.58
C ALA B 344 -14.32 -26.39 -18.93
N ILE B 345 -14.93 -27.38 -19.54
CA ILE B 345 -15.67 -27.12 -20.78
C ILE B 345 -16.71 -26.00 -20.52
N ALA B 346 -17.36 -26.10 -19.37
CA ALA B 346 -18.30 -25.12 -18.91
C ALA B 346 -17.67 -23.93 -18.17
N ILE B 347 -16.81 -24.21 -17.17
CA ILE B 347 -16.29 -23.16 -16.24
C ILE B 347 -15.17 -22.31 -16.90
N GLY B 348 -14.38 -22.93 -17.77
CA GLY B 348 -13.24 -22.34 -18.42
C GLY B 348 -11.93 -22.88 -17.87
N HIS B 349 -10.86 -22.52 -18.54
CA HIS B 349 -9.54 -23.08 -18.30
C HIS B 349 -8.43 -22.01 -18.33
N PRO B 350 -8.34 -21.18 -17.27
CA PRO B 350 -7.28 -20.21 -17.16
C PRO B 350 -5.97 -20.97 -16.82
N ILE B 351 -5.19 -21.26 -17.87
CA ILE B 351 -4.24 -22.38 -17.80
C ILE B 351 -3.36 -22.45 -16.54
N GLY B 352 -2.70 -21.36 -16.18
CA GLY B 352 -1.80 -21.38 -15.03
C GLY B 352 -2.52 -21.49 -13.67
N ALA B 353 -3.83 -21.22 -13.65
CA ALA B 353 -4.58 -21.31 -12.44
C ALA B 353 -5.41 -22.57 -12.31
N SER B 354 -5.73 -23.24 -13.43
CA SER B 354 -6.65 -24.35 -13.40
C SER B 354 -6.35 -25.47 -12.42
N GLY B 355 -5.08 -25.77 -12.21
CA GLY B 355 -4.70 -26.87 -11.35
C GLY B 355 -5.03 -26.59 -9.89
N CYS B 356 -5.00 -25.31 -9.47
CA CYS B 356 -5.44 -24.97 -8.14
C CYS B 356 -6.94 -24.69 -8.17
N ARG B 357 -7.48 -24.16 -9.29
CA ARG B 357 -8.92 -23.91 -9.38
C ARG B 357 -9.68 -25.23 -9.09
N ILE B 358 -9.27 -26.32 -9.74
CA ILE B 358 -9.98 -27.57 -9.51
C ILE B 358 -9.80 -28.13 -8.13
N LEU B 359 -8.64 -27.90 -7.50
CA LEU B 359 -8.44 -28.29 -6.13
C LEU B 359 -9.38 -27.57 -5.21
N VAL B 360 -9.59 -26.28 -5.45
CA VAL B 360 -10.47 -25.50 -4.61
C VAL B 360 -11.88 -26.03 -4.68
N THR B 361 -12.30 -26.35 -5.91
CA THR B 361 -13.66 -26.86 -6.16
C THR B 361 -13.84 -28.24 -5.53
N LEU B 362 -12.80 -29.07 -5.61
CA LEU B 362 -12.80 -30.40 -5.00
C LEU B 362 -13.00 -30.34 -3.48
N LEU B 363 -12.16 -29.54 -2.82
CA LEU B 363 -12.20 -29.44 -1.37
C LEU B 363 -13.56 -28.93 -0.87
N HIS B 364 -14.13 -27.95 -1.53
CA HIS B 364 -15.41 -27.38 -1.07
C HIS B 364 -16.52 -28.36 -1.22
N GLU B 365 -16.54 -29.08 -2.34
CA GLU B 365 -17.53 -30.14 -2.52
C GLU B 365 -17.34 -31.33 -1.55
N MET B 366 -16.09 -31.77 -1.30
CA MET B 366 -15.80 -32.80 -0.35
C MET B 366 -16.39 -32.42 1.01
N LYS B 367 -16.13 -31.23 1.47
CA LYS B 367 -16.68 -30.80 2.73
C LYS B 367 -18.24 -30.85 2.71
N ARG B 368 -18.88 -30.27 1.69
CA ARG B 368 -20.34 -30.26 1.61
C ARG B 368 -21.01 -31.67 1.69
N ARG B 369 -20.49 -32.67 0.99
CA ARG B 369 -21.04 -34.03 0.98
C ARG B 369 -20.36 -35.01 1.96
N ASP B 370 -19.46 -34.48 2.76
CA ASP B 370 -18.64 -35.31 3.63
C ASP B 370 -17.97 -36.45 2.93
N ALA B 371 -17.40 -36.22 1.76
CA ALA B 371 -16.55 -37.20 1.14
C ALA B 371 -15.22 -37.30 1.89
N LYS B 372 -14.65 -38.50 1.97
CA LYS B 372 -13.40 -38.68 2.69
C LYS B 372 -12.15 -38.70 1.79
N LYS B 373 -12.26 -39.22 0.55
CA LYS B 373 -11.03 -39.41 -0.25
C LYS B 373 -11.22 -38.72 -1.60
N GLY B 374 -10.32 -37.82 -1.97
CA GLY B 374 -10.44 -37.07 -3.19
C GLY B 374 -9.17 -37.06 -4.01
N LEU B 375 -9.31 -36.74 -5.27
CA LEU B 375 -8.16 -36.63 -6.15
C LEU B 375 -8.43 -35.56 -7.18
N ALA B 376 -7.41 -34.75 -7.45
CA ALA B 376 -7.43 -33.75 -8.51
C ALA B 376 -6.32 -34.08 -9.48
N SER B 377 -6.58 -33.97 -10.77
CA SER B 377 -5.57 -34.25 -11.76
C SER B 377 -5.78 -33.47 -13.07
N LEU B 378 -4.68 -33.16 -13.75
CA LEU B 378 -4.74 -32.41 -15.03
C LEU B 378 -3.70 -32.87 -15.99
N CYS B 379 -4.02 -32.77 -17.30
CA CYS B 379 -3.03 -32.96 -18.33
C CYS B 379 -2.23 -31.69 -18.57
N ILE B 380 -1.10 -31.88 -19.23
CA ILE B 380 -0.16 -30.81 -19.43
C ILE B 380 0.46 -30.83 -20.83
N GLY B 381 0.36 -29.69 -21.51
CA GLY B 381 0.98 -29.53 -22.83
C GLY B 381 2.45 -29.90 -22.79
N GLY B 382 2.91 -30.60 -23.79
CA GLY B 382 4.33 -31.07 -23.83
C GLY B 382 4.48 -32.50 -23.29
N GLY B 383 3.35 -32.99 -22.73
CA GLY B 383 3.13 -34.41 -22.36
C GLY B 383 3.39 -34.71 -20.91
N MET B 384 2.63 -34.10 -20.01
CA MET B 384 2.75 -34.46 -18.63
C MET B 384 1.41 -34.54 -17.97
N GLY B 385 1.39 -35.08 -16.77
CA GLY B 385 0.25 -34.95 -15.84
C GLY B 385 0.70 -34.68 -14.43
N VAL B 386 -0.19 -34.12 -13.64
CA VAL B 386 -0.03 -34.04 -12.20
C VAL B 386 -1.29 -34.54 -11.54
N ALA B 387 -1.12 -35.08 -10.34
CA ALA B 387 -2.28 -35.49 -9.53
C ALA B 387 -1.95 -35.37 -8.07
N LEU B 388 -2.97 -35.04 -7.31
CA LEU B 388 -2.85 -34.82 -5.90
C LEU B 388 -4.06 -35.43 -5.23
N ALA B 389 -3.81 -36.21 -4.17
CA ALA B 389 -4.89 -36.83 -3.40
C ALA B 389 -5.00 -36.20 -2.08
N VAL B 390 -6.23 -36.00 -1.63
CA VAL B 390 -6.51 -35.41 -0.33
C VAL B 390 -7.42 -36.33 0.50
N GLU B 391 -7.36 -36.23 1.82
CA GLU B 391 -8.18 -37.10 2.70
C GLU B 391 -8.75 -36.27 3.81
N ARG B 392 -10.03 -36.43 4.12
CA ARG B 392 -10.63 -35.69 5.27
C ARG B 392 -10.85 -36.71 6.37
N LYS B 393 -10.75 -36.33 7.63
CA LYS B 393 -11.10 -37.28 8.72
C LYS B 393 -12.60 -37.60 8.63
N MET C 1 -16.80 35.94 -9.49
CA MET C 1 -15.67 35.14 -10.03
C MET C 1 -16.08 33.70 -10.43
N THR C 2 -16.14 32.82 -9.43
CA THR C 2 -15.96 31.38 -9.63
C THR C 2 -17.02 30.68 -8.85
N ASP C 3 -17.75 29.79 -9.50
CA ASP C 3 -18.71 28.91 -8.83
C ASP C 3 -17.98 27.63 -8.43
N VAL C 4 -18.34 27.13 -7.27
CA VAL C 4 -17.90 25.83 -6.79
C VAL C 4 -19.00 24.78 -6.90
N VAL C 5 -18.65 23.61 -7.38
CA VAL C 5 -19.57 22.58 -7.52
C VAL C 5 -19.17 21.32 -6.77
N ILE C 6 -20.19 20.50 -6.48
CA ILE C 6 -19.99 19.20 -5.90
C ILE C 6 -20.27 18.16 -6.98
N VAL C 7 -19.27 17.33 -7.28
CA VAL C 7 -19.38 16.36 -8.33
C VAL C 7 -19.70 14.97 -7.87
N SER C 8 -19.53 14.65 -6.59
CA SER C 8 -19.95 13.39 -6.10
C SER C 8 -20.05 13.39 -4.55
N ALA C 9 -20.60 12.30 -4.03
CA ALA C 9 -21.01 12.23 -2.64
C ALA C 9 -21.20 10.83 -2.22
N ALA C 10 -20.60 10.47 -1.07
CA ALA C 10 -20.66 9.12 -0.54
C ALA C 10 -20.60 9.16 0.99
N ARG C 11 -21.28 8.23 1.63
CA ARG C 11 -21.15 8.03 3.07
C ARG C 11 -21.13 6.53 3.44
N THR C 12 -20.56 6.23 4.59
CA THR C 12 -20.75 4.92 5.15
C THR C 12 -22.14 4.91 5.70
N ALA C 13 -22.66 3.72 5.92
CA ALA C 13 -23.76 3.58 6.90
C ALA C 13 -23.26 4.08 8.24
N VAL C 14 -24.20 4.47 9.09
CA VAL C 14 -23.88 4.87 10.45
C VAL C 14 -24.01 3.71 11.40
N GLY C 15 -22.93 3.47 12.15
CA GLY C 15 -22.88 2.41 13.15
C GLY C 15 -23.42 2.88 14.48
N LYS C 16 -23.96 1.92 15.25
CA LYS C 16 -24.44 2.12 16.64
C LYS C 16 -23.24 2.11 17.50
N PHE C 17 -23.36 2.70 18.69
CA PHE C 17 -22.29 2.70 19.67
C PHE C 17 -21.98 1.26 20.04
N GLY C 18 -20.70 0.91 19.92
CA GLY C 18 -20.19 -0.41 20.09
C GLY C 18 -20.72 -1.33 19.02
N GLY C 19 -21.22 -0.84 17.88
CA GLY C 19 -21.78 -1.73 16.87
C GLY C 19 -20.85 -2.09 15.75
N SER C 20 -21.39 -2.08 14.52
CA SER C 20 -20.67 -2.74 13.41
C SER C 20 -19.34 -2.08 13.05
N LEU C 21 -19.23 -0.76 13.28
CA LEU C 21 -18.02 -0.03 12.93
C LEU C 21 -17.07 0.20 14.10
N ALA C 22 -17.33 -0.41 15.24
CA ALA C 22 -16.63 0.00 16.46
C ALA C 22 -15.12 -0.29 16.42
N LYS C 23 -14.71 -1.30 15.69
CA LYS C 23 -13.30 -1.67 15.60
C LYS C 23 -12.64 -1.16 14.35
N ILE C 24 -13.30 -0.31 13.60
CA ILE C 24 -12.69 0.24 12.38
C ILE C 24 -12.26 1.69 12.69
N PRO C 25 -10.96 1.98 12.74
CA PRO C 25 -10.53 3.35 13.03
C PRO C 25 -11.11 4.44 12.09
N ALA C 26 -11.35 5.62 12.65
CA ALA C 26 -11.98 6.70 11.92
C ALA C 26 -11.30 6.99 10.54
N PRO C 27 -9.98 7.00 10.49
CA PRO C 27 -9.31 7.20 9.16
C PRO C 27 -9.63 6.14 8.12
N GLU C 28 -9.88 4.93 8.57
CA GLU C 28 -10.23 3.85 7.69
C GLU C 28 -11.65 4.06 7.16
N LEU C 29 -12.54 4.61 7.97
CA LEU C 29 -13.88 4.98 7.49
C LEU C 29 -13.80 6.11 6.53
N GLY C 30 -13.01 7.12 6.85
CA GLY C 30 -12.74 8.19 5.94
C GLY C 30 -12.19 7.71 4.58
N ALA C 31 -11.27 6.76 4.61
CA ALA C 31 -10.72 6.28 3.38
C ALA C 31 -11.76 5.60 2.49
N VAL C 32 -12.71 4.89 3.09
CA VAL C 32 -13.76 4.29 2.35
C VAL C 32 -14.54 5.30 1.52
N VAL C 33 -14.90 6.43 2.12
CA VAL C 33 -15.68 7.43 1.45
C VAL C 33 -14.86 8.29 0.49
N ILE C 34 -13.60 8.57 0.83
CA ILE C 34 -12.74 9.33 -0.10
C ILE C 34 -12.57 8.51 -1.43
N LYS C 35 -12.28 7.23 -1.29
CA LYS C 35 -12.04 6.34 -2.41
C LYS C 35 -13.31 6.24 -3.27
N ALA C 36 -14.45 6.02 -2.61
CA ALA C 36 -15.77 5.89 -3.30
C ALA C 36 -16.18 7.19 -3.91
N ALA C 37 -16.04 8.32 -3.20
CA ALA C 37 -16.42 9.59 -3.80
C ALA C 37 -15.60 9.91 -5.11
N LEU C 38 -14.33 9.55 -5.12
CA LEU C 38 -13.50 9.79 -6.33
C LEU C 38 -13.95 8.91 -7.50
N GLU C 39 -14.17 7.62 -7.22
CA GLU C 39 -14.67 6.63 -8.19
C GLU C 39 -15.97 7.14 -8.79
N ARG C 40 -16.90 7.50 -7.94
CA ARG C 40 -18.16 8.07 -8.40
C ARG C 40 -18.00 9.28 -9.28
N ALA C 41 -17.08 10.19 -8.93
CA ALA C 41 -16.92 11.40 -9.69
C ALA C 41 -16.20 11.17 -11.05
N GLY C 42 -15.45 10.10 -11.15
CA GLY C 42 -14.57 9.83 -12.29
C GLY C 42 -13.31 10.66 -12.22
N VAL C 43 -12.76 10.80 -11.01
CA VAL C 43 -11.54 11.59 -10.77
C VAL C 43 -10.51 10.65 -10.19
N LYS C 44 -9.35 10.64 -10.80
CA LYS C 44 -8.23 9.83 -10.34
C LYS C 44 -7.60 10.46 -9.10
N PRO C 45 -7.04 9.66 -8.24
CA PRO C 45 -6.41 10.12 -6.96
C PRO C 45 -5.32 11.17 -7.15
N GLU C 46 -4.54 10.98 -8.20
CA GLU C 46 -3.48 11.91 -8.53
C GLU C 46 -3.94 13.26 -9.00
N GLN C 47 -5.21 13.45 -9.42
CA GLN C 47 -5.80 14.76 -9.69
C GLN C 47 -6.25 15.58 -8.48
N VAL C 48 -6.25 14.99 -7.31
CA VAL C 48 -6.76 15.68 -6.14
C VAL C 48 -5.77 16.74 -5.65
N SER C 49 -6.22 17.94 -5.36
CA SER C 49 -5.30 18.95 -4.86
C SER C 49 -5.12 18.86 -3.32
N GLU C 50 -6.12 18.41 -2.60
CA GLU C 50 -6.05 18.40 -1.13
C GLU C 50 -7.21 17.58 -0.55
N VAL C 51 -6.99 17.01 0.65
CA VAL C 51 -8.08 16.29 1.36
C VAL C 51 -8.24 17.02 2.71
N ILE C 52 -9.47 17.37 3.08
CA ILE C 52 -9.79 18.05 4.31
C ILE C 52 -10.87 17.20 4.99
N MET C 53 -10.53 16.66 6.14
CA MET C 53 -11.48 15.81 6.86
C MET C 53 -11.62 16.25 8.33
N GLY C 54 -12.87 16.42 8.72
CA GLY C 54 -13.22 16.72 10.07
C GLY C 54 -13.05 15.40 10.89
N GLN C 55 -12.48 15.54 12.11
CA GLN C 55 -12.52 14.47 13.09
C GLN C 55 -12.34 15.09 14.45
N VAL C 56 -13.29 14.90 15.40
CA VAL C 56 -13.20 15.61 16.69
C VAL C 56 -12.36 14.86 17.71
N LEU C 57 -12.57 13.57 17.75
CA LEU C 57 -11.97 12.69 18.75
C LEU C 57 -10.71 12.01 18.19
N THR C 58 -9.55 12.52 18.58
CA THR C 58 -8.27 12.16 17.93
C THR C 58 -7.22 11.67 18.89
N ALA C 59 -7.61 11.40 20.13
CA ALA C 59 -6.63 11.00 21.20
C ALA C 59 -6.10 9.58 20.86
N GLY C 60 -4.81 9.49 20.60
CA GLY C 60 -4.22 8.21 20.28
C GLY C 60 -4.52 7.80 18.83
N SER C 61 -5.05 8.69 18.00
CA SER C 61 -5.37 8.35 16.62
C SER C 61 -4.20 8.31 15.68
N GLY C 62 -3.03 8.81 16.11
CA GLY C 62 -1.90 9.02 15.24
C GLY C 62 -1.84 10.36 14.51
N GLN C 63 -0.70 10.67 13.88
CA GLN C 63 -0.46 11.95 13.21
C GLN C 63 -1.52 12.16 12.12
N ASN C 64 -2.20 13.31 12.17
CA ASN C 64 -3.06 13.85 11.13
C ASN C 64 -4.03 12.82 10.55
N PRO C 65 -5.12 12.52 11.28
CA PRO C 65 -6.10 11.54 10.77
C PRO C 65 -6.57 11.71 9.31
N ALA C 66 -6.67 12.95 8.84
CA ALA C 66 -7.07 13.22 7.46
C ALA C 66 -6.03 12.70 6.46
N ARG C 67 -4.74 12.86 6.78
CA ARG C 67 -3.68 12.32 5.93
C ARG C 67 -3.76 10.79 5.95
N GLN C 68 -4.04 10.20 7.12
CA GLN C 68 -4.15 8.73 7.17
C GLN C 68 -5.32 8.22 6.30
N ALA C 69 -6.44 8.96 6.25
CA ALA C 69 -7.53 8.53 5.45
C ALA C 69 -7.15 8.65 3.96
N ALA C 70 -6.46 9.73 3.59
CA ALA C 70 -6.07 9.98 2.18
C ALA C 70 -5.13 8.92 1.68
N ILE C 71 -4.11 8.61 2.46
CA ILE C 71 -3.16 7.53 2.13
C ILE C 71 -3.83 6.16 2.07
N LYS C 72 -4.68 5.84 3.06
CA LYS C 72 -5.39 4.55 3.07
C LYS C 72 -6.38 4.43 1.92
N ALA C 73 -6.94 5.53 1.46
CA ALA C 73 -7.80 5.52 0.28
C ALA C 73 -7.09 5.27 -1.07
N GLY C 74 -5.78 5.32 -1.09
CA GLY C 74 -4.94 5.11 -2.25
C GLY C 74 -4.39 6.41 -2.79
N LEU C 75 -4.58 7.58 -2.15
CA LEU C 75 -4.08 8.80 -2.74
C LEU C 75 -2.57 8.86 -2.60
N PRO C 76 -1.90 9.39 -3.62
CA PRO C 76 -0.41 9.39 -3.49
C PRO C 76 0.08 10.38 -2.43
N ALA C 77 1.31 10.21 -2.02
CA ALA C 77 1.91 11.05 -1.00
C ALA C 77 1.97 12.52 -1.45
N MET C 78 1.92 12.79 -2.75
CA MET C 78 1.98 14.14 -3.18
C MET C 78 0.73 14.92 -2.88
N VAL C 79 -0.36 14.24 -2.52
CA VAL C 79 -1.61 14.95 -2.20
C VAL C 79 -1.65 15.35 -0.73
N PRO C 80 -1.64 16.63 -0.44
CA PRO C 80 -1.64 16.93 0.99
C PRO C 80 -3.03 16.85 1.66
N ALA C 81 -3.08 16.85 2.99
CA ALA C 81 -4.32 16.63 3.74
C ALA C 81 -4.22 17.35 5.08
N MET C 82 -5.36 17.77 5.59
CA MET C 82 -5.46 18.44 6.88
C MET C 82 -6.67 17.93 7.65
N THR C 83 -6.54 17.81 8.99
CA THR C 83 -7.66 17.43 9.84
C THR C 83 -8.19 18.70 10.48
N ILE C 84 -9.50 18.80 10.59
CA ILE C 84 -10.09 19.93 11.25
C ILE C 84 -11.05 19.52 12.38
N ASN C 85 -11.27 20.47 13.29
CA ASN C 85 -12.19 20.27 14.38
C ASN C 85 -12.98 21.54 14.65
N LYS C 86 -14.25 21.55 14.24
CA LYS C 86 -15.25 22.58 14.59
C LYS C 86 -16.43 21.78 15.24
N VAL C 87 -16.10 20.85 16.15
CA VAL C 87 -17.04 19.85 16.79
C VAL C 87 -18.05 19.25 15.78
N SER C 88 -19.38 19.36 16.00
CA SER C 88 -20.32 18.76 14.99
C SER C 88 -20.35 19.49 13.65
N GLY C 89 -19.79 20.66 13.63
CA GLY C 89 -19.63 21.41 12.41
C GLY C 89 -18.60 20.92 11.46
N SER C 90 -17.70 20.09 11.95
CA SER C 90 -16.52 19.72 11.24
C SER C 90 -16.71 19.27 9.78
N GLY C 91 -17.57 18.31 9.57
CA GLY C 91 -17.82 17.68 8.28
C GLY C 91 -18.35 18.64 7.26
N LEU C 92 -19.07 19.64 7.70
CA LEU C 92 -19.59 20.64 6.80
C LEU C 92 -18.65 21.76 6.62
N LYS C 93 -18.01 22.19 7.71
CA LYS C 93 -16.96 23.15 7.62
C LYS C 93 -15.82 22.71 6.66
N ALA C 94 -15.55 21.42 6.55
CA ALA C 94 -14.51 20.96 5.62
C ALA C 94 -14.86 21.36 4.14
N VAL C 95 -16.14 21.27 3.81
CA VAL C 95 -16.61 21.56 2.46
C VAL C 95 -16.51 23.02 2.25
N MET C 96 -16.83 23.79 3.28
CA MET C 96 -16.65 25.29 3.25
C MET C 96 -15.22 25.73 3.04
N LEU C 97 -14.32 25.07 3.74
CA LEU C 97 -12.90 25.30 3.52
C LEU C 97 -12.46 24.94 2.10
N ALA C 98 -12.98 23.83 1.58
CA ALA C 98 -12.61 23.41 0.23
C ALA C 98 -13.04 24.52 -0.72
N ALA C 99 -14.24 25.04 -0.52
CA ALA C 99 -14.81 26.03 -1.40
C ALA C 99 -14.03 27.33 -1.31
N ASN C 100 -13.68 27.80 -0.09
CA ASN C 100 -12.78 28.92 0.02
C ASN C 100 -11.48 28.72 -0.75
N ALA C 101 -10.90 27.55 -0.66
CA ALA C 101 -9.62 27.30 -1.29
C ALA C 101 -9.71 27.32 -2.80
N ILE C 102 -10.80 26.75 -3.33
CA ILE C 102 -11.00 26.78 -4.79
C ILE C 102 -11.24 28.21 -5.23
N MET C 103 -12.09 28.92 -4.53
CA MET C 103 -12.35 30.28 -4.90
C MET C 103 -11.12 31.20 -4.85
N ALA C 104 -10.25 30.96 -3.89
CA ALA C 104 -9.05 31.76 -3.77
C ALA C 104 -7.98 31.32 -4.77
N GLY C 105 -8.22 30.22 -5.51
CA GLY C 105 -7.28 29.65 -6.44
C GLY C 105 -6.15 28.90 -5.79
N ASP C 106 -6.31 28.53 -4.51
CA ASP C 106 -5.31 27.79 -3.81
C ASP C 106 -5.39 26.28 -4.19
N ALA C 107 -6.57 25.78 -4.54
CA ALA C 107 -6.69 24.37 -4.86
C ALA C 107 -7.56 24.21 -6.08
N GLU C 108 -7.46 23.09 -6.79
CA GLU C 108 -8.40 22.82 -7.87
C GLU C 108 -9.47 21.81 -7.52
N ILE C 109 -9.10 20.66 -6.97
CA ILE C 109 -10.02 19.60 -6.66
C ILE C 109 -9.78 19.22 -5.21
N VAL C 110 -10.83 19.20 -4.38
CA VAL C 110 -10.69 18.89 -2.93
C VAL C 110 -11.66 17.82 -2.57
N VAL C 111 -11.21 16.78 -1.87
CA VAL C 111 -12.12 15.84 -1.23
C VAL C 111 -12.32 16.34 0.22
N ALA C 112 -13.57 16.63 0.58
CA ALA C 112 -13.89 17.18 1.90
C ALA C 112 -15.01 16.38 2.57
N GLY C 113 -14.91 16.20 3.89
CA GLY C 113 -15.98 15.68 4.71
C GLY C 113 -15.51 15.47 6.13
N GLY C 114 -15.92 14.34 6.72
CA GLY C 114 -15.60 14.01 8.09
C GLY C 114 -15.71 12.53 8.40
N GLN C 115 -15.13 12.20 9.54
CA GLN C 115 -14.96 10.80 9.90
C GLN C 115 -14.96 10.79 11.44
N GLU C 116 -15.57 9.77 12.04
CA GLU C 116 -15.62 9.72 13.51
C GLU C 116 -15.90 8.32 13.94
N ASN C 117 -15.16 7.86 14.94
CA ASN C 117 -15.51 6.57 15.58
C ASN C 117 -15.60 6.89 17.06
N MET C 118 -16.81 7.14 17.52
CA MET C 118 -17.03 7.45 18.91
C MET C 118 -16.83 6.21 19.81
N SER C 119 -17.23 5.05 19.32
CA SER C 119 -17.08 3.81 20.07
C SER C 119 -15.63 3.61 20.52
N ALA C 120 -14.68 3.96 19.64
CA ALA C 120 -13.27 3.64 19.85
C ALA C 120 -12.57 4.75 20.61
N ALA C 121 -13.27 5.83 20.94
CA ALA C 121 -12.63 6.90 21.72
C ALA C 121 -12.12 6.37 23.08
N PRO C 122 -10.83 6.65 23.42
CA PRO C 122 -10.28 6.09 24.67
C PRO C 122 -10.47 6.97 25.87
N HIS C 123 -10.13 6.44 27.05
CA HIS C 123 -9.98 7.23 28.24
C HIS C 123 -8.58 7.78 28.26
N VAL C 124 -8.48 8.95 28.87
CA VAL C 124 -7.26 9.61 29.02
C VAL C 124 -6.93 9.83 30.49
N LEU C 125 -5.63 9.90 30.78
CA LEU C 125 -5.14 10.09 32.14
C LEU C 125 -4.43 11.42 32.29
N PRO C 126 -5.18 12.49 32.66
CA PRO C 126 -4.50 13.75 32.67
C PRO C 126 -3.48 13.74 33.80
N GLY C 127 -2.32 14.35 33.56
CA GLY C 127 -1.29 14.46 34.57
C GLY C 127 -0.36 13.24 34.60
N SER C 128 -0.57 12.28 33.70
CA SER C 128 0.19 11.05 33.68
C SER C 128 1.68 11.25 33.56
N ARG C 129 2.07 12.31 32.85
CA ARG C 129 3.44 12.60 32.60
C ARG C 129 4.16 13.00 33.89
N ASP C 130 3.48 13.71 34.77
CA ASP C 130 4.02 14.09 36.08
C ASP C 130 3.86 13.06 37.18
N GLY C 131 2.80 12.26 37.14
CA GLY C 131 2.56 11.23 38.16
C GLY C 131 1.65 11.74 39.21
N PHE C 132 1.30 10.85 40.14
CA PHE C 132 0.29 11.11 41.13
C PHE C 132 0.83 10.76 42.49
N ARG C 133 1.35 11.76 43.21
CA ARG C 133 2.27 11.52 44.31
C ARG C 133 1.47 10.93 45.54
N MET C 134 0.20 11.27 45.65
CA MET C 134 -0.69 10.76 46.69
C MET C 134 -2.10 11.14 46.35
N GLY C 135 -3.02 10.19 46.40
CA GLY C 135 -4.38 10.46 46.11
C GLY C 135 -4.83 9.83 44.80
N ASP C 136 -6.13 9.71 44.71
CA ASP C 136 -6.76 9.07 43.62
C ASP C 136 -6.61 9.92 42.38
N ALA C 137 -6.70 9.30 41.22
CA ALA C 137 -6.62 10.07 40.00
C ALA C 137 -7.82 9.67 39.18
N LYS C 138 -8.01 10.40 38.10
CA LYS C 138 -9.22 10.29 37.30
C LYS C 138 -8.83 9.93 35.88
N LEU C 139 -9.46 8.88 35.37
CA LEU C 139 -9.45 8.52 33.96
C LEU C 139 -10.70 9.13 33.29
N VAL C 140 -10.50 10.03 32.35
CA VAL C 140 -11.55 10.86 31.80
C VAL C 140 -11.92 10.30 30.44
N ASP C 141 -13.23 10.21 30.13
CA ASP C 141 -13.73 9.69 28.87
C ASP C 141 -13.49 10.79 27.79
N THR C 142 -12.54 10.58 26.87
CA THR C 142 -12.30 11.61 25.81
C THR C 142 -13.57 11.88 25.00
N MET C 143 -14.41 10.89 24.79
CA MET C 143 -15.66 11.15 23.98
C MET C 143 -16.47 12.22 24.65
N ILE C 144 -16.59 12.13 25.97
CA ILE C 144 -17.33 13.12 26.67
C ILE C 144 -16.60 14.47 26.77
N VAL C 145 -15.38 14.53 27.27
CA VAL C 145 -14.74 15.81 27.48
C VAL C 145 -14.38 16.55 26.18
N ASP C 146 -13.99 15.80 25.19
CA ASP C 146 -13.57 16.46 23.94
C ASP C 146 -14.73 16.59 22.95
N GLY C 147 -15.73 15.73 23.07
CA GLY C 147 -16.81 15.70 22.11
C GLY C 147 -18.13 16.31 22.59
N LEU C 148 -18.42 16.18 23.89
CA LEU C 148 -19.79 16.34 24.35
C LEU C 148 -19.98 17.27 25.56
N TRP C 149 -18.92 17.92 26.00
CA TRP C 149 -18.92 18.68 27.28
C TRP C 149 -18.62 20.11 27.03
N ASP C 150 -19.50 20.99 27.46
CA ASP C 150 -19.21 22.40 27.28
C ASP C 150 -18.12 22.87 28.23
N VAL C 151 -17.14 23.57 27.66
CA VAL C 151 -15.98 23.99 28.43
C VAL C 151 -16.40 25.05 29.43
N TYR C 152 -17.26 25.97 28.96
CA TYR C 152 -17.48 27.27 29.62
C TYR C 152 -18.41 27.09 30.80
N ASN C 153 -19.34 26.13 30.71
CA ASN C 153 -20.29 25.97 31.79
C ASN C 153 -20.14 24.66 32.49
N GLN C 154 -19.23 23.84 32.01
CA GLN C 154 -18.94 22.56 32.56
C GLN C 154 -20.17 21.69 32.73
N TYR C 155 -20.90 21.45 31.64
CA TYR C 155 -21.95 20.47 31.70
C TYR C 155 -22.16 19.89 30.30
N HIS C 156 -22.89 18.81 30.23
CA HIS C 156 -23.10 18.11 28.98
C HIS C 156 -23.85 18.90 27.91
N MET C 157 -23.63 18.56 26.64
CA MET C 157 -24.48 19.08 25.54
C MET C 157 -26.03 18.98 25.83
N GLY C 158 -26.45 17.91 26.50
CA GLY C 158 -27.87 17.70 26.77
C GLY C 158 -28.44 18.76 27.68
N ILE C 159 -27.61 19.34 28.55
CA ILE C 159 -28.01 20.50 29.34
C ILE C 159 -28.23 21.73 28.48
N THR C 160 -27.36 21.94 27.49
CA THR C 160 -27.62 23.06 26.53
C THR C 160 -28.99 22.85 25.83
N ALA C 161 -29.32 21.60 25.52
CA ALA C 161 -30.64 21.25 24.95
C ALA C 161 -31.79 21.57 25.94
N GLU C 162 -31.61 21.23 27.23
CA GLU C 162 -32.53 21.64 28.27
C GLU C 162 -32.67 23.14 28.29
N ASN C 163 -31.56 23.88 28.18
CA ASN C 163 -31.63 25.35 28.18
C ASN C 163 -32.49 25.86 27.01
N VAL C 164 -32.26 25.29 25.84
CA VAL C 164 -33.00 25.71 24.63
C VAL C 164 -34.50 25.35 24.80
N ALA C 165 -34.78 24.13 25.26
CA ALA C 165 -36.16 23.72 25.54
C ALA C 165 -36.88 24.70 26.43
N LYS C 166 -36.22 25.21 27.48
CA LYS C 166 -36.88 26.15 28.42
C LYS C 166 -37.06 27.50 27.76
N GLU C 167 -36.01 28.00 27.14
CA GLU C 167 -36.09 29.29 26.45
C GLU C 167 -37.16 29.42 25.37
N TYR C 168 -37.35 28.37 24.55
CA TYR C 168 -38.25 28.46 23.42
C TYR C 168 -39.54 27.69 23.65
N GLY C 169 -39.75 27.22 24.89
CA GLY C 169 -40.96 26.46 25.29
C GLY C 169 -41.19 25.18 24.52
N ILE C 170 -40.14 24.37 24.39
CA ILE C 170 -40.25 23.10 23.67
C ILE C 170 -40.57 22.02 24.65
N THR C 171 -41.78 21.48 24.61
CA THR C 171 -42.20 20.59 25.72
C THR C 171 -41.69 19.20 25.48
N ARG C 172 -41.60 18.40 26.54
CA ARG C 172 -41.36 16.95 26.46
C ARG C 172 -42.22 16.23 25.45
N GLU C 173 -43.53 16.53 25.45
CA GLU C 173 -44.43 15.94 24.43
C GLU C 173 -44.04 16.31 22.99
N ALA C 174 -43.75 17.57 22.72
CA ALA C 174 -43.35 17.95 21.37
C ALA C 174 -42.01 17.30 20.96
N GLN C 175 -41.08 17.21 21.91
CA GLN C 175 -39.80 16.48 21.70
C GLN C 175 -40.01 15.04 21.28
N ASP C 176 -40.90 14.34 22.00
CA ASP C 176 -41.07 12.95 21.75
C ASP C 176 -41.77 12.74 20.40
N GLU C 177 -42.70 13.62 20.08
CA GLU C 177 -43.43 13.54 18.85
C GLU C 177 -42.48 13.74 17.63
N PHE C 178 -41.62 14.71 17.75
CA PHE C 178 -40.61 14.99 16.75
C PHE C 178 -39.71 13.76 16.61
N ALA C 179 -39.31 13.15 17.74
CA ALA C 179 -38.46 11.96 17.75
C ALA C 179 -39.11 10.73 17.05
N VAL C 180 -40.40 10.46 17.31
CA VAL C 180 -41.08 9.36 16.67
C VAL C 180 -41.16 9.63 15.18
N GLY C 181 -41.38 10.87 14.81
CA GLY C 181 -41.43 11.25 13.41
C GLY C 181 -40.12 10.96 12.69
N SER C 182 -38.99 11.28 13.31
CA SER C 182 -37.68 11.04 12.72
C SER C 182 -37.43 9.57 12.50
N GLN C 183 -37.65 8.77 13.56
CA GLN C 183 -37.60 7.29 13.43
C GLN C 183 -38.49 6.75 12.31
N ASN C 184 -39.75 7.18 12.27
CA ASN C 184 -40.69 6.65 11.25
C ASN C 184 -40.31 7.11 9.82
N LYS C 185 -39.90 8.36 9.66
CA LYS C 185 -39.31 8.80 8.39
C LYS C 185 -38.06 8.01 7.96
N ALA C 186 -37.14 7.74 8.87
CA ALA C 186 -35.97 6.97 8.55
C ALA C 186 -36.31 5.52 8.19
N GLU C 187 -37.12 4.87 9.02
CA GLU C 187 -37.63 3.53 8.75
C GLU C 187 -38.29 3.44 7.37
N ALA C 188 -39.16 4.37 7.05
CA ALA C 188 -39.82 4.38 5.74
C ALA C 188 -38.81 4.55 4.59
N ALA C 189 -37.85 5.46 4.75
CA ALA C 189 -36.83 5.65 3.72
C ALA C 189 -35.93 4.39 3.54
N GLN C 190 -35.51 3.84 4.66
CA GLN C 190 -34.68 2.64 4.68
C GLN C 190 -35.36 1.48 3.99
N LYS C 191 -36.62 1.28 4.34
CA LYS C 191 -37.40 0.15 3.86
C LYS C 191 -37.74 0.25 2.40
N ALA C 192 -37.85 1.48 1.90
CA ALA C 192 -37.97 1.74 0.50
C ALA C 192 -36.66 1.84 -0.32
N GLY C 193 -35.50 1.54 0.26
CA GLY C 193 -34.26 1.58 -0.49
C GLY C 193 -33.71 2.99 -0.75
N LYS C 194 -34.25 4.01 -0.08
CA LYS C 194 -33.81 5.37 -0.39
C LYS C 194 -32.35 5.73 0.02
N PHE C 195 -31.77 4.97 0.94
CA PHE C 195 -30.38 5.22 1.38
C PHE C 195 -29.41 4.38 0.59
N ASP C 196 -29.93 3.52 -0.31
CA ASP C 196 -29.07 2.55 -1.05
C ASP C 196 -27.96 3.21 -1.88
N GLU C 197 -28.35 4.23 -2.63
CA GLU C 197 -27.46 4.91 -3.55
C GLU C 197 -26.31 5.67 -2.80
N GLU C 198 -26.62 6.28 -1.66
CA GLU C 198 -25.66 7.12 -0.98
C GLU C 198 -24.65 6.35 -0.15
N ILE C 199 -24.99 5.14 0.27
CA ILE C 199 -24.18 4.39 1.17
C ILE C 199 -23.18 3.59 0.38
N VAL C 200 -21.93 3.62 0.81
CA VAL C 200 -20.95 2.70 0.31
C VAL C 200 -20.58 1.72 1.43
N PRO C 201 -20.28 0.46 1.11
CA PRO C 201 -20.09 -0.50 2.20
C PRO C 201 -18.73 -0.39 2.84
N VAL C 202 -18.64 -0.81 4.12
CA VAL C 202 -17.37 -0.98 4.80
C VAL C 202 -17.31 -2.49 5.03
N LEU C 203 -16.18 -3.13 4.70
CA LEU C 203 -16.01 -4.56 4.87
C LEU C 203 -15.45 -4.82 6.26
N ILE C 204 -16.15 -5.61 7.08
CA ILE C 204 -15.75 -5.81 8.46
C ILE C 204 -15.06 -7.18 8.56
N PRO C 205 -13.80 -7.24 8.97
CA PRO C 205 -13.07 -8.52 8.97
C PRO C 205 -13.72 -9.47 9.94
N GLN C 206 -13.61 -10.77 9.66
CA GLN C 206 -14.28 -11.83 10.42
C GLN C 206 -13.23 -12.88 10.65
N ARG C 207 -12.88 -13.09 11.93
CA ARG C 207 -11.79 -13.98 12.45
C ARG C 207 -11.16 -15.07 11.56
N LYS C 208 -11.97 -15.95 10.97
CA LYS C 208 -11.50 -17.01 10.07
C LYS C 208 -12.50 -17.13 8.93
N GLY C 209 -12.69 -16.06 8.19
CA GLY C 209 -13.69 -16.06 7.13
C GLY C 209 -13.46 -14.81 6.31
N ASP C 210 -14.31 -14.61 5.31
CA ASP C 210 -14.32 -13.45 4.46
C ASP C 210 -14.90 -12.24 5.20
N PRO C 211 -14.51 -11.03 4.80
CA PRO C 211 -15.12 -9.87 5.47
C PRO C 211 -16.59 -9.76 5.11
N VAL C 212 -17.38 -9.18 5.98
CA VAL C 212 -18.79 -8.95 5.71
C VAL C 212 -19.05 -7.48 5.48
N ALA C 213 -19.93 -7.15 4.53
CA ALA C 213 -20.24 -5.78 4.21
C ALA C 213 -21.18 -5.24 5.27
N PHE C 214 -20.89 -4.06 5.77
CA PHE C 214 -21.82 -3.31 6.61
C PHE C 214 -22.32 -2.18 5.77
N LYS C 215 -23.62 -2.08 5.61
CA LYS C 215 -24.18 -1.11 4.74
C LYS C 215 -25.61 -0.67 5.08
N THR C 216 -25.99 -0.74 6.34
CA THR C 216 -27.30 -0.36 6.78
C THR C 216 -27.18 0.47 8.05
N ASP C 217 -28.03 1.51 8.18
CA ASP C 217 -28.05 2.43 9.28
C ASP C 217 -28.70 1.73 10.45
N GLU C 218 -27.86 1.01 11.20
CA GLU C 218 -28.31 0.03 12.20
C GLU C 218 -28.86 0.70 13.45
N PHE C 219 -28.74 2.02 13.58
CA PHE C 219 -29.28 2.72 14.75
C PHE C 219 -30.77 3.03 14.60
N VAL C 220 -31.25 3.02 13.36
CA VAL C 220 -32.67 3.38 13.06
C VAL C 220 -33.55 2.36 13.80
N ARG C 221 -34.49 2.87 14.58
CA ARG C 221 -35.45 1.96 15.27
C ARG C 221 -36.75 1.83 14.46
N GLN C 222 -36.92 0.65 13.85
CA GLN C 222 -38.13 0.33 13.13
C GLN C 222 -39.32 0.05 14.10
N GLY C 223 -40.55 0.39 13.67
CA GLY C 223 -41.77 0.25 14.50
C GLY C 223 -41.74 1.10 15.78
N ALA C 224 -41.10 2.27 15.73
CA ALA C 224 -41.01 3.11 16.92
C ALA C 224 -42.35 3.74 17.13
N THR C 225 -42.80 3.86 18.38
CA THR C 225 -44.11 4.47 18.71
C THR C 225 -43.90 5.52 19.78
N LEU C 226 -44.87 6.43 19.87
CA LEU C 226 -44.91 7.43 20.93
C LEU C 226 -44.86 6.81 22.33
N ASP C 227 -45.53 5.67 22.49
CA ASP C 227 -45.61 4.97 23.76
C ASP C 227 -44.26 4.47 24.23
N SER C 228 -43.42 4.05 23.28
CA SER C 228 -42.08 3.58 23.60
C SER C 228 -41.15 4.71 24.11
N MET C 229 -41.58 5.95 24.01
CA MET C 229 -40.80 7.12 24.43
C MET C 229 -41.37 7.93 25.57
N SER C 230 -42.70 8.13 25.58
CA SER C 230 -43.38 9.05 26.50
C SER C 230 -43.20 8.56 27.97
N GLY C 231 -42.79 7.29 28.18
CA GLY C 231 -42.50 6.78 29.53
C GLY C 231 -41.07 6.89 30.05
N LEU C 232 -40.09 7.32 29.24
CA LEU C 232 -38.71 7.29 29.65
C LEU C 232 -38.37 8.43 30.62
N LYS C 233 -37.36 8.20 31.43
CA LYS C 233 -36.84 9.20 32.33
C LYS C 233 -35.82 10.11 31.61
N PRO C 234 -35.80 11.40 31.97
CA PRO C 234 -34.85 12.35 31.42
C PRO C 234 -33.44 11.88 31.60
N ALA C 235 -32.57 12.22 30.65
CA ALA C 235 -31.22 11.62 30.66
C ALA C 235 -30.20 12.47 31.37
N PHE C 236 -30.44 13.77 31.45
CA PHE C 236 -29.46 14.72 31.88
C PHE C 236 -29.86 15.52 33.06
N ASP C 237 -31.15 15.75 33.24
CA ASP C 237 -31.62 16.57 34.35
C ASP C 237 -32.86 15.88 34.88
N LYS C 238 -32.85 15.55 36.18
CA LYS C 238 -33.92 14.76 36.80
C LYS C 238 -35.26 15.43 36.61
N ALA C 239 -35.30 16.76 36.48
CA ALA C 239 -36.57 17.45 36.20
C ALA C 239 -36.71 17.87 34.76
N GLY C 240 -35.98 17.26 33.85
CA GLY C 240 -35.88 17.84 32.54
C GLY C 240 -36.77 17.19 31.51
N THR C 241 -36.48 17.46 30.23
CA THR C 241 -37.30 16.98 29.08
C THR C 241 -36.57 16.11 28.07
N VAL C 242 -35.24 16.13 28.13
CA VAL C 242 -34.41 15.43 27.16
C VAL C 242 -34.11 14.02 27.64
N THR C 243 -34.34 13.02 26.78
CA THR C 243 -34.17 11.60 27.07
C THR C 243 -33.27 10.94 26.05
N ALA C 244 -32.96 9.68 26.25
CA ALA C 244 -32.19 8.91 25.26
C ALA C 244 -32.94 8.76 23.94
N ALA C 245 -34.27 8.82 24.00
CA ALA C 245 -35.08 8.62 22.80
C ALA C 245 -35.32 9.88 22.01
N ASN C 246 -35.25 11.03 22.64
CA ASN C 246 -35.42 12.29 21.91
C ASN C 246 -34.12 13.12 21.67
N ALA C 247 -32.97 12.50 21.89
CA ALA C 247 -31.64 12.95 21.54
C ALA C 247 -31.07 11.95 20.54
N SER C 248 -30.07 12.37 19.79
CA SER C 248 -29.38 11.45 18.92
C SER C 248 -28.50 10.51 19.73
N GLY C 249 -27.82 9.59 19.05
CA GLY C 249 -26.92 8.68 19.71
C GLY C 249 -25.45 9.05 19.70
N LEU C 250 -24.64 8.10 20.14
CA LEU C 250 -23.21 8.12 19.98
C LEU C 250 -22.94 7.13 18.89
N ASN C 251 -22.30 7.57 17.80
CA ASN C 251 -22.25 6.80 16.58
C ASN C 251 -20.97 6.90 15.82
N ASP C 252 -20.80 5.99 14.84
CA ASP C 252 -19.59 5.90 14.10
C ASP C 252 -19.93 6.06 12.58
N GLY C 253 -19.06 6.71 11.81
CA GLY C 253 -19.32 6.79 10.35
C GLY C 253 -18.43 7.86 9.71
N ALA C 254 -18.55 7.96 8.39
CA ALA C 254 -17.83 8.95 7.61
C ALA C 254 -18.61 9.31 6.36
N ALA C 255 -18.25 10.44 5.78
CA ALA C 255 -18.91 10.95 4.60
C ALA C 255 -17.94 11.87 3.92
N ALA C 256 -18.01 11.90 2.59
CA ALA C 256 -17.20 12.83 1.84
C ALA C 256 -17.87 13.28 0.55
N VAL C 257 -17.47 14.48 0.07
CA VAL C 257 -17.83 14.97 -1.22
C VAL C 257 -16.56 15.35 -1.99
N VAL C 258 -16.66 15.36 -3.31
CA VAL C 258 -15.61 15.93 -4.18
C VAL C 258 -16.09 17.28 -4.73
N VAL C 259 -15.24 18.28 -4.56
CA VAL C 259 -15.53 19.66 -4.86
C VAL C 259 -14.49 20.20 -5.89
N MET C 260 -14.93 21.08 -6.79
CA MET C 260 -14.08 21.74 -7.78
C MET C 260 -14.81 22.95 -8.30
N SER C 261 -14.14 23.82 -9.09
CA SER C 261 -14.84 24.91 -9.67
C SER C 261 -15.75 24.33 -10.79
N ALA C 262 -16.80 25.09 -11.13
CA ALA C 262 -17.66 24.75 -12.27
C ALA C 262 -16.81 24.66 -13.54
N ALA C 263 -15.87 25.58 -13.68
CA ALA C 263 -15.03 25.63 -14.90
C ALA C 263 -14.20 24.38 -14.99
N LYS C 264 -13.70 23.91 -13.85
CA LYS C 264 -12.94 22.70 -13.81
C LYS C 264 -13.77 21.45 -14.10
N ALA C 265 -15.01 21.39 -13.59
CA ALA C 265 -15.86 20.26 -13.95
C ALA C 265 -16.11 20.17 -15.50
N LYS C 266 -16.30 21.32 -16.10
CA LYS C 266 -16.56 21.38 -17.57
C LYS C 266 -15.29 20.92 -18.34
N GLU C 267 -14.12 21.37 -17.90
CA GLU C 267 -12.87 20.94 -18.49
C GLU C 267 -12.73 19.40 -18.44
N LEU C 268 -13.27 18.79 -17.40
CA LEU C 268 -13.09 17.42 -17.18
C LEU C 268 -14.25 16.59 -17.73
N GLY C 269 -15.31 17.21 -18.21
CA GLY C 269 -16.45 16.39 -18.66
C GLY C 269 -17.36 15.79 -17.59
N LEU C 270 -17.41 16.43 -16.42
CA LEU C 270 -18.19 15.90 -15.31
C LEU C 270 -19.46 16.72 -15.10
N THR C 271 -20.57 16.06 -14.92
CA THR C 271 -21.84 16.74 -14.65
C THR C 271 -21.98 16.81 -13.13
N PRO C 272 -21.99 18.00 -12.56
CA PRO C 272 -22.06 18.11 -11.08
C PRO C 272 -23.39 17.68 -10.49
N LEU C 273 -23.36 17.28 -9.21
CA LEU C 273 -24.59 17.00 -8.51
C LEU C 273 -25.31 18.29 -8.21
N ALA C 274 -24.55 19.35 -7.94
CA ALA C 274 -25.07 20.63 -7.55
C ALA C 274 -24.01 21.69 -7.48
N THR C 275 -24.45 22.95 -7.47
CA THR C 275 -23.61 24.05 -7.18
C THR C 275 -23.75 24.45 -5.71
N ILE C 276 -22.63 24.82 -5.09
CA ILE C 276 -22.65 25.46 -3.77
C ILE C 276 -23.05 26.90 -4.00
N LYS C 277 -24.19 27.25 -3.46
CA LYS C 277 -24.76 28.54 -3.63
C LYS C 277 -24.17 29.52 -2.63
N SER C 278 -24.07 29.10 -1.38
CA SER C 278 -23.55 29.97 -0.34
C SER C 278 -23.29 29.08 0.89
N TYR C 279 -22.59 29.67 1.83
CA TYR C 279 -22.42 29.05 3.13
C TYR C 279 -22.04 30.15 4.15
N ALA C 280 -22.18 29.80 5.43
CA ALA C 280 -21.91 30.71 6.53
C ALA C 280 -21.73 29.94 7.85
N ASN C 281 -20.98 30.57 8.73
CA ASN C 281 -20.93 30.15 10.17
C ASN C 281 -21.60 31.21 11.01
N ALA C 282 -21.69 30.94 12.29
CA ALA C 282 -22.24 31.90 13.23
C ALA C 282 -21.86 31.45 14.64
N GLY C 283 -21.84 32.42 15.57
CA GLY C 283 -21.59 32.14 17.00
C GLY C 283 -22.80 32.46 17.84
N VAL C 284 -23.11 31.62 18.85
CA VAL C 284 -24.13 31.95 19.86
C VAL C 284 -23.56 31.65 21.23
N ASP C 285 -24.31 31.97 22.30
CA ASP C 285 -23.84 31.69 23.65
C ASP C 285 -23.70 30.18 23.76
N PRO C 286 -22.58 29.66 24.29
CA PRO C 286 -22.49 28.20 24.50
C PRO C 286 -23.69 27.51 25.22
N LYS C 287 -24.33 28.26 26.11
CA LYS C 287 -25.48 27.75 26.86
C LYS C 287 -26.60 27.31 25.93
N VAL C 288 -26.71 27.99 24.79
CA VAL C 288 -27.79 27.72 23.82
C VAL C 288 -27.24 27.31 22.45
N MET C 289 -26.21 26.48 22.48
CA MET C 289 -25.51 26.08 21.26
C MET C 289 -26.39 25.46 20.19
N GLY C 290 -27.43 24.74 20.59
CA GLY C 290 -28.42 24.18 19.64
C GLY C 290 -29.09 25.15 18.69
N MET C 291 -29.08 26.42 19.03
CA MET C 291 -29.62 27.46 18.17
C MET C 291 -28.66 27.95 17.06
N GLY C 292 -27.40 27.51 17.02
CA GLY C 292 -26.48 28.07 16.02
C GLY C 292 -27.00 27.99 14.57
N PRO C 293 -27.76 26.93 14.21
CA PRO C 293 -28.34 26.86 12.83
C PRO C 293 -29.22 28.04 12.46
N VAL C 294 -29.72 28.80 13.44
CA VAL C 294 -30.57 29.98 13.09
C VAL C 294 -29.74 31.13 12.48
N PRO C 295 -28.83 31.75 13.25
CA PRO C 295 -28.09 32.79 12.57
C PRO C 295 -27.23 32.20 11.43
N ALA C 296 -26.80 30.95 11.53
CA ALA C 296 -25.98 30.42 10.38
C ALA C 296 -26.83 30.26 9.11
N SER C 297 -28.02 29.71 9.28
CA SER C 297 -28.91 29.51 8.12
C SER C 297 -29.38 30.85 7.56
N LYS C 298 -29.73 31.78 8.45
CA LYS C 298 -30.10 33.11 7.99
C LYS C 298 -28.98 33.83 7.21
N ARG C 299 -27.76 33.75 7.67
CA ARG C 299 -26.66 34.34 6.92
C ARG C 299 -26.44 33.64 5.59
N ALA C 300 -26.51 32.32 5.58
CA ALA C 300 -26.34 31.56 4.35
C ALA C 300 -27.42 31.90 3.29
N LEU C 301 -28.65 32.03 3.76
CA LEU C 301 -29.79 32.40 2.92
C LEU C 301 -29.62 33.83 2.40
N SER C 302 -29.17 34.69 3.27
CA SER C 302 -28.89 36.04 2.88
C SER C 302 -27.80 36.09 1.83
N ARG C 303 -26.71 35.35 2.01
CA ARG C 303 -25.67 35.33 0.99
C ARG C 303 -26.15 34.71 -0.33
N ALA C 304 -27.06 33.79 -0.28
CA ALA C 304 -27.67 33.20 -1.46
C ALA C 304 -28.71 34.07 -2.10
N GLU C 305 -29.18 35.11 -1.39
CA GLU C 305 -30.32 35.92 -1.79
C GLU C 305 -31.52 35.04 -1.93
N TRP C 306 -31.71 34.16 -0.95
CA TRP C 306 -32.89 33.34 -0.84
C TRP C 306 -33.65 33.61 0.44
N THR C 307 -34.93 33.28 0.43
CA THR C 307 -35.74 33.34 1.64
C THR C 307 -35.88 31.90 2.10
N PRO C 308 -36.26 31.70 3.35
CA PRO C 308 -36.54 30.37 3.84
C PRO C 308 -37.58 29.59 3.02
N GLN C 309 -38.56 30.30 2.45
CA GLN C 309 -39.60 29.72 1.57
C GLN C 309 -39.12 29.31 0.19
N ASP C 310 -38.00 29.84 -0.30
CA ASP C 310 -37.45 29.38 -1.58
C ASP C 310 -36.93 27.94 -1.52
N LEU C 311 -36.63 27.46 -0.32
CA LEU C 311 -36.01 26.15 -0.18
C LEU C 311 -36.95 25.02 -0.54
N ASP C 312 -36.45 24.04 -1.29
CA ASP C 312 -37.23 22.83 -1.57
C ASP C 312 -37.01 21.70 -0.55
N LEU C 313 -35.83 21.64 0.08
CA LEU C 313 -35.44 20.51 0.91
C LEU C 313 -34.33 20.98 1.83
N MET C 314 -34.35 20.52 3.07
CA MET C 314 -33.35 20.89 4.07
C MET C 314 -32.97 19.65 4.89
N GLU C 315 -31.72 19.67 5.34
CA GLU C 315 -31.26 18.74 6.34
C GLU C 315 -30.73 19.58 7.50
N ILE C 316 -31.43 19.53 8.61
CA ILE C 316 -31.05 20.27 9.82
C ILE C 316 -30.79 19.20 10.87
N ASN C 317 -29.53 19.13 11.34
CA ASN C 317 -29.08 17.99 12.14
C ASN C 317 -29.85 18.01 13.44
N GLU C 318 -30.22 16.83 13.88
CA GLU C 318 -31.07 16.59 15.07
C GLU C 318 -30.17 16.08 16.20
N ALA C 319 -29.35 16.92 16.73
CA ALA C 319 -28.55 16.43 17.85
C ALA C 319 -29.50 16.20 19.05
N PHE C 320 -30.45 17.13 19.20
CA PHE C 320 -31.52 17.00 20.17
C PHE C 320 -32.84 17.51 19.61
N ALA C 321 -33.90 16.75 19.78
CA ALA C 321 -35.21 17.22 19.32
C ALA C 321 -35.46 18.63 19.85
N ALA C 322 -35.05 18.91 21.08
CA ALA C 322 -35.35 20.19 21.66
C ALA C 322 -34.76 21.29 20.83
N GLN C 323 -33.53 21.13 20.36
CA GLN C 323 -32.93 22.19 19.53
C GLN C 323 -33.42 22.22 18.09
N ALA C 324 -33.62 21.06 17.46
CA ALA C 324 -34.14 21.04 16.10
C ALA C 324 -35.54 21.69 16.09
N LEU C 325 -36.38 21.36 17.08
CA LEU C 325 -37.67 22.09 17.17
C LEU C 325 -37.54 23.62 17.36
N ALA C 326 -36.62 24.06 18.23
CA ALA C 326 -36.46 25.49 18.41
C ALA C 326 -36.00 26.17 17.14
N VAL C 327 -35.13 25.50 16.41
CA VAL C 327 -34.60 26.06 15.17
C VAL C 327 -35.82 26.23 14.19
N HIS C 328 -36.67 25.22 14.06
CA HIS C 328 -37.79 25.31 13.12
C HIS C 328 -38.77 26.39 13.52
N GLN C 329 -38.95 26.54 14.82
CA GLN C 329 -39.86 27.59 15.34
C GLN C 329 -39.30 28.95 14.94
N GLN C 330 -37.99 29.17 15.06
CA GLN C 330 -37.40 30.49 14.83
C GLN C 330 -37.20 30.73 13.33
N MET C 331 -36.97 29.69 12.55
CA MET C 331 -36.82 29.92 11.11
C MET C 331 -38.16 30.12 10.39
N GLY C 332 -39.21 29.50 10.90
CA GLY C 332 -40.55 29.59 10.27
C GLY C 332 -40.75 28.80 8.99
N TRP C 333 -39.75 28.05 8.52
CA TRP C 333 -39.85 27.30 7.24
C TRP C 333 -40.70 26.03 7.37
N ASP C 334 -40.94 25.37 6.25
CA ASP C 334 -41.93 24.33 6.16
C ASP C 334 -41.26 23.01 6.53
N THR C 335 -41.67 22.44 7.67
CA THR C 335 -40.92 21.34 8.22
C THR C 335 -41.24 20.06 7.52
N SER C 336 -42.32 20.02 6.69
CA SER C 336 -42.50 18.82 5.84
C SER C 336 -41.34 18.65 4.81
N LYS C 337 -40.52 19.69 4.61
CA LYS C 337 -39.38 19.62 3.66
C LYS C 337 -38.02 19.38 4.35
N VAL C 338 -38.03 19.15 5.67
CA VAL C 338 -36.79 19.05 6.44
C VAL C 338 -36.62 17.60 6.85
N ASN C 339 -35.42 17.02 6.66
CA ASN C 339 -35.13 15.67 7.10
C ASN C 339 -36.25 14.69 6.65
N VAL C 340 -36.56 14.72 5.38
CA VAL C 340 -37.68 13.92 4.85
C VAL C 340 -37.41 12.43 4.98
N ASN C 341 -36.14 12.04 5.04
CA ASN C 341 -35.78 10.67 5.24
C ASN C 341 -35.38 10.39 6.68
N GLY C 342 -35.77 11.24 7.61
CA GLY C 342 -35.36 11.06 8.98
C GLY C 342 -34.07 11.81 9.29
N GLY C 343 -33.76 11.96 10.59
CA GLY C 343 -32.50 12.58 10.99
C GLY C 343 -31.73 11.83 12.03
N ALA C 344 -30.83 12.54 12.68
CA ALA C 344 -29.79 11.94 13.51
C ALA C 344 -30.37 11.23 14.73
N ILE C 345 -31.54 11.65 15.22
CA ILE C 345 -32.20 10.86 16.29
C ILE C 345 -32.38 9.39 15.89
N ALA C 346 -32.73 9.17 14.64
CA ALA C 346 -32.84 7.83 14.06
C ALA C 346 -31.57 7.30 13.50
N ILE C 347 -30.86 8.13 12.71
CA ILE C 347 -29.74 7.61 11.91
C ILE C 347 -28.42 7.49 12.72
N GLY C 348 -28.26 8.42 13.66
CA GLY C 348 -27.11 8.54 14.48
C GLY C 348 -26.33 9.84 14.21
N HIS C 349 -25.42 10.17 15.13
CA HIS C 349 -24.68 11.39 15.11
C HIS C 349 -23.16 11.17 15.36
N PRO C 350 -22.44 10.65 14.35
CA PRO C 350 -20.97 10.60 14.46
C PRO C 350 -20.38 12.00 14.35
N ILE C 351 -20.05 12.61 15.49
CA ILE C 351 -20.00 14.06 15.53
C ILE C 351 -19.20 14.71 14.38
N GLY C 352 -17.97 14.25 14.13
CA GLY C 352 -17.07 14.91 13.14
C GLY C 352 -17.48 14.62 11.71
N ALA C 353 -18.31 13.58 11.52
CA ALA C 353 -18.79 13.23 10.19
C ALA C 353 -20.17 13.81 9.82
N SER C 354 -20.99 14.13 10.82
CA SER C 354 -22.39 14.43 10.53
C SER C 354 -22.61 15.56 9.58
N GLY C 355 -21.80 16.61 9.67
CA GLY C 355 -21.89 17.77 8.80
C GLY C 355 -21.85 17.38 7.33
N CYS C 356 -21.06 16.41 6.97
CA CYS C 356 -21.05 15.96 5.56
C CYS C 356 -22.03 14.82 5.34
N ARG C 357 -22.29 14.01 6.38
CA ARG C 357 -23.30 12.94 6.28
C ARG C 357 -24.64 13.56 5.86
N ILE C 358 -25.01 14.69 6.45
CA ILE C 358 -26.32 15.28 6.12
C ILE C 358 -26.36 15.93 4.73
N LEU C 359 -25.21 16.38 4.25
CA LEU C 359 -25.07 16.92 2.92
C LEU C 359 -25.19 15.83 1.88
N VAL C 360 -24.56 14.70 2.11
CA VAL C 360 -24.70 13.53 1.27
C VAL C 360 -26.17 13.15 1.14
N THR C 361 -26.86 13.06 2.30
CA THR C 361 -28.22 12.70 2.34
C THR C 361 -29.09 13.70 1.58
N LEU C 362 -28.86 14.97 1.81
CA LEU C 362 -29.58 16.02 1.15
C LEU C 362 -29.46 15.91 -0.37
N LEU C 363 -28.22 15.78 -0.84
CA LEU C 363 -27.95 15.77 -2.29
C LEU C 363 -28.62 14.60 -3.00
N HIS C 364 -28.65 13.43 -2.37
CA HIS C 364 -29.23 12.28 -3.01
C HIS C 364 -30.78 12.38 -3.06
N GLU C 365 -31.37 12.94 -2.02
CA GLU C 365 -32.77 13.09 -2.01
C GLU C 365 -33.21 14.21 -2.95
N MET C 366 -32.45 15.32 -2.99
CA MET C 366 -32.72 16.37 -3.98
C MET C 366 -32.80 15.84 -5.43
N LYS C 367 -31.82 15.06 -5.82
CA LYS C 367 -31.87 14.44 -7.14
C LYS C 367 -33.09 13.57 -7.29
N ARG C 368 -33.40 12.73 -6.30
CA ARG C 368 -34.57 11.84 -6.42
C ARG C 368 -35.89 12.61 -6.59
N ARG C 369 -36.05 13.73 -5.97
CA ARG C 369 -37.30 14.44 -6.14
C ARG C 369 -37.17 15.66 -7.04
N ASP C 370 -36.06 15.78 -7.75
CA ASP C 370 -35.72 16.94 -8.54
C ASP C 370 -35.95 18.27 -7.78
N ALA C 371 -35.61 18.27 -6.50
CA ALA C 371 -35.53 19.56 -5.77
C ALA C 371 -34.43 20.46 -6.33
N LYS C 372 -34.69 21.74 -6.41
CA LYS C 372 -33.71 22.62 -6.95
C LYS C 372 -32.90 23.41 -5.88
N LYS C 373 -33.48 23.70 -4.72
CA LYS C 373 -32.74 24.52 -3.74
C LYS C 373 -32.73 23.82 -2.42
N GLY C 374 -31.55 23.56 -1.85
CA GLY C 374 -31.44 22.92 -0.58
C GLY C 374 -30.49 23.63 0.41
N LEU C 375 -30.60 23.25 1.69
CA LEU C 375 -29.77 23.78 2.72
C LEU C 375 -29.48 22.66 3.71
N ALA C 376 -28.21 22.63 4.16
CA ALA C 376 -27.82 21.78 5.29
C ALA C 376 -27.27 22.69 6.39
N SER C 377 -27.61 22.35 7.64
CA SER C 377 -27.12 23.12 8.77
C SER C 377 -27.07 22.30 10.05
N LEU C 378 -26.11 22.65 10.94
CA LEU C 378 -25.90 21.93 12.19
C LEU C 378 -25.45 22.88 13.29
N CYS C 379 -25.86 22.53 14.51
CA CYS C 379 -25.38 23.20 15.70
C CYS C 379 -24.04 22.66 16.11
N ILE C 380 -23.33 23.41 16.96
CA ILE C 380 -21.96 23.11 17.29
C ILE C 380 -21.71 23.44 18.74
N GLY C 381 -21.16 22.44 19.43
CA GLY C 381 -20.84 22.60 20.86
C GLY C 381 -19.90 23.77 21.08
N GLY C 382 -20.15 24.57 22.10
CA GLY C 382 -19.34 25.77 22.35
C GLY C 382 -19.97 27.00 21.74
N GLY C 383 -21.10 26.80 21.05
CA GLY C 383 -21.96 27.90 20.62
C GLY C 383 -21.72 28.37 19.21
N MET C 384 -21.90 27.49 18.25
CA MET C 384 -21.76 27.86 16.88
C MET C 384 -22.76 27.17 15.98
N GLY C 385 -22.78 27.63 14.73
CA GLY C 385 -23.60 27.01 13.70
C GLY C 385 -22.88 27.11 12.36
N VAL C 386 -23.11 26.14 11.46
CA VAL C 386 -22.65 26.27 10.09
C VAL C 386 -23.89 25.93 9.25
N ALA C 387 -23.95 26.48 8.05
CA ALA C 387 -25.00 26.18 7.08
C ALA C 387 -24.40 26.32 5.65
N LEU C 388 -24.86 25.47 4.76
CA LEU C 388 -24.41 25.54 3.39
C LEU C 388 -25.63 25.28 2.51
N ALA C 389 -25.74 26.11 1.48
CA ALA C 389 -26.83 25.98 0.47
C ALA C 389 -26.33 25.46 -0.85
N VAL C 390 -27.15 24.63 -1.46
CA VAL C 390 -26.84 24.07 -2.71
C VAL C 390 -28.01 24.31 -3.74
N GLU C 391 -27.66 24.37 -5.01
CA GLU C 391 -28.66 24.64 -6.06
C GLU C 391 -28.42 23.65 -7.19
N ARG C 392 -29.49 23.10 -7.71
CA ARG C 392 -29.44 22.19 -8.87
C ARG C 392 -30.13 22.89 -10.06
N LYS C 393 -29.60 22.71 -11.25
CA LYS C 393 -30.11 23.41 -12.45
C LYS C 393 -31.54 23.02 -12.74
N MET D 1 -8.24 39.30 -7.79
CA MET D 1 -8.93 39.42 -6.47
C MET D 1 -7.97 39.96 -5.38
N THR D 2 -8.38 39.85 -4.13
CA THR D 2 -7.94 40.77 -3.09
C THR D 2 -6.53 40.46 -2.63
N ASP D 3 -5.79 41.48 -2.24
CA ASP D 3 -4.45 41.33 -1.62
C ASP D 3 -4.75 41.13 -0.15
N VAL D 4 -4.06 40.18 0.49
CA VAL D 4 -4.27 39.91 1.95
C VAL D 4 -3.02 40.36 2.72
N VAL D 5 -3.23 41.10 3.79
CA VAL D 5 -2.12 41.65 4.60
C VAL D 5 -2.18 41.08 6.01
N ILE D 6 -1.01 41.09 6.64
CA ILE D 6 -0.90 40.81 8.06
C ILE D 6 -0.66 42.12 8.79
N VAL D 7 -1.50 42.43 9.77
CA VAL D 7 -1.45 43.77 10.43
C VAL D 7 -0.79 43.71 11.77
N SER D 8 -0.65 42.53 12.36
CA SER D 8 0.08 42.41 13.64
C SER D 8 0.46 40.97 13.85
N ALA D 9 1.34 40.77 14.82
CA ALA D 9 1.98 39.48 15.06
C ALA D 9 2.54 39.45 16.48
N ALA D 10 2.28 38.33 17.18
CA ALA D 10 2.68 38.14 18.57
C ALA D 10 2.96 36.69 18.87
N ARG D 11 3.95 36.44 19.73
CA ARG D 11 4.18 35.08 20.20
C ARG D 11 4.48 35.06 21.67
N THR D 12 4.20 33.96 22.33
CA THR D 12 4.78 33.73 23.64
C THR D 12 6.28 33.40 23.51
N ALA D 13 7.04 33.59 24.58
CA ALA D 13 8.31 32.90 24.61
C ALA D 13 7.97 31.40 24.60
N VAL D 14 8.93 30.58 24.14
CA VAL D 14 8.81 29.16 24.05
C VAL D 14 9.32 28.51 25.33
N GLY D 15 8.49 27.66 25.93
CA GLY D 15 8.83 27.02 27.16
C GLY D 15 9.55 25.70 26.93
N LYS D 16 10.44 25.34 27.84
CA LYS D 16 11.05 24.00 27.85
C LYS D 16 10.09 22.93 28.27
N PHE D 17 10.33 21.69 27.87
CA PHE D 17 9.53 20.53 28.34
C PHE D 17 9.56 20.49 29.87
N GLY D 18 8.39 20.56 30.51
CA GLY D 18 8.25 20.57 31.97
C GLY D 18 8.64 21.89 32.55
N GLY D 19 8.79 22.93 31.70
CA GLY D 19 9.30 24.21 32.09
C GLY D 19 8.23 25.23 32.43
N SER D 20 8.51 26.49 32.18
CA SER D 20 7.69 27.56 32.75
C SER D 20 6.24 27.62 32.32
N LEU D 21 5.94 27.04 31.14
CA LEU D 21 4.59 27.03 30.58
C LEU D 21 3.91 25.72 30.79
N ALA D 22 4.56 24.76 31.44
CA ALA D 22 4.01 23.39 31.51
C ALA D 22 2.62 23.24 32.12
N LYS D 23 2.24 24.12 33.04
CA LYS D 23 0.97 24.02 33.67
C LYS D 23 -0.08 24.88 33.04
N ILE D 24 0.23 25.55 31.92
CA ILE D 24 -0.70 26.52 31.36
C ILE D 24 -1.28 25.81 30.13
N PRO D 25 -2.55 25.49 30.14
CA PRO D 25 -3.12 24.79 28.99
C PRO D 25 -2.95 25.53 27.65
N ALA D 26 -2.84 24.79 26.54
CA ALA D 26 -2.56 25.37 25.23
C ALA D 26 -3.53 26.51 24.87
N PRO D 27 -4.82 26.33 25.11
CA PRO D 27 -5.75 27.45 24.75
C PRO D 27 -5.57 28.71 25.57
N GLU D 28 -5.00 28.59 26.78
CA GLU D 28 -4.64 29.80 27.50
C GLU D 28 -3.45 30.51 26.90
N LEU D 29 -2.51 29.72 26.39
CA LEU D 29 -1.43 30.26 25.62
C LEU D 29 -1.93 30.96 24.36
N GLY D 30 -2.83 30.30 23.64
CA GLY D 30 -3.43 30.92 22.48
C GLY D 30 -4.10 32.19 22.86
N ALA D 31 -4.82 32.20 24.00
CA ALA D 31 -5.56 33.40 24.40
C ALA D 31 -4.62 34.58 24.57
N VAL D 32 -3.42 34.34 25.13
CA VAL D 32 -2.49 35.40 25.37
C VAL D 32 -2.12 36.10 24.05
N VAL D 33 -1.85 35.29 23.05
CA VAL D 33 -1.39 35.83 21.77
C VAL D 33 -2.49 36.39 20.89
N ILE D 34 -3.69 35.81 20.96
CA ILE D 34 -4.86 36.38 20.26
C ILE D 34 -5.10 37.80 20.79
N LYS D 35 -5.20 37.90 22.10
CA LYS D 35 -5.49 39.19 22.71
C LYS D 35 -4.41 40.22 22.40
N ALA D 36 -3.15 39.85 22.41
CA ALA D 36 -2.08 40.80 22.19
C ALA D 36 -2.01 41.14 20.72
N ALA D 37 -2.19 40.20 19.83
CA ALA D 37 -2.19 40.56 18.42
C ALA D 37 -3.27 41.54 18.06
N LEU D 38 -4.46 41.39 18.69
CA LEU D 38 -5.55 42.33 18.44
C LEU D 38 -5.23 43.73 18.98
N GLU D 39 -4.68 43.77 20.20
CA GLU D 39 -4.19 45.03 20.77
C GLU D 39 -3.17 45.74 19.92
N ARG D 40 -2.22 44.99 19.42
CA ARG D 40 -1.20 45.56 18.61
C ARG D 40 -1.75 46.02 17.28
N ALA D 41 -2.70 45.30 16.68
CA ALA D 41 -3.31 45.76 15.46
C ALA D 41 -4.17 47.00 15.61
N GLY D 42 -4.72 47.21 16.80
CA GLY D 42 -5.78 48.19 17.02
C GLY D 42 -7.10 47.70 16.48
N VAL D 43 -7.39 46.42 16.64
CA VAL D 43 -8.63 45.81 16.23
C VAL D 43 -9.32 45.30 17.47
N LYS D 44 -10.58 45.70 17.61
CA LYS D 44 -11.39 45.28 18.74
C LYS D 44 -11.87 43.83 18.54
N PRO D 45 -12.03 43.11 19.64
CA PRO D 45 -12.46 41.72 19.54
C PRO D 45 -13.74 41.52 18.74
N GLU D 46 -14.69 42.49 18.82
CA GLU D 46 -15.97 42.33 18.15
C GLU D 46 -15.83 42.54 16.65
N GLN D 47 -14.70 43.02 16.14
CA GLN D 47 -14.49 43.16 14.71
C GLN D 47 -13.99 41.88 14.06
N VAL D 48 -13.71 40.86 14.86
CA VAL D 48 -13.02 39.69 14.33
C VAL D 48 -14.05 38.83 13.63
N SER D 49 -13.78 38.34 12.42
CA SER D 49 -14.68 37.45 11.70
C SER D 49 -14.55 35.97 12.15
N GLU D 50 -13.34 35.52 12.48
CA GLU D 50 -13.10 34.08 12.72
C GLU D 50 -11.74 33.98 13.42
N VAL D 51 -11.61 32.98 14.27
CA VAL D 51 -10.31 32.56 14.81
C VAL D 51 -9.97 31.15 14.31
N ILE D 52 -8.72 30.95 13.86
CA ILE D 52 -8.27 29.64 13.39
C ILE D 52 -6.96 29.37 14.13
N MET D 53 -6.92 28.33 14.97
CA MET D 53 -5.66 27.97 15.68
C MET D 53 -5.35 26.51 15.43
N GLY D 54 -4.11 26.24 15.11
CA GLY D 54 -3.60 24.91 15.14
C GLY D 54 -3.34 24.45 16.56
N GLN D 55 -3.60 23.16 16.80
CA GLN D 55 -3.18 22.44 18.01
C GLN D 55 -3.18 20.99 17.70
N VAL D 56 -2.02 20.33 17.85
CA VAL D 56 -1.92 18.94 17.47
C VAL D 56 -2.44 18.02 18.57
N LEU D 57 -2.01 18.27 19.79
CA LEU D 57 -2.23 17.33 20.86
C LEU D 57 -3.43 17.81 21.66
N THR D 58 -4.59 17.15 21.47
CA THR D 58 -5.85 17.63 21.98
C THR D 58 -6.58 16.64 22.92
N ALA D 59 -5.90 15.57 23.34
CA ALA D 59 -6.52 14.56 24.17
C ALA D 59 -6.85 15.15 25.54
N GLY D 60 -8.13 15.16 25.87
CA GLY D 60 -8.59 15.74 27.13
C GLY D 60 -8.57 17.26 27.12
N SER D 61 -8.31 17.89 25.99
CA SER D 61 -8.25 19.33 25.99
C SER D 61 -9.62 20.04 26.02
N GLY D 62 -10.70 19.28 25.86
CA GLY D 62 -12.01 19.84 25.87
C GLY D 62 -12.46 20.27 24.47
N GLN D 63 -13.74 20.55 24.31
CA GLN D 63 -14.25 20.88 22.97
C GLN D 63 -13.52 22.08 22.31
N ASN D 64 -13.15 21.90 21.05
CA ASN D 64 -12.61 22.91 20.10
C ASN D 64 -11.63 23.90 20.75
N PRO D 65 -10.37 23.47 20.92
CA PRO D 65 -9.34 24.29 21.55
C PRO D 65 -9.23 25.71 21.02
N ALA D 66 -9.41 25.91 19.71
CA ALA D 66 -9.33 27.27 19.19
C ALA D 66 -10.45 28.10 19.78
N ARG D 67 -11.67 27.55 19.90
CA ARG D 67 -12.78 28.37 20.52
C ARG D 67 -12.48 28.77 22.00
N GLN D 68 -11.87 27.83 22.69
CA GLN D 68 -11.44 28.08 24.08
C GLN D 68 -10.49 29.24 24.16
N ALA D 69 -9.52 29.26 23.25
CA ALA D 69 -8.57 30.37 23.20
C ALA D 69 -9.25 31.67 22.90
N ALA D 70 -10.12 31.67 21.88
CA ALA D 70 -10.84 32.89 21.53
C ALA D 70 -11.64 33.44 22.68
N ILE D 71 -12.36 32.56 23.34
CA ILE D 71 -13.23 33.01 24.44
C ILE D 71 -12.36 33.49 25.59
N LYS D 72 -11.28 32.75 25.88
CA LYS D 72 -10.35 33.19 26.93
C LYS D 72 -9.65 34.50 26.63
N ALA D 73 -9.43 34.82 25.35
CA ALA D 73 -8.87 36.08 24.96
C ALA D 73 -9.82 37.25 25.04
N GLY D 74 -11.11 37.02 25.35
CA GLY D 74 -12.08 38.09 25.52
C GLY D 74 -12.91 38.31 24.28
N LEU D 75 -12.81 37.44 23.30
CA LEU D 75 -13.63 37.61 22.11
C LEU D 75 -15.07 37.16 22.44
N PRO D 76 -16.04 37.89 21.92
CA PRO D 76 -17.42 37.49 22.24
C PRO D 76 -17.83 36.20 21.54
N ALA D 77 -18.89 35.60 22.05
CA ALA D 77 -19.44 34.33 21.52
C ALA D 77 -19.86 34.36 20.06
N MET D 78 -20.19 35.55 19.53
CA MET D 78 -20.53 35.69 18.11
C MET D 78 -19.37 35.41 17.15
N VAL D 79 -18.14 35.42 17.63
CA VAL D 79 -16.97 35.14 16.79
C VAL D 79 -16.71 33.62 16.69
N PRO D 80 -16.89 33.04 15.50
CA PRO D 80 -16.64 31.61 15.39
C PRO D 80 -15.13 31.25 15.42
N ALA D 81 -14.83 30.00 15.78
CA ALA D 81 -13.45 29.52 15.74
C ALA D 81 -13.41 28.08 15.36
N MET D 82 -12.23 27.66 14.90
CA MET D 82 -11.97 26.32 14.50
C MET D 82 -10.54 25.96 14.81
N THR D 83 -10.32 24.68 15.15
CA THR D 83 -9.03 24.12 15.43
C THR D 83 -8.61 23.32 14.22
N ILE D 84 -7.32 23.32 13.88
CA ILE D 84 -6.86 22.49 12.82
C ILE D 84 -5.64 21.74 13.22
N ASN D 85 -5.36 20.69 12.47
CA ASN D 85 -4.21 19.84 12.65
C ASN D 85 -3.64 19.42 11.28
N LYS D 86 -2.51 20.04 10.92
CA LYS D 86 -1.62 19.61 9.83
C LYS D 86 -0.23 19.44 10.48
N VAL D 87 -0.18 18.75 11.65
CA VAL D 87 1.02 18.48 12.49
C VAL D 87 1.86 19.77 12.64
N SER D 88 3.18 19.77 12.44
CA SER D 88 3.96 20.99 12.53
C SER D 88 3.61 22.09 11.54
N GLY D 89 2.87 21.75 10.50
CA GLY D 89 2.37 22.77 9.59
C GLY D 89 1.24 23.64 10.09
N SER D 90 0.60 23.20 11.16
CA SER D 90 -0.67 23.76 11.60
C SER D 90 -0.68 25.27 11.73
N GLY D 91 0.29 25.85 12.45
CA GLY D 91 0.33 27.26 12.76
C GLY D 91 0.43 28.15 11.52
N LEU D 92 1.07 27.64 10.47
CA LEU D 92 1.22 28.42 9.25
C LEU D 92 0.02 28.17 8.31
N LYS D 93 -0.41 26.91 8.28
CA LYS D 93 -1.63 26.52 7.53
C LYS D 93 -2.78 27.32 8.05
N ALA D 94 -2.80 27.64 9.36
CA ALA D 94 -3.86 28.53 9.84
C ALA D 94 -3.95 29.86 9.04
N VAL D 95 -2.80 30.43 8.75
CA VAL D 95 -2.73 31.77 8.14
C VAL D 95 -3.15 31.67 6.70
N MET D 96 -2.71 30.58 6.08
CA MET D 96 -3.17 30.22 4.73
C MET D 96 -4.67 30.10 4.59
N LEU D 97 -5.35 29.44 5.53
CA LEU D 97 -6.80 29.32 5.54
C LEU D 97 -7.46 30.64 5.74
N ALA D 98 -6.87 31.48 6.60
CA ALA D 98 -7.31 32.83 6.78
C ALA D 98 -7.29 33.63 5.45
N ALA D 99 -6.16 33.60 4.75
CA ALA D 99 -6.00 34.23 3.41
C ALA D 99 -6.99 33.68 2.40
N ASN D 100 -7.21 32.35 2.35
CA ASN D 100 -8.25 31.76 1.52
C ASN D 100 -9.62 32.31 1.84
N ALA D 101 -9.96 32.44 3.13
CA ALA D 101 -11.29 32.87 3.47
C ALA D 101 -11.46 34.36 3.13
N ILE D 102 -10.42 35.15 3.30
CA ILE D 102 -10.49 36.58 2.99
C ILE D 102 -10.68 36.73 1.46
N MET D 103 -9.86 36.02 0.69
CA MET D 103 -9.95 36.14 -0.76
C MET D 103 -11.29 35.67 -1.33
N ALA D 104 -11.88 34.63 -0.73
CA ALA D 104 -13.14 34.13 -1.10
C ALA D 104 -14.31 35.00 -0.71
N GLY D 105 -14.10 36.02 0.14
CA GLY D 105 -15.20 36.83 0.60
C GLY D 105 -15.94 36.17 1.77
N ASP D 106 -15.39 35.10 2.35
CA ASP D 106 -16.04 34.41 3.48
C ASP D 106 -15.80 35.15 4.85
N ALA D 107 -14.66 35.79 5.02
CA ALA D 107 -14.31 36.46 6.25
C ALA D 107 -13.66 37.80 5.90
N GLU D 108 -13.63 38.71 6.85
CA GLU D 108 -13.01 40.01 6.71
C GLU D 108 -11.76 40.07 7.57
N ILE D 109 -11.84 39.79 8.88
CA ILE D 109 -10.68 39.88 9.80
C ILE D 109 -10.54 38.51 10.43
N VAL D 110 -9.40 37.87 10.26
CA VAL D 110 -9.12 36.58 10.91
C VAL D 110 -7.90 36.63 11.83
N VAL D 111 -8.00 36.00 12.99
CA VAL D 111 -6.87 35.80 13.84
C VAL D 111 -6.50 34.36 13.56
N ALA D 112 -5.24 34.12 13.24
CA ALA D 112 -4.75 32.81 12.77
C ALA D 112 -3.36 32.55 13.44
N GLY D 113 -3.17 31.31 13.91
CA GLY D 113 -1.89 30.89 14.47
C GLY D 113 -2.03 29.48 15.03
N GLY D 114 -1.35 29.22 16.14
CA GLY D 114 -1.23 27.91 16.69
C GLY D 114 -0.82 28.02 18.15
N GLN D 115 -1.06 26.93 18.85
CA GLN D 115 -0.86 26.82 20.26
C GLN D 115 -0.53 25.38 20.57
N GLU D 116 0.40 25.14 21.52
CA GLU D 116 0.71 23.79 21.89
C GLU D 116 1.34 23.72 23.27
N ASN D 117 0.96 22.70 24.04
CA ASN D 117 1.60 22.40 25.30
C ASN D 117 1.93 20.92 25.28
N MET D 118 3.16 20.66 24.89
CA MET D 118 3.61 19.29 24.83
C MET D 118 3.83 18.73 26.21
N SER D 119 4.32 19.56 27.13
CA SER D 119 4.51 19.13 28.55
C SER D 119 3.28 18.47 29.13
N ALA D 120 2.12 19.03 28.84
CA ALA D 120 0.89 18.59 29.48
C ALA D 120 0.26 17.39 28.72
N ALA D 121 0.76 17.01 27.57
CA ALA D 121 0.09 15.89 26.87
C ALA D 121 0.02 14.60 27.70
N PRO D 122 -1.16 13.97 27.80
CA PRO D 122 -1.32 12.78 28.69
C PRO D 122 -1.16 11.48 27.95
N HIS D 123 -1.30 10.40 28.71
CA HIS D 123 -1.39 9.08 28.16
C HIS D 123 -2.80 8.67 27.98
N VAL D 124 -3.03 7.78 27.04
CA VAL D 124 -4.33 7.34 26.75
C VAL D 124 -4.39 5.84 26.87
N LEU D 125 -5.59 5.31 27.10
CA LEU D 125 -5.84 3.89 27.31
C LEU D 125 -6.73 3.31 26.22
N PRO D 126 -6.14 2.82 25.13
CA PRO D 126 -7.05 2.31 24.13
C PRO D 126 -7.74 1.05 24.62
N GLY D 127 -8.94 0.81 24.12
CA GLY D 127 -9.77 -0.33 24.46
C GLY D 127 -10.44 -0.21 25.84
N SER D 128 -10.32 0.95 26.47
CA SER D 128 -10.79 1.15 27.86
C SER D 128 -12.30 0.91 27.99
N ARG D 129 -13.05 1.01 26.86
CA ARG D 129 -14.50 0.79 26.91
C ARG D 129 -14.92 -0.61 27.00
N ASP D 130 -14.20 -1.45 26.29
CA ASP D 130 -14.44 -2.83 26.27
C ASP D 130 -13.90 -3.48 27.50
N GLY D 131 -12.83 -2.95 28.09
CA GLY D 131 -12.19 -3.61 29.23
C GLY D 131 -11.12 -4.59 28.80
N PHE D 132 -10.44 -5.18 29.80
CA PHE D 132 -9.27 -5.99 29.59
C PHE D 132 -9.49 -7.29 30.36
N ARG D 133 -10.07 -8.26 29.68
CA ARG D 133 -10.59 -9.43 30.37
C ARG D 133 -9.43 -10.18 31.02
N MET D 134 -8.29 -10.20 30.37
CA MET D 134 -7.10 -10.85 30.91
C MET D 134 -5.81 -10.39 30.24
N GLY D 135 -4.80 -10.18 31.03
CA GLY D 135 -3.54 -9.71 30.51
C GLY D 135 -3.35 -8.19 30.61
N ASP D 136 -2.16 -7.80 30.25
CA ASP D 136 -1.71 -6.46 30.41
C ASP D 136 -2.25 -5.55 29.32
N ALA D 137 -2.13 -4.24 29.51
CA ALA D 137 -2.70 -3.32 28.53
C ALA D 137 -1.81 -2.11 28.46
N LYS D 138 -1.79 -1.47 27.32
CA LYS D 138 -0.80 -0.41 27.06
C LYS D 138 -1.38 0.98 27.44
N LEU D 139 -0.66 1.83 28.17
CA LEU D 139 -1.00 3.25 28.28
C LEU D 139 -0.13 3.95 27.20
N VAL D 140 -0.72 4.63 26.25
CA VAL D 140 0.00 5.11 25.11
C VAL D 140 0.27 6.58 25.29
N ASP D 141 1.50 7.04 25.01
CA ASP D 141 1.89 8.45 25.17
C ASP D 141 1.33 9.28 23.95
N THR D 142 0.37 10.16 24.19
CA THR D 142 -0.26 10.89 23.06
C THR D 142 0.74 11.81 22.37
N MET D 143 1.73 12.32 23.10
CA MET D 143 2.67 13.28 22.52
C MET D 143 3.44 12.55 21.42
N ILE D 144 3.86 11.34 21.74
CA ILE D 144 4.56 10.49 20.80
C ILE D 144 3.65 10.04 19.64
N VAL D 145 2.54 9.38 19.93
CA VAL D 145 1.76 8.75 18.90
C VAL D 145 1.08 9.79 18.03
N ASP D 146 0.57 10.84 18.66
CA ASP D 146 -0.16 11.91 17.92
C ASP D 146 0.70 13.00 17.29
N GLY D 147 1.88 13.22 17.87
CA GLY D 147 2.75 14.29 17.48
C GLY D 147 4.01 13.85 16.74
N LEU D 148 4.61 12.71 17.12
CA LEU D 148 6.03 12.44 16.79
C LEU D 148 6.31 11.12 16.06
N TRP D 149 5.27 10.37 15.72
CA TRP D 149 5.40 9.00 15.23
C TRP D 149 4.77 8.86 13.86
N ASP D 150 5.54 8.39 12.90
CA ASP D 150 4.96 8.17 11.59
C ASP D 150 4.04 6.98 11.53
N VAL D 151 2.82 7.22 11.03
CA VAL D 151 1.83 6.21 10.91
C VAL D 151 2.25 5.11 9.94
N TYR D 152 2.74 5.48 8.78
CA TYR D 152 2.93 4.57 7.65
C TYR D 152 4.15 3.69 7.89
N ASN D 153 5.19 4.23 8.49
CA ASN D 153 6.38 3.43 8.73
C ASN D 153 6.54 3.03 10.19
N GLN D 154 5.71 3.53 11.08
CA GLN D 154 5.78 3.17 12.49
C GLN D 154 7.16 3.37 13.11
N TYR D 155 7.67 4.60 13.01
CA TYR D 155 8.87 5.00 13.72
C TYR D 155 8.86 6.50 13.93
N HIS D 156 9.77 6.94 14.77
CA HIS D 156 9.83 8.31 15.20
C HIS D 156 10.18 9.26 14.05
N MET D 157 9.74 10.51 14.19
CA MET D 157 10.18 11.59 13.27
C MET D 157 11.74 11.60 13.13
N GLY D 158 12.44 11.30 14.21
CA GLY D 158 13.89 11.25 14.20
C GLY D 158 14.46 10.27 13.16
N ILE D 159 13.79 9.14 12.95
CA ILE D 159 14.21 8.19 11.87
C ILE D 159 14.02 8.79 10.48
N THR D 160 12.96 9.56 10.28
CA THR D 160 12.80 10.24 9.02
C THR D 160 13.95 11.20 8.80
N ALA D 161 14.44 11.80 9.89
CA ALA D 161 15.60 12.71 9.80
C ALA D 161 16.89 11.90 9.43
N GLU D 162 17.05 10.69 9.97
CA GLU D 162 18.15 9.81 9.54
C GLU D 162 18.06 9.44 8.09
N ASN D 163 16.84 9.24 7.59
CA ASN D 163 16.64 8.88 6.19
C ASN D 163 17.10 10.01 5.29
N VAL D 164 16.80 11.24 5.72
CA VAL D 164 17.16 12.44 4.98
C VAL D 164 18.71 12.59 5.07
N ALA D 165 19.29 12.39 6.25
CA ALA D 165 20.71 12.58 6.37
C ALA D 165 21.44 11.64 5.40
N LYS D 166 21.01 10.37 5.36
CA LYS D 166 21.61 9.39 4.47
C LYS D 166 21.40 9.76 3.00
N GLU D 167 20.20 10.14 2.64
CA GLU D 167 19.89 10.38 1.25
C GLU D 167 20.62 11.56 0.61
N TYR D 168 20.81 12.58 1.42
CA TYR D 168 21.37 13.85 0.98
C TYR D 168 22.80 14.05 1.46
N GLY D 169 23.37 13.04 2.11
CA GLY D 169 24.78 13.09 2.56
C GLY D 169 25.02 14.15 3.62
N ILE D 170 24.16 14.22 4.64
CA ILE D 170 24.35 15.21 5.69
C ILE D 170 25.00 14.58 6.87
N THR D 171 26.26 14.91 7.11
CA THR D 171 27.05 14.19 8.10
C THR D 171 26.69 14.62 9.52
N ARG D 172 27.00 13.77 10.48
CA ARG D 172 27.00 14.13 11.86
C ARG D 172 27.67 15.48 12.12
N GLU D 173 28.87 15.66 11.57
CA GLU D 173 29.66 16.83 11.84
C GLU D 173 28.96 18.06 11.26
N ALA D 174 28.40 17.97 10.07
CA ALA D 174 27.61 19.08 9.49
C ALA D 174 26.36 19.45 10.34
N GLN D 175 25.71 18.43 10.90
CA GLN D 175 24.53 18.61 11.74
C GLN D 175 24.91 19.34 12.97
N ASP D 176 26.01 18.92 13.59
CA ASP D 176 26.42 19.55 14.84
C ASP D 176 26.84 21.00 14.62
N GLU D 177 27.54 21.23 13.52
CA GLU D 177 27.93 22.58 13.18
C GLU D 177 26.69 23.49 13.01
N PHE D 178 25.66 22.97 12.35
CA PHE D 178 24.45 23.74 12.11
C PHE D 178 23.79 24.02 13.44
N ALA D 179 23.70 23.01 14.27
CA ALA D 179 23.09 23.15 15.54
C ALA D 179 23.78 24.17 16.43
N VAL D 180 25.12 24.16 16.47
CA VAL D 180 25.83 25.15 17.22
C VAL D 180 25.61 26.57 16.67
N GLY D 181 25.60 26.75 15.35
CA GLY D 181 25.29 28.04 14.79
C GLY D 181 23.89 28.52 15.24
N SER D 182 22.91 27.64 15.24
CA SER D 182 21.53 27.99 15.65
C SER D 182 21.55 28.41 17.09
N GLN D 183 22.20 27.65 17.99
CA GLN D 183 22.28 28.08 19.39
C GLN D 183 23.01 29.42 19.53
N ASN D 184 24.12 29.56 18.83
CA ASN D 184 24.86 30.82 18.94
C ASN D 184 24.08 32.02 18.34
N LYS D 185 23.40 31.83 17.22
CA LYS D 185 22.57 32.92 16.69
C LYS D 185 21.42 33.30 17.67
N ALA D 186 20.79 32.28 18.31
CA ALA D 186 19.73 32.50 19.28
C ALA D 186 20.26 33.22 20.49
N GLU D 187 21.42 32.78 20.98
CA GLU D 187 22.09 33.50 22.10
C GLU D 187 22.36 35.01 21.82
N ALA D 188 22.88 35.31 20.63
CA ALA D 188 23.22 36.67 20.20
C ALA D 188 21.95 37.51 20.17
N ALA D 189 20.89 36.94 19.62
CA ALA D 189 19.58 37.60 19.53
C ALA D 189 18.98 37.88 20.90
N GLN D 190 19.08 36.94 21.81
CA GLN D 190 18.67 37.15 23.17
C GLN D 190 19.45 38.32 23.83
N LYS D 191 20.75 38.26 23.78
CA LYS D 191 21.56 39.24 24.45
C LYS D 191 21.33 40.60 23.83
N ALA D 192 21.03 40.70 22.53
CA ALA D 192 20.79 41.98 21.93
C ALA D 192 19.30 42.45 22.03
N GLY D 193 18.40 41.65 22.57
CA GLY D 193 16.99 42.09 22.70
C GLY D 193 16.19 42.02 21.42
N LYS D 194 16.66 41.25 20.49
CA LYS D 194 15.91 41.12 19.26
C LYS D 194 14.51 40.50 19.38
N PHE D 195 14.27 39.69 20.42
CA PHE D 195 13.00 39.09 20.57
C PHE D 195 12.12 39.98 21.45
N ASP D 196 12.62 41.13 21.95
CA ASP D 196 11.79 41.87 22.92
C ASP D 196 10.43 42.27 22.31
N GLU D 197 10.43 42.69 21.06
CA GLU D 197 9.22 43.22 20.44
C GLU D 197 8.19 42.12 20.14
N GLU D 198 8.63 40.94 19.74
CA GLU D 198 7.69 39.93 19.28
C GLU D 198 7.05 39.12 20.45
N ILE D 199 7.75 39.05 21.56
CA ILE D 199 7.36 38.25 22.68
C ILE D 199 6.39 38.96 23.55
N VAL D 200 5.25 38.33 23.84
CA VAL D 200 4.34 38.87 24.82
C VAL D 200 4.45 37.97 26.06
N PRO D 201 4.47 38.59 27.25
CA PRO D 201 4.64 37.79 28.45
C PRO D 201 3.44 36.91 28.81
N VAL D 202 3.70 35.77 29.47
CA VAL D 202 2.64 34.94 30.11
C VAL D 202 2.85 35.03 31.62
N LEU D 203 1.84 35.34 32.41
CA LEU D 203 2.04 35.54 33.83
C LEU D 203 1.86 34.23 34.55
N ILE D 204 2.91 33.74 35.20
CA ILE D 204 2.88 32.39 35.77
C ILE D 204 2.50 32.49 37.26
N PRO D 205 1.36 31.90 37.69
CA PRO D 205 0.99 32.05 39.09
C PRO D 205 2.06 31.48 40.05
N GLN D 206 2.22 32.07 41.25
CA GLN D 206 3.23 31.71 42.25
C GLN D 206 2.56 31.56 43.57
N ARG D 207 2.81 30.46 44.27
CA ARG D 207 1.92 30.00 45.35
C ARG D 207 1.36 31.08 46.32
N LYS D 208 2.21 31.94 46.87
CA LYS D 208 1.75 32.97 47.84
C LYS D 208 2.48 34.26 47.48
N GLY D 209 2.21 34.73 46.30
CA GLY D 209 3.00 35.77 45.72
C GLY D 209 2.37 36.26 44.43
N ASP D 210 2.94 37.34 43.89
CA ASP D 210 2.47 37.84 42.64
C ASP D 210 2.89 36.92 41.49
N PRO D 211 2.09 36.88 40.43
CA PRO D 211 2.63 36.12 39.31
C PRO D 211 3.91 36.71 38.76
N VAL D 212 4.72 35.85 38.15
CA VAL D 212 5.97 36.20 37.45
C VAL D 212 5.85 36.06 35.94
N ALA D 213 6.36 37.06 35.24
CA ALA D 213 6.29 37.19 33.82
C ALA D 213 7.27 36.23 33.20
N PHE D 214 6.78 35.32 32.36
CA PHE D 214 7.64 34.45 31.58
C PHE D 214 7.73 35.04 30.20
N LYS D 215 8.95 35.36 29.80
CA LYS D 215 9.16 36.18 28.61
C LYS D 215 10.49 35.96 27.92
N THR D 216 11.07 34.82 28.17
CA THR D 216 12.33 34.48 27.57
C THR D 216 12.32 33.07 27.05
N ASP D 217 12.93 32.85 25.90
CA ASP D 217 13.06 31.52 25.32
C ASP D 217 14.05 30.62 26.09
N GLU D 218 13.54 29.97 27.12
CA GLU D 218 14.36 29.32 28.09
C GLU D 218 15.04 28.05 27.54
N PHE D 219 14.69 27.59 26.35
CA PHE D 219 15.30 26.40 25.81
C PHE D 219 16.64 26.73 25.18
N VAL D 220 16.87 28.01 24.91
CA VAL D 220 18.08 28.44 24.25
C VAL D 220 19.30 28.13 25.20
N ARG D 221 20.30 27.45 24.65
CA ARG D 221 21.54 27.15 25.45
C ARG D 221 22.64 28.14 25.04
N GLN D 222 22.93 29.07 25.93
CA GLN D 222 24.00 30.05 25.74
C GLN D 222 25.33 29.32 25.98
N GLY D 223 26.38 29.77 25.31
CA GLY D 223 27.72 29.14 25.41
C GLY D 223 27.87 27.79 24.76
N ALA D 224 27.10 27.49 23.71
CA ALA D 224 27.07 26.17 23.14
C ALA D 224 28.28 26.05 22.27
N THR D 225 28.97 24.93 22.33
CA THR D 225 30.19 24.75 21.53
C THR D 225 30.08 23.45 20.85
N LEU D 226 30.83 23.29 19.76
CA LEU D 226 30.91 22.00 19.09
C LEU D 226 31.34 20.83 19.97
N ASP D 227 32.26 21.09 20.90
CA ASP D 227 32.71 20.09 21.86
C ASP D 227 31.57 19.62 22.72
N SER D 228 30.64 20.48 23.09
CA SER D 228 29.46 20.03 23.86
C SER D 228 28.52 19.08 23.09
N MET D 229 28.63 19.05 21.79
CA MET D 229 27.71 18.23 20.96
C MET D 229 28.33 16.99 20.32
N SER D 230 29.59 17.10 19.91
CA SER D 230 30.25 16.05 19.08
C SER D 230 30.51 14.71 19.80
N GLY D 231 30.37 14.67 21.12
CA GLY D 231 30.50 13.46 21.87
C GLY D 231 29.21 12.74 22.22
N LEU D 232 28.05 13.38 21.97
CA LEU D 232 26.78 12.79 22.31
C LEU D 232 26.46 11.54 21.45
N LYS D 233 25.73 10.63 22.05
CA LYS D 233 25.24 9.44 21.42
C LYS D 233 23.99 9.73 20.61
N PRO D 234 23.86 9.09 19.47
CA PRO D 234 22.63 9.27 18.66
C PRO D 234 21.37 8.90 19.43
N ALA D 235 20.28 9.63 19.19
CA ALA D 235 19.07 9.55 20.02
C ALA D 235 18.06 8.53 19.54
N PHE D 236 18.08 8.17 18.25
CA PHE D 236 16.98 7.35 17.64
C PHE D 236 17.48 6.07 16.97
N ASP D 237 18.75 6.04 16.59
CA ASP D 237 19.34 4.89 15.94
C ASP D 237 20.80 4.78 16.39
N LYS D 238 21.18 3.61 16.90
CA LYS D 238 22.50 3.44 17.49
C LYS D 238 23.60 3.71 16.46
N ALA D 239 23.32 3.51 15.18
CA ALA D 239 24.29 3.79 14.13
C ALA D 239 24.05 5.11 13.46
N GLY D 240 23.29 5.99 14.10
CA GLY D 240 22.80 7.15 13.37
C GLY D 240 23.63 8.40 13.60
N THR D 241 23.02 9.54 13.31
CA THR D 241 23.67 10.84 13.33
C THR D 241 22.87 11.89 14.14
N VAL D 242 21.60 11.64 14.33
CA VAL D 242 20.70 12.60 15.01
C VAL D 242 20.79 12.37 16.49
N THR D 243 21.08 13.45 17.21
CA THR D 243 21.18 13.45 18.63
C THR D 243 20.20 14.46 19.24
N ALA D 244 20.14 14.47 20.56
CA ALA D 244 19.35 15.43 21.24
C ALA D 244 19.83 16.86 20.99
N ALA D 245 21.12 17.05 20.70
CA ALA D 245 21.62 18.42 20.50
C ALA D 245 21.51 18.93 19.08
N ASN D 246 21.36 18.05 18.12
CA ASN D 246 21.15 18.53 16.78
C ASN D 246 19.72 18.37 16.24
N ALA D 247 18.80 18.12 17.14
CA ALA D 247 17.35 18.10 16.87
C ALA D 247 16.70 19.10 17.80
N SER D 248 15.48 19.55 17.48
CA SER D 248 14.77 20.44 18.39
C SER D 248 14.22 19.63 19.51
N GLY D 249 13.56 20.33 20.42
CA GLY D 249 13.04 19.78 21.62
C GLY D 249 11.53 19.55 21.60
N LEU D 250 11.01 19.30 22.79
CA LEU D 250 9.64 19.16 23.07
C LEU D 250 9.33 20.42 23.88
N ASN D 251 8.32 21.20 23.49
CA ASN D 251 8.21 22.61 23.92
C ASN D 251 6.79 23.10 23.87
N ASP D 252 6.57 24.20 24.57
CA ASP D 252 5.25 24.75 24.74
C ASP D 252 5.30 26.21 24.25
N GLY D 253 4.23 26.69 23.63
CA GLY D 253 4.14 28.05 23.27
C GLY D 253 2.93 28.31 22.35
N ALA D 254 2.74 29.55 21.97
CA ALA D 254 1.66 29.90 21.02
C ALA D 254 2.08 31.13 20.24
N ALA D 255 1.38 31.38 19.13
CA ALA D 255 1.69 32.49 18.27
C ALA D 255 0.43 32.84 17.46
N ALA D 256 0.25 34.12 17.13
CA ALA D 256 -0.86 34.56 16.30
C ALA D 256 -0.52 35.77 15.48
N VAL D 257 -1.20 35.86 14.33
CA VAL D 257 -1.20 37.08 13.51
C VAL D 257 -2.70 37.49 13.18
N VAL D 258 -2.91 38.75 12.91
CA VAL D 258 -4.19 39.31 12.45
C VAL D 258 -4.10 39.60 10.95
N VAL D 259 -5.04 39.03 10.21
CA VAL D 259 -5.05 38.94 8.77
C VAL D 259 -6.32 39.66 8.28
N MET D 260 -6.18 40.46 7.21
CA MET D 260 -7.35 41.12 6.58
C MET D 260 -6.96 41.57 5.13
N SER D 261 -7.94 42.00 4.37
CA SER D 261 -7.61 42.42 2.99
C SER D 261 -6.84 43.70 3.08
N ALA D 262 -6.08 44.04 2.04
CA ALA D 262 -5.45 45.38 2.05
C ALA D 262 -6.47 46.54 2.06
N ALA D 263 -7.55 46.38 1.31
CA ALA D 263 -8.66 47.34 1.30
C ALA D 263 -9.14 47.56 2.69
N LYS D 264 -9.37 46.49 3.46
CA LYS D 264 -9.83 46.66 4.87
C LYS D 264 -8.87 47.38 5.83
N ALA D 265 -7.59 47.02 5.76
CA ALA D 265 -6.58 47.69 6.56
C ALA D 265 -6.57 49.20 6.16
N LYS D 266 -6.72 49.49 4.86
CA LYS D 266 -6.78 50.91 4.40
C LYS D 266 -7.98 51.60 5.03
N GLU D 267 -9.14 50.94 4.97
CA GLU D 267 -10.32 51.51 5.49
C GLU D 267 -10.17 51.77 6.99
N LEU D 268 -9.45 50.89 7.68
CA LEU D 268 -9.28 51.03 9.11
C LEU D 268 -8.13 51.89 9.51
N GLY D 269 -7.37 52.43 8.56
CA GLY D 269 -6.19 53.23 8.90
C GLY D 269 -5.05 52.43 9.47
N LEU D 270 -4.94 51.14 9.11
CA LEU D 270 -3.89 50.32 9.69
C LEU D 270 -2.78 50.16 8.70
N THR D 271 -1.55 50.41 9.12
CA THR D 271 -0.39 50.12 8.28
C THR D 271 0.04 48.66 8.45
N PRO D 272 0.08 47.86 7.38
CA PRO D 272 0.35 46.46 7.65
C PRO D 272 1.80 46.22 7.96
N LEU D 273 2.10 45.08 8.60
CA LEU D 273 3.50 44.62 8.66
C LEU D 273 3.96 44.15 7.30
N ALA D 274 3.11 43.43 6.58
CA ALA D 274 3.48 42.91 5.26
C ALA D 274 2.26 42.48 4.49
N THR D 275 2.44 42.29 3.20
CA THR D 275 1.47 41.64 2.35
C THR D 275 1.83 40.20 2.19
N ILE D 276 0.81 39.35 2.20
CA ILE D 276 1.01 37.96 1.90
C ILE D 276 1.16 37.84 0.40
N LYS D 277 2.34 37.45 -0.07
CA LYS D 277 2.61 37.37 -1.52
C LYS D 277 2.07 36.08 -2.10
N SER D 278 2.27 34.96 -1.41
CA SER D 278 1.90 33.62 -1.97
C SER D 278 2.01 32.58 -0.84
N TYR D 279 1.49 31.36 -1.09
CA TYR D 279 1.68 30.28 -0.17
C TYR D 279 1.40 29.01 -0.89
N ALA D 280 1.88 27.89 -0.36
CA ALA D 280 1.63 26.61 -1.00
C ALA D 280 1.83 25.53 0.01
N ASN D 281 1.20 24.38 -0.21
CA ASN D 281 1.53 23.12 0.51
C ASN D 281 2.16 22.14 -0.50
N ALA D 282 2.61 21.01 -0.02
CA ALA D 282 3.22 19.97 -0.83
C ALA D 282 3.20 18.68 -0.06
N GLY D 283 3.24 17.56 -0.78
CA GLY D 283 3.37 16.27 -0.20
C GLY D 283 4.57 15.55 -0.71
N VAL D 284 5.20 14.80 0.18
CA VAL D 284 6.35 14.02 -0.13
C VAL D 284 6.16 12.68 0.55
N ASP D 285 7.08 11.75 0.28
CA ASP D 285 7.00 10.44 0.93
C ASP D 285 7.18 10.64 2.45
N PRO D 286 6.34 10.02 3.27
CA PRO D 286 6.47 10.17 4.77
C PRO D 286 7.86 9.85 5.29
N LYS D 287 8.56 8.91 4.60
CA LYS D 287 9.95 8.51 5.03
C LYS D 287 10.93 9.64 4.99
N VAL D 288 10.65 10.65 4.17
CA VAL D 288 11.53 11.83 4.05
C VAL D 288 10.77 13.17 4.26
N MET D 289 9.91 13.16 5.25
CA MET D 289 8.99 14.30 5.49
C MET D 289 9.73 15.63 5.69
N GLY D 290 10.97 15.55 6.19
CA GLY D 290 11.86 16.71 6.43
C GLY D 290 12.13 17.53 5.17
N MET D 291 11.96 16.89 4.01
CA MET D 291 12.15 17.57 2.72
C MET D 291 10.92 18.36 2.26
N GLY D 292 9.79 18.26 2.97
CA GLY D 292 8.57 18.97 2.58
C GLY D 292 8.76 20.42 2.16
N PRO D 293 9.59 21.18 2.87
CA PRO D 293 9.79 22.59 2.54
C PRO D 293 10.32 22.86 1.16
N VAL D 294 10.97 21.86 0.53
CA VAL D 294 11.58 22.08 -0.83
C VAL D 294 10.44 22.26 -1.84
N PRO D 295 9.58 21.23 -2.04
CA PRO D 295 8.50 21.50 -3.04
C PRO D 295 7.53 22.59 -2.60
N ALA D 296 7.26 22.73 -1.31
CA ALA D 296 6.36 23.78 -0.86
C ALA D 296 6.96 25.14 -1.18
N SER D 297 8.24 25.33 -0.88
CA SER D 297 8.84 26.67 -1.06
C SER D 297 8.99 26.98 -2.54
N LYS D 298 9.32 25.96 -3.35
CA LYS D 298 9.42 26.13 -4.81
C LYS D 298 8.04 26.48 -5.38
N ARG D 299 6.97 25.86 -4.89
CA ARG D 299 5.63 26.24 -5.35
C ARG D 299 5.26 27.64 -4.88
N ALA D 300 5.60 28.01 -3.65
CA ALA D 300 5.28 29.36 -3.18
C ALA D 300 6.02 30.42 -4.00
N LEU D 301 7.29 30.16 -4.27
CA LEU D 301 8.16 31.09 -5.02
C LEU D 301 7.65 31.24 -6.45
N SER D 302 7.27 30.12 -7.06
CA SER D 302 6.69 30.12 -8.40
C SER D 302 5.41 30.94 -8.42
N ARG D 303 4.54 30.75 -7.43
CA ARG D 303 3.30 31.53 -7.33
C ARG D 303 3.57 32.99 -7.12
N ALA D 304 4.66 33.35 -6.47
CA ALA D 304 5.03 34.72 -6.28
C ALA D 304 5.82 35.30 -7.48
N GLU D 305 6.23 34.45 -8.43
CA GLU D 305 7.13 34.86 -9.55
C GLU D 305 8.40 35.38 -8.98
N TRP D 306 8.90 34.72 -7.94
CA TRP D 306 10.18 35.05 -7.33
C TRP D 306 11.13 33.88 -7.51
N THR D 307 12.42 34.14 -7.38
CA THR D 307 13.43 33.06 -7.36
C THR D 307 14.02 32.98 -5.97
N PRO D 308 14.76 31.89 -5.66
CA PRO D 308 15.28 31.80 -4.28
C PRO D 308 16.19 32.95 -3.92
N GLN D 309 16.88 33.48 -4.94
CA GLN D 309 17.75 34.60 -4.81
C GLN D 309 17.05 35.93 -4.60
N ASP D 310 15.78 36.07 -4.97
CA ASP D 310 15.04 37.30 -4.66
C ASP D 310 14.85 37.51 -3.13
N LEU D 311 14.81 36.41 -2.38
CA LEU D 311 14.46 36.48 -0.95
C LEU D 311 15.49 37.26 -0.14
N ASP D 312 15.04 38.11 0.78
CA ASP D 312 15.99 38.83 1.67
C ASP D 312 16.11 38.14 3.03
N LEU D 313 15.11 37.37 3.40
CA LEU D 313 15.15 36.73 4.70
C LEU D 313 14.22 35.48 4.69
N MET D 314 14.63 34.43 5.39
CA MET D 314 13.79 33.25 5.48
C MET D 314 13.76 32.72 6.89
N GLU D 315 12.68 32.00 7.19
CA GLU D 315 12.61 31.18 8.39
C GLU D 315 12.22 29.82 7.98
N ILE D 316 13.15 28.90 8.14
CA ILE D 316 12.95 27.52 7.74
C ILE D 316 13.06 26.74 9.04
N ASN D 317 11.98 26.08 9.45
CA ASN D 317 11.93 25.42 10.78
C ASN D 317 12.98 24.32 10.85
N GLU D 318 13.62 24.26 12.00
CA GLU D 318 14.72 23.33 12.29
C GLU D 318 14.21 22.21 13.17
N ALA D 319 13.29 21.40 12.68
CA ALA D 319 12.90 20.19 13.45
C ALA D 319 14.18 19.34 13.72
N PHE D 320 14.98 19.14 12.70
CA PHE D 320 16.21 18.41 12.80
C PHE D 320 17.25 19.09 11.94
N ALA D 321 18.48 19.21 12.43
CA ALA D 321 19.56 19.78 11.63
C ALA D 321 19.64 19.02 10.29
N ALA D 322 19.48 17.72 10.36
CA ALA D 322 19.60 16.86 9.19
C ALA D 322 18.71 17.32 8.08
N GLN D 323 17.46 17.64 8.39
CA GLN D 323 16.53 18.02 7.34
C GLN D 323 16.66 19.50 6.97
N ALA D 324 16.96 20.36 7.94
CA ALA D 324 17.16 21.76 7.57
C ALA D 324 18.31 21.90 6.57
N LEU D 325 19.41 21.19 6.84
CA LEU D 325 20.55 21.20 5.94
C LEU D 325 20.24 20.65 4.56
N ALA D 326 19.49 19.55 4.47
CA ALA D 326 19.10 19.03 3.16
C ALA D 326 18.21 19.98 2.40
N VAL D 327 17.31 20.69 3.10
CA VAL D 327 16.47 21.64 2.44
C VAL D 327 17.36 22.75 1.87
N HIS D 328 18.39 23.17 2.63
CA HIS D 328 19.24 24.27 2.11
C HIS D 328 20.08 23.84 0.88
N GLN D 329 20.57 22.62 0.92
CA GLN D 329 21.34 22.02 -0.16
C GLN D 329 20.48 21.99 -1.39
N GLN D 330 19.21 21.60 -1.26
CA GLN D 330 18.36 21.51 -2.44
C GLN D 330 17.86 22.86 -2.95
N MET D 331 17.57 23.83 -2.10
CA MET D 331 17.09 25.11 -2.57
C MET D 331 18.17 25.98 -3.15
N GLY D 332 19.39 25.82 -2.64
CA GLY D 332 20.55 26.58 -3.06
C GLY D 332 20.53 28.02 -2.66
N TRP D 333 19.69 28.43 -1.72
CA TRP D 333 19.63 29.86 -1.32
C TRP D 333 20.68 30.23 -0.27
N ASP D 334 20.79 31.51 0.05
CA ASP D 334 21.83 32.03 0.88
C ASP D 334 21.51 31.81 2.36
N THR D 335 22.15 30.82 2.96
CA THR D 335 21.85 30.45 4.34
C THR D 335 22.22 31.47 5.38
N SER D 336 23.03 32.48 5.04
CA SER D 336 23.25 33.61 5.96
C SER D 336 22.00 34.47 6.14
N LYS D 337 21.00 34.29 5.28
CA LYS D 337 19.72 35.01 5.36
C LYS D 337 18.62 34.16 6.01
N VAL D 338 18.99 32.95 6.47
CA VAL D 338 18.05 31.99 7.08
C VAL D 338 18.20 31.89 8.59
N ASN D 339 17.06 31.99 9.26
CA ASN D 339 17.02 31.88 10.73
C ASN D 339 18.08 32.74 11.42
N VAL D 340 18.08 34.03 11.09
CA VAL D 340 19.16 34.90 11.52
C VAL D 340 19.22 35.08 13.01
N ASN D 341 18.10 34.87 13.69
CA ASN D 341 18.09 34.98 15.13
C ASN D 341 18.05 33.60 15.80
N GLY D 342 18.43 32.56 15.06
CA GLY D 342 18.41 31.16 15.58
C GLY D 342 17.12 30.48 15.15
N GLY D 343 17.07 29.16 15.32
CA GLY D 343 15.89 28.43 14.97
C GLY D 343 15.53 27.48 16.07
N ALA D 344 14.66 26.53 15.71
CA ALA D 344 14.08 25.64 16.68
C ALA D 344 15.02 24.74 17.48
N ILE D 345 16.17 24.38 16.94
CA ILE D 345 17.13 23.60 17.75
C ILE D 345 17.37 24.34 19.07
N ALA D 346 17.53 25.65 18.98
CA ALA D 346 17.73 26.54 20.09
C ALA D 346 16.44 26.98 20.80
N ILE D 347 15.48 27.48 20.02
CA ILE D 347 14.26 28.12 20.57
C ILE D 347 13.24 27.10 21.08
N GLY D 348 13.17 25.94 20.40
CA GLY D 348 12.19 24.89 20.69
C GLY D 348 11.14 24.80 19.57
N HIS D 349 10.37 23.75 19.63
CA HIS D 349 9.42 23.37 18.60
C HIS D 349 8.05 22.91 19.17
N PRO D 350 7.24 23.86 19.67
CA PRO D 350 5.88 23.57 20.10
C PRO D 350 5.03 23.29 18.86
N ILE D 351 4.91 22.00 18.52
CA ILE D 351 4.55 21.60 17.15
C ILE D 351 3.39 22.37 16.50
N GLY D 352 2.26 22.49 17.17
CA GLY D 352 1.09 23.15 16.58
C GLY D 352 1.24 24.66 16.43
N ALA D 353 2.20 25.24 17.14
CA ALA D 353 2.43 26.65 17.10
C ALA D 353 3.60 27.09 16.24
N SER D 354 4.55 26.18 15.97
CA SER D 354 5.77 26.56 15.31
C SER D 354 5.63 27.28 14.00
N GLY D 355 4.64 26.88 13.22
CA GLY D 355 4.43 27.44 11.92
C GLY D 355 4.06 28.94 11.97
N CYS D 356 3.33 29.35 13.01
CA CYS D 356 3.07 30.76 13.17
C CYS D 356 4.20 31.39 13.99
N ARG D 357 4.83 30.64 14.90
CA ARG D 357 5.96 31.18 15.67
C ARG D 357 7.08 31.69 14.72
N ILE D 358 7.43 30.88 13.72
CA ILE D 358 8.44 31.37 12.80
C ILE D 358 8.01 32.53 11.93
N LEU D 359 6.72 32.63 11.61
CA LEU D 359 6.22 33.74 10.86
C LEU D 359 6.35 35.00 11.67
N VAL D 360 6.08 34.90 12.96
CA VAL D 360 6.13 36.05 13.82
C VAL D 360 7.55 36.56 13.89
N THR D 361 8.49 35.62 14.06
CA THR D 361 9.94 35.96 14.12
C THR D 361 10.44 36.56 12.80
N LEU D 362 10.00 36.00 11.67
CA LEU D 362 10.32 36.53 10.35
C LEU D 362 9.88 37.98 10.17
N LEU D 363 8.61 38.26 10.46
CA LEU D 363 8.05 39.57 10.23
C LEU D 363 8.76 40.61 11.10
N HIS D 364 9.08 40.27 12.34
CA HIS D 364 9.72 41.27 13.23
C HIS D 364 11.12 41.59 12.75
N GLU D 365 11.85 40.58 12.33
CA GLU D 365 13.19 40.79 11.80
C GLU D 365 13.17 41.53 10.43
N MET D 366 12.20 41.21 9.54
CA MET D 366 12.06 41.89 8.29
C MET D 366 11.91 43.41 8.53
N LYS D 367 11.06 43.76 9.46
CA LYS D 367 10.84 45.15 9.78
C LYS D 367 12.16 45.78 10.32
N ARG D 368 12.82 45.12 11.25
CA ARG D 368 14.08 45.65 11.84
C ARG D 368 15.18 45.96 10.79
N ARG D 369 15.43 45.05 9.86
CA ARG D 369 16.45 45.25 8.84
C ARG D 369 15.93 45.84 7.51
N ASP D 370 14.68 46.23 7.49
CA ASP D 370 14.03 46.64 6.25
C ASP D 370 14.20 45.68 5.11
N ALA D 371 14.04 44.39 5.37
CA ALA D 371 14.00 43.43 4.29
C ALA D 371 12.66 43.52 3.52
N LYS D 372 12.68 43.31 2.22
CA LYS D 372 11.47 43.42 1.43
C LYS D 372 10.76 42.07 1.16
N LYS D 373 11.53 40.97 0.99
CA LYS D 373 10.91 39.72 0.49
C LYS D 373 11.27 38.60 1.45
N GLY D 374 10.27 37.91 1.99
CA GLY D 374 10.49 36.93 3.01
C GLY D 374 9.76 35.64 2.76
N LEU D 375 10.22 34.58 3.38
CA LEU D 375 9.55 33.29 3.25
C LEU D 375 9.68 32.51 4.53
N ALA D 376 8.59 31.83 4.91
CA ALA D 376 8.58 30.95 6.09
C ALA D 376 8.17 29.59 5.58
N SER D 377 8.83 28.54 6.03
CA SER D 377 8.47 27.19 5.61
C SER D 377 8.80 26.12 6.67
N LEU D 378 8.00 25.05 6.70
CA LEU D 378 8.16 23.96 7.66
C LEU D 378 7.85 22.63 7.07
N CYS D 379 8.57 21.60 7.56
CA CYS D 379 8.24 20.22 7.24
C CYS D 379 7.12 19.71 8.14
N ILE D 380 6.51 18.62 7.71
CA ILE D 380 5.36 18.09 8.38
C ILE D 380 5.37 16.56 8.42
N GLY D 381 5.25 15.99 9.62
CA GLY D 381 5.16 14.56 9.79
C GLY D 381 4.07 13.97 8.92
N GLY D 382 4.36 12.81 8.33
CA GLY D 382 3.42 12.15 7.38
C GLY D 382 3.69 12.56 5.92
N GLY D 383 4.63 13.51 5.76
CA GLY D 383 5.24 13.89 4.46
C GLY D 383 4.60 15.09 3.81
N MET D 384 4.65 16.25 4.48
CA MET D 384 4.21 17.44 3.82
C MET D 384 5.12 18.59 4.11
N GLY D 385 4.93 19.66 3.36
CA GLY D 385 5.48 21.00 3.67
C GLY D 385 4.47 22.10 3.46
N VAL D 386 4.65 23.22 4.14
CA VAL D 386 3.95 24.45 3.84
C VAL D 386 4.95 25.57 3.73
N ALA D 387 4.61 26.56 2.91
CA ALA D 387 5.46 27.77 2.77
C ALA D 387 4.58 28.95 2.49
N LEU D 388 5.01 30.09 3.00
CA LEU D 388 4.29 31.30 2.83
C LEU D 388 5.30 32.40 2.60
N ALA D 389 5.05 33.20 1.56
CA ALA D 389 5.91 34.36 1.24
C ALA D 389 5.25 35.63 1.59
N VAL D 390 6.01 36.59 2.11
CA VAL D 390 5.49 37.89 2.49
C VAL D 390 6.34 38.98 1.83
N GLU D 391 5.76 40.16 1.60
CA GLU D 391 6.49 41.27 0.96
C GLU D 391 6.19 42.54 1.67
N ARG D 392 7.20 43.37 1.94
CA ARG D 392 6.97 44.70 2.55
C ARG D 392 7.24 45.75 1.47
N LYS D 393 6.52 46.85 1.52
CA LYS D 393 6.78 47.98 0.61
C LYS D 393 8.20 48.49 0.77
N MET E 1 -7.01 29.58 -74.99
CA MET E 1 -7.40 28.27 -74.35
C MET E 1 -8.87 28.24 -73.81
N THR E 2 -9.16 27.23 -73.04
CA THR E 2 -10.37 26.52 -73.23
C THR E 2 -11.27 26.73 -72.04
N ASP E 3 -12.57 26.55 -72.21
CA ASP E 3 -13.48 26.40 -71.07
C ASP E 3 -13.47 24.90 -70.66
N VAL E 4 -13.30 24.62 -69.35
CA VAL E 4 -13.33 23.28 -68.83
C VAL E 4 -14.68 23.09 -68.16
N VAL E 5 -15.30 21.95 -68.42
CA VAL E 5 -16.59 21.61 -67.84
C VAL E 5 -16.48 20.34 -66.99
N ILE E 6 -17.38 20.28 -66.03
CA ILE E 6 -17.66 19.08 -65.24
C ILE E 6 -18.92 18.46 -65.79
N VAL E 7 -18.77 17.23 -66.27
CA VAL E 7 -19.87 16.50 -66.87
C VAL E 7 -20.62 15.60 -65.94
N SER E 8 -20.01 15.15 -64.84
CA SER E 8 -20.69 14.30 -63.92
C SER E 8 -19.98 14.35 -62.59
N ALA E 9 -20.67 13.91 -61.57
CA ALA E 9 -20.24 13.92 -60.19
C ALA E 9 -20.92 12.84 -59.35
N ALA E 10 -20.12 12.12 -58.55
CA ALA E 10 -20.62 11.02 -57.74
C ALA E 10 -19.83 10.93 -56.49
N ARG E 11 -20.46 10.50 -55.42
CA ARG E 11 -19.72 10.28 -54.19
C ARG E 11 -20.30 9.07 -53.52
N THR E 12 -19.54 8.44 -52.65
CA THR E 12 -20.10 7.46 -51.73
C THR E 12 -20.79 8.23 -50.59
N ALA E 13 -21.69 7.56 -49.88
CA ALA E 13 -22.05 8.04 -48.55
C ALA E 13 -20.73 8.04 -47.73
N VAL E 14 -20.69 8.83 -46.68
CA VAL E 14 -19.54 8.95 -45.85
C VAL E 14 -19.73 8.09 -44.63
N GLY E 15 -18.78 7.21 -44.42
CA GLY E 15 -18.78 6.21 -43.32
C GLY E 15 -18.26 6.84 -42.01
N LYS E 16 -18.81 6.40 -40.88
CA LYS E 16 -18.33 6.73 -39.52
C LYS E 16 -17.04 5.97 -39.34
N PHE E 17 -16.22 6.46 -38.43
CA PHE E 17 -14.99 5.77 -38.02
C PHE E 17 -15.31 4.36 -37.51
N GLY E 18 -14.71 3.33 -38.10
CA GLY E 18 -15.01 1.92 -37.80
C GLY E 18 -16.39 1.53 -38.26
N GLY E 19 -17.04 2.29 -39.16
CA GLY E 19 -18.40 2.05 -39.53
C GLY E 19 -18.50 1.29 -40.85
N SER E 20 -19.46 1.66 -41.67
CA SER E 20 -19.85 0.82 -42.77
C SER E 20 -18.84 0.59 -43.86
N LEU E 21 -17.96 1.58 -44.07
CA LEU E 21 -16.89 1.43 -45.04
C LEU E 21 -15.53 0.98 -44.49
N ALA E 22 -15.43 0.69 -43.19
CA ALA E 22 -14.12 0.55 -42.57
C ALA E 22 -13.27 -0.61 -43.14
N LYS E 23 -13.91 -1.62 -43.69
CA LYS E 23 -13.21 -2.76 -44.24
C LYS E 23 -13.02 -2.64 -45.73
N ILE E 24 -13.43 -1.52 -46.35
CA ILE E 24 -13.30 -1.33 -47.80
C ILE E 24 -12.10 -0.45 -48.09
N PRO E 25 -11.02 -1.01 -48.70
CA PRO E 25 -9.90 -0.17 -48.96
C PRO E 25 -10.20 1.06 -49.79
N ALA E 26 -9.43 2.12 -49.52
CA ALA E 26 -9.74 3.33 -50.19
C ALA E 26 -9.84 3.23 -51.73
N PRO E 27 -8.91 2.56 -52.36
CA PRO E 27 -9.03 2.49 -53.83
C PRO E 27 -10.28 1.82 -54.34
N GLU E 28 -10.82 0.87 -53.56
CA GLU E 28 -12.10 0.25 -53.91
C GLU E 28 -13.25 1.28 -53.78
N LEU E 29 -13.21 2.15 -52.80
CA LEU E 29 -14.21 3.24 -52.71
C LEU E 29 -14.06 4.20 -53.91
N GLY E 30 -12.84 4.55 -54.21
CA GLY E 30 -12.52 5.35 -55.40
C GLY E 30 -12.99 4.63 -56.66
N ALA E 31 -12.78 3.31 -56.79
CA ALA E 31 -13.31 2.57 -57.92
C ALA E 31 -14.83 2.74 -58.14
N VAL E 32 -15.57 2.70 -57.03
CA VAL E 32 -17.02 2.90 -57.04
C VAL E 32 -17.41 4.21 -57.73
N VAL E 33 -16.79 5.30 -57.27
CA VAL E 33 -17.15 6.62 -57.73
C VAL E 33 -16.57 6.94 -59.11
N ILE E 34 -15.42 6.37 -59.49
CA ILE E 34 -14.92 6.53 -60.83
C ILE E 34 -15.85 5.85 -61.89
N LYS E 35 -16.20 4.60 -61.60
CA LYS E 35 -17.09 3.83 -62.44
C LYS E 35 -18.45 4.56 -62.58
N ALA E 36 -19.03 4.90 -61.43
CA ALA E 36 -20.35 5.64 -61.40
C ALA E 36 -20.29 6.96 -62.13
N ALA E 37 -19.26 7.77 -61.87
CA ALA E 37 -19.10 9.09 -62.58
C ALA E 37 -19.01 8.95 -64.12
N LEU E 38 -18.25 7.95 -64.61
CA LEU E 38 -18.20 7.68 -66.02
C LEU E 38 -19.60 7.21 -66.57
N GLU E 39 -20.32 6.31 -65.88
CA GLU E 39 -21.65 5.85 -66.40
C GLU E 39 -22.53 7.09 -66.45
N ARG E 40 -22.50 7.93 -65.39
CA ARG E 40 -23.38 9.11 -65.35
C ARG E 40 -23.02 10.10 -66.40
N ALA E 41 -21.75 10.25 -66.70
CA ALA E 41 -21.30 11.10 -67.80
C ALA E 41 -21.56 10.61 -69.24
N GLY E 42 -21.98 9.37 -69.43
CA GLY E 42 -21.97 8.73 -70.78
C GLY E 42 -20.60 8.60 -71.43
N VAL E 43 -19.52 8.36 -70.64
CA VAL E 43 -18.16 8.28 -71.16
C VAL E 43 -17.69 6.88 -70.84
N LYS E 44 -17.20 6.17 -71.83
CA LYS E 44 -16.74 4.79 -71.62
C LYS E 44 -15.28 4.82 -71.10
N PRO E 45 -14.89 3.76 -70.37
CA PRO E 45 -13.58 3.75 -69.66
C PRO E 45 -12.41 3.96 -70.63
N GLU E 46 -12.51 3.42 -71.82
CA GLU E 46 -11.42 3.63 -72.76
C GLU E 46 -11.30 5.04 -73.35
N GLN E 47 -12.27 5.91 -73.16
CA GLN E 47 -12.08 7.30 -73.59
C GLN E 47 -11.29 8.15 -72.57
N VAL E 48 -10.96 7.63 -71.39
CA VAL E 48 -10.42 8.47 -70.34
C VAL E 48 -8.97 8.73 -70.63
N SER E 49 -8.53 9.99 -70.62
CA SER E 49 -7.09 10.25 -70.74
C SER E 49 -6.25 10.05 -69.44
N GLU E 50 -6.83 10.24 -68.27
CA GLU E 50 -6.08 10.14 -67.03
C GLU E 50 -7.06 10.07 -65.87
N VAL E 51 -6.60 9.40 -64.79
CA VAL E 51 -7.34 9.42 -63.53
C VAL E 51 -6.43 10.11 -62.48
N ILE E 52 -6.97 11.03 -61.67
CA ILE E 52 -6.18 11.72 -60.65
C ILE E 52 -7.01 11.62 -59.39
N MET E 53 -6.50 10.89 -58.41
CA MET E 53 -7.17 10.75 -57.09
C MET E 53 -6.26 11.17 -55.97
N GLY E 54 -6.82 11.99 -55.09
CA GLY E 54 -6.22 12.30 -53.83
C GLY E 54 -6.43 11.14 -52.82
N GLN E 55 -5.39 10.83 -52.05
CA GLN E 55 -5.41 9.93 -50.90
C GLN E 55 -4.28 10.32 -50.00
N VAL E 56 -4.59 10.66 -48.77
CA VAL E 56 -3.55 11.10 -47.86
C VAL E 56 -2.85 9.91 -47.18
N LEU E 57 -3.60 8.90 -46.71
CA LEU E 57 -3.06 7.90 -45.82
C LEU E 57 -2.82 6.69 -46.69
N THR E 58 -1.57 6.40 -47.02
CA THR E 58 -1.25 5.37 -48.00
C THR E 58 -0.26 4.31 -47.53
N ALA E 59 -0.07 4.29 -46.22
CA ALA E 59 0.86 3.32 -45.62
C ALA E 59 0.36 1.90 -45.80
N GLY E 60 1.12 1.09 -46.50
CA GLY E 60 0.69 -0.24 -46.85
C GLY E 60 -0.43 -0.33 -47.81
N SER E 61 -0.77 0.78 -48.49
CA SER E 61 -1.87 0.74 -49.41
C SER E 61 -1.50 0.01 -50.74
N GLY E 62 -0.22 -0.23 -50.99
CA GLY E 62 0.21 -0.77 -52.29
C GLY E 62 0.57 0.32 -53.30
N GLN E 63 1.25 -0.06 -54.38
CA GLN E 63 1.68 0.89 -55.40
C GLN E 63 0.51 1.77 -55.95
N ASN E 64 0.67 3.07 -55.86
CA ASN E 64 -0.14 4.10 -56.58
C ASN E 64 -1.66 3.87 -56.44
N PRO E 65 -2.23 4.22 -55.28
CA PRO E 65 -3.63 4.06 -55.02
C PRO E 65 -4.61 4.49 -56.11
N ALA E 66 -4.32 5.58 -56.82
CA ALA E 66 -5.19 6.09 -57.87
C ALA E 66 -5.27 5.09 -59.01
N ARG E 67 -4.12 4.52 -59.41
CA ARG E 67 -4.08 3.45 -60.41
C ARG E 67 -4.85 2.18 -59.98
N GLN E 68 -4.73 1.79 -58.71
CA GLN E 68 -5.61 0.74 -58.19
C GLN E 68 -7.10 1.02 -58.35
N ALA E 69 -7.51 2.23 -58.03
CA ALA E 69 -8.93 2.54 -58.12
C ALA E 69 -9.39 2.50 -59.61
N ALA E 70 -8.56 3.06 -60.51
CA ALA E 70 -8.84 3.07 -61.93
C ALA E 70 -9.01 1.66 -62.49
N ILE E 71 -8.07 0.79 -62.19
CA ILE E 71 -8.11 -0.63 -62.65
C ILE E 71 -9.33 -1.32 -62.07
N LYS E 72 -9.55 -1.11 -60.80
CA LYS E 72 -10.70 -1.71 -60.12
C LYS E 72 -12.03 -1.17 -60.64
N ALA E 73 -12.07 0.05 -61.15
CA ALA E 73 -13.27 0.59 -61.75
C ALA E 73 -13.53 0.04 -63.16
N GLY E 74 -12.58 -0.69 -63.73
CA GLY E 74 -12.64 -1.33 -65.04
C GLY E 74 -12.00 -0.52 -66.13
N LEU E 75 -11.17 0.47 -65.80
CA LEU E 75 -10.53 1.20 -66.87
C LEU E 75 -9.39 0.37 -67.42
N PRO E 76 -9.13 0.48 -68.73
CA PRO E 76 -8.03 -0.33 -69.22
C PRO E 76 -6.65 0.12 -68.74
N ALA E 77 -5.69 -0.78 -68.89
CA ALA E 77 -4.34 -0.59 -68.51
C ALA E 77 -3.74 0.59 -69.22
N MET E 78 -4.24 0.91 -70.42
CA MET E 78 -3.73 2.04 -71.18
C MET E 78 -4.03 3.41 -70.53
N VAL E 79 -4.96 3.51 -69.59
CA VAL E 79 -5.30 4.77 -69.00
C VAL E 79 -4.35 5.04 -67.78
N PRO E 80 -3.50 6.05 -67.88
CA PRO E 80 -2.65 6.33 -66.69
C PRO E 80 -3.37 6.96 -65.52
N ALA E 81 -2.76 6.86 -64.34
CA ALA E 81 -3.33 7.46 -63.16
C ALA E 81 -2.23 7.92 -62.25
N MET E 82 -2.55 8.88 -61.40
CA MET E 82 -1.60 9.45 -60.46
C MET E 82 -2.33 9.70 -59.13
N THR E 83 -1.61 9.45 -58.01
CA THR E 83 -2.15 9.76 -56.66
C THR E 83 -1.57 11.09 -56.17
N ILE E 84 -2.38 11.97 -55.59
CA ILE E 84 -1.84 13.15 -54.99
C ILE E 84 -2.16 13.31 -53.49
N ASN E 85 -1.41 14.19 -52.86
CA ASN E 85 -1.58 14.49 -51.44
C ASN E 85 -1.32 15.96 -51.25
N LYS E 86 -2.41 16.73 -51.06
CA LYS E 86 -2.34 18.11 -50.58
C LYS E 86 -3.21 18.16 -49.29
N VAL E 87 -3.01 17.16 -48.40
CA VAL E 87 -3.91 16.88 -47.18
C VAL E 87 -5.39 17.02 -47.53
N SER E 88 -6.18 17.76 -46.76
CA SER E 88 -7.60 17.94 -47.07
C SER E 88 -7.89 18.65 -48.40
N GLY E 89 -6.88 19.26 -48.98
CA GLY E 89 -7.08 19.91 -50.28
C GLY E 89 -7.08 18.94 -51.41
N SER E 90 -6.64 17.72 -51.14
CA SER E 90 -6.35 16.76 -52.20
C SER E 90 -7.42 16.52 -53.24
N GLY E 91 -8.61 16.21 -52.78
CA GLY E 91 -9.73 15.89 -53.62
C GLY E 91 -10.16 17.02 -54.54
N LEU E 92 -9.96 18.26 -54.13
CA LEU E 92 -10.28 19.42 -54.97
C LEU E 92 -9.13 19.79 -55.85
N LYS E 93 -7.92 19.73 -55.31
CA LYS E 93 -6.71 19.91 -56.11
C LYS E 93 -6.67 18.97 -57.30
N ALA E 94 -7.16 17.76 -57.11
CA ALA E 94 -7.23 16.81 -58.25
C ALA E 94 -8.00 17.41 -59.45
N VAL E 95 -9.10 18.06 -59.13
CA VAL E 95 -9.93 18.71 -60.16
C VAL E 95 -9.19 19.88 -60.81
N MET E 96 -8.38 20.58 -60.01
CA MET E 96 -7.61 21.70 -60.51
C MET E 96 -6.49 21.22 -61.44
N LEU E 97 -5.83 20.12 -61.07
CA LEU E 97 -4.85 19.52 -61.95
C LEU E 97 -5.52 19.02 -63.25
N ALA E 98 -6.72 18.49 -63.14
CA ALA E 98 -7.41 17.96 -64.33
C ALA E 98 -7.64 19.13 -65.31
N ALA E 99 -8.16 20.21 -64.75
CA ALA E 99 -8.45 21.41 -65.57
C ALA E 99 -7.17 22.02 -66.18
N ASN E 100 -6.07 22.10 -65.43
CA ASN E 100 -4.80 22.46 -66.05
C ASN E 100 -4.36 21.57 -67.25
N ALA E 101 -4.48 20.27 -67.09
CA ALA E 101 -4.04 19.34 -68.09
C ALA E 101 -4.82 19.56 -69.37
N ILE E 102 -6.12 19.74 -69.21
CA ILE E 102 -7.03 19.93 -70.34
C ILE E 102 -6.74 21.25 -71.08
N MET E 103 -6.60 22.31 -70.31
CA MET E 103 -6.27 23.65 -70.86
C MET E 103 -4.91 23.66 -71.54
N ALA E 104 -3.95 22.91 -71.02
CA ALA E 104 -2.65 22.78 -71.65
C ALA E 104 -2.63 21.85 -72.85
N GLY E 105 -3.75 21.20 -73.16
CA GLY E 105 -3.82 20.16 -74.21
C GLY E 105 -3.12 18.86 -73.83
N ASP E 106 -2.85 18.65 -72.54
CA ASP E 106 -2.16 17.45 -72.14
C ASP E 106 -3.12 16.27 -72.08
N ALA E 107 -4.37 16.52 -71.71
CA ALA E 107 -5.37 15.50 -71.60
C ALA E 107 -6.66 15.97 -72.20
N GLU E 108 -7.53 15.04 -72.57
CA GLU E 108 -8.89 15.36 -73.01
C GLU E 108 -9.97 15.09 -72.02
N ILE E 109 -10.02 13.86 -71.49
CA ILE E 109 -11.03 13.55 -70.46
C ILE E 109 -10.32 13.03 -69.20
N VAL E 110 -10.62 13.65 -68.06
CA VAL E 110 -9.95 13.34 -66.80
C VAL E 110 -11.02 13.01 -65.79
N VAL E 111 -10.83 11.89 -65.10
CA VAL E 111 -11.63 11.64 -63.93
C VAL E 111 -10.80 12.06 -62.71
N ALA E 112 -11.36 12.96 -61.88
CA ALA E 112 -10.60 13.56 -60.79
C ALA E 112 -11.38 13.52 -59.53
N GLY E 113 -10.70 13.18 -58.42
CA GLY E 113 -11.35 13.26 -57.13
C GLY E 113 -10.48 12.81 -55.97
N GLY E 114 -11.05 12.10 -55.00
CA GLY E 114 -10.26 11.58 -53.88
C GLY E 114 -10.96 10.46 -53.16
N GLN E 115 -10.19 9.77 -52.31
CA GLN E 115 -10.64 8.56 -51.68
C GLN E 115 -9.91 8.49 -50.37
N GLU E 116 -10.56 8.05 -49.31
CA GLU E 116 -9.87 7.95 -48.04
C GLU E 116 -10.56 6.93 -47.16
N ASN E 117 -9.77 6.07 -46.53
CA ASN E 117 -10.28 5.19 -45.48
C ASN E 117 -9.47 5.41 -44.22
N MET E 118 -9.97 6.26 -43.34
CA MET E 118 -9.24 6.63 -42.13
C MET E 118 -9.34 5.50 -41.13
N SER E 119 -10.46 4.80 -41.10
CA SER E 119 -10.60 3.64 -40.20
C SER E 119 -9.50 2.57 -40.36
N ALA E 120 -9.04 2.34 -41.62
CA ALA E 120 -8.09 1.33 -41.96
C ALA E 120 -6.70 1.78 -41.80
N ALA E 121 -6.46 3.06 -41.46
CA ALA E 121 -5.08 3.49 -41.35
C ALA E 121 -4.28 2.72 -40.27
N PRO E 122 -3.06 2.28 -40.60
CA PRO E 122 -2.29 1.44 -39.65
C PRO E 122 -1.32 2.22 -38.81
N HIS E 123 -0.62 1.50 -37.92
CA HIS E 123 0.46 2.06 -37.18
C HIS E 123 1.71 1.66 -37.93
N VAL E 124 2.75 2.45 -37.80
CA VAL E 124 4.03 2.17 -38.40
C VAL E 124 5.08 2.12 -37.30
N LEU E 125 6.21 1.52 -37.59
CA LEU E 125 7.31 1.32 -36.67
C LEU E 125 8.57 1.93 -37.25
N PRO E 126 8.84 3.21 -36.95
CA PRO E 126 10.01 3.80 -37.54
C PRO E 126 11.23 3.18 -36.91
N GLY E 127 12.31 3.05 -37.69
CA GLY E 127 13.56 2.44 -37.23
C GLY E 127 13.52 0.93 -37.31
N SER E 128 12.45 0.34 -37.86
CA SER E 128 12.24 -1.10 -37.84
C SER E 128 13.34 -1.83 -38.59
N ARG E 129 13.99 -1.13 -39.52
CA ARG E 129 14.92 -1.75 -40.42
C ARG E 129 16.24 -1.90 -39.69
N ASP E 130 16.55 -0.97 -38.78
CA ASP E 130 17.77 -1.07 -38.01
C ASP E 130 17.57 -1.88 -36.73
N GLY E 131 16.34 -2.03 -36.25
CA GLY E 131 16.09 -2.73 -34.97
C GLY E 131 16.23 -1.85 -33.73
N PHE E 132 15.94 -2.41 -32.56
CA PHE E 132 15.85 -1.69 -31.30
C PHE E 132 16.70 -2.50 -30.30
N ARG E 133 17.98 -2.21 -30.29
CA ARG E 133 19.00 -2.98 -29.57
C ARG E 133 18.65 -3.10 -28.07
N MET E 134 18.05 -2.06 -27.49
CA MET E 134 17.59 -2.07 -26.12
C MET E 134 16.62 -0.91 -25.86
N GLY E 135 15.53 -1.16 -25.15
CA GLY E 135 14.66 -0.09 -24.78
C GLY E 135 13.39 -0.17 -25.60
N ASP E 136 12.43 0.59 -25.17
CA ASP E 136 11.12 0.67 -25.79
C ASP E 136 11.15 1.38 -27.15
N ALA E 137 10.19 1.07 -28.00
CA ALA E 137 10.06 1.73 -29.30
C ALA E 137 8.59 2.11 -29.50
N LYS E 138 8.36 3.02 -30.41
CA LYS E 138 7.05 3.68 -30.55
C LYS E 138 6.41 3.08 -31.80
N LEU E 139 5.14 2.65 -31.74
CA LEU E 139 4.28 2.46 -32.93
C LEU E 139 3.46 3.72 -33.10
N VAL E 140 3.62 4.35 -34.25
CA VAL E 140 3.12 5.66 -34.56
C VAL E 140 1.83 5.49 -35.36
N ASP E 141 0.79 6.25 -35.01
CA ASP E 141 -0.51 6.17 -35.64
C ASP E 141 -0.39 6.98 -36.98
N THR E 142 -0.47 6.31 -38.13
CA THR E 142 -0.29 7.05 -39.40
C THR E 142 -1.43 7.98 -39.61
N MET E 143 -2.63 7.64 -39.14
CA MET E 143 -3.75 8.59 -39.29
C MET E 143 -3.43 9.96 -38.67
N ILE E 144 -2.86 9.94 -37.51
CA ILE E 144 -2.54 11.16 -36.82
C ILE E 144 -1.31 11.82 -37.41
N VAL E 145 -0.23 11.07 -37.55
CA VAL E 145 0.99 11.73 -37.95
C VAL E 145 0.93 12.22 -39.41
N ASP E 146 0.37 11.37 -40.29
CA ASP E 146 0.34 11.68 -41.73
C ASP E 146 -0.86 12.53 -42.11
N GLY E 147 -1.92 12.42 -41.31
CA GLY E 147 -3.17 13.10 -41.57
C GLY E 147 -3.49 14.31 -40.78
N LEU E 148 -3.12 14.34 -39.49
CA LEU E 148 -3.76 15.26 -38.54
C LEU E 148 -2.81 16.09 -37.63
N TRP E 149 -1.53 16.03 -37.91
CA TRP E 149 -0.52 16.56 -37.01
C TRP E 149 0.33 17.59 -37.73
N ASP E 150 0.47 18.79 -37.18
CA ASP E 150 1.28 19.78 -37.84
C ASP E 150 2.80 19.49 -37.66
N VAL E 151 3.52 19.47 -38.78
CA VAL E 151 4.92 19.10 -38.76
C VAL E 151 5.73 20.17 -38.06
N TYR E 152 5.40 21.42 -38.32
CA TYR E 152 6.24 22.58 -37.96
C TYR E 152 6.07 22.94 -36.51
N ASN E 153 4.86 22.76 -35.98
CA ASN E 153 4.59 23.13 -34.57
C ASN E 153 4.38 21.96 -33.69
N GLN E 154 4.34 20.77 -34.28
CA GLN E 154 4.18 19.51 -33.57
C GLN E 154 3.00 19.52 -32.59
N TYR E 155 1.83 19.77 -33.13
CA TYR E 155 0.60 19.58 -32.44
C TYR E 155 -0.56 19.33 -33.39
N HIS E 156 -1.71 18.96 -32.82
CA HIS E 156 -2.85 18.49 -33.63
C HIS E 156 -3.47 19.63 -34.45
N MET E 157 -4.13 19.26 -35.56
CA MET E 157 -4.90 20.25 -36.32
C MET E 157 -5.88 21.01 -35.35
N GLY E 158 -6.32 20.35 -34.32
CA GLY E 158 -7.27 20.91 -33.39
C GLY E 158 -6.70 22.11 -32.63
N ILE E 159 -5.40 22.09 -32.40
CA ILE E 159 -4.71 23.25 -31.82
C ILE E 159 -4.60 24.41 -32.80
N THR E 160 -4.43 24.11 -34.10
CA THR E 160 -4.48 25.22 -35.10
C THR E 160 -5.87 25.90 -35.05
N ALA E 161 -6.91 25.08 -34.80
CA ALA E 161 -8.25 25.61 -34.72
C ALA E 161 -8.44 26.51 -33.48
N GLU E 162 -7.88 26.08 -32.35
CA GLU E 162 -7.80 26.96 -31.14
C GLU E 162 -7.07 28.27 -31.44
N ASN E 163 -5.96 28.21 -32.20
CA ASN E 163 -5.23 29.41 -32.59
C ASN E 163 -6.12 30.36 -33.38
N VAL E 164 -6.89 29.80 -34.33
CA VAL E 164 -7.80 30.59 -35.15
C VAL E 164 -8.91 31.16 -34.28
N ALA E 165 -9.45 30.35 -33.38
CA ALA E 165 -10.58 30.83 -32.55
C ALA E 165 -10.14 32.06 -31.72
N LYS E 166 -8.98 31.95 -31.08
CA LYS E 166 -8.41 33.05 -30.34
C LYS E 166 -8.10 34.26 -31.22
N GLU E 167 -7.49 34.07 -32.37
CA GLU E 167 -7.06 35.27 -33.11
C GLU E 167 -8.26 35.98 -33.73
N TYR E 168 -9.31 35.25 -34.08
CA TYR E 168 -10.46 35.90 -34.74
C TYR E 168 -11.70 36.05 -33.83
N GLY E 169 -11.53 35.72 -32.55
CA GLY E 169 -12.53 35.87 -31.53
C GLY E 169 -13.74 35.03 -31.80
N ILE E 170 -13.53 33.77 -32.15
CA ILE E 170 -14.66 32.88 -32.40
C ILE E 170 -14.93 32.11 -31.12
N THR E 171 -16.09 32.30 -30.52
CA THR E 171 -16.35 31.80 -29.15
C THR E 171 -16.89 30.42 -29.19
N ARG E 172 -16.81 29.79 -28.03
CA ARG E 172 -17.39 28.46 -27.82
C ARG E 172 -18.89 28.44 -28.20
N GLU E 173 -19.61 29.50 -27.79
CA GLU E 173 -21.05 29.54 -28.11
C GLU E 173 -21.30 29.65 -29.62
N ALA E 174 -20.53 30.51 -30.29
CA ALA E 174 -20.68 30.64 -31.72
C ALA E 174 -20.44 29.25 -32.34
N GLN E 175 -19.42 28.56 -31.85
CA GLN E 175 -19.01 27.32 -32.48
C GLN E 175 -20.08 26.26 -32.33
N ASP E 176 -20.67 26.17 -31.13
CA ASP E 176 -21.73 25.22 -30.90
C ASP E 176 -23.00 25.55 -31.68
N GLU E 177 -23.35 26.83 -31.86
CA GLU E 177 -24.54 27.07 -32.71
C GLU E 177 -24.27 26.68 -34.11
N PHE E 178 -23.05 26.94 -34.58
CA PHE E 178 -22.66 26.57 -35.94
C PHE E 178 -22.80 25.04 -36.09
N ALA E 179 -22.30 24.32 -35.11
CA ALA E 179 -22.25 22.85 -35.17
C ALA E 179 -23.66 22.24 -35.13
N VAL E 180 -24.51 22.76 -34.25
CA VAL E 180 -25.89 22.24 -34.23
C VAL E 180 -26.58 22.59 -35.52
N GLY E 181 -26.30 23.74 -36.10
CA GLY E 181 -26.89 24.10 -37.38
C GLY E 181 -26.55 23.12 -38.49
N SER E 182 -25.30 22.68 -38.48
CA SER E 182 -24.79 21.75 -39.51
C SER E 182 -25.52 20.40 -39.39
N GLN E 183 -25.63 19.90 -38.18
CA GLN E 183 -26.37 18.64 -37.90
C GLN E 183 -27.81 18.76 -38.34
N ASN E 184 -28.43 19.87 -37.98
CA ASN E 184 -29.84 20.04 -38.29
C ASN E 184 -30.05 20.17 -39.75
N LYS E 185 -29.20 20.95 -40.44
CA LYS E 185 -29.35 21.11 -41.87
C LYS E 185 -29.12 19.72 -42.59
N ALA E 186 -28.12 18.97 -42.16
CA ALA E 186 -27.92 17.61 -42.74
C ALA E 186 -29.14 16.69 -42.54
N GLU E 187 -29.64 16.64 -41.31
CA GLU E 187 -30.85 15.85 -41.04
C GLU E 187 -32.01 16.27 -41.98
N ALA E 188 -32.24 17.58 -42.20
CA ALA E 188 -33.30 18.06 -43.11
C ALA E 188 -33.04 17.69 -44.57
N ALA E 189 -31.79 17.75 -44.97
CA ALA E 189 -31.42 17.35 -46.30
C ALA E 189 -31.67 15.85 -46.53
N GLN E 190 -31.38 15.04 -45.51
CA GLN E 190 -31.61 13.60 -45.59
C GLN E 190 -33.11 13.39 -45.70
N LYS E 191 -33.90 14.11 -44.91
CA LYS E 191 -35.35 13.92 -44.99
C LYS E 191 -35.86 14.37 -46.34
N ALA E 192 -35.24 15.35 -46.97
CA ALA E 192 -35.74 15.77 -48.26
C ALA E 192 -35.17 14.97 -49.44
N GLY E 193 -34.29 14.01 -49.18
CA GLY E 193 -33.75 13.23 -50.29
C GLY E 193 -32.76 14.01 -51.10
N LYS E 194 -32.19 15.06 -50.51
CA LYS E 194 -31.25 15.92 -51.23
C LYS E 194 -30.01 15.10 -51.77
N PHE E 195 -29.59 14.08 -51.04
CA PHE E 195 -28.35 13.32 -51.40
C PHE E 195 -28.62 12.03 -52.21
N ASP E 196 -29.89 11.80 -52.59
CA ASP E 196 -30.28 10.56 -53.27
C ASP E 196 -29.64 10.45 -54.61
N GLU E 197 -29.62 11.53 -55.32
CA GLU E 197 -28.99 11.50 -56.61
C GLU E 197 -27.42 11.39 -56.64
N GLU E 198 -26.74 12.18 -55.83
CA GLU E 198 -25.29 12.16 -55.83
C GLU E 198 -24.64 10.86 -55.28
N ILE E 199 -25.26 10.22 -54.31
CA ILE E 199 -24.66 9.11 -53.63
C ILE E 199 -24.72 7.85 -54.44
N VAL E 200 -23.59 7.14 -54.57
CA VAL E 200 -23.58 5.79 -55.18
C VAL E 200 -23.47 4.77 -54.09
N PRO E 201 -24.39 3.82 -54.05
CA PRO E 201 -24.31 2.78 -53.04
C PRO E 201 -23.06 1.99 -53.05
N VAL E 202 -22.60 1.54 -51.87
CA VAL E 202 -21.49 0.58 -51.78
C VAL E 202 -22.11 -0.66 -51.14
N LEU E 203 -21.94 -1.81 -51.75
CA LEU E 203 -22.51 -3.08 -51.21
C LEU E 203 -21.59 -3.62 -50.16
N ILE E 204 -22.08 -3.81 -48.93
CA ILE E 204 -21.24 -4.22 -47.83
C ILE E 204 -21.48 -5.72 -47.48
N PRO E 205 -20.51 -6.61 -47.73
CA PRO E 205 -20.70 -8.06 -47.39
C PRO E 205 -21.16 -8.24 -45.92
N GLN E 206 -22.12 -9.15 -45.66
CA GLN E 206 -22.65 -9.42 -44.30
C GLN E 206 -22.26 -10.82 -43.73
N ARG E 207 -22.31 -10.98 -42.40
CA ARG E 207 -22.03 -12.29 -41.80
C ARG E 207 -23.01 -13.34 -42.39
N LYS E 208 -24.31 -13.03 -42.35
CA LYS E 208 -25.37 -13.93 -42.87
C LYS E 208 -25.65 -13.72 -44.37
N GLY E 209 -26.73 -13.03 -44.72
CA GLY E 209 -27.31 -13.11 -46.05
C GLY E 209 -26.57 -12.32 -47.13
N ASP E 210 -27.33 -11.64 -48.00
CA ASP E 210 -26.75 -10.84 -49.10
C ASP E 210 -26.15 -9.51 -48.63
N PRO E 211 -25.19 -8.95 -49.41
CA PRO E 211 -24.55 -7.69 -49.03
C PRO E 211 -25.60 -6.61 -48.84
N VAL E 212 -25.43 -5.72 -47.86
CA VAL E 212 -26.37 -4.61 -47.66
C VAL E 212 -25.81 -3.36 -48.39
N ALA E 213 -26.69 -2.59 -49.01
CA ALA E 213 -26.30 -1.37 -49.73
C ALA E 213 -26.07 -0.26 -48.69
N PHE E 214 -24.86 0.26 -48.63
CA PHE E 214 -24.60 1.39 -47.77
C PHE E 214 -24.77 2.66 -48.58
N LYS E 215 -25.71 3.51 -48.18
CA LYS E 215 -26.04 4.66 -48.99
C LYS E 215 -26.56 5.88 -48.23
N THR E 216 -26.24 5.95 -46.97
CA THR E 216 -26.69 7.01 -46.14
C THR E 216 -25.53 7.57 -45.36
N ASP E 217 -25.48 8.91 -45.22
CA ASP E 217 -24.46 9.57 -44.40
C ASP E 217 -24.60 9.28 -42.92
N GLU E 218 -24.02 8.15 -42.46
CA GLU E 218 -24.37 7.58 -41.19
C GLU E 218 -23.75 8.36 -40.02
N PHE E 219 -22.90 9.37 -40.29
CA PHE E 219 -22.29 10.14 -39.18
C PHE E 219 -23.21 11.26 -38.67
N VAL E 220 -24.23 11.60 -39.47
CA VAL E 220 -25.13 12.73 -39.25
C VAL E 220 -25.91 12.39 -38.00
N ARG E 221 -25.92 13.28 -37.02
CA ARG E 221 -26.66 13.08 -35.78
C ARG E 221 -28.09 13.70 -35.94
N GLN E 222 -29.09 12.82 -35.91
CA GLN E 222 -30.49 13.23 -35.98
C GLN E 222 -30.93 13.87 -34.65
N GLY E 223 -31.81 14.84 -34.73
CA GLY E 223 -32.30 15.51 -33.51
C GLY E 223 -31.21 16.07 -32.60
N ALA E 224 -30.13 16.60 -33.16
CA ALA E 224 -29.11 17.20 -32.31
C ALA E 224 -29.60 18.48 -31.74
N THR E 225 -29.20 18.79 -30.53
CA THR E 225 -29.58 20.04 -29.90
C THR E 225 -28.40 20.78 -29.34
N LEU E 226 -28.57 22.08 -29.06
CA LEU E 226 -27.50 22.89 -28.47
C LEU E 226 -27.10 22.33 -27.11
N ASP E 227 -28.09 21.91 -26.33
CA ASP E 227 -27.85 21.30 -25.02
C ASP E 227 -26.94 20.09 -25.05
N SER E 228 -27.00 19.25 -26.11
CA SER E 228 -26.09 18.07 -26.25
C SER E 228 -24.61 18.47 -26.49
N MET E 229 -24.34 19.74 -26.87
CA MET E 229 -22.94 20.22 -27.20
C MET E 229 -22.34 21.24 -26.19
N SER E 230 -23.23 22.08 -25.61
CA SER E 230 -22.79 23.24 -24.81
C SER E 230 -22.13 22.83 -23.54
N GLY E 231 -22.33 21.58 -23.15
CA GLY E 231 -21.76 21.09 -21.92
C GLY E 231 -20.50 20.24 -22.02
N LEU E 232 -20.15 19.79 -23.23
CA LEU E 232 -18.99 18.87 -23.38
C LEU E 232 -17.67 19.51 -23.04
N LYS E 233 -16.72 18.65 -22.65
CA LYS E 233 -15.33 19.00 -22.43
C LYS E 233 -14.56 19.35 -23.74
N PRO E 234 -13.53 20.18 -23.62
CA PRO E 234 -12.72 20.51 -24.82
C PRO E 234 -11.89 19.28 -25.26
N ALA E 235 -11.70 19.09 -26.56
CA ALA E 235 -11.07 17.88 -27.06
C ALA E 235 -9.52 18.01 -27.11
N PHE E 236 -8.97 19.22 -27.24
CA PHE E 236 -7.55 19.31 -27.53
C PHE E 236 -6.74 20.08 -26.48
N ASP E 237 -7.39 20.96 -25.77
CA ASP E 237 -6.69 21.74 -24.78
C ASP E 237 -7.72 22.13 -23.72
N LYS E 238 -7.32 22.02 -22.45
CA LYS E 238 -8.08 22.39 -21.23
C LYS E 238 -8.77 23.73 -21.34
N ALA E 239 -8.06 24.69 -21.88
CA ALA E 239 -8.57 26.03 -22.00
C ALA E 239 -9.24 26.30 -23.34
N GLY E 240 -9.55 25.26 -24.10
CA GLY E 240 -9.99 25.39 -25.50
C GLY E 240 -11.46 25.58 -25.70
N THR E 241 -11.82 25.87 -26.94
CA THR E 241 -13.15 26.02 -27.36
C THR E 241 -13.58 24.83 -28.20
N VAL E 242 -12.64 24.00 -28.66
CA VAL E 242 -12.97 22.95 -29.61
C VAL E 242 -13.29 21.64 -28.91
N THR E 243 -14.40 21.01 -29.34
CA THR E 243 -14.92 19.76 -28.76
C THR E 243 -15.10 18.76 -29.86
N ALA E 244 -15.47 17.56 -29.45
CA ALA E 244 -15.86 16.49 -30.39
C ALA E 244 -17.13 16.85 -31.17
N ALA E 245 -17.98 17.72 -30.63
CA ALA E 245 -19.20 18.05 -31.32
C ALA E 245 -19.06 19.22 -32.27
N ASN E 246 -18.09 20.11 -32.05
CA ASN E 246 -17.91 21.26 -32.96
C ASN E 246 -16.73 21.18 -33.93
N ALA E 247 -16.22 19.98 -34.05
CA ALA E 247 -15.26 19.57 -35.10
C ALA E 247 -15.82 18.40 -35.87
N SER E 248 -15.31 18.07 -37.08
CA SER E 248 -15.84 16.86 -37.75
C SER E 248 -15.13 15.67 -37.18
N GLY E 249 -15.30 14.51 -37.78
CA GLY E 249 -14.85 13.26 -37.18
C GLY E 249 -13.71 12.68 -38.02
N LEU E 250 -13.49 11.39 -37.84
CA LEU E 250 -12.52 10.67 -38.64
C LEU E 250 -13.38 9.79 -39.50
N ASN E 251 -13.24 9.86 -40.81
CA ASN E 251 -14.24 9.27 -41.72
C ASN E 251 -13.71 8.60 -42.97
N ASP E 252 -14.58 7.84 -43.63
CA ASP E 252 -14.22 7.08 -44.83
C ASP E 252 -15.17 7.43 -45.95
N GLY E 253 -14.69 7.43 -47.19
CA GLY E 253 -15.47 7.78 -48.36
C GLY E 253 -14.65 8.17 -49.57
N ALA E 254 -15.32 8.29 -50.72
CA ALA E 254 -14.74 8.77 -51.94
C ALA E 254 -15.67 9.61 -52.80
N ALA E 255 -15.08 10.31 -53.77
CA ALA E 255 -15.80 11.18 -54.71
C ALA E 255 -15.01 11.40 -55.92
N ALA E 256 -15.71 11.58 -57.04
CA ALA E 256 -15.09 11.83 -58.28
C ALA E 256 -16.00 12.67 -59.22
N VAL E 257 -15.36 13.46 -60.07
CA VAL E 257 -16.02 14.10 -61.19
C VAL E 257 -15.32 13.72 -62.48
N VAL E 258 -16.04 13.87 -63.57
CA VAL E 258 -15.53 13.75 -64.90
C VAL E 258 -15.39 15.14 -65.53
N VAL E 259 -14.20 15.46 -66.04
CA VAL E 259 -13.83 16.83 -66.52
C VAL E 259 -13.38 16.70 -67.94
N MET E 260 -13.71 17.67 -68.77
CA MET E 260 -13.26 17.70 -70.17
C MET E 260 -13.50 19.16 -70.71
N SER E 261 -12.96 19.50 -71.87
CA SER E 261 -13.23 20.86 -72.41
C SER E 261 -14.71 20.98 -72.82
N ALA E 262 -15.23 22.22 -72.88
CA ALA E 262 -16.60 22.44 -73.34
C ALA E 262 -16.77 21.89 -74.78
N ALA E 263 -15.75 22.03 -75.58
CA ALA E 263 -15.82 21.64 -76.99
C ALA E 263 -15.90 20.11 -77.05
N LYS E 264 -15.11 19.39 -76.21
CA LYS E 264 -15.18 17.92 -76.19
C LYS E 264 -16.54 17.45 -75.78
N ALA E 265 -17.14 18.06 -74.78
CA ALA E 265 -18.47 17.69 -74.37
C ALA E 265 -19.50 17.89 -75.47
N LYS E 266 -19.40 19.00 -76.21
CA LYS E 266 -20.44 19.21 -77.25
C LYS E 266 -20.19 18.19 -78.39
N GLU E 267 -18.95 18.04 -78.79
CA GLU E 267 -18.60 17.02 -79.75
C GLU E 267 -19.12 15.63 -79.37
N LEU E 268 -19.15 15.29 -78.08
CA LEU E 268 -19.66 13.98 -77.61
C LEU E 268 -21.09 14.01 -77.32
N GLY E 269 -21.72 15.17 -77.49
CA GLY E 269 -23.14 15.22 -77.22
C GLY E 269 -23.50 15.21 -75.75
N LEU E 270 -22.64 15.73 -74.88
CA LEU E 270 -22.92 15.54 -73.46
C LEU E 270 -23.34 16.88 -72.91
N THR E 271 -24.28 16.88 -71.99
CA THR E 271 -24.64 18.10 -71.29
C THR E 271 -23.88 18.29 -69.95
N PRO E 272 -23.03 19.31 -69.81
CA PRO E 272 -22.27 19.55 -68.57
C PRO E 272 -23.15 19.89 -67.38
N LEU E 273 -22.72 19.53 -66.18
CA LEU E 273 -23.26 20.04 -64.93
C LEU E 273 -22.87 21.51 -64.73
N ALA E 274 -21.68 21.87 -65.14
CA ALA E 274 -21.23 23.24 -64.93
C ALA E 274 -19.96 23.49 -65.61
N THR E 275 -19.60 24.76 -65.72
CA THR E 275 -18.35 25.15 -66.21
C THR E 275 -17.48 25.54 -65.02
N ILE E 276 -16.20 25.19 -65.11
CA ILE E 276 -15.23 25.58 -64.08
C ILE E 276 -14.89 27.03 -64.40
N LYS E 277 -15.26 27.95 -63.50
CA LYS E 277 -15.02 29.36 -63.75
C LYS E 277 -13.58 29.72 -63.47
N SER E 278 -13.07 29.28 -62.32
CA SER E 278 -11.72 29.61 -61.92
C SER E 278 -11.36 28.73 -60.73
N TYR E 279 -10.09 28.77 -60.35
CA TYR E 279 -9.65 28.07 -59.15
C TYR E 279 -8.33 28.69 -58.65
N ALA E 280 -7.99 28.43 -57.41
CA ALA E 280 -6.73 28.91 -56.89
C ALA E 280 -6.30 28.16 -55.63
N ASN E 281 -5.02 28.19 -55.35
CA ASN E 281 -4.54 27.78 -54.05
C ASN E 281 -4.01 29.00 -53.34
N ALA E 282 -3.57 28.82 -52.09
CA ALA E 282 -2.95 29.88 -51.28
C ALA E 282 -2.20 29.22 -50.13
N GLY E 283 -1.30 29.99 -49.53
CA GLY E 283 -0.53 29.48 -48.39
C GLY E 283 -0.71 30.40 -47.22
N VAL E 284 -0.83 29.86 -45.99
CA VAL E 284 -0.91 30.72 -44.80
C VAL E 284 0.04 30.10 -43.77
N ASP E 285 0.23 30.76 -42.67
CA ASP E 285 1.03 30.17 -41.58
C ASP E 285 0.39 28.86 -41.12
N PRO E 286 1.20 27.82 -40.91
CA PRO E 286 0.67 26.51 -40.43
C PRO E 286 -0.14 26.64 -39.15
N LYS E 287 0.25 27.59 -38.30
CA LYS E 287 -0.44 27.83 -37.03
C LYS E 287 -1.94 28.15 -37.19
N VAL E 288 -2.28 28.76 -38.32
CA VAL E 288 -3.64 29.17 -38.57
C VAL E 288 -4.10 28.60 -39.91
N MET E 289 -3.78 27.30 -40.11
CA MET E 289 -4.08 26.64 -41.38
C MET E 289 -5.56 26.77 -41.81
N GLY E 290 -6.44 26.83 -40.81
CA GLY E 290 -7.89 26.98 -41.00
C GLY E 290 -8.34 28.21 -41.77
N MET E 291 -7.47 29.19 -41.91
CA MET E 291 -7.79 30.42 -42.68
C MET E 291 -7.44 30.34 -44.20
N GLY E 292 -6.85 29.22 -44.58
CA GLY E 292 -6.51 29.00 -45.98
C GLY E 292 -7.55 29.36 -47.00
N PRO E 293 -8.82 29.02 -46.71
CA PRO E 293 -9.90 29.32 -47.64
C PRO E 293 -10.07 30.80 -47.90
N VAL E 294 -9.60 31.68 -47.01
CA VAL E 294 -9.75 33.13 -47.26
C VAL E 294 -8.87 33.60 -48.45
N PRO E 295 -7.52 33.53 -48.39
CA PRO E 295 -6.80 34.00 -49.56
C PRO E 295 -7.11 33.13 -50.80
N ALA E 296 -7.41 31.83 -50.60
CA ALA E 296 -7.77 30.98 -51.78
C ALA E 296 -9.07 31.39 -52.41
N SER E 297 -10.10 31.61 -51.62
CA SER E 297 -11.38 32.03 -52.19
C SER E 297 -11.27 33.44 -52.82
N LYS E 298 -10.61 34.38 -52.15
CA LYS E 298 -10.34 35.73 -52.73
C LYS E 298 -9.65 35.66 -54.09
N ARG E 299 -8.62 34.82 -54.18
CA ARG E 299 -7.93 34.66 -55.45
C ARG E 299 -8.82 34.05 -56.52
N ALA E 300 -9.63 33.04 -56.16
CA ALA E 300 -10.54 32.42 -57.14
C ALA E 300 -11.63 33.36 -57.60
N LEU E 301 -12.24 34.06 -56.65
CA LEU E 301 -13.18 35.09 -57.01
C LEU E 301 -12.56 36.15 -57.91
N SER E 302 -11.35 36.58 -57.57
CA SER E 302 -10.66 37.58 -58.37
C SER E 302 -10.41 37.06 -59.77
N ARG E 303 -9.95 35.80 -59.90
CA ARG E 303 -9.75 35.20 -61.20
C ARG E 303 -11.05 35.07 -61.98
N ALA E 304 -12.16 34.88 -61.30
CA ALA E 304 -13.48 34.84 -61.95
C ALA E 304 -14.06 36.24 -62.27
N GLU E 305 -13.52 37.31 -61.65
CA GLU E 305 -14.12 38.66 -61.73
C GLU E 305 -15.51 38.64 -61.14
N TRP E 306 -15.61 38.00 -59.99
CA TRP E 306 -16.79 37.92 -59.18
C TRP E 306 -16.49 38.51 -57.83
N THR E 307 -17.54 38.86 -57.11
CA THR E 307 -17.49 39.37 -55.76
C THR E 307 -18.07 38.26 -54.94
N PRO E 308 -17.78 38.25 -53.62
CA PRO E 308 -18.40 37.29 -52.74
C PRO E 308 -19.91 37.33 -52.79
N GLN E 309 -20.47 38.52 -53.04
CA GLN E 309 -21.91 38.67 -53.13
C GLN E 309 -22.48 38.09 -54.41
N ASP E 310 -21.70 37.88 -55.47
CA ASP E 310 -22.21 37.23 -56.70
C ASP E 310 -22.61 35.75 -56.54
N LEU E 311 -22.09 35.13 -55.48
CA LEU E 311 -22.28 33.69 -55.27
C LEU E 311 -23.71 33.35 -54.88
N ASP E 312 -24.24 32.24 -55.43
CA ASP E 312 -25.52 31.70 -54.98
C ASP E 312 -25.40 30.64 -53.90
N LEU E 313 -24.29 29.89 -53.94
CA LEU E 313 -24.14 28.72 -53.12
C LEU E 313 -22.64 28.47 -52.95
N MET E 314 -22.26 28.13 -51.74
CA MET E 314 -20.90 27.79 -51.40
C MET E 314 -20.87 26.50 -50.62
N GLU E 315 -19.79 25.72 -50.83
CA GLU E 315 -19.42 24.61 -49.94
C GLU E 315 -17.99 24.94 -49.37
N ILE E 316 -17.92 25.28 -48.11
CA ILE E 316 -16.71 25.64 -47.38
C ILE E 316 -16.57 24.59 -46.27
N ASN E 317 -15.54 23.77 -46.36
CA ASN E 317 -15.46 22.60 -45.49
C ASN E 317 -15.40 23.02 -44.02
N GLU E 318 -15.94 22.16 -43.16
CA GLU E 318 -16.07 22.48 -41.73
C GLU E 318 -15.26 21.53 -40.92
N ALA E 319 -13.97 21.42 -41.15
CA ALA E 319 -13.15 20.57 -40.30
C ALA E 319 -13.33 20.98 -38.83
N PHE E 320 -13.40 22.28 -38.57
CA PHE E 320 -13.63 22.79 -37.23
C PHE E 320 -14.53 23.99 -37.37
N ALA E 321 -15.59 24.02 -36.57
CA ALA E 321 -16.46 25.21 -36.49
C ALA E 321 -15.61 26.45 -36.34
N ALA E 322 -14.57 26.37 -35.53
CA ALA E 322 -13.74 27.53 -35.26
C ALA E 322 -13.17 28.16 -36.50
N GLN E 323 -12.66 27.35 -37.45
CA GLN E 323 -12.10 27.92 -38.64
C GLN E 323 -13.14 28.23 -39.69
N ALA E 324 -14.15 27.41 -39.82
CA ALA E 324 -15.19 27.78 -40.77
C ALA E 324 -15.76 29.19 -40.42
N LEU E 325 -16.01 29.43 -39.14
CA LEU E 325 -16.64 30.71 -38.73
C LEU E 325 -15.72 31.90 -38.98
N ALA E 326 -14.42 31.71 -38.81
CA ALA E 326 -13.42 32.77 -39.05
C ALA E 326 -13.29 33.06 -40.54
N VAL E 327 -13.41 32.00 -41.35
CA VAL E 327 -13.43 32.18 -42.79
C VAL E 327 -14.61 33.07 -43.18
N HIS E 328 -15.79 32.72 -42.66
CA HIS E 328 -17.03 33.48 -42.94
C HIS E 328 -16.88 34.94 -42.49
N GLN E 329 -16.36 35.11 -41.28
CA GLN E 329 -16.09 36.44 -40.76
C GLN E 329 -15.23 37.27 -41.71
N GLN E 330 -14.13 36.70 -42.19
CA GLN E 330 -13.21 37.42 -43.07
C GLN E 330 -13.72 37.55 -44.49
N MET E 331 -14.55 36.62 -44.99
CA MET E 331 -15.02 36.79 -46.34
C MET E 331 -16.20 37.77 -46.45
N GLY E 332 -17.04 37.85 -45.44
CA GLY E 332 -18.17 38.78 -45.45
C GLY E 332 -19.36 38.31 -46.25
N TRP E 333 -19.36 37.06 -46.71
CA TRP E 333 -20.46 36.61 -47.55
C TRP E 333 -21.58 36.12 -46.69
N ASP E 334 -22.72 35.88 -47.36
CA ASP E 334 -23.91 35.46 -46.64
C ASP E 334 -23.80 33.96 -46.27
N THR E 335 -23.72 33.66 -44.98
CA THR E 335 -23.51 32.27 -44.53
C THR E 335 -24.72 31.36 -44.67
N SER E 336 -25.88 31.95 -45.00
CA SER E 336 -27.06 31.20 -45.26
C SER E 336 -26.97 30.46 -46.64
N LYS E 337 -26.11 30.93 -47.54
CA LYS E 337 -25.79 30.28 -48.78
C LYS E 337 -24.72 29.12 -48.70
N VAL E 338 -24.19 28.94 -47.50
CA VAL E 338 -23.08 28.07 -47.22
C VAL E 338 -23.51 26.74 -46.61
N ASN E 339 -22.98 25.65 -47.17
CA ASN E 339 -23.30 24.30 -46.68
C ASN E 339 -24.80 24.08 -46.39
N VAL E 340 -25.61 24.36 -47.39
CA VAL E 340 -27.07 24.45 -47.18
C VAL E 340 -27.64 23.11 -46.78
N ASN E 341 -26.97 22.01 -47.17
CA ASN E 341 -27.43 20.68 -46.80
C ASN E 341 -26.61 20.13 -45.69
N GLY E 342 -25.87 20.99 -44.98
CA GLY E 342 -25.08 20.51 -43.86
C GLY E 342 -23.61 20.39 -44.27
N GLY E 343 -22.72 20.36 -43.31
CA GLY E 343 -21.31 20.19 -43.67
C GLY E 343 -20.61 19.08 -42.95
N ALA E 344 -19.27 19.10 -43.00
CA ALA E 344 -18.48 17.95 -42.47
C ALA E 344 -18.69 17.65 -40.98
N ILE E 345 -19.10 18.64 -40.18
CA ILE E 345 -19.31 18.32 -38.75
C ILE E 345 -20.34 17.19 -38.59
N ALA E 346 -21.36 17.25 -39.45
CA ALA E 346 -22.45 16.28 -39.54
C ALA E 346 -22.14 15.15 -40.51
N ILE E 347 -21.68 15.46 -41.71
CA ILE E 347 -21.53 14.40 -42.70
C ILE E 347 -20.24 13.59 -42.54
N GLY E 348 -19.19 14.23 -42.02
CA GLY E 348 -17.91 13.61 -41.82
C GLY E 348 -16.85 14.13 -42.82
N HIS E 349 -15.57 13.85 -42.50
CA HIS E 349 -14.45 14.41 -43.21
C HIS E 349 -13.35 13.40 -43.57
N PRO E 350 -13.60 12.57 -44.58
CA PRO E 350 -12.60 11.65 -45.08
C PRO E 350 -11.52 12.47 -45.86
N ILE E 351 -10.35 12.69 -45.25
CA ILE E 351 -9.56 13.89 -45.59
C ILE E 351 -9.20 13.98 -47.08
N GLY E 352 -8.74 12.88 -47.68
CA GLY E 352 -8.29 12.98 -49.12
C GLY E 352 -9.42 13.08 -50.15
N ALA E 353 -10.61 12.78 -49.70
CA ALA E 353 -11.81 12.82 -50.48
C ALA E 353 -12.66 14.08 -50.32
N SER E 354 -12.56 14.74 -49.17
CA SER E 354 -13.50 15.74 -48.85
C SER E 354 -13.53 16.87 -49.85
N GLY E 355 -12.40 17.18 -50.44
CA GLY E 355 -12.35 18.27 -51.43
C GLY E 355 -13.22 18.06 -52.66
N CYS E 356 -13.34 16.80 -53.08
CA CYS E 356 -14.31 16.46 -54.17
C CYS E 356 -15.70 16.14 -53.64
N ARG E 357 -15.80 15.57 -52.42
CA ARG E 357 -17.06 15.32 -51.79
C ARG E 357 -17.90 16.60 -51.78
N ILE E 358 -17.30 17.70 -51.32
CA ILE E 358 -18.06 18.93 -51.22
C ILE E 358 -18.44 19.54 -52.56
N LEU E 359 -17.57 19.36 -53.54
CA LEU E 359 -17.88 19.80 -54.91
C LEU E 359 -19.06 19.06 -55.49
N VAL E 360 -19.09 17.74 -55.28
CA VAL E 360 -20.20 16.88 -55.68
C VAL E 360 -21.53 17.38 -55.07
N THR E 361 -21.49 17.60 -53.78
CA THR E 361 -22.65 18.10 -53.07
C THR E 361 -23.10 19.50 -53.59
N LEU E 362 -22.12 20.37 -53.84
CA LEU E 362 -22.36 21.70 -54.41
C LEU E 362 -23.10 21.64 -55.76
N LEU E 363 -22.59 20.81 -56.66
CA LEU E 363 -23.10 20.73 -58.00
C LEU E 363 -24.50 20.20 -58.09
N HIS E 364 -24.84 19.24 -57.25
CA HIS E 364 -26.18 18.69 -57.29
C HIS E 364 -27.21 19.68 -56.71
N GLU E 365 -26.81 20.43 -55.68
CA GLU E 365 -27.72 21.42 -55.11
C GLU E 365 -27.92 22.60 -56.08
N MET E 366 -26.88 23.03 -56.74
CA MET E 366 -26.98 24.05 -57.77
C MET E 366 -27.95 23.68 -58.88
N LYS E 367 -27.92 22.45 -59.30
CA LYS E 367 -28.83 21.97 -60.29
C LYS E 367 -30.19 22.03 -59.75
N ARG E 368 -30.44 21.49 -58.55
CA ARG E 368 -31.82 21.44 -58.09
C ARG E 368 -32.43 22.83 -57.88
N ARG E 369 -31.62 23.80 -57.48
CA ARG E 369 -32.14 25.17 -57.24
C ARG E 369 -32.11 26.05 -58.49
N ASP E 370 -31.51 25.55 -59.58
CA ASP E 370 -31.08 26.34 -60.68
C ASP E 370 -30.26 27.55 -60.25
N ALA E 371 -29.33 27.37 -59.30
CA ALA E 371 -28.34 28.40 -58.94
C ALA E 371 -27.34 28.52 -60.01
N LYS E 372 -26.80 29.73 -60.19
CA LYS E 372 -25.87 29.98 -61.26
C LYS E 372 -24.40 30.01 -60.91
N LYS E 373 -24.07 30.45 -59.71
CA LYS E 373 -22.68 30.67 -59.39
C LYS E 373 -22.40 30.05 -58.04
N GLY E 374 -21.34 29.23 -58.01
CA GLY E 374 -20.97 28.60 -56.75
C GLY E 374 -19.46 28.50 -56.56
N LEU E 375 -19.09 28.13 -55.35
CA LEU E 375 -17.69 28.01 -54.93
C LEU E 375 -17.55 26.91 -53.86
N ALA E 376 -16.46 26.15 -53.95
CA ALA E 376 -16.12 25.18 -52.93
C ALA E 376 -14.74 25.55 -52.43
N SER E 377 -14.45 25.38 -51.17
CA SER E 377 -13.12 25.71 -50.65
C SER E 377 -12.85 24.94 -49.38
N LEU E 378 -11.57 24.65 -49.15
CA LEU E 378 -11.18 23.93 -47.95
C LEU E 378 -9.86 24.40 -47.40
N CYS E 379 -9.72 24.26 -46.09
CA CYS E 379 -8.41 24.46 -45.43
C CYS E 379 -7.57 23.21 -45.50
N ILE E 380 -6.28 23.41 -45.26
CA ILE E 380 -5.32 22.38 -45.50
C ILE E 380 -4.20 22.45 -44.47
N GLY E 381 -4.06 21.35 -43.78
CA GLY E 381 -3.03 21.19 -42.77
C GLY E 381 -1.67 21.52 -43.32
N GLY E 382 -0.88 22.28 -42.52
CA GLY E 382 0.42 22.73 -42.99
C GLY E 382 0.32 24.14 -43.55
N GLY E 383 -0.90 24.66 -43.62
CA GLY E 383 -1.10 26.07 -43.91
C GLY E 383 -1.46 26.42 -45.36
N MET E 384 -2.51 25.80 -45.93
CA MET E 384 -2.89 26.12 -47.29
C MET E 384 -4.39 26.16 -47.46
N GLY E 385 -4.84 26.70 -48.60
CA GLY E 385 -6.19 26.64 -48.98
C GLY E 385 -6.31 26.31 -50.45
N VAL E 386 -7.43 25.72 -50.84
CA VAL E 386 -7.80 25.58 -52.22
C VAL E 386 -9.23 26.09 -52.36
N ALA E 387 -9.54 26.66 -53.50
CA ALA E 387 -10.91 27.09 -53.85
C ALA E 387 -11.14 26.93 -55.36
N LEU E 388 -12.39 26.67 -55.73
CA LEU E 388 -12.76 26.47 -57.13
C LEU E 388 -14.18 26.92 -57.30
N ALA E 389 -14.36 27.67 -58.39
CA ALA E 389 -15.63 28.36 -58.69
C ALA E 389 -16.22 27.70 -59.95
N VAL E 390 -17.51 27.46 -59.86
CA VAL E 390 -18.31 26.93 -60.93
C VAL E 390 -19.49 27.84 -61.34
N GLU E 391 -19.86 27.73 -62.61
CA GLU E 391 -20.97 28.50 -63.19
C GLU E 391 -21.86 27.63 -64.04
N ARG E 392 -23.15 27.77 -63.87
CA ARG E 392 -24.14 27.09 -64.72
C ARG E 392 -24.84 28.18 -65.53
N LYS E 393 -25.06 27.87 -66.80
CA LYS E 393 -25.63 28.82 -67.75
C LYS E 393 -27.05 29.16 -67.39
N MET F 1 -0.41 30.31 -75.14
CA MET F 1 0.51 29.82 -74.06
C MET F 1 1.90 29.74 -74.64
N THR F 2 2.84 30.45 -74.04
CA THR F 2 4.20 30.38 -74.60
C THR F 2 4.76 28.97 -74.28
N ASP F 3 5.97 28.80 -74.77
CA ASP F 3 6.91 27.82 -74.33
C ASP F 3 7.08 27.85 -72.82
N VAL F 4 7.39 26.68 -72.27
CA VAL F 4 7.81 26.56 -70.87
C VAL F 4 9.28 26.24 -70.87
N VAL F 5 10.04 26.83 -69.98
CA VAL F 5 11.46 26.55 -69.92
C VAL F 5 11.88 26.09 -68.54
N ILE F 6 13.00 25.40 -68.52
CA ILE F 6 13.63 24.96 -67.35
C ILE F 6 14.83 25.90 -67.18
N VAL F 7 14.83 26.59 -66.05
CA VAL F 7 15.87 27.56 -65.73
C VAL F 7 17.01 27.01 -64.96
N SER F 8 16.83 25.92 -64.21
CA SER F 8 17.90 25.41 -63.40
C SER F 8 17.53 23.97 -63.00
N ALA F 9 18.51 23.23 -62.53
CA ALA F 9 18.46 21.77 -62.26
C ALA F 9 19.52 21.39 -61.25
N ALA F 10 19.14 20.63 -60.23
CA ALA F 10 20.04 20.29 -59.15
C ALA F 10 19.66 18.92 -58.57
N ARG F 11 20.60 18.15 -58.11
CA ARG F 11 20.29 16.89 -57.52
C ARG F 11 21.26 16.63 -56.42
N THR F 12 20.91 15.77 -55.47
CA THR F 12 21.82 15.26 -54.54
C THR F 12 22.55 14.16 -55.26
N ALA F 13 23.70 13.80 -54.72
CA ALA F 13 24.27 12.53 -55.01
C ALA F 13 23.30 11.46 -54.54
N VAL F 14 23.39 10.28 -55.16
CA VAL F 14 22.55 9.16 -54.75
C VAL F 14 23.20 8.25 -53.74
N GLY F 15 22.51 8.03 -52.65
CA GLY F 15 22.99 7.21 -51.59
C GLY F 15 22.66 5.76 -51.74
N LYS F 16 23.49 4.91 -51.19
CA LYS F 16 23.26 3.46 -51.18
C LYS F 16 22.26 3.19 -50.08
N PHE F 17 21.62 2.05 -50.21
CA PHE F 17 20.69 1.58 -49.19
C PHE F 17 21.47 1.43 -47.87
N GLY F 18 20.98 2.10 -46.83
CA GLY F 18 21.63 2.13 -45.50
C GLY F 18 22.90 2.94 -45.53
N GLY F 19 23.06 3.76 -46.56
CA GLY F 19 24.30 4.54 -46.78
C GLY F 19 24.30 5.95 -46.27
N SER F 20 24.92 6.86 -47.00
CA SER F 20 25.26 8.17 -46.50
C SER F 20 24.06 9.06 -46.22
N LEU F 21 22.93 8.80 -46.89
CA LEU F 21 21.72 9.63 -46.69
C LEU F 21 20.66 8.94 -45.84
N ALA F 22 20.94 7.72 -45.40
CA ALA F 22 19.98 6.89 -44.70
C ALA F 22 19.25 7.56 -43.56
N LYS F 23 19.90 8.48 -42.84
CA LYS F 23 19.29 9.11 -41.67
C LYS F 23 18.71 10.47 -42.00
N ILE F 24 18.65 10.85 -43.27
CA ILE F 24 18.19 12.19 -43.63
C ILE F 24 16.79 12.01 -44.22
N PRO F 25 15.77 12.51 -43.52
CA PRO F 25 14.43 12.24 -44.12
C PRO F 25 14.28 12.83 -45.52
N ALA F 26 13.44 12.19 -46.31
CA ALA F 26 13.24 12.62 -47.69
C ALA F 26 12.98 14.11 -47.92
N PRO F 27 12.09 14.71 -47.12
CA PRO F 27 11.86 16.14 -47.34
C PRO F 27 13.06 17.05 -47.04
N GLU F 28 13.95 16.55 -46.20
CA GLU F 28 15.20 17.26 -46.03
C GLU F 28 16.09 17.15 -47.30
N LEU F 29 16.13 15.98 -47.94
CA LEU F 29 16.79 15.83 -49.24
C LEU F 29 16.17 16.76 -50.25
N GLY F 30 14.83 16.79 -50.30
CA GLY F 30 14.07 17.67 -51.12
C GLY F 30 14.42 19.14 -50.93
N ALA F 31 14.55 19.54 -49.68
CA ALA F 31 14.87 20.89 -49.29
C ALA F 31 16.22 21.33 -49.84
N VAL F 32 17.20 20.43 -49.82
CA VAL F 32 18.54 20.71 -50.37
C VAL F 32 18.47 21.09 -51.83
N VAL F 33 17.74 20.30 -52.60
CA VAL F 33 17.62 20.55 -54.05
C VAL F 33 16.70 21.68 -54.42
N ILE F 34 15.65 21.93 -53.63
CA ILE F 34 14.81 23.06 -53.86
C ILE F 34 15.58 24.38 -53.68
N LYS F 35 16.29 24.47 -52.54
CA LYS F 35 17.06 25.67 -52.22
C LYS F 35 18.13 25.91 -53.30
N ALA F 36 18.90 24.88 -53.58
CA ALA F 36 19.94 24.95 -54.62
C ALA F 36 19.41 25.29 -56.01
N ALA F 37 18.30 24.65 -56.41
CA ALA F 37 17.75 24.92 -57.71
C ALA F 37 17.31 26.38 -57.84
N LEU F 38 16.72 26.91 -56.75
CA LEU F 38 16.32 28.30 -56.80
C LEU F 38 17.56 29.26 -56.83
N GLU F 39 18.60 28.91 -56.08
CA GLU F 39 19.83 29.70 -56.05
C GLU F 39 20.44 29.73 -57.46
N ARG F 40 20.50 28.58 -58.10
CA ARG F 40 21.03 28.49 -59.45
C ARG F 40 20.26 29.26 -60.40
N ALA F 41 18.95 29.26 -60.24
CA ALA F 41 18.15 30.00 -61.19
C ALA F 41 18.14 31.52 -61.00
N GLY F 42 18.38 32.01 -59.80
CA GLY F 42 18.21 33.42 -59.54
C GLY F 42 16.77 33.77 -59.20
N VAL F 43 16.05 32.82 -58.63
CA VAL F 43 14.68 33.04 -58.19
C VAL F 43 14.61 33.06 -56.66
N LYS F 44 14.05 34.14 -56.14
CA LYS F 44 13.86 34.31 -54.73
C LYS F 44 12.75 33.35 -54.25
N PRO F 45 12.91 32.77 -53.08
CA PRO F 45 11.86 31.88 -52.55
C PRO F 45 10.45 32.45 -52.64
N GLU F 46 10.28 33.75 -52.43
CA GLU F 46 8.95 34.28 -52.40
C GLU F 46 8.33 34.52 -53.74
N GLN F 47 9.13 34.40 -54.81
CA GLN F 47 8.59 34.46 -56.16
C GLN F 47 7.97 33.11 -56.60
N VAL F 48 8.17 32.05 -55.83
CA VAL F 48 7.67 30.72 -56.26
C VAL F 48 6.15 30.62 -56.14
N SER F 49 5.48 30.17 -57.22
CA SER F 49 4.03 30.03 -57.24
C SER F 49 3.64 28.70 -56.58
N GLU F 50 4.45 27.66 -56.71
CA GLU F 50 4.09 26.30 -56.22
C GLU F 50 5.30 25.40 -56.22
N VAL F 51 5.36 24.53 -55.22
CA VAL F 51 6.35 23.41 -55.20
C VAL F 51 5.62 22.07 -55.44
N ILE F 52 6.16 21.20 -56.30
CA ILE F 52 5.59 19.92 -56.58
C ILE F 52 6.67 18.88 -56.47
N MET F 53 6.56 18.01 -55.46
CA MET F 53 7.55 16.97 -55.20
C MET F 53 6.94 15.59 -55.21
N GLY F 54 7.53 14.68 -56.01
CA GLY F 54 7.25 13.29 -55.89
C GLY F 54 7.86 12.62 -54.66
N GLN F 55 7.09 11.76 -53.99
CA GLN F 55 7.63 10.90 -52.95
C GLN F 55 6.72 9.73 -52.86
N VAL F 56 7.26 8.53 -52.99
CA VAL F 56 6.44 7.32 -53.05
C VAL F 56 6.15 6.80 -51.62
N LEU F 57 7.18 6.75 -50.82
CA LEU F 57 7.14 6.06 -49.53
C LEU F 57 6.97 7.14 -48.44
N THR F 58 5.76 7.27 -47.94
CA THR F 58 5.36 8.37 -47.08
C THR F 58 4.81 7.94 -45.69
N ALA F 59 4.95 6.68 -45.34
CA ALA F 59 4.33 6.10 -44.16
C ALA F 59 5.03 6.68 -42.95
N GLY F 60 4.28 7.42 -42.12
CA GLY F 60 4.88 8.16 -41.03
C GLY F 60 5.74 9.34 -41.40
N SER F 61 5.73 9.80 -42.64
CA SER F 61 6.55 10.94 -43.02
C SER F 61 6.01 12.31 -42.53
N GLY F 62 4.77 12.35 -42.02
CA GLY F 62 4.13 13.57 -41.64
C GLY F 62 3.36 14.22 -42.72
N GLN F 63 2.60 15.24 -42.37
CA GLN F 63 1.71 15.88 -43.38
C GLN F 63 2.49 16.42 -44.60
N ASN F 64 2.05 16.04 -45.81
CA ASN F 64 2.46 16.63 -47.12
C ASN F 64 3.98 16.85 -47.20
N PRO F 65 4.77 15.76 -47.41
CA PRO F 65 6.18 15.81 -47.59
C PRO F 65 6.72 16.93 -48.53
N ALA F 66 6.06 17.23 -49.64
CA ALA F 66 6.45 18.34 -50.49
C ALA F 66 6.44 19.69 -49.75
N ARG F 67 5.41 19.91 -48.93
CA ARG F 67 5.35 21.14 -48.14
C ARG F 67 6.50 21.20 -47.12
N GLN F 68 6.79 20.06 -46.52
CA GLN F 68 7.86 20.00 -45.59
C GLN F 68 9.21 20.38 -46.26
N ALA F 69 9.43 19.92 -47.51
CA ALA F 69 10.66 20.22 -48.25
C ALA F 69 10.71 21.68 -48.55
N ALA F 70 9.56 22.25 -48.89
CA ALA F 70 9.47 23.66 -49.25
C ALA F 70 9.80 24.59 -48.06
N ILE F 71 9.22 24.27 -46.88
CA ILE F 71 9.44 25.05 -45.67
C ILE F 71 10.87 24.89 -45.22
N LYS F 72 11.36 23.67 -45.19
CA LYS F 72 12.78 23.42 -44.85
C LYS F 72 13.76 24.08 -45.77
N ALA F 73 13.40 24.24 -47.03
CA ALA F 73 14.26 24.95 -47.98
C ALA F 73 14.22 26.45 -47.76
N GLY F 74 13.37 26.94 -46.87
CA GLY F 74 13.25 28.38 -46.56
C GLY F 74 12.18 29.11 -47.31
N LEU F 75 11.32 28.43 -48.08
CA LEU F 75 10.26 29.11 -48.73
C LEU F 75 9.20 29.58 -47.73
N PRO F 76 8.67 30.75 -47.94
CA PRO F 76 7.64 31.25 -47.05
C PRO F 76 6.35 30.44 -47.10
N ALA F 77 5.60 30.53 -45.99
CA ALA F 77 4.32 29.82 -45.84
C ALA F 77 3.37 30.14 -46.94
N MET F 78 3.47 31.34 -47.53
CA MET F 78 2.60 31.70 -48.65
C MET F 78 2.77 30.85 -49.91
N VAL F 79 3.86 30.14 -50.04
CA VAL F 79 4.08 29.26 -51.21
C VAL F 79 3.44 27.84 -51.04
N PRO F 80 2.42 27.52 -51.84
CA PRO F 80 1.78 26.20 -51.69
C PRO F 80 2.60 25.08 -52.26
N ALA F 81 2.31 23.87 -51.77
CA ALA F 81 3.04 22.68 -52.22
C ALA F 81 2.15 21.48 -52.19
N MET F 82 2.54 20.50 -52.99
CA MET F 82 1.80 19.26 -53.19
C MET F 82 2.76 18.11 -53.42
N THR F 83 2.45 16.98 -52.77
CA THR F 83 3.20 15.73 -52.94
C THR F 83 2.46 14.88 -53.97
N ILE F 84 3.18 14.20 -54.85
CA ILE F 84 2.51 13.33 -55.78
C ILE F 84 3.16 11.96 -55.77
N ASN F 85 2.40 10.99 -56.23
CA ASN F 85 2.88 9.59 -56.35
C ASN F 85 2.42 8.99 -57.68
N LYS F 86 3.36 8.84 -58.63
CA LYS F 86 3.14 8.04 -59.84
C LYS F 86 4.35 7.04 -59.81
N VAL F 87 4.61 6.38 -58.63
CA VAL F 87 5.78 5.43 -58.37
C VAL F 87 7.04 6.01 -58.98
N SER F 88 7.79 5.30 -59.81
CA SER F 88 9.05 5.89 -60.36
C SER F 88 8.85 7.01 -61.36
N GLY F 89 7.60 7.23 -61.78
CA GLY F 89 7.29 8.34 -62.68
C GLY F 89 7.23 9.67 -61.95
N SER F 90 7.10 9.62 -60.62
CA SER F 90 6.73 10.78 -59.81
C SER F 90 7.59 12.04 -60.10
N GLY F 91 8.87 11.85 -60.12
CA GLY F 91 9.78 12.97 -60.21
C GLY F 91 9.77 13.64 -61.55
N LEU F 92 9.54 12.86 -62.62
CA LEU F 92 9.39 13.50 -63.97
C LEU F 92 7.99 14.06 -64.15
N LYS F 93 6.98 13.34 -63.68
CA LYS F 93 5.61 13.83 -63.70
C LYS F 93 5.39 15.16 -63.03
N ALA F 94 6.14 15.44 -61.95
CA ALA F 94 6.00 16.69 -61.27
C ALA F 94 6.34 17.88 -62.25
N VAL F 95 7.39 17.69 -63.02
CA VAL F 95 7.77 18.66 -64.09
C VAL F 95 6.69 18.82 -65.12
N MET F 96 6.06 17.72 -65.53
CA MET F 96 4.89 17.73 -66.41
C MET F 96 3.74 18.50 -65.83
N LEU F 97 3.45 18.31 -64.53
CA LEU F 97 2.38 19.08 -63.93
C LEU F 97 2.77 20.55 -63.83
N ALA F 98 4.04 20.84 -63.51
CA ALA F 98 4.50 22.21 -63.47
C ALA F 98 4.24 22.84 -64.87
N ALA F 99 4.63 22.14 -65.93
CA ALA F 99 4.39 22.71 -67.26
C ALA F 99 2.95 22.90 -67.57
N ASN F 100 2.08 21.92 -67.28
CA ASN F 100 0.68 22.13 -67.49
C ASN F 100 0.16 23.38 -66.74
N ALA F 101 0.65 23.61 -65.53
CA ALA F 101 0.09 24.68 -64.69
C ALA F 101 0.47 26.06 -65.30
N ILE F 102 1.70 26.15 -65.79
CA ILE F 102 2.18 27.41 -66.41
C ILE F 102 1.42 27.64 -67.69
N MET F 103 1.29 26.62 -68.53
CA MET F 103 0.52 26.75 -69.77
C MET F 103 -0.90 27.19 -69.51
N ALA F 104 -1.50 26.65 -68.45
CA ALA F 104 -2.85 26.96 -68.09
C ALA F 104 -3.02 28.34 -67.50
N GLY F 105 -1.93 28.99 -67.16
CA GLY F 105 -2.05 30.24 -66.48
C GLY F 105 -2.21 30.13 -64.98
N ASP F 106 -2.06 28.94 -64.42
CA ASP F 106 -2.41 28.77 -63.02
C ASP F 106 -1.24 29.22 -62.15
N ALA F 107 -0.01 29.00 -62.61
CA ALA F 107 1.19 29.26 -61.87
C ALA F 107 2.12 30.02 -62.77
N GLU F 108 3.13 30.68 -62.19
CA GLU F 108 4.17 31.34 -62.97
C GLU F 108 5.47 30.70 -62.81
N ILE F 109 5.84 30.39 -61.58
CA ILE F 109 7.12 29.78 -61.38
C ILE F 109 6.95 28.52 -60.49
N VAL F 110 7.45 27.37 -60.90
CA VAL F 110 7.20 26.11 -60.14
C VAL F 110 8.50 25.44 -59.88
N VAL F 111 8.69 24.95 -58.65
CA VAL F 111 9.82 24.07 -58.42
C VAL F 111 9.25 22.66 -58.47
N ALA F 112 9.87 21.79 -59.26
CA ALA F 112 9.37 20.46 -59.43
C ALA F 112 10.45 19.43 -59.38
N GLY F 113 10.18 18.33 -58.69
CA GLY F 113 11.07 17.22 -58.74
C GLY F 113 10.56 16.09 -57.87
N GLY F 114 11.47 15.44 -57.20
CA GLY F 114 11.16 14.32 -56.30
C GLY F 114 12.23 14.07 -55.30
N GLN F 115 11.87 13.28 -54.28
CA GLN F 115 12.70 12.98 -53.13
C GLN F 115 12.32 11.61 -52.63
N GLU F 116 13.29 10.87 -52.18
CA GLU F 116 13.00 9.54 -51.67
C GLU F 116 14.12 9.11 -50.76
N ASN F 117 13.74 8.55 -49.61
CA ASN F 117 14.64 7.83 -48.76
C ASN F 117 14.08 6.42 -48.55
N MET F 118 14.59 5.48 -49.33
CA MET F 118 14.12 4.12 -49.26
C MET F 118 14.67 3.41 -48.02
N SER F 119 15.91 3.76 -47.63
CA SER F 119 16.55 3.29 -46.39
C SER F 119 15.64 3.43 -45.15
N ALA F 120 15.04 4.57 -45.03
CA ALA F 120 14.26 4.92 -43.89
C ALA F 120 12.81 4.43 -43.96
N ALA F 121 12.35 3.85 -45.06
CA ALA F 121 10.96 3.39 -45.09
C ALA F 121 10.68 2.35 -43.96
N PRO F 122 9.62 2.56 -43.18
CA PRO F 122 9.41 1.68 -42.01
C PRO F 122 8.55 0.50 -42.36
N HIS F 123 8.38 -0.39 -41.39
CA HIS F 123 7.38 -1.39 -41.44
C HIS F 123 6.05 -0.86 -40.90
N VAL F 124 4.98 -1.43 -41.41
CA VAL F 124 3.64 -1.10 -41.00
C VAL F 124 2.93 -2.34 -40.47
N LEU F 125 1.97 -2.09 -39.57
CA LEU F 125 1.18 -3.14 -38.92
C LEU F 125 -0.28 -3.05 -39.34
N PRO F 126 -0.63 -3.67 -40.46
CA PRO F 126 -2.00 -3.48 -40.91
C PRO F 126 -2.98 -4.07 -39.95
N GLY F 127 -4.13 -3.42 -39.80
CA GLY F 127 -5.16 -3.88 -38.88
C GLY F 127 -4.88 -3.55 -37.41
N SER F 128 -3.78 -2.83 -37.13
CA SER F 128 -3.38 -2.44 -35.73
C SER F 128 -4.50 -1.70 -34.98
N ARG F 129 -5.35 -1.00 -35.73
CA ARG F 129 -6.38 -0.18 -35.15
C ARG F 129 -7.45 -1.05 -34.55
N ASP F 130 -7.72 -2.17 -35.19
CA ASP F 130 -8.67 -3.12 -34.72
C ASP F 130 -8.14 -4.18 -33.76
N GLY F 131 -6.86 -4.52 -33.88
CA GLY F 131 -6.24 -5.48 -32.98
C GLY F 131 -6.32 -6.86 -33.55
N PHE F 132 -5.70 -7.82 -32.88
CA PHE F 132 -5.48 -9.16 -33.47
C PHE F 132 -5.98 -10.16 -32.45
N ARG F 133 -7.27 -10.46 -32.52
CA ARG F 133 -8.00 -11.14 -31.43
C ARG F 133 -7.40 -12.52 -31.12
N MET F 134 -6.82 -13.17 -32.13
CA MET F 134 -6.13 -14.45 -31.99
C MET F 134 -5.30 -14.71 -33.23
N GLY F 135 -4.09 -15.24 -33.08
CA GLY F 135 -3.27 -15.58 -34.21
C GLY F 135 -2.17 -14.57 -34.47
N ASP F 136 -1.20 -15.03 -35.19
CA ASP F 136 -0.08 -14.23 -35.54
C ASP F 136 -0.50 -13.05 -36.42
N ALA F 137 0.27 -11.97 -36.39
CA ALA F 137 0.03 -10.84 -37.31
C ALA F 137 1.30 -10.68 -38.10
N LYS F 138 1.24 -9.76 -39.05
CA LYS F 138 2.34 -9.55 -40.03
C LYS F 138 2.74 -8.06 -39.99
N LEU F 139 4.02 -7.81 -39.76
CA LEU F 139 4.59 -6.53 -40.00
C LEU F 139 5.03 -6.48 -41.46
N VAL F 140 4.57 -5.50 -42.21
CA VAL F 140 4.79 -5.47 -43.62
C VAL F 140 5.79 -4.39 -43.97
N ASP F 141 6.71 -4.64 -44.91
CA ASP F 141 7.77 -3.69 -45.33
C ASP F 141 7.15 -2.66 -46.31
N THR F 142 7.04 -1.39 -45.92
CA THR F 142 6.36 -0.42 -46.78
C THR F 142 7.18 -0.19 -48.06
N MET F 143 8.48 -0.32 -47.98
CA MET F 143 9.28 -0.15 -49.22
C MET F 143 8.80 -1.11 -50.24
N ILE F 144 8.64 -2.36 -49.87
CA ILE F 144 8.30 -3.39 -50.82
C ILE F 144 6.85 -3.24 -51.29
N VAL F 145 5.93 -3.17 -50.34
CA VAL F 145 4.50 -3.12 -50.67
C VAL F 145 4.09 -1.82 -51.35
N ASP F 146 4.56 -0.68 -50.87
CA ASP F 146 4.21 0.62 -51.50
C ASP F 146 5.07 1.02 -52.70
N GLY F 147 6.27 0.45 -52.79
CA GLY F 147 7.25 0.86 -53.77
C GLY F 147 7.57 -0.15 -54.83
N LEU F 148 7.51 -1.47 -54.53
CA LEU F 148 8.19 -2.47 -55.34
C LEU F 148 7.38 -3.70 -55.74
N TRP F 149 6.11 -3.68 -55.39
CA TRP F 149 5.28 -4.87 -55.46
C TRP F 149 4.10 -4.62 -56.32
N ASP F 150 3.85 -5.47 -57.31
CA ASP F 150 2.68 -5.23 -58.18
C ASP F 150 1.37 -5.62 -57.52
N VAL F 151 0.46 -4.66 -57.44
CA VAL F 151 -0.83 -4.86 -56.84
C VAL F 151 -1.61 -5.99 -57.52
N TYR F 152 -1.63 -6.00 -58.82
CA TYR F 152 -2.62 -6.80 -59.57
C TYR F 152 -2.13 -8.26 -59.70
N ASN F 153 -0.83 -8.43 -59.79
CA ASN F 153 -0.26 -9.73 -59.96
C ASN F 153 0.37 -10.24 -58.72
N GLN F 154 0.53 -9.38 -57.72
CA GLN F 154 1.18 -9.80 -56.48
C GLN F 154 2.55 -10.47 -56.67
N TYR F 155 3.43 -9.74 -57.29
CA TYR F 155 4.80 -10.12 -57.36
C TYR F 155 5.68 -8.92 -57.54
N HIS F 156 6.99 -9.13 -57.37
CA HIS F 156 7.95 -8.05 -57.40
C HIS F 156 8.09 -7.43 -58.80
N MET F 157 8.47 -6.16 -58.84
CA MET F 157 8.87 -5.53 -60.09
C MET F 157 9.85 -6.39 -60.88
N GLY F 158 10.75 -7.11 -60.19
CA GLY F 158 11.70 -8.01 -60.84
C GLY F 158 11.02 -9.06 -61.74
N ILE F 159 9.84 -9.52 -61.35
CA ILE F 159 9.16 -10.48 -62.16
C ILE F 159 8.66 -9.80 -63.43
N THR F 160 8.20 -8.54 -63.38
CA THR F 160 7.82 -7.83 -64.62
C THR F 160 9.01 -7.69 -65.58
N ALA F 161 10.20 -7.53 -65.02
CA ALA F 161 11.44 -7.55 -65.81
C ALA F 161 11.65 -8.92 -66.51
N GLU F 162 11.42 -10.02 -65.80
CA GLU F 162 11.55 -11.36 -66.37
C GLU F 162 10.53 -11.53 -67.49
N ASN F 163 9.31 -11.04 -67.28
CA ASN F 163 8.31 -11.00 -68.34
C ASN F 163 8.76 -10.33 -69.62
N VAL F 164 9.28 -9.12 -69.48
CA VAL F 164 9.85 -8.37 -70.60
C VAL F 164 11.06 -9.14 -71.19
N ALA F 165 11.93 -9.70 -70.39
CA ALA F 165 13.10 -10.44 -70.94
C ALA F 165 12.61 -11.57 -71.92
N LYS F 166 11.63 -12.34 -71.48
CA LYS F 166 11.12 -13.43 -72.27
C LYS F 166 10.41 -12.94 -73.49
N GLU F 167 9.53 -11.99 -73.30
CA GLU F 167 8.74 -11.54 -74.40
C GLU F 167 9.55 -10.90 -75.52
N TYR F 168 10.67 -10.24 -75.19
CA TYR F 168 11.46 -9.54 -76.19
C TYR F 168 12.80 -10.22 -76.43
N GLY F 169 13.01 -11.41 -75.90
CA GLY F 169 14.26 -12.18 -76.15
C GLY F 169 15.51 -11.50 -75.63
N ILE F 170 15.45 -10.95 -74.40
CA ILE F 170 16.61 -10.24 -73.83
C ILE F 170 17.33 -11.18 -72.97
N THR F 171 18.54 -11.60 -73.41
CA THR F 171 19.25 -12.65 -72.73
C THR F 171 19.91 -12.20 -71.44
N ARG F 172 20.17 -13.18 -70.61
CA ARG F 172 21.02 -13.01 -69.43
C ARG F 172 22.33 -12.34 -69.81
N GLU F 173 22.89 -12.75 -70.95
CA GLU F 173 24.20 -12.19 -71.39
C GLU F 173 24.09 -10.77 -71.84
N ALA F 174 23.08 -10.44 -72.61
CA ALA F 174 22.81 -9.09 -73.06
C ALA F 174 22.61 -8.13 -71.85
N GLN F 175 21.86 -8.60 -70.86
CA GLN F 175 21.63 -7.85 -69.59
C GLN F 175 22.92 -7.64 -68.76
N ASP F 176 23.75 -8.65 -68.60
CA ASP F 176 25.01 -8.43 -67.90
C ASP F 176 25.94 -7.47 -68.65
N GLU F 177 25.93 -7.56 -69.99
CA GLU F 177 26.76 -6.69 -70.77
C GLU F 177 26.30 -5.24 -70.67
N PHE F 178 24.99 -4.98 -70.79
CA PHE F 178 24.46 -3.65 -70.59
C PHE F 178 24.82 -3.06 -69.21
N ALA F 179 24.66 -3.89 -68.22
CA ALA F 179 24.96 -3.55 -66.86
C ALA F 179 26.46 -3.21 -66.62
N VAL F 180 27.34 -4.01 -67.22
CA VAL F 180 28.76 -3.67 -67.15
C VAL F 180 28.99 -2.32 -67.83
N GLY F 181 28.35 -2.08 -68.98
CA GLY F 181 28.40 -0.81 -69.67
C GLY F 181 28.02 0.44 -68.85
N SER F 182 26.98 0.28 -68.03
CA SER F 182 26.43 1.42 -67.26
C SER F 182 27.41 1.75 -66.14
N GLN F 183 27.88 0.72 -65.45
CA GLN F 183 28.87 0.87 -64.40
C GLN F 183 30.17 1.51 -64.93
N ASN F 184 30.58 1.10 -66.12
CA ASN F 184 31.85 1.58 -66.72
C ASN F 184 31.68 3.03 -67.15
N LYS F 185 30.52 3.38 -67.74
CA LYS F 185 30.26 4.73 -68.09
C LYS F 185 30.18 5.64 -66.86
N ALA F 186 29.60 5.14 -65.78
CA ALA F 186 29.44 5.97 -64.55
C ALA F 186 30.78 6.20 -63.89
N GLU F 187 31.57 5.13 -63.81
CA GLU F 187 32.97 5.21 -63.34
C GLU F 187 33.75 6.34 -64.09
N ALA F 188 33.71 6.32 -65.40
CA ALA F 188 34.43 7.32 -66.19
C ALA F 188 33.92 8.74 -65.89
N ALA F 189 32.61 8.93 -65.82
CA ALA F 189 32.03 10.22 -65.48
C ALA F 189 32.45 10.68 -64.08
N GLN F 190 32.62 9.76 -63.14
CA GLN F 190 33.04 10.13 -61.80
C GLN F 190 34.50 10.61 -61.87
N LYS F 191 35.36 9.87 -62.56
CA LYS F 191 36.76 10.26 -62.68
C LYS F 191 36.93 11.56 -63.43
N ALA F 192 36.11 11.78 -64.43
CA ALA F 192 36.14 13.00 -65.18
C ALA F 192 35.55 14.19 -64.45
N GLY F 193 34.78 14.00 -63.38
CA GLY F 193 34.10 15.15 -62.77
C GLY F 193 32.88 15.70 -63.50
N LYS F 194 32.32 14.88 -64.41
CA LYS F 194 31.10 15.27 -65.15
C LYS F 194 29.86 15.60 -64.29
N PHE F 195 29.79 14.99 -63.12
CA PHE F 195 28.66 15.24 -62.18
C PHE F 195 28.95 16.38 -61.19
N ASP F 196 30.09 17.02 -61.31
CA ASP F 196 30.48 17.99 -60.30
C ASP F 196 29.49 19.14 -60.26
N GLU F 197 29.10 19.61 -61.42
CA GLU F 197 28.25 20.72 -61.49
C GLU F 197 26.80 20.41 -61.06
N GLU F 198 26.25 19.24 -61.42
CA GLU F 198 24.85 19.01 -61.06
C GLU F 198 24.61 18.64 -59.58
N ILE F 199 25.56 18.00 -58.94
CA ILE F 199 25.36 17.46 -57.60
C ILE F 199 25.46 18.56 -56.54
N VAL F 200 24.50 18.61 -55.58
CA VAL F 200 24.65 19.55 -54.49
C VAL F 200 24.99 18.77 -53.22
N PRO F 201 25.99 19.25 -52.48
CA PRO F 201 26.42 18.42 -51.35
C PRO F 201 25.33 18.39 -50.29
N VAL F 202 25.26 17.30 -49.56
CA VAL F 202 24.48 17.20 -48.35
C VAL F 202 25.48 16.98 -47.21
N LEU F 203 25.40 17.79 -46.17
CA LEU F 203 26.24 17.62 -44.96
C LEU F 203 25.78 16.50 -43.99
N ILE F 204 26.61 15.50 -43.77
CA ILE F 204 26.24 14.38 -42.93
C ILE F 204 26.83 14.56 -41.52
N PRO F 205 25.99 14.84 -40.53
CA PRO F 205 26.56 15.05 -39.17
C PRO F 205 27.38 13.86 -38.75
N GLN F 206 28.51 14.07 -38.06
CA GLN F 206 29.46 12.98 -37.80
C GLN F 206 29.55 12.38 -36.36
N ARG F 207 28.94 13.02 -35.37
CA ARG F 207 29.07 12.56 -33.98
C ARG F 207 30.51 12.76 -33.52
N LYS F 208 31.46 12.01 -34.09
CA LYS F 208 32.88 12.32 -33.90
C LYS F 208 33.46 13.12 -35.09
N GLY F 209 33.47 14.45 -34.99
CA GLY F 209 34.10 15.33 -36.01
C GLY F 209 33.19 16.48 -36.45
N ASP F 210 33.57 17.21 -37.49
CA ASP F 210 32.63 18.13 -38.18
C ASP F 210 31.75 17.30 -39.15
N PRO F 211 30.63 17.88 -39.63
CA PRO F 211 29.81 17.17 -40.65
C PRO F 211 30.54 17.02 -41.99
N VAL F 212 30.47 15.83 -42.62
CA VAL F 212 31.11 15.55 -43.93
C VAL F 212 30.17 15.80 -45.11
N ALA F 213 30.71 16.34 -46.17
CA ALA F 213 29.98 16.67 -47.37
C ALA F 213 29.76 15.34 -48.10
N PHE F 214 28.51 14.90 -48.26
CA PHE F 214 28.25 13.75 -49.14
C PHE F 214 27.93 14.29 -50.54
N LYS F 215 28.75 13.88 -51.50
CA LYS F 215 28.62 14.46 -52.83
C LYS F 215 29.12 13.55 -53.96
N THR F 216 29.10 12.27 -53.73
CA THR F 216 29.48 11.33 -54.74
C THR F 216 28.48 10.21 -54.81
N ASP F 217 28.22 9.74 -56.04
CA ASP F 217 27.29 8.64 -56.29
C ASP F 217 27.86 7.35 -55.81
N GLU F 218 27.64 7.07 -54.53
CA GLU F 218 28.40 6.08 -53.83
C GLU F 218 27.95 4.70 -54.19
N PHE F 219 26.86 4.51 -54.92
CA PHE F 219 26.46 3.12 -55.33
C PHE F 219 27.32 2.58 -56.52
N VAL F 220 27.88 3.49 -57.31
CA VAL F 220 28.63 3.14 -58.55
C VAL F 220 29.74 2.18 -58.20
N ARG F 221 29.87 1.10 -58.96
CA ARG F 221 30.91 0.15 -58.67
C ARG F 221 31.99 0.37 -59.75
N GLN F 222 33.14 0.91 -59.33
CA GLN F 222 34.32 1.11 -60.19
C GLN F 222 34.99 -0.23 -60.46
N GLY F 223 35.59 -0.37 -61.64
CA GLY F 223 36.26 -1.63 -62.02
C GLY F 223 35.32 -2.81 -62.27
N ALA F 224 34.09 -2.53 -62.67
CA ALA F 224 33.14 -3.58 -62.87
C ALA F 224 33.47 -4.35 -64.14
N THR F 225 33.45 -5.68 -64.06
CA THR F 225 33.73 -6.54 -65.22
C THR F 225 32.60 -7.51 -65.46
N LEU F 226 32.47 -7.94 -66.70
CA LEU F 226 31.51 -8.97 -67.06
C LEU F 226 31.62 -10.16 -66.16
N ASP F 227 32.84 -10.59 -65.89
CA ASP F 227 33.09 -11.70 -64.96
C ASP F 227 32.52 -11.56 -63.54
N SER F 228 32.44 -10.36 -62.99
CA SER F 228 31.85 -10.17 -61.67
C SER F 228 30.31 -10.36 -61.67
N MET F 229 29.68 -10.41 -62.84
CA MET F 229 28.23 -10.50 -62.92
C MET F 229 27.70 -11.83 -63.44
N SER F 230 28.49 -12.49 -64.31
CA SER F 230 27.97 -13.49 -65.16
C SER F 230 27.71 -14.78 -64.43
N GLY F 231 28.17 -14.93 -63.18
CA GLY F 231 27.91 -16.14 -62.40
C GLY F 231 26.90 -15.96 -61.26
N LEU F 232 26.30 -14.77 -61.14
CA LEU F 232 25.38 -14.50 -60.03
C LEU F 232 24.08 -15.29 -60.18
N LYS F 233 23.54 -15.66 -59.02
CA LYS F 233 22.23 -16.25 -58.80
C LYS F 233 21.16 -15.21 -59.26
N PRO F 234 20.13 -15.62 -60.04
CA PRO F 234 18.98 -14.72 -60.33
C PRO F 234 18.24 -14.32 -59.07
N ALA F 235 17.76 -13.09 -59.05
CA ALA F 235 17.36 -12.56 -57.78
C ALA F 235 15.87 -12.75 -57.56
N PHE F 236 15.10 -12.97 -58.61
CA PHE F 236 13.66 -12.98 -58.45
C PHE F 236 12.98 -14.28 -58.81
N ASP F 237 13.52 -14.99 -59.77
CA ASP F 237 12.96 -16.21 -60.20
C ASP F 237 14.14 -17.14 -60.43
N LYS F 238 13.96 -18.40 -60.04
CA LYS F 238 14.97 -19.44 -60.12
C LYS F 238 15.32 -19.75 -61.57
N ALA F 239 14.35 -19.74 -62.46
CA ALA F 239 14.60 -19.94 -63.88
C ALA F 239 14.91 -18.63 -64.60
N GLY F 240 15.25 -17.58 -63.84
CA GLY F 240 15.26 -16.21 -64.34
C GLY F 240 16.60 -15.66 -64.82
N THR F 241 16.55 -14.45 -65.35
CA THR F 241 17.69 -13.72 -65.94
C THR F 241 18.15 -12.50 -65.11
N VAL F 242 17.31 -12.01 -64.20
CA VAL F 242 17.57 -10.76 -63.50
C VAL F 242 18.32 -11.05 -62.21
N THR F 243 19.37 -10.27 -62.01
CA THR F 243 20.18 -10.42 -60.84
C THR F 243 20.30 -9.11 -60.15
N ALA F 244 20.96 -9.14 -59.01
CA ALA F 244 21.29 -7.91 -58.27
C ALA F 244 22.22 -7.00 -59.05
N ALA F 245 22.98 -7.55 -60.00
CA ALA F 245 23.92 -6.73 -60.75
C ALA F 245 23.39 -6.13 -62.01
N ASN F 246 22.35 -6.71 -62.59
CA ASN F 246 21.76 -6.17 -63.81
C ASN F 246 20.40 -5.50 -63.57
N ALA F 247 20.17 -5.14 -62.32
CA ALA F 247 19.02 -4.36 -61.88
C ALA F 247 19.60 -3.22 -61.03
N SER F 248 18.91 -2.06 -60.90
CA SER F 248 19.42 -1.06 -59.91
C SER F 248 19.11 -1.50 -58.54
N GLY F 249 19.32 -0.59 -57.62
CA GLY F 249 19.27 -0.97 -56.26
C GLY F 249 18.10 -0.25 -55.60
N LEU F 250 18.27 -0.16 -54.28
CA LEU F 250 17.34 0.53 -53.38
C LEU F 250 18.17 1.70 -52.91
N ASN F 251 17.68 2.91 -53.12
CA ASN F 251 18.51 4.08 -52.96
C ASN F 251 17.80 5.30 -52.42
N ASP F 252 18.60 6.29 -52.01
CA ASP F 252 18.14 7.56 -51.48
C ASP F 252 18.68 8.75 -52.27
N GLY F 253 17.84 9.77 -52.44
CA GLY F 253 18.18 10.99 -53.18
C GLY F 253 17.03 11.90 -53.48
N ALA F 254 17.35 13.12 -53.98
CA ALA F 254 16.38 14.06 -54.44
C ALA F 254 16.93 14.87 -55.64
N ALA F 255 16.04 15.46 -56.37
CA ALA F 255 16.31 16.32 -57.55
C ALA F 255 15.19 17.27 -57.76
N ALA F 256 15.49 18.45 -58.29
CA ALA F 256 14.49 19.46 -58.63
C ALA F 256 14.94 20.33 -59.77
N VAL F 257 13.98 20.87 -60.48
CA VAL F 257 14.22 21.88 -61.50
C VAL F 257 13.30 23.02 -61.22
N VAL F 258 13.67 24.17 -61.78
CA VAL F 258 12.80 25.32 -61.74
C VAL F 258 12.28 25.58 -63.14
N VAL F 259 10.98 25.78 -63.23
CA VAL F 259 10.22 25.82 -64.46
C VAL F 259 9.45 27.14 -64.48
N MET F 260 9.33 27.75 -65.66
CA MET F 260 8.53 29.00 -65.86
C MET F 260 8.33 29.26 -67.36
N SER F 261 7.47 30.20 -67.70
CA SER F 261 7.22 30.47 -69.13
C SER F 261 8.48 31.14 -69.70
N ALA F 262 8.67 30.98 -71.00
CA ALA F 262 9.79 31.67 -71.66
C ALA F 262 9.74 33.18 -71.44
N ALA F 263 8.56 33.75 -71.54
CA ALA F 263 8.31 35.20 -71.33
C ALA F 263 8.74 35.64 -69.97
N LYS F 264 8.44 34.81 -68.97
CA LYS F 264 8.81 35.10 -67.60
C LYS F 264 10.30 35.05 -67.38
N ALA F 265 10.97 34.03 -67.94
CA ALA F 265 12.41 33.95 -67.76
C ALA F 265 13.10 35.23 -68.42
N LYS F 266 12.53 35.69 -69.52
CA LYS F 266 13.04 36.91 -70.21
C LYS F 266 12.81 38.12 -69.30
N GLU F 267 11.57 38.36 -68.90
CA GLU F 267 11.33 39.41 -67.95
C GLU F 267 12.33 39.41 -66.79
N LEU F 268 12.73 38.25 -66.28
CA LEU F 268 13.62 38.25 -65.10
C LEU F 268 15.09 38.26 -65.44
N GLY F 269 15.39 38.24 -66.73
CA GLY F 269 16.78 38.23 -67.15
C GLY F 269 17.45 36.89 -67.05
N LEU F 270 16.72 35.78 -67.17
CA LEU F 270 17.28 34.50 -66.84
C LEU F 270 17.41 33.70 -68.09
N THR F 271 18.56 33.06 -68.22
CA THR F 271 18.84 32.23 -69.39
C THR F 271 18.40 30.79 -69.15
N PRO F 272 17.49 30.28 -69.96
CA PRO F 272 17.08 28.89 -69.68
C PRO F 272 18.15 27.86 -69.85
N LEU F 273 18.03 26.71 -69.18
CA LEU F 273 18.82 25.56 -69.59
C LEU F 273 18.22 24.95 -70.84
N ALA F 274 16.92 25.00 -71.00
CA ALA F 274 16.25 24.39 -72.16
C ALA F 274 14.82 24.73 -72.18
N THR F 275 14.19 24.52 -73.33
CA THR F 275 12.78 24.66 -73.47
C THR F 275 12.20 23.25 -73.38
N ILE F 276 11.11 23.11 -72.67
CA ILE F 276 10.33 21.89 -72.69
C ILE F 276 9.61 21.79 -74.02
N LYS F 277 10.05 20.84 -74.82
CA LYS F 277 9.46 20.66 -76.13
C LYS F 277 8.18 19.94 -76.10
N SER F 278 8.13 18.82 -75.38
CA SER F 278 6.87 18.11 -75.25
C SER F 278 7.02 17.09 -74.08
N TYR F 279 5.90 16.51 -73.73
CA TYR F 279 5.87 15.42 -72.74
C TYR F 279 4.59 14.56 -72.93
N ALA F 280 4.63 13.36 -72.38
CA ALA F 280 3.51 12.44 -72.44
C ALA F 280 3.58 11.39 -71.35
N ASN F 281 2.41 10.92 -70.94
CA ASN F 281 2.30 9.65 -70.18
C ASN F 281 1.82 8.50 -71.09
N ALA F 282 1.73 7.30 -70.52
CA ALA F 282 1.20 6.12 -71.24
C ALA F 282 0.96 5.03 -70.25
N GLY F 283 0.02 4.13 -70.58
CA GLY F 283 -0.21 2.95 -69.82
C GLY F 283 0.06 1.68 -70.59
N VAL F 284 0.56 0.67 -69.90
CA VAL F 284 0.72 -0.69 -70.45
C VAL F 284 0.23 -1.68 -69.43
N ASP F 285 0.31 -2.97 -69.76
CA ASP F 285 -0.06 -3.99 -68.75
C ASP F 285 0.91 -3.94 -67.56
N PRO F 286 0.39 -3.92 -66.32
CA PRO F 286 1.29 -4.09 -65.17
C PRO F 286 2.35 -5.18 -65.33
N LYS F 287 1.98 -6.29 -65.94
CA LYS F 287 2.95 -7.43 -66.09
C LYS F 287 4.24 -7.06 -66.82
N VAL F 288 4.13 -6.04 -67.67
CA VAL F 288 5.23 -5.55 -68.56
C VAL F 288 5.52 -4.05 -68.35
N MET F 289 5.51 -3.61 -67.09
CA MET F 289 5.53 -2.19 -66.78
C MET F 289 6.79 -1.56 -67.28
N GLY F 290 7.86 -2.31 -67.37
CA GLY F 290 9.11 -1.88 -67.95
C GLY F 290 9.10 -1.37 -69.40
N MET F 291 8.06 -1.71 -70.17
CA MET F 291 7.91 -1.19 -71.54
C MET F 291 7.24 0.17 -71.58
N GLY F 292 6.75 0.65 -70.43
CA GLY F 292 6.17 1.97 -70.38
C GLY F 292 6.86 3.10 -71.17
N PRO F 293 8.19 3.18 -71.17
CA PRO F 293 8.85 4.25 -71.92
C PRO F 293 8.61 4.23 -73.43
N VAL F 294 8.24 3.07 -73.96
CA VAL F 294 7.98 2.97 -75.42
C VAL F 294 6.83 3.76 -75.88
N PRO F 295 5.61 3.44 -75.39
CA PRO F 295 4.56 4.33 -75.83
C PRO F 295 4.68 5.77 -75.29
N ALA F 296 5.25 5.97 -74.11
CA ALA F 296 5.37 7.38 -73.60
C ALA F 296 6.32 8.19 -74.50
N SER F 297 7.44 7.60 -74.86
CA SER F 297 8.44 8.28 -75.68
C SER F 297 7.91 8.47 -77.12
N LYS F 298 7.26 7.46 -77.68
CA LYS F 298 6.61 7.67 -79.03
C LYS F 298 5.60 8.79 -79.02
N ARG F 299 4.78 8.85 -77.97
CA ARG F 299 3.80 9.93 -77.83
C ARG F 299 4.50 11.29 -77.66
N ALA F 300 5.56 11.34 -76.87
CA ALA F 300 6.23 12.61 -76.68
C ALA F 300 6.97 13.03 -77.99
N LEU F 301 7.61 12.08 -78.66
CA LEU F 301 8.26 12.42 -79.94
C LEU F 301 7.22 12.96 -80.96
N SER F 302 6.09 12.30 -81.00
CA SER F 302 5.00 12.69 -81.85
C SER F 302 4.50 14.09 -81.58
N ARG F 303 4.38 14.50 -80.32
CA ARG F 303 3.92 15.84 -80.01
C ARG F 303 5.01 16.87 -80.34
N ALA F 304 6.28 16.48 -80.24
CA ALA F 304 7.41 17.29 -80.62
C ALA F 304 7.59 17.39 -82.15
N GLU F 305 6.93 16.52 -82.91
CA GLU F 305 7.23 16.28 -84.31
C GLU F 305 8.69 15.98 -84.45
N TRP F 306 9.20 15.01 -83.69
CA TRP F 306 10.50 14.54 -83.88
C TRP F 306 10.44 13.07 -84.18
N THR F 307 11.53 12.52 -84.66
CA THR F 307 11.71 11.10 -84.80
C THR F 307 12.74 10.72 -83.77
N PRO F 308 12.82 9.43 -83.43
CA PRO F 308 13.92 8.99 -82.56
C PRO F 308 15.33 9.37 -83.04
N GLN F 309 15.48 9.44 -84.36
CA GLN F 309 16.75 9.78 -84.98
C GLN F 309 17.11 11.25 -84.74
N ASP F 310 16.12 12.12 -84.60
CA ASP F 310 16.35 13.55 -84.26
C ASP F 310 17.11 13.76 -82.94
N LEU F 311 17.02 12.82 -82.00
CA LEU F 311 17.58 13.04 -80.65
C LEU F 311 19.10 13.03 -80.61
N ASP F 312 19.66 14.00 -79.90
CA ASP F 312 21.05 14.07 -79.67
C ASP F 312 21.42 13.37 -78.43
N LEU F 313 20.50 13.24 -77.49
CA LEU F 313 20.87 12.73 -76.17
C LEU F 313 19.65 12.20 -75.40
N MET F 314 19.82 11.06 -74.73
CA MET F 314 18.71 10.51 -73.99
C MET F 314 19.13 10.00 -72.61
N GLU F 315 18.17 10.11 -71.70
CA GLU F 315 18.27 9.47 -70.40
C GLU F 315 17.05 8.56 -70.25
N ILE F 316 17.31 7.26 -70.31
CA ILE F 316 16.28 6.28 -70.14
C ILE F 316 16.60 5.46 -68.93
N ASN F 317 15.71 5.50 -67.94
CA ASN F 317 16.06 4.99 -66.62
C ASN F 317 16.22 3.49 -66.67
N GLU F 318 17.22 3.01 -65.96
CA GLU F 318 17.60 1.61 -65.99
C GLU F 318 17.10 0.87 -64.73
N ALA F 319 15.82 0.76 -64.51
CA ALA F 319 15.32 -0.02 -63.34
C ALA F 319 15.86 -1.46 -63.44
N PHE F 320 15.77 -2.00 -64.67
CA PHE F 320 16.27 -3.33 -64.96
C PHE F 320 16.87 -3.35 -66.36
N ALA F 321 18.05 -3.94 -66.52
CA ALA F 321 18.67 -4.01 -67.87
C ALA F 321 17.67 -4.68 -68.84
N ALA F 322 16.91 -5.63 -68.34
CA ALA F 322 15.97 -6.34 -69.18
C ALA F 322 15.05 -5.37 -69.83
N GLN F 323 14.44 -4.45 -69.07
CA GLN F 323 13.50 -3.53 -69.74
C GLN F 323 14.18 -2.41 -70.49
N ALA F 324 15.31 -1.90 -70.00
CA ALA F 324 16.05 -0.89 -70.74
C ALA F 324 16.42 -1.40 -72.17
N LEU F 325 16.96 -2.59 -72.26
CA LEU F 325 17.25 -3.23 -73.56
C LEU F 325 16.02 -3.38 -74.44
N ALA F 326 14.90 -3.89 -73.89
CA ALA F 326 13.67 -4.01 -74.67
C ALA F 326 13.15 -2.67 -75.18
N VAL F 327 13.23 -1.65 -74.30
CA VAL F 327 12.85 -0.32 -74.70
C VAL F 327 13.73 0.13 -75.89
N HIS F 328 15.04 -0.03 -75.77
CA HIS F 328 15.90 0.44 -76.88
C HIS F 328 15.59 -0.36 -78.20
N GLN F 329 15.41 -1.67 -78.09
CA GLN F 329 15.06 -2.54 -79.25
C GLN F 329 13.81 -2.06 -79.92
N GLN F 330 12.83 -1.57 -79.16
CA GLN F 330 11.57 -1.16 -79.76
C GLN F 330 11.63 0.22 -80.33
N MET F 331 12.40 1.13 -79.68
CA MET F 331 12.47 2.49 -80.19
C MET F 331 13.41 2.65 -81.41
N GLY F 332 14.49 1.88 -81.46
CA GLY F 332 15.38 1.92 -82.64
C GLY F 332 16.40 3.02 -82.61
N TRP F 333 16.49 3.72 -81.47
CA TRP F 333 17.39 4.86 -81.37
C TRP F 333 18.83 4.47 -81.04
N ASP F 334 19.71 5.44 -81.19
CA ASP F 334 21.13 5.22 -81.00
C ASP F 334 21.54 5.07 -79.53
N THR F 335 21.85 3.86 -79.10
CA THR F 335 22.14 3.59 -77.70
C THR F 335 23.50 4.15 -77.22
N SER F 336 24.35 4.59 -78.15
CA SER F 336 25.60 5.23 -77.72
C SER F 336 25.26 6.67 -77.30
N LYS F 337 24.06 7.16 -77.63
CA LYS F 337 23.59 8.49 -77.15
C LYS F 337 22.70 8.46 -75.84
N VAL F 338 22.60 7.26 -75.27
CA VAL F 338 21.70 7.01 -74.12
C VAL F 338 22.54 6.81 -72.88
N ASN F 339 22.19 7.56 -71.83
CA ASN F 339 22.84 7.39 -70.53
C ASN F 339 24.36 7.44 -70.65
N VAL F 340 24.84 8.46 -71.36
CA VAL F 340 26.31 8.54 -71.67
C VAL F 340 27.22 8.61 -70.44
N ASN F 341 26.68 9.16 -69.32
CA ASN F 341 27.39 9.16 -68.05
C ASN F 341 27.03 8.05 -67.08
N GLY F 342 26.41 6.97 -67.58
CA GLY F 342 26.03 5.90 -66.74
C GLY F 342 24.53 6.02 -66.38
N GLY F 343 23.94 4.92 -65.95
CA GLY F 343 22.54 4.94 -65.52
C GLY F 343 22.30 4.33 -64.15
N ALA F 344 21.02 4.20 -63.79
CA ALA F 344 20.57 3.69 -62.46
C ALA F 344 21.21 2.42 -62.02
N ILE F 345 21.59 1.52 -62.94
CA ILE F 345 22.19 0.28 -62.48
C ILE F 345 23.43 0.55 -61.60
N ALA F 346 24.16 1.56 -62.04
CA ALA F 346 25.35 2.15 -61.42
C ALA F 346 25.00 3.19 -60.40
N ILE F 347 24.16 4.13 -60.79
CA ILE F 347 23.92 5.35 -60.01
C ILE F 347 22.91 5.15 -58.86
N GLY F 348 21.99 4.21 -59.06
CA GLY F 348 20.95 3.95 -58.08
C GLY F 348 19.59 4.52 -58.50
N HIS F 349 18.53 4.04 -57.83
CA HIS F 349 17.15 4.33 -58.21
C HIS F 349 16.23 4.67 -57.02
N PRO F 350 16.35 5.92 -56.52
CA PRO F 350 15.53 6.40 -55.44
C PRO F 350 14.21 6.75 -56.06
N ILE F 351 13.25 5.85 -55.93
CA ILE F 351 12.11 5.81 -56.84
C ILE F 351 11.39 7.11 -57.09
N GLY F 352 11.03 7.86 -56.05
CA GLY F 352 10.26 9.05 -56.30
C GLY F 352 11.04 10.21 -56.89
N ALA F 353 12.37 10.11 -56.80
CA ALA F 353 13.27 11.13 -57.30
C ALA F 353 13.85 10.85 -58.67
N SER F 354 13.96 9.57 -59.03
CA SER F 354 14.63 9.20 -60.26
C SER F 354 14.15 9.92 -61.51
N GLY F 355 12.87 10.23 -61.64
CA GLY F 355 12.43 10.85 -62.88
C GLY F 355 12.95 12.29 -63.02
N CYS F 356 13.21 12.96 -61.90
CA CYS F 356 13.85 14.28 -62.00
C CYS F 356 15.36 14.16 -62.01
N ARG F 357 15.89 13.17 -61.29
CA ARG F 357 17.31 12.92 -61.27
C ARG F 357 17.86 12.77 -62.72
N ILE F 358 17.22 11.92 -63.51
CA ILE F 358 17.69 11.69 -64.87
C ILE F 358 17.52 12.94 -65.71
N LEU F 359 16.51 13.74 -65.45
CA LEU F 359 16.37 14.96 -66.15
C LEU F 359 17.54 15.96 -65.85
N VAL F 360 17.90 16.12 -64.59
CA VAL F 360 19.04 16.88 -64.14
C VAL F 360 20.34 16.41 -64.85
N THR F 361 20.55 15.12 -64.89
CA THR F 361 21.71 14.55 -65.58
C THR F 361 21.74 14.83 -67.06
N LEU F 362 20.57 14.72 -67.70
CA LEU F 362 20.35 15.00 -69.11
C LEU F 362 20.69 16.44 -69.47
N LEU F 363 20.10 17.37 -68.74
CA LEU F 363 20.30 18.77 -68.98
C LEU F 363 21.73 19.18 -68.82
N HIS F 364 22.44 18.71 -67.81
CA HIS F 364 23.84 19.12 -67.64
C HIS F 364 24.75 18.55 -68.78
N GLU F 365 24.52 17.31 -69.15
CA GLU F 365 25.30 16.74 -70.23
C GLU F 365 24.95 17.37 -71.56
N MET F 366 23.70 17.74 -71.81
CA MET F 366 23.33 18.40 -73.03
C MET F 366 24.12 19.73 -73.21
N LYS F 367 24.30 20.45 -72.10
CA LYS F 367 25.01 21.74 -72.12
C LYS F 367 26.48 21.48 -72.38
N ARG F 368 27.10 20.58 -71.62
CA ARG F 368 28.48 20.21 -71.85
C ARG F 368 28.83 19.90 -73.30
N ARG F 369 27.99 19.14 -73.99
CA ARG F 369 28.36 18.66 -75.32
C ARG F 369 27.66 19.42 -76.42
N ASP F 370 26.85 20.41 -76.05
CA ASP F 370 26.03 21.25 -76.94
C ASP F 370 25.04 20.48 -77.77
N ALA F 371 24.46 19.45 -77.15
CA ALA F 371 23.41 18.68 -77.82
C ALA F 371 22.20 19.55 -77.90
N LYS F 372 21.37 19.34 -78.91
CA LYS F 372 20.20 20.21 -79.06
C LYS F 372 18.87 19.56 -78.72
N LYS F 373 18.76 18.25 -78.92
CA LYS F 373 17.48 17.60 -78.73
C LYS F 373 17.65 16.46 -77.75
N GLY F 374 16.80 16.48 -76.74
CA GLY F 374 16.99 15.46 -75.67
C GLY F 374 15.66 14.94 -75.18
N LEU F 375 15.75 13.83 -74.45
CA LEU F 375 14.57 13.15 -73.95
C LEU F 375 14.92 12.31 -72.76
N ALA F 376 14.02 12.36 -71.81
CA ALA F 376 14.13 11.59 -70.60
C ALA F 376 12.84 10.77 -70.49
N SER F 377 13.01 9.51 -70.06
CA SER F 377 11.87 8.63 -69.90
C SER F 377 12.15 7.53 -68.88
N LEU F 378 11.11 7.10 -68.17
CA LEU F 378 11.24 5.97 -67.27
C LEU F 378 9.96 5.17 -67.23
N CYS F 379 10.14 3.92 -66.86
CA CYS F 379 9.03 3.02 -66.51
C CYS F 379 8.48 3.21 -65.08
N ILE F 380 7.27 2.71 -64.89
CA ILE F 380 6.45 2.96 -63.69
C ILE F 380 5.73 1.68 -63.30
N GLY F 381 5.98 1.27 -62.07
CA GLY F 381 5.25 0.16 -61.44
C GLY F 381 3.76 0.27 -61.54
N GLY F 382 3.08 -0.83 -61.84
CA GLY F 382 1.67 -0.75 -62.16
C GLY F 382 1.31 -0.52 -63.63
N GLY F 383 2.31 -0.34 -64.48
CA GLY F 383 2.16 -0.33 -65.94
C GLY F 383 2.01 1.03 -66.55
N MET F 384 3.00 1.88 -66.32
CA MET F 384 2.95 3.18 -66.94
C MET F 384 4.31 3.62 -67.44
N GLY F 385 4.32 4.71 -68.18
CA GLY F 385 5.56 5.38 -68.59
C GLY F 385 5.30 6.88 -68.65
N VAL F 386 6.36 7.62 -68.49
CA VAL F 386 6.36 9.07 -68.73
C VAL F 386 7.61 9.40 -69.55
N ALA F 387 7.47 10.41 -70.38
CA ALA F 387 8.55 10.92 -71.22
C ALA F 387 8.42 12.43 -71.33
N LEU F 388 9.57 13.10 -71.34
CA LEU F 388 9.68 14.54 -71.53
C LEU F 388 10.88 14.84 -72.44
N ALA F 389 10.57 15.61 -73.48
CA ALA F 389 11.55 16.02 -74.50
C ALA F 389 11.96 17.52 -74.24
N VAL F 390 13.25 17.81 -74.36
CA VAL F 390 13.72 19.19 -74.23
C VAL F 390 14.56 19.59 -75.47
N GLU F 391 14.68 20.89 -75.67
CA GLU F 391 15.38 21.50 -76.83
C GLU F 391 16.19 22.71 -76.36
N ARG F 392 17.49 22.73 -76.68
CA ARG F 392 18.37 23.88 -76.49
C ARG F 392 18.61 24.55 -77.83
N LYS F 393 18.69 25.88 -77.81
CA LYS F 393 18.85 26.70 -79.03
C LYS F 393 20.17 26.38 -79.76
N MET G 1 0.39 -30.12 75.61
CA MET G 1 -0.62 -29.42 74.73
C MET G 1 -1.57 -30.44 74.15
N THR G 2 -2.86 -30.15 74.21
CA THR G 2 -3.83 -31.14 73.77
C THR G 2 -3.80 -31.22 72.26
N ASP G 3 -4.61 -32.15 71.79
CA ASP G 3 -5.09 -32.25 70.45
C ASP G 3 -5.84 -31.00 70.08
N VAL G 4 -5.74 -30.66 68.80
CA VAL G 4 -6.55 -29.61 68.21
C VAL G 4 -7.63 -30.25 67.38
N VAL G 5 -8.82 -29.74 67.44
CA VAL G 5 -9.92 -30.28 66.63
C VAL G 5 -10.59 -29.25 65.73
N ILE G 6 -11.22 -29.74 64.69
CA ILE G 6 -12.01 -28.94 63.81
C ILE G 6 -13.44 -29.26 64.19
N VAL G 7 -14.15 -28.22 64.64
CA VAL G 7 -15.54 -28.31 65.05
C VAL G 7 -16.55 -28.11 63.94
N SER G 8 -16.23 -27.42 62.85
CA SER G 8 -17.19 -27.18 61.85
C SER G 8 -16.41 -26.73 60.59
N ALA G 9 -17.08 -26.73 59.45
CA ALA G 9 -16.51 -26.56 58.10
C ALA G 9 -17.60 -26.08 57.16
N ALA G 10 -17.32 -25.02 56.40
CA ALA G 10 -18.31 -24.41 55.53
C ALA G 10 -17.63 -23.80 54.30
N ARG G 11 -18.24 -23.84 53.15
CA ARG G 11 -17.70 -23.22 51.97
C ARG G 11 -18.81 -22.67 51.15
N THR G 12 -18.51 -21.67 50.30
CA THR G 12 -19.42 -21.25 49.32
C THR G 12 -19.29 -22.25 48.21
N ALA G 13 -20.28 -22.26 47.33
CA ALA G 13 -20.08 -22.78 46.05
C ALA G 13 -18.96 -22.01 45.34
N VAL G 14 -18.33 -22.65 44.38
CA VAL G 14 -17.30 -21.98 43.59
C VAL G 14 -17.84 -21.36 42.33
N GLY G 15 -17.56 -20.09 42.15
CA GLY G 15 -18.02 -19.38 41.00
C GLY G 15 -17.08 -19.44 39.83
N LYS G 16 -17.61 -19.36 38.63
CA LYS G 16 -16.79 -19.28 37.41
C LYS G 16 -16.26 -17.88 37.33
N PHE G 17 -15.18 -17.77 36.57
CA PHE G 17 -14.62 -16.47 36.21
C PHE G 17 -15.68 -15.59 35.53
N GLY G 18 -15.96 -14.44 36.13
CA GLY G 18 -16.96 -13.49 35.63
C GLY G 18 -18.35 -14.00 35.87
N GLY G 19 -18.47 -14.99 36.76
CA GLY G 19 -19.73 -15.70 37.04
C GLY G 19 -20.52 -15.19 38.22
N SER G 20 -21.13 -16.09 38.97
CA SER G 20 -22.14 -15.70 39.96
C SER G 20 -21.64 -14.89 41.13
N LEU G 21 -20.36 -15.02 41.46
CA LEU G 21 -19.77 -14.32 42.62
C LEU G 21 -18.92 -13.12 42.21
N ALA G 22 -18.82 -12.89 40.91
CA ALA G 22 -17.95 -11.89 40.36
C ALA G 22 -18.07 -10.53 40.98
N LYS G 23 -19.26 -10.13 41.39
CA LYS G 23 -19.43 -8.80 42.00
C LYS G 23 -19.44 -8.80 43.51
N ILE G 24 -19.09 -9.90 44.15
CA ILE G 24 -19.15 -9.97 45.60
C ILE G 24 -17.70 -9.88 46.05
N PRO G 25 -17.32 -8.79 46.73
CA PRO G 25 -15.88 -8.78 47.13
C PRO G 25 -15.47 -9.97 48.01
N ALA G 26 -14.21 -10.37 47.88
CA ALA G 26 -13.70 -11.53 48.62
C ALA G 26 -14.04 -11.52 50.13
N PRO G 27 -13.89 -10.37 50.82
CA PRO G 27 -14.18 -10.44 52.24
C PRO G 27 -15.66 -10.68 52.57
N GLU G 28 -16.52 -10.33 51.63
CA GLU G 28 -17.93 -10.65 51.80
C GLU G 28 -18.15 -12.18 51.61
N LEU G 29 -17.42 -12.81 50.68
CA LEU G 29 -17.43 -14.27 50.61
C LEU G 29 -16.93 -14.89 51.91
N GLY G 30 -15.83 -14.37 52.41
CA GLY G 30 -15.25 -14.76 53.66
C GLY G 30 -16.24 -14.67 54.81
N ALA G 31 -16.94 -13.57 54.86
CA ALA G 31 -17.99 -13.31 55.87
C ALA G 31 -19.07 -14.39 55.90
N VAL G 32 -19.48 -14.84 54.74
CA VAL G 32 -20.52 -15.86 54.61
C VAL G 32 -20.09 -17.14 55.29
N VAL G 33 -18.86 -17.55 55.02
CA VAL G 33 -18.35 -18.80 55.56
C VAL G 33 -17.94 -18.71 56.99
N ILE G 34 -17.46 -17.54 57.43
CA ILE G 34 -17.15 -17.32 58.81
C ILE G 34 -18.42 -17.42 59.68
N LYS G 35 -19.48 -16.72 59.24
CA LYS G 35 -20.68 -16.70 60.00
C LYS G 35 -21.29 -18.12 60.04
N ALA G 36 -21.42 -18.74 58.89
CA ALA G 36 -21.94 -20.13 58.81
C ALA G 36 -21.13 -21.13 59.61
N ALA G 37 -19.79 -21.01 59.56
CA ALA G 37 -19.01 -22.00 60.26
C ALA G 37 -19.19 -21.88 61.77
N LEU G 38 -19.31 -20.63 62.25
CA LEU G 38 -19.55 -20.44 63.66
C LEU G 38 -21.00 -20.94 64.05
N GLU G 39 -21.97 -20.74 63.16
CA GLU G 39 -23.32 -21.20 63.42
C GLU G 39 -23.33 -22.75 63.54
N ARG G 40 -22.64 -23.41 62.60
CA ARG G 40 -22.55 -24.86 62.60
C ARG G 40 -21.89 -25.34 63.76
N ALA G 41 -20.88 -24.62 64.23
CA ALA G 41 -20.15 -25.08 65.39
C ALA G 41 -20.86 -24.89 66.73
N GLY G 42 -21.69 -23.87 66.84
CA GLY G 42 -22.26 -23.51 68.13
C GLY G 42 -21.36 -22.60 68.92
N VAL G 43 -20.55 -21.81 68.23
CA VAL G 43 -19.69 -20.83 68.85
C VAL G 43 -20.20 -19.42 68.55
N LYS G 44 -20.39 -18.64 69.63
CA LYS G 44 -20.82 -17.29 69.53
C LYS G 44 -19.67 -16.44 68.98
N PRO G 45 -19.98 -15.44 68.18
CA PRO G 45 -18.94 -14.56 67.62
C PRO G 45 -17.98 -14.02 68.66
N GLU G 46 -18.45 -13.71 69.86
CA GLU G 46 -17.59 -13.12 70.84
C GLU G 46 -16.70 -14.07 71.56
N GLN G 47 -16.89 -15.37 71.38
CA GLN G 47 -15.99 -16.35 71.94
C GLN G 47 -14.76 -16.53 71.04
N VAL G 48 -14.76 -15.96 69.84
CA VAL G 48 -13.62 -16.17 68.92
C VAL G 48 -12.35 -15.44 69.39
N SER G 49 -11.21 -16.13 69.44
CA SER G 49 -9.94 -15.57 69.82
C SER G 49 -9.29 -14.85 68.60
N GLU G 50 -9.48 -15.34 67.41
CA GLU G 50 -8.81 -14.78 66.23
C GLU G 50 -9.42 -15.33 64.96
N VAL G 51 -9.46 -14.48 63.93
CA VAL G 51 -9.80 -14.93 62.56
C VAL G 51 -8.54 -14.89 61.68
N ILE G 52 -8.30 -15.94 60.89
CA ILE G 52 -7.19 -15.98 59.99
C ILE G 52 -7.68 -16.39 58.64
N MET G 53 -7.57 -15.49 57.67
CA MET G 53 -8.02 -15.74 56.31
C MET G 53 -6.94 -15.52 55.29
N GLY G 54 -6.77 -16.50 54.41
CA GLY G 54 -6.00 -16.34 53.23
C GLY G 54 -6.68 -15.49 52.17
N GLN G 55 -5.93 -14.59 51.53
CA GLN G 55 -6.39 -13.95 50.33
C GLN G 55 -5.17 -13.53 49.54
N VAL G 56 -5.07 -13.92 48.28
CA VAL G 56 -3.85 -13.66 47.51
C VAL G 56 -3.90 -12.26 46.86
N LEU G 57 -5.04 -11.98 46.25
CA LEU G 57 -5.17 -10.82 45.37
C LEU G 57 -5.90 -9.72 46.18
N THR G 58 -5.14 -8.72 46.66
CA THR G 58 -5.61 -7.74 47.62
C THR G 58 -5.48 -6.29 47.14
N ALA G 59 -5.21 -6.10 45.86
CA ALA G 59 -4.91 -4.77 45.33
C ALA G 59 -6.16 -3.94 45.33
N GLY G 60 -6.18 -2.86 46.09
CA GLY G 60 -7.42 -2.09 46.28
C GLY G 60 -8.48 -2.73 47.12
N SER G 61 -8.18 -3.82 47.81
CA SER G 61 -9.18 -4.49 48.62
C SER G 61 -9.48 -3.76 49.94
N GLY G 62 -8.67 -2.77 50.32
CA GLY G 62 -8.81 -2.08 51.57
C GLY G 62 -8.06 -2.72 52.70
N GLN G 63 -7.98 -2.04 53.83
CA GLN G 63 -7.17 -2.58 54.96
C GLN G 63 -7.61 -4.00 55.42
N ASN G 64 -6.62 -4.92 55.48
CA ASN G 64 -6.71 -6.26 56.15
C ASN G 64 -8.02 -6.97 55.81
N PRO G 65 -8.15 -7.53 54.57
CA PRO G 65 -9.27 -8.32 54.14
C PRO G 65 -9.85 -9.32 55.16
N ALA G 66 -9.01 -10.02 55.91
CA ALA G 66 -9.49 -10.92 56.95
C ALA G 66 -10.33 -10.20 58.01
N ARG G 67 -9.89 -9.01 58.43
CA ARG G 67 -10.65 -8.21 59.39
C ARG G 67 -11.98 -7.77 58.81
N GLN G 68 -11.97 -7.37 57.54
CA GLN G 68 -13.18 -6.98 56.90
C GLN G 68 -14.18 -8.18 56.89
N ALA G 69 -13.70 -9.42 56.63
CA ALA G 69 -14.57 -10.61 56.60
C ALA G 69 -15.15 -10.85 57.97
N ALA G 70 -14.33 -10.66 58.98
CA ALA G 70 -14.72 -10.86 60.39
C ALA G 70 -15.84 -9.92 60.84
N ILE G 71 -15.69 -8.64 60.51
CA ILE G 71 -16.62 -7.59 60.90
C ILE G 71 -17.87 -7.78 60.12
N LYS G 72 -17.74 -8.04 58.83
CA LYS G 72 -18.93 -8.30 58.02
C LYS G 72 -19.66 -9.54 58.44
N ALA G 73 -18.97 -10.54 58.98
CA ALA G 73 -19.65 -11.74 59.49
C ALA G 73 -20.37 -11.47 60.84
N GLY G 74 -20.20 -10.28 61.42
CA GLY G 74 -20.85 -9.92 62.69
C GLY G 74 -20.01 -10.07 63.90
N LEU G 75 -18.71 -10.41 63.75
CA LEU G 75 -17.88 -10.51 64.90
C LEU G 75 -17.57 -9.14 65.51
N PRO G 76 -17.53 -9.07 66.81
CA PRO G 76 -17.24 -7.81 67.46
C PRO G 76 -15.83 -7.34 67.21
N ALA G 77 -15.63 -6.02 67.34
CA ALA G 77 -14.33 -5.37 67.15
C ALA G 77 -13.25 -5.95 68.03
N MET G 78 -13.62 -6.48 69.19
CA MET G 78 -12.65 -7.14 70.08
C MET G 78 -11.96 -8.40 69.52
N VAL G 79 -12.51 -9.01 68.51
CA VAL G 79 -11.89 -10.17 67.89
C VAL G 79 -10.84 -9.77 66.81
N PRO G 80 -9.56 -10.05 67.06
CA PRO G 80 -8.56 -9.71 66.05
C PRO G 80 -8.53 -10.62 64.86
N ALA G 81 -7.95 -10.10 63.76
CA ALA G 81 -7.86 -10.85 62.51
C ALA G 81 -6.62 -10.51 61.76
N MET G 82 -6.24 -11.44 60.92
CA MET G 82 -5.04 -11.35 60.11
C MET G 82 -5.24 -11.98 58.72
N THR G 83 -4.75 -11.31 57.70
CA THR G 83 -4.76 -11.85 56.33
C THR G 83 -3.41 -12.50 56.05
N ILE G 84 -3.39 -13.62 55.33
CA ILE G 84 -2.15 -14.24 54.97
C ILE G 84 -2.13 -14.57 53.48
N ASN G 85 -0.90 -14.70 52.98
CA ASN G 85 -0.65 -15.05 51.57
C ASN G 85 0.48 -16.09 51.52
N LYS G 86 0.13 -17.34 51.24
CA LYS G 86 1.07 -18.41 50.86
C LYS G 86 0.49 -18.94 49.50
N VAL G 87 0.14 -18.01 48.57
CA VAL G 87 -0.53 -18.27 47.23
C VAL G 87 -1.61 -19.33 47.40
N SER G 88 -1.62 -20.42 46.64
CA SER G 88 -2.69 -21.44 46.84
C SER G 88 -2.60 -22.22 48.13
N GLY G 89 -1.51 -22.07 48.87
CA GLY G 89 -1.39 -22.67 50.19
C GLY G 89 -2.22 -21.96 51.25
N SER G 90 -2.59 -20.70 50.98
CA SER G 90 -3.07 -19.77 52.00
C SER G 90 -4.23 -20.34 52.84
N GLY G 91 -5.21 -20.90 52.19
CA GLY G 91 -6.40 -21.34 52.93
C GLY G 91 -6.16 -22.53 53.83
N LEU G 92 -5.21 -23.41 53.45
CA LEU G 92 -4.88 -24.54 54.39
C LEU G 92 -3.88 -24.10 55.44
N LYS G 93 -2.90 -23.26 55.04
CA LYS G 93 -1.96 -22.67 55.99
C LYS G 93 -2.62 -21.89 57.12
N ALA G 94 -3.75 -21.23 56.86
CA ALA G 94 -4.44 -20.54 57.91
C ALA G 94 -4.84 -21.51 59.06
N VAL G 95 -5.32 -22.67 58.67
CA VAL G 95 -5.67 -23.76 59.63
C VAL G 95 -4.47 -24.23 60.40
N MET G 96 -3.32 -24.34 59.73
CA MET G 96 -2.05 -24.66 60.36
C MET G 96 -1.62 -23.63 61.36
N LEU G 97 -1.77 -22.35 61.00
CA LEU G 97 -1.46 -21.31 61.96
C LEU G 97 -2.43 -21.34 63.12
N ALA G 98 -3.73 -21.57 62.84
CA ALA G 98 -4.71 -21.68 63.92
C ALA G 98 -4.26 -22.80 64.91
N ALA G 99 -3.93 -23.96 64.37
CA ALA G 99 -3.47 -25.04 65.25
C ALA G 99 -2.22 -24.69 66.01
N ASN G 100 -1.19 -24.10 65.37
CA ASN G 100 -0.04 -23.68 66.12
C ASN G 100 -0.42 -22.74 67.26
N ALA G 101 -1.38 -21.84 67.03
CA ALA G 101 -1.68 -20.83 68.05
C ALA G 101 -2.37 -21.49 69.28
N ILE G 102 -3.25 -22.45 69.01
CA ILE G 102 -3.95 -23.18 70.10
C ILE G 102 -2.94 -24.01 70.87
N MET G 103 -2.08 -24.76 70.16
CA MET G 103 -1.03 -25.52 70.82
C MET G 103 -0.13 -24.66 71.68
N ALA G 104 0.19 -23.47 71.20
CA ALA G 104 1.01 -22.56 71.92
C ALA G 104 0.36 -21.90 73.12
N GLY G 105 -0.92 -21.99 73.26
CA GLY G 105 -1.60 -21.26 74.30
C GLY G 105 -1.99 -19.85 73.91
N ASP G 106 -1.82 -19.46 72.66
CA ASP G 106 -1.97 -18.08 72.31
C ASP G 106 -3.45 -17.77 72.12
N ALA G 107 -4.17 -18.71 71.52
CA ALA G 107 -5.57 -18.56 71.18
C ALA G 107 -6.32 -19.76 71.73
N GLU G 108 -7.65 -19.63 71.82
CA GLU G 108 -8.50 -20.75 72.21
C GLU G 108 -9.39 -21.15 71.10
N ILE G 109 -10.02 -20.20 70.45
CA ILE G 109 -10.88 -20.57 69.37
C ILE G 109 -10.55 -19.76 68.10
N VAL G 110 -10.33 -20.40 66.96
CA VAL G 110 -9.85 -19.67 65.76
C VAL G 110 -10.71 -20.00 64.59
N VAL G 111 -11.12 -19.00 63.82
CA VAL G 111 -11.75 -19.28 62.56
C VAL G 111 -10.67 -19.14 61.50
N ALA G 112 -10.52 -20.15 60.65
CA ALA G 112 -9.47 -20.18 59.68
C ALA G 112 -9.93 -20.65 58.36
N GLY G 113 -9.50 -19.93 57.31
CA GLY G 113 -9.78 -20.36 55.99
C GLY G 113 -9.18 -19.41 54.96
N GLY G 114 -9.91 -19.24 53.90
CA GLY G 114 -9.53 -18.33 52.83
C GLY G 114 -10.69 -17.88 51.98
N GLN G 115 -10.42 -16.85 51.17
CA GLN G 115 -11.41 -16.18 50.35
C GLN G 115 -10.67 -15.61 49.15
N GLU G 116 -11.32 -15.63 48.02
CA GLU G 116 -10.71 -15.10 46.82
C GLU G 116 -11.80 -14.78 45.82
N ASN G 117 -11.67 -13.59 45.20
CA ASN G 117 -12.43 -13.25 44.02
C ASN G 117 -11.44 -12.88 42.92
N MET G 118 -11.17 -13.82 42.04
CA MET G 118 -10.22 -13.60 40.97
C MET G 118 -10.84 -12.75 39.87
N SER G 119 -12.15 -12.91 39.64
CA SER G 119 -12.93 -12.11 38.70
C SER G 119 -12.70 -10.60 38.91
N ALA G 120 -12.71 -10.20 40.15
CA ALA G 120 -12.66 -8.82 40.50
C ALA G 120 -11.21 -8.27 40.63
N ALA G 121 -10.18 -9.08 40.52
CA ALA G 121 -8.82 -8.52 40.64
C ALA G 121 -8.60 -7.43 39.58
N PRO G 122 -8.15 -6.25 39.99
CA PRO G 122 -8.01 -5.14 39.03
C PRO G 122 -6.65 -5.13 38.32
N HIS G 123 -6.50 -4.23 37.37
CA HIS G 123 -5.20 -3.88 36.87
C HIS G 123 -4.56 -2.80 37.71
N VAL G 124 -3.24 -2.83 37.73
CA VAL G 124 -2.41 -1.89 38.44
C VAL G 124 -1.49 -1.17 37.44
N LEU G 125 -1.10 0.05 37.83
CA LEU G 125 -0.24 0.95 37.03
C LEU G 125 1.08 1.20 37.75
N PRO G 126 2.04 0.30 37.55
CA PRO G 126 3.25 0.48 38.30
C PRO G 126 3.94 1.76 37.94
N GLY G 127 4.51 2.43 38.93
CA GLY G 127 5.23 3.67 38.70
C GLY G 127 4.30 4.89 38.56
N SER G 128 3.02 4.69 38.79
CA SER G 128 2.00 5.78 38.66
C SER G 128 2.32 6.96 39.59
N ARG G 129 3.04 6.64 40.67
CA ARG G 129 3.32 7.63 41.67
C ARG G 129 4.36 8.61 41.17
N ASP G 130 5.31 8.13 40.38
CA ASP G 130 6.30 8.97 39.76
C ASP G 130 5.94 9.54 38.40
N GLY G 131 5.05 8.87 37.68
CA GLY G 131 4.63 9.34 36.37
C GLY G 131 5.53 8.86 35.29
N PHE G 132 5.13 9.14 34.05
CA PHE G 132 5.75 8.48 32.88
C PHE G 132 6.21 9.60 31.97
N ARG G 133 7.44 10.05 32.16
CA ARG G 133 7.93 11.35 31.63
C ARG G 133 7.92 11.34 30.09
N MET G 134 8.14 10.17 29.51
CA MET G 134 8.01 9.93 28.06
C MET G 134 7.89 8.43 27.78
N GLY G 135 7.04 8.04 26.84
CA GLY G 135 6.93 6.65 26.43
C GLY G 135 5.71 5.97 26.98
N ASP G 136 5.37 4.88 26.35
CA ASP G 136 4.23 4.10 26.72
C ASP G 136 4.38 3.53 28.13
N ALA G 137 3.27 3.32 28.82
CA ALA G 137 3.35 2.62 30.11
C ALA G 137 2.52 1.37 29.99
N LYS G 138 2.49 0.61 31.07
CA LYS G 138 1.88 -0.74 31.04
C LYS G 138 0.91 -0.85 32.22
N LEU G 139 -0.33 -1.20 31.93
CA LEU G 139 -1.26 -1.61 32.90
C LEU G 139 -1.11 -3.14 33.11
N VAL G 140 -0.89 -3.58 34.32
CA VAL G 140 -0.54 -4.93 34.58
C VAL G 140 -1.69 -5.63 35.28
N ASP G 141 -2.01 -6.86 34.89
CA ASP G 141 -3.14 -7.65 35.45
C ASP G 141 -2.68 -8.23 36.81
N THR G 142 -3.28 -7.80 37.91
CA THR G 142 -2.77 -8.22 39.22
C THR G 142 -3.09 -9.73 39.41
N MET G 143 -4.15 -10.22 38.82
CA MET G 143 -4.45 -11.69 38.96
C MET G 143 -3.27 -12.49 38.45
N ILE G 144 -2.73 -12.12 37.30
CA ILE G 144 -1.65 -12.86 36.68
C ILE G 144 -0.35 -12.63 37.45
N VAL G 145 0.05 -11.37 37.64
CA VAL G 145 1.34 -11.08 38.28
C VAL G 145 1.36 -11.51 39.75
N ASP G 146 0.32 -11.22 40.49
CA ASP G 146 0.29 -11.56 41.95
C ASP G 146 -0.16 -13.00 42.26
N GLY G 147 -0.86 -13.61 41.30
CA GLY G 147 -1.50 -14.90 41.49
C GLY G 147 -0.93 -16.03 40.71
N LEU G 148 -0.47 -15.79 39.48
CA LEU G 148 -0.28 -16.85 38.51
C LEU G 148 1.06 -16.92 37.79
N TRP G 149 1.96 -16.02 38.17
CA TRP G 149 3.18 -15.81 37.45
C TRP G 149 4.38 -16.07 38.33
N ASP G 150 5.28 -16.90 37.85
CA ASP G 150 6.49 -17.16 38.66
C ASP G 150 7.50 -16.03 38.64
N VAL G 151 7.82 -15.52 39.83
CA VAL G 151 8.74 -14.46 39.98
C VAL G 151 10.13 -14.78 39.39
N TYR G 152 10.63 -15.96 39.69
CA TYR G 152 12.08 -16.26 39.51
C TYR G 152 12.32 -16.62 38.04
N ASN G 153 11.36 -17.27 37.43
CA ASN G 153 11.50 -17.73 36.07
C ASN G 153 10.74 -16.88 35.09
N GLN G 154 9.85 -16.04 35.59
CA GLN G 154 9.04 -15.18 34.73
C GLN G 154 8.27 -15.93 33.63
N TYR G 155 7.48 -16.88 34.08
CA TYR G 155 6.51 -17.52 33.24
C TYR G 155 5.34 -18.02 34.06
N HIS G 156 4.29 -18.47 33.36
CA HIS G 156 3.04 -18.86 33.98
C HIS G 156 3.20 -20.15 34.79
N MET G 157 2.37 -20.29 35.82
CA MET G 157 2.20 -21.57 36.49
C MET G 157 2.02 -22.73 35.54
N GLY G 158 1.30 -22.53 34.42
CA GLY G 158 1.16 -23.54 33.38
C GLY G 158 2.50 -24.11 32.86
N ILE G 159 3.52 -23.26 32.81
CA ILE G 159 4.83 -23.73 32.38
C ILE G 159 5.44 -24.62 33.44
N THR G 160 5.28 -24.34 34.75
CA THR G 160 5.76 -25.28 35.76
C THR G 160 5.06 -26.66 35.62
N ALA G 161 3.81 -26.65 35.23
CA ALA G 161 3.07 -27.89 34.95
C ALA G 161 3.74 -28.68 33.78
N GLU G 162 4.12 -27.98 32.71
CA GLU G 162 4.82 -28.57 31.59
C GLU G 162 6.17 -29.15 32.04
N ASN G 163 6.91 -28.44 32.90
CA ASN G 163 8.10 -28.98 33.53
C ASN G 163 7.88 -30.30 34.21
N VAL G 164 6.87 -30.34 35.09
CA VAL G 164 6.51 -31.58 35.78
C VAL G 164 6.05 -32.67 34.77
N ALA G 165 5.26 -32.33 33.75
CA ALA G 165 4.82 -33.36 32.79
C ALA G 165 6.06 -34.05 32.13
N LYS G 166 7.06 -33.26 31.73
CA LYS G 166 8.25 -33.81 31.11
C LYS G 166 9.06 -34.58 32.06
N GLU G 167 9.26 -34.04 33.24
CA GLU G 167 10.17 -34.66 34.13
C GLU G 167 9.66 -36.00 34.61
N TYR G 168 8.34 -36.14 34.76
CA TYR G 168 7.76 -37.36 35.34
C TYR G 168 6.99 -38.18 34.30
N GLY G 169 7.09 -37.80 33.03
CA GLY G 169 6.50 -38.55 31.90
C GLY G 169 4.99 -38.59 31.91
N ILE G 170 4.34 -37.45 32.14
CA ILE G 170 2.89 -37.43 32.26
C ILE G 170 2.40 -37.00 30.95
N THR G 171 1.74 -37.92 30.22
CA THR G 171 1.35 -37.63 28.87
C THR G 171 0.15 -36.74 28.77
N ARG G 172 0.03 -36.12 27.63
CA ARG G 172 -1.19 -35.46 27.19
C ARG G 172 -2.42 -36.31 27.39
N GLU G 173 -2.30 -37.59 26.99
CA GLU G 173 -3.42 -38.56 27.15
C GLU G 173 -3.76 -38.84 28.60
N ALA G 174 -2.77 -39.05 29.44
CA ALA G 174 -2.99 -39.32 30.85
C ALA G 174 -3.68 -38.13 31.59
N GLN G 175 -3.23 -36.92 31.24
CA GLN G 175 -3.86 -35.66 31.73
C GLN G 175 -5.32 -35.46 31.25
N ASP G 176 -5.64 -35.73 30.00
CA ASP G 176 -7.04 -35.61 29.59
C ASP G 176 -7.95 -36.65 30.26
N GLU G 177 -7.42 -37.85 30.42
CA GLU G 177 -8.12 -38.90 31.11
C GLU G 177 -8.40 -38.52 32.56
N PHE G 178 -7.36 -38.05 33.29
CA PHE G 178 -7.55 -37.62 34.66
C PHE G 178 -8.60 -36.50 34.74
N ALA G 179 -8.53 -35.59 33.81
CA ALA G 179 -9.40 -34.45 33.78
C ALA G 179 -10.88 -34.85 33.51
N VAL G 180 -11.08 -35.78 32.55
CA VAL G 180 -12.40 -36.30 32.34
C VAL G 180 -12.91 -36.98 33.61
N GLY G 181 -12.06 -37.75 34.29
CA GLY G 181 -12.37 -38.34 35.59
C GLY G 181 -12.88 -37.37 36.67
N SER G 182 -12.26 -36.20 36.70
CA SER G 182 -12.57 -35.22 37.77
C SER G 182 -13.92 -34.61 37.48
N GLN G 183 -14.13 -34.22 36.21
CA GLN G 183 -15.42 -33.70 35.78
C GLN G 183 -16.55 -34.74 36.01
N ASN G 184 -16.29 -36.02 35.71
CA ASN G 184 -17.34 -37.06 35.87
C ASN G 184 -17.63 -37.32 37.34
N LYS G 185 -16.60 -37.32 38.20
CA LYS G 185 -16.87 -37.49 39.60
C LYS G 185 -17.62 -36.30 40.16
N ALA G 186 -17.29 -35.09 39.69
CA ALA G 186 -17.97 -33.89 40.21
C ALA G 186 -19.42 -33.86 39.75
N GLU G 187 -19.65 -34.18 38.49
CA GLU G 187 -21.03 -34.33 37.96
C GLU G 187 -21.88 -35.29 38.85
N ALA G 188 -21.34 -36.45 39.14
CA ALA G 188 -22.08 -37.42 39.98
C ALA G 188 -22.36 -36.90 41.39
N ALA G 189 -21.40 -36.24 42.04
CA ALA G 189 -21.61 -35.64 43.34
C ALA G 189 -22.68 -34.55 43.30
N GLN G 190 -22.72 -33.79 42.21
CA GLN G 190 -23.75 -32.78 42.08
C GLN G 190 -25.15 -33.44 42.00
N LYS G 191 -25.30 -34.43 41.13
CA LYS G 191 -26.59 -35.11 40.98
C LYS G 191 -26.97 -35.86 42.24
N ALA G 192 -26.02 -36.41 42.95
CA ALA G 192 -26.31 -37.02 44.21
C ALA G 192 -26.57 -36.07 45.35
N GLY G 193 -26.22 -34.79 45.23
CA GLY G 193 -26.40 -33.91 46.40
C GLY G 193 -25.34 -34.03 47.48
N LYS G 194 -24.20 -34.62 47.15
CA LYS G 194 -23.08 -34.76 48.09
C LYS G 194 -22.52 -33.41 48.65
N PHE G 195 -22.67 -32.36 47.89
CA PHE G 195 -22.19 -31.02 48.38
C PHE G 195 -23.28 -30.20 49.12
N ASP G 196 -24.44 -30.79 49.35
CA ASP G 196 -25.56 -29.98 49.86
C ASP G 196 -25.24 -29.52 51.26
N GLU G 197 -24.71 -30.38 52.07
CA GLU G 197 -24.44 -30.03 53.40
C GLU G 197 -23.26 -29.04 53.58
N GLU G 198 -22.19 -29.16 52.78
CA GLU G 198 -21.05 -28.28 53.02
C GLU G 198 -21.22 -26.85 52.46
N ILE G 199 -22.00 -26.72 51.42
CA ILE G 199 -22.12 -25.44 50.72
C ILE G 199 -23.06 -24.47 51.47
N VAL G 200 -22.64 -23.20 51.63
CA VAL G 200 -23.57 -22.22 52.14
C VAL G 200 -23.98 -21.27 51.02
N PRO G 201 -25.28 -20.99 50.93
CA PRO G 201 -25.68 -20.21 49.77
C PRO G 201 -25.19 -18.77 49.93
N VAL G 202 -24.90 -18.11 48.81
CA VAL G 202 -24.67 -16.69 48.77
C VAL G 202 -25.82 -16.08 47.97
N LEU G 203 -26.49 -15.07 48.53
CA LEU G 203 -27.58 -14.35 47.84
C LEU G 203 -27.08 -13.33 46.79
N ILE G 204 -27.45 -13.53 45.54
CA ILE G 204 -26.96 -12.67 44.47
C ILE G 204 -28.04 -11.65 44.13
N PRO G 205 -27.76 -10.36 44.39
CA PRO G 205 -28.83 -9.38 44.09
C PRO G 205 -29.17 -9.40 42.60
N GLN G 206 -30.46 -9.29 42.27
CA GLN G 206 -30.93 -9.35 40.88
C GLN G 206 -31.43 -7.97 40.34
N ARG G 207 -31.23 -7.72 39.04
CA ARG G 207 -31.70 -6.47 38.42
C ARG G 207 -33.19 -6.29 38.72
N LYS G 208 -34.00 -7.16 38.13
CA LYS G 208 -35.41 -7.28 38.47
C LYS G 208 -35.53 -8.58 39.30
N GLY G 209 -36.41 -8.60 40.29
CA GLY G 209 -36.67 -9.81 41.07
C GLY G 209 -36.03 -9.78 42.45
N ASP G 210 -36.28 -10.83 43.25
CA ASP G 210 -35.55 -10.99 44.52
C ASP G 210 -34.15 -11.53 44.25
N PRO G 211 -33.26 -11.45 45.26
CA PRO G 211 -31.95 -12.09 45.17
C PRO G 211 -32.02 -13.60 45.04
N VAL G 212 -31.22 -14.18 44.14
CA VAL G 212 -31.15 -15.63 43.92
C VAL G 212 -30.00 -16.26 44.75
N ALA G 213 -30.28 -17.43 45.28
CA ALA G 213 -29.32 -18.15 46.05
C ALA G 213 -28.34 -18.74 45.05
N PHE G 214 -27.06 -18.40 45.17
CA PHE G 214 -26.04 -19.15 44.43
C PHE G 214 -25.49 -20.26 45.36
N LYS G 215 -25.66 -21.49 44.88
CA LYS G 215 -25.31 -22.62 45.75
C LYS G 215 -24.88 -23.87 44.99
N THR G 216 -24.42 -23.71 43.77
CA THR G 216 -23.98 -24.87 43.03
C THR G 216 -22.63 -24.57 42.39
N ASP G 217 -21.76 -25.57 42.31
CA ASP G 217 -20.45 -25.41 41.69
C ASP G 217 -20.54 -25.25 40.21
N GLU G 218 -20.72 -24.01 39.75
CA GLU G 218 -21.17 -23.76 38.42
C GLU G 218 -20.07 -23.93 37.40
N PHE G 219 -18.82 -24.13 37.79
CA PHE G 219 -17.75 -24.40 36.76
C PHE G 219 -17.77 -25.85 36.21
N VAL G 220 -18.34 -26.74 36.98
CA VAL G 220 -18.35 -28.19 36.70
C VAL G 220 -18.99 -28.44 35.35
N ARG G 221 -18.36 -29.24 34.51
CA ARG G 221 -18.91 -29.46 33.19
C ARG G 221 -19.51 -30.88 33.20
N GLN G 222 -20.85 -30.93 33.23
CA GLN G 222 -21.61 -32.18 33.12
C GLN G 222 -21.50 -32.77 31.70
N GLY G 223 -21.53 -34.08 31.61
CA GLY G 223 -21.41 -34.75 30.31
C GLY G 223 -20.02 -34.63 29.69
N ALA G 224 -18.99 -34.51 30.51
CA ALA G 224 -17.67 -34.31 29.95
C ALA G 224 -17.13 -35.61 29.37
N THR G 225 -16.59 -35.55 28.16
CA THR G 225 -16.02 -36.74 27.53
C THR G 225 -14.58 -36.52 27.07
N LEU G 226 -13.85 -37.62 26.91
CA LEU G 226 -12.47 -37.58 26.43
C LEU G 226 -12.37 -36.85 25.10
N ASP G 227 -13.32 -37.16 24.22
CA ASP G 227 -13.42 -36.48 22.94
C ASP G 227 -13.52 -34.95 23.02
N SER G 228 -14.15 -34.41 24.04
CA SER G 228 -14.23 -32.94 24.14
C SER G 228 -12.89 -32.30 24.53
N MET G 229 -11.91 -33.10 24.97
CA MET G 229 -10.64 -32.57 25.45
C MET G 229 -9.44 -32.84 24.56
N SER G 230 -9.48 -33.96 23.82
CA SER G 230 -8.30 -34.55 23.24
C SER G 230 -7.77 -33.80 22.04
N GLY G 231 -8.51 -32.86 21.44
CA GLY G 231 -8.01 -32.07 20.30
C GLY G 231 -7.74 -30.58 20.59
N LEU G 232 -7.83 -30.19 21.86
CA LEU G 232 -7.60 -28.78 22.22
C LEU G 232 -6.14 -28.34 22.03
N LYS G 233 -5.99 -27.07 21.66
CA LYS G 233 -4.73 -26.33 21.59
C LYS G 233 -4.15 -26.34 23.06
N PRO G 234 -2.85 -26.68 23.23
CA PRO G 234 -2.14 -26.42 24.49
C PRO G 234 -2.19 -24.94 24.86
N ALA G 235 -2.37 -24.67 26.14
CA ALA G 235 -2.73 -23.33 26.49
C ALA G 235 -1.49 -22.51 26.83
N PHE G 236 -0.35 -23.13 27.12
CA PHE G 236 0.78 -22.37 27.57
C PHE G 236 2.03 -22.46 26.74
N ASP G 237 2.25 -23.59 26.11
CA ASP G 237 3.44 -23.82 25.35
C ASP G 237 2.96 -24.59 24.13
N LYS G 238 3.38 -24.12 22.97
CA LYS G 238 2.97 -24.67 21.71
C LYS G 238 3.42 -26.13 21.54
N ALA G 239 4.55 -26.53 22.11
CA ALA G 239 4.93 -27.95 22.13
C ALA G 239 4.40 -28.69 23.34
N GLY G 240 3.37 -28.14 24.02
CA GLY G 240 3.02 -28.55 25.38
C GLY G 240 1.88 -29.55 25.47
N THR G 241 1.59 -29.94 26.70
CA THR G 241 0.56 -30.91 27.04
C THR G 241 -0.64 -30.32 27.81
N VAL G 242 -0.47 -29.13 28.39
CA VAL G 242 -1.48 -28.52 29.24
C VAL G 242 -2.47 -27.69 28.42
N THR G 243 -3.74 -27.91 28.70
CA THR G 243 -4.79 -27.22 28.04
C THR G 243 -5.70 -26.60 29.06
N ALA G 244 -6.64 -25.82 28.56
CA ALA G 244 -7.73 -25.26 29.40
C ALA G 244 -8.58 -26.33 30.00
N ALA G 245 -8.61 -27.52 29.42
CA ALA G 245 -9.47 -28.56 29.96
C ALA G 245 -8.80 -29.45 30.97
N ASN G 246 -7.49 -29.56 30.96
CA ASN G 246 -6.78 -30.41 31.93
C ASN G 246 -6.04 -29.61 32.98
N ALA G 247 -6.44 -28.36 33.11
CA ALA G 247 -5.98 -27.48 34.18
C ALA G 247 -7.25 -26.91 34.81
N SER G 248 -7.23 -26.44 36.07
CA SER G 248 -8.43 -25.71 36.58
C SER G 248 -8.51 -24.35 36.01
N GLY G 249 -9.45 -23.59 36.56
CA GLY G 249 -9.75 -22.32 35.96
C GLY G 249 -9.34 -21.22 36.90
N LEU G 250 -9.96 -20.09 36.65
CA LEU G 250 -9.86 -18.87 37.44
C LEU G 250 -11.22 -18.74 38.10
N ASN G 251 -11.24 -18.67 39.43
CA ASN G 251 -12.47 -18.84 40.14
C ASN G 251 -12.61 -18.00 41.38
N ASP G 252 -13.84 -17.92 41.87
CA ASP G 252 -14.19 -17.20 43.09
C ASP G 252 -14.83 -18.10 44.15
N GLY G 253 -14.52 -17.85 45.43
CA GLY G 253 -15.04 -18.63 46.55
C GLY G 253 -14.38 -18.37 47.85
N ALA G 254 -14.98 -18.93 48.94
CA ALA G 254 -14.39 -18.91 50.24
C ALA G 254 -14.77 -20.19 51.03
N ALA G 255 -14.06 -20.41 52.10
CA ALA G 255 -14.21 -21.56 52.98
C ALA G 255 -13.58 -21.24 54.28
N ALA G 256 -14.15 -21.80 55.34
CA ALA G 256 -13.60 -21.66 56.71
C ALA G 256 -13.94 -22.86 57.58
N VAL G 257 -13.11 -23.07 58.59
CA VAL G 257 -13.34 -24.06 59.61
C VAL G 257 -13.17 -23.35 60.93
N VAL G 258 -13.75 -23.97 61.95
CA VAL G 258 -13.53 -23.53 63.29
C VAL G 258 -12.72 -24.58 64.03
N VAL G 259 -11.68 -24.10 64.71
CA VAL G 259 -10.62 -24.88 65.29
C VAL G 259 -10.51 -24.49 66.75
N MET G 260 -10.24 -25.49 67.61
CA MET G 260 -10.05 -25.28 69.09
C MET G 260 -9.44 -26.55 69.71
N SER G 261 -9.01 -26.46 70.96
CA SER G 261 -8.39 -27.63 71.60
C SER G 261 -9.49 -28.66 71.85
N ALA G 262 -9.09 -29.91 71.94
CA ALA G 262 -10.03 -30.97 72.28
C ALA G 262 -10.76 -30.68 73.60
N ALA G 263 -10.01 -30.23 74.58
CA ALA G 263 -10.55 -29.85 75.93
C ALA G 263 -11.61 -28.80 75.84
N LYS G 264 -11.33 -27.76 75.06
CA LYS G 264 -12.29 -26.69 74.83
C LYS G 264 -13.61 -27.15 74.22
N ALA G 265 -13.54 -27.98 73.17
CA ALA G 265 -14.73 -28.45 72.50
C ALA G 265 -15.62 -29.28 73.53
N LYS G 266 -14.95 -30.02 74.38
CA LYS G 266 -15.60 -30.79 75.44
C LYS G 266 -16.26 -29.83 76.42
N GLU G 267 -15.48 -28.92 77.01
CA GLU G 267 -16.05 -27.93 77.89
C GLU G 267 -17.29 -27.27 77.30
N LEU G 268 -17.32 -27.03 76.00
CA LEU G 268 -18.47 -26.40 75.38
C LEU G 268 -19.52 -27.36 74.96
N GLY G 269 -19.21 -28.65 75.08
CA GLY G 269 -20.15 -29.67 74.68
C GLY G 269 -20.23 -29.86 73.18
N LEU G 270 -19.11 -29.73 72.45
CA LEU G 270 -19.22 -29.71 71.02
C LEU G 270 -18.52 -30.94 70.52
N THR G 271 -19.15 -31.60 69.58
CA THR G 271 -18.60 -32.80 69.00
C THR G 271 -17.71 -32.45 67.82
N PRO G 272 -16.45 -32.77 67.88
CA PRO G 272 -15.63 -32.40 66.67
C PRO G 272 -16.02 -33.04 65.37
N LEU G 273 -15.69 -32.41 64.25
CA LEU G 273 -15.69 -33.15 62.98
C LEU G 273 -14.48 -34.07 62.87
N ALA G 274 -13.35 -33.67 63.44
CA ALA G 274 -12.12 -34.46 63.35
C ALA G 274 -11.09 -33.89 64.22
N THR G 275 -10.06 -34.65 64.48
CA THR G 275 -8.91 -34.17 65.18
C THR G 275 -7.86 -33.89 64.11
N ILE G 276 -7.15 -32.78 64.25
CA ILE G 276 -5.99 -32.51 63.42
C ILE G 276 -4.85 -33.41 63.88
N LYS G 277 -4.51 -34.35 63.03
CA LYS G 277 -3.49 -35.33 63.38
C LYS G 277 -2.12 -34.77 63.20
N SER G 278 -1.85 -34.13 62.06
CA SER G 278 -0.55 -33.49 61.85
C SER G 278 -0.69 -32.53 60.64
N TYR G 279 0.34 -31.75 60.46
CA TYR G 279 0.44 -30.91 59.25
C TYR G 279 1.90 -30.61 58.98
N ALA G 280 2.18 -30.17 57.75
CA ALA G 280 3.52 -29.79 57.38
C ALA G 280 3.54 -28.87 56.15
N ASN G 281 4.56 -28.02 56.06
CA ASN G 281 4.89 -27.32 54.78
C ASN G 281 6.14 -27.94 54.12
N ALA G 282 6.51 -27.46 52.93
CA ALA G 282 7.73 -27.91 52.25
C ALA G 282 8.05 -26.94 51.13
N GLY G 283 9.31 -26.89 50.71
CA GLY G 283 9.74 -26.14 49.60
C GLY G 283 10.33 -27.00 48.51
N VAL G 284 10.07 -26.64 47.27
CA VAL G 284 10.72 -27.27 46.11
C VAL G 284 11.16 -26.17 45.15
N ASP G 285 11.80 -26.54 44.05
CA ASP G 285 12.15 -25.49 43.06
C ASP G 285 10.90 -24.87 42.47
N PRO G 286 10.87 -23.51 42.37
CA PRO G 286 9.75 -22.85 41.66
C PRO G 286 9.40 -23.49 40.33
N LYS G 287 10.39 -23.94 39.59
CA LYS G 287 10.12 -24.52 38.23
C LYS G 287 9.18 -25.72 38.24
N VAL G 288 9.18 -26.42 39.39
CA VAL G 288 8.37 -27.66 39.62
C VAL G 288 7.43 -27.54 40.82
N MET G 289 6.79 -26.37 40.94
CA MET G 289 6.00 -26.07 42.12
C MET G 289 4.90 -27.06 42.36
N GLY G 290 4.38 -27.65 41.31
CA GLY G 290 3.32 -28.65 41.36
C GLY G 290 3.66 -29.92 42.15
N MET G 291 4.96 -30.16 42.39
CA MET G 291 5.37 -31.31 43.21
C MET G 291 5.38 -31.00 44.67
N GLY G 292 5.19 -29.73 45.05
CA GLY G 292 5.03 -29.37 46.46
C GLY G 292 4.30 -30.35 47.39
N PRO G 293 3.17 -30.91 46.98
CA PRO G 293 2.46 -31.85 47.88
C PRO G 293 3.23 -33.11 48.24
N VAL G 294 4.23 -33.49 47.44
CA VAL G 294 5.02 -34.70 47.77
C VAL G 294 5.81 -34.58 49.02
N PRO G 295 6.77 -33.65 49.07
CA PRO G 295 7.39 -33.59 50.40
C PRO G 295 6.46 -33.09 51.51
N ALA G 296 5.48 -32.25 51.22
CA ALA G 296 4.61 -31.79 52.34
C ALA G 296 3.84 -32.98 52.93
N SER G 297 3.27 -33.78 52.05
CA SER G 297 2.46 -34.94 52.48
C SER G 297 3.37 -35.98 53.14
N LYS G 298 4.55 -36.25 52.57
CA LYS G 298 5.51 -37.18 53.27
C LYS G 298 5.81 -36.71 54.69
N ARG G 299 6.04 -35.40 54.85
CA ARG G 299 6.38 -34.83 56.15
C ARG G 299 5.16 -34.92 57.09
N ALA G 300 3.98 -34.69 56.54
CA ALA G 300 2.81 -34.73 57.41
C ALA G 300 2.52 -36.22 57.81
N LEU G 301 2.65 -37.14 56.86
CA LEU G 301 2.41 -38.54 57.22
C LEU G 301 3.46 -39.00 58.26
N SER G 302 4.70 -38.57 58.08
CA SER G 302 5.74 -38.88 59.03
C SER G 302 5.45 -38.37 60.43
N ARG G 303 4.93 -37.16 60.55
CA ARG G 303 4.61 -36.63 61.87
C ARG G 303 3.41 -37.34 62.47
N ALA G 304 2.50 -37.82 61.64
CA ALA G 304 1.37 -38.61 62.05
C ALA G 304 1.72 -40.07 62.40
N GLU G 305 2.88 -40.55 61.96
CA GLU G 305 3.24 -41.96 61.97
C GLU G 305 2.23 -42.71 61.18
N TRP G 306 1.96 -42.25 59.96
CA TRP G 306 1.12 -42.96 59.08
C TRP G 306 1.91 -43.30 57.85
N THR G 307 1.42 -44.22 57.05
CA THR G 307 1.96 -44.47 55.74
C THR G 307 0.89 -43.97 54.80
N PRO G 308 1.23 -43.75 53.53
CA PRO G 308 0.19 -43.43 52.56
C PRO G 308 -0.94 -44.49 52.43
N GLN G 309 -0.60 -45.74 52.69
CA GLN G 309 -1.55 -46.83 52.66
C GLN G 309 -2.56 -46.70 53.81
N ASP G 310 -2.17 -46.10 54.92
CA ASP G 310 -3.10 -45.86 56.06
C ASP G 310 -4.34 -45.00 55.74
N LEU G 311 -4.27 -44.19 54.70
CA LEU G 311 -5.28 -43.15 54.43
C LEU G 311 -6.55 -43.75 53.86
N ASP G 312 -7.67 -43.33 54.40
CA ASP G 312 -8.96 -43.69 53.89
C ASP G 312 -9.42 -42.75 52.86
N LEU G 313 -8.94 -41.50 52.89
CA LEU G 313 -9.51 -40.50 52.00
C LEU G 313 -8.55 -39.31 51.82
N MET G 314 -8.46 -38.82 50.59
CA MET G 314 -7.59 -37.69 50.33
C MET G 314 -8.23 -36.65 49.42
N GLU G 315 -7.82 -35.40 49.66
CA GLU G 315 -8.14 -34.28 48.77
C GLU G 315 -6.79 -33.66 48.35
N ILE G 316 -6.43 -33.87 47.10
CA ILE G 316 -5.19 -33.33 46.57
C ILE G 316 -5.56 -32.40 45.46
N ASN G 317 -5.20 -31.13 45.60
CA ASN G 317 -5.79 -30.12 44.73
C ASN G 317 -5.28 -30.29 43.32
N GLU G 318 -6.15 -30.07 42.37
CA GLU G 318 -5.85 -30.31 40.97
C GLU G 318 -5.60 -29.00 40.24
N ALA G 319 -4.56 -28.27 40.55
CA ALA G 319 -4.26 -27.04 39.82
C ALA G 319 -4.06 -27.41 38.34
N PHE G 320 -3.31 -28.51 38.13
CA PHE G 320 -3.05 -29.01 36.80
C PHE G 320 -3.01 -30.53 36.85
N ALA G 321 -3.69 -31.19 35.92
CA ALA G 321 -3.65 -32.67 35.87
C ALA G 321 -2.19 -33.14 35.85
N ALA G 322 -1.32 -32.42 35.17
CA ALA G 322 0.06 -32.84 35.06
C ALA G 322 0.65 -33.00 36.41
N GLN G 323 0.45 -32.02 37.32
CA GLN G 323 1.08 -32.15 38.62
C GLN G 323 0.34 -33.09 39.56
N ALA G 324 -0.99 -33.12 39.50
CA ALA G 324 -1.73 -34.07 40.32
C ALA G 324 -1.28 -35.54 40.03
N LEU G 325 -1.17 -35.89 38.77
CA LEU G 325 -0.69 -37.26 38.35
C LEU G 325 0.71 -37.52 38.85
N ALA G 326 1.64 -36.55 38.69
CA ALA G 326 2.99 -36.72 39.22
C ALA G 326 3.05 -36.92 40.73
N VAL G 327 2.23 -36.13 41.43
CA VAL G 327 2.13 -36.27 42.85
C VAL G 327 1.63 -37.71 43.16
N HIS G 328 0.59 -38.14 42.49
CA HIS G 328 0.07 -39.49 42.81
C HIS G 328 1.13 -40.58 42.49
N GLN G 329 1.80 -40.44 41.35
CA GLN G 329 2.88 -41.39 40.96
C GLN G 329 3.96 -41.46 42.02
N GLN G 330 4.33 -40.33 42.62
CA GLN G 330 5.40 -40.32 43.63
C GLN G 330 4.95 -40.83 44.96
N MET G 331 3.68 -40.55 45.33
CA MET G 331 3.24 -40.98 46.64
C MET G 331 2.84 -42.47 46.67
N GLY G 332 2.29 -42.98 45.58
CA GLY G 332 1.96 -44.41 45.53
C GLY G 332 0.68 -44.79 46.24
N TRP G 333 -0.14 -43.79 46.55
CA TRP G 333 -1.39 -44.03 47.26
C TRP G 333 -2.53 -44.31 46.30
N ASP G 334 -3.63 -44.77 46.88
CA ASP G 334 -4.75 -45.26 46.09
C ASP G 334 -5.55 -44.10 45.51
N THR G 335 -5.45 -43.87 44.20
CA THR G 335 -6.10 -42.75 43.56
C THR G 335 -7.63 -42.90 43.47
N SER G 336 -8.18 -44.09 43.76
CA SER G 336 -9.64 -44.20 43.82
C SER G 336 -10.15 -43.60 45.13
N LYS G 337 -9.26 -43.39 46.10
CA LYS G 337 -9.60 -42.69 47.36
C LYS G 337 -9.31 -41.13 47.39
N VAL G 338 -8.92 -40.61 46.24
CA VAL G 338 -8.51 -39.19 46.06
C VAL G 338 -9.57 -38.43 45.30
N ASN G 339 -9.98 -37.29 45.89
CA ASN G 339 -10.95 -36.43 45.24
C ASN G 339 -12.19 -37.18 44.76
N VAL G 340 -12.76 -37.99 45.64
CA VAL G 340 -13.89 -38.91 45.27
C VAL G 340 -15.12 -38.17 44.69
N ASN G 341 -15.35 -36.91 45.14
CA ASN G 341 -16.41 -36.08 44.61
C ASN G 341 -15.97 -35.10 43.56
N GLY G 342 -14.81 -35.36 42.95
CA GLY G 342 -14.32 -34.50 41.94
C GLY G 342 -13.31 -33.49 42.53
N GLY G 343 -12.51 -32.90 41.64
CA GLY G 343 -11.55 -31.89 42.06
C GLY G 343 -11.59 -30.58 41.26
N ALA G 344 -10.59 -29.71 41.54
CA ALA G 344 -10.53 -28.32 41.01
C ALA G 344 -10.65 -28.23 39.52
N ILE G 345 -10.21 -29.24 38.76
CA ILE G 345 -10.37 -29.15 37.31
C ILE G 345 -11.85 -28.89 36.93
N ALA G 346 -12.70 -29.58 37.69
CA ALA G 346 -14.14 -29.48 37.64
C ALA G 346 -14.69 -28.33 38.50
N ILE G 347 -14.28 -28.30 39.74
CA ILE G 347 -14.91 -27.47 40.72
C ILE G 347 -14.41 -26.00 40.68
N GLY G 348 -13.16 -25.83 40.23
CA GLY G 348 -12.54 -24.52 40.17
C GLY G 348 -11.49 -24.32 41.25
N HIS G 349 -10.66 -23.26 41.07
CA HIS G 349 -9.50 -23.01 41.93
C HIS G 349 -9.35 -21.54 42.36
N PRO G 350 -10.17 -21.08 43.34
CA PRO G 350 -10.06 -19.71 43.82
C PRO G 350 -8.88 -19.69 44.75
N ILE G 351 -7.76 -19.22 44.27
CA ILE G 351 -6.45 -19.56 44.86
C ILE G 351 -6.32 -19.42 46.37
N GLY G 352 -6.73 -18.31 46.96
CA GLY G 352 -6.50 -18.16 48.38
C GLY G 352 -7.44 -18.98 49.26
N ALA G 353 -8.52 -19.48 48.65
CA ALA G 353 -9.55 -20.25 49.35
C ALA G 353 -9.38 -21.74 49.19
N SER G 354 -8.78 -22.15 48.06
CA SER G 354 -8.76 -23.57 47.71
C SER G 354 -8.23 -24.47 48.80
N GLY G 355 -7.23 -24.04 49.56
CA GLY G 355 -6.67 -24.90 50.59
C GLY G 355 -7.66 -25.22 51.71
N CYS G 356 -8.58 -24.30 52.00
CA CYS G 356 -9.61 -24.63 52.98
C CYS G 356 -10.81 -25.26 52.29
N ARG G 357 -11.06 -24.90 51.04
CA ARG G 357 -12.17 -25.48 50.31
C ARG G 357 -12.02 -27.04 50.28
N ILE G 358 -10.82 -27.51 49.92
CA ILE G 358 -10.63 -28.95 49.84
C ILE G 358 -10.69 -29.59 51.21
N LEU G 359 -10.29 -28.90 52.23
CA LEU G 359 -10.45 -29.42 53.54
C LEU G 359 -11.97 -29.62 53.93
N VAL G 360 -12.79 -28.61 53.67
CA VAL G 360 -14.22 -28.68 53.86
C VAL G 360 -14.83 -29.91 53.09
N THR G 361 -14.45 -30.07 51.85
CA THR G 361 -14.94 -31.21 51.04
C THR G 361 -14.53 -32.57 51.62
N LEU G 362 -13.27 -32.63 52.07
CA LEU G 362 -12.68 -33.80 52.73
C LEU G 362 -13.46 -34.21 53.98
N LEU G 363 -13.66 -33.26 54.88
CA LEU G 363 -14.29 -33.53 56.14
C LEU G 363 -15.69 -34.01 55.98
N HIS G 364 -16.43 -33.42 55.08
CA HIS G 364 -17.82 -33.82 54.90
C HIS G 364 -17.89 -35.23 54.27
N GLU G 365 -16.98 -35.54 53.36
CA GLU G 365 -17.04 -36.86 52.75
C GLU G 365 -16.55 -37.92 53.71
N MET G 366 -15.60 -37.61 54.58
CA MET G 366 -15.13 -38.53 55.56
C MET G 366 -16.27 -38.98 56.49
N LYS G 367 -17.08 -38.00 56.90
CA LYS G 367 -18.22 -38.28 57.79
C LYS G 367 -19.24 -39.13 57.05
N ARG G 368 -19.65 -38.70 55.87
CA ARG G 368 -20.55 -39.49 55.03
C ARG G 368 -20.18 -40.96 54.86
N ARG G 369 -18.90 -41.26 54.63
CA ARG G 369 -18.53 -42.63 54.33
C ARG G 369 -17.92 -43.30 55.54
N ASP G 370 -17.81 -42.58 56.66
CA ASP G 370 -17.18 -43.02 57.90
C ASP G 370 -15.70 -43.37 57.76
N ALA G 371 -14.99 -42.59 56.95
CA ALA G 371 -13.57 -42.81 56.79
C ALA G 371 -12.90 -42.33 58.03
N LYS G 372 -11.76 -42.90 58.35
CA LYS G 372 -11.11 -42.55 59.60
C LYS G 372 -9.86 -41.66 59.47
N LYS G 373 -9.14 -41.82 58.37
CA LYS G 373 -7.89 -41.11 58.20
C LYS G 373 -7.89 -40.39 56.89
N GLY G 374 -7.53 -39.12 56.99
CA GLY G 374 -7.61 -38.32 55.76
C GLY G 374 -6.49 -37.33 55.65
N LEU G 375 -6.39 -36.77 54.47
CA LEU G 375 -5.31 -35.83 54.17
C LEU G 375 -5.70 -34.91 53.06
N ALA G 376 -5.31 -33.66 53.25
CA ALA G 376 -5.50 -32.64 52.27
C ALA G 376 -4.15 -32.03 51.96
N SER G 377 -3.91 -31.77 50.66
CA SER G 377 -2.66 -31.17 50.25
C SER G 377 -2.81 -30.41 48.93
N LEU G 378 -2.06 -29.35 48.81
CA LEU G 378 -1.90 -28.64 47.57
C LEU G 378 -0.55 -28.00 47.32
N CYS G 379 -0.30 -27.80 46.04
CA CYS G 379 0.86 -27.08 45.55
C CYS G 379 0.68 -25.57 45.61
N ILE G 380 1.82 -24.89 45.59
CA ILE G 380 1.96 -23.44 45.86
C ILE G 380 2.94 -22.85 44.90
N GLY G 381 2.44 -21.86 44.16
CA GLY G 381 3.27 -21.00 43.29
C GLY G 381 4.52 -20.47 43.93
N GLY G 382 5.66 -20.52 43.25
CA GLY G 382 6.92 -20.19 43.91
C GLY G 382 7.68 -21.35 44.54
N GLY G 383 7.09 -22.55 44.54
CA GLY G 383 7.73 -23.81 44.93
C GLY G 383 7.49 -24.25 46.34
N MET G 384 6.23 -24.44 46.69
CA MET G 384 5.96 -24.92 48.02
C MET G 384 4.82 -25.91 48.02
N GLY G 385 4.62 -26.56 49.15
CA GLY G 385 3.46 -27.41 49.38
C GLY G 385 3.07 -27.27 50.84
N VAL G 386 1.82 -27.55 51.11
CA VAL G 386 1.30 -27.73 52.48
C VAL G 386 0.41 -28.98 52.50
N ALA G 387 0.41 -29.65 53.63
CA ALA G 387 -0.41 -30.83 53.86
C ALA G 387 -0.88 -30.83 55.31
N LEU G 388 -2.12 -31.30 55.49
CA LEU G 388 -2.72 -31.45 56.80
C LEU G 388 -3.50 -32.76 56.82
N ALA G 389 -3.22 -33.53 57.87
CA ALA G 389 -3.83 -34.85 58.05
C ALA G 389 -4.89 -34.78 59.18
N VAL G 390 -6.04 -35.41 58.99
CA VAL G 390 -7.07 -35.44 60.05
C VAL G 390 -7.46 -36.90 60.38
N GLU G 391 -8.03 -37.09 61.57
CA GLU G 391 -8.45 -38.43 62.10
C GLU G 391 -9.79 -38.33 62.79
N ARG G 392 -10.73 -39.20 62.40
CA ARG G 392 -12.04 -39.35 63.03
C ARG G 392 -12.04 -40.62 63.88
N LYS G 393 -12.68 -40.56 65.04
CA LYS G 393 -12.68 -41.67 66.00
C LYS G 393 -13.36 -42.92 65.45
N MET H 1 5.70 -23.99 78.33
CA MET H 1 6.47 -24.94 77.47
C MET H 1 7.78 -24.28 77.00
N THR H 2 8.26 -24.63 75.81
CA THR H 2 9.57 -24.21 75.38
C THR H 2 9.71 -22.69 75.59
N ASP H 3 10.86 -22.22 76.00
CA ASP H 3 11.18 -20.78 75.98
C ASP H 3 11.65 -20.47 74.53
N VAL H 4 11.17 -19.34 73.96
CA VAL H 4 11.58 -18.90 72.65
C VAL H 4 12.51 -17.74 72.83
N VAL H 5 13.60 -17.76 72.08
CA VAL H 5 14.57 -16.69 72.11
C VAL H 5 14.71 -16.02 70.75
N ILE H 6 15.14 -14.78 70.81
CA ILE H 6 15.56 -14.04 69.65
C ILE H 6 17.07 -13.98 69.68
N VAL H 7 17.65 -14.51 68.62
CA VAL H 7 19.09 -14.60 68.54
C VAL H 7 19.75 -13.50 67.77
N SER H 8 19.04 -12.81 66.88
CA SER H 8 19.60 -11.71 66.18
C SER H 8 18.48 -10.81 65.70
N ALA H 9 18.89 -9.60 65.34
CA ALA H 9 18.04 -8.49 64.90
C ALA H 9 18.75 -7.47 63.97
N ALA H 10 18.12 -7.17 62.85
CA ALA H 10 18.68 -6.28 61.85
C ALA H 10 17.60 -5.46 61.23
N ARG H 11 17.91 -4.23 60.82
CA ARG H 11 16.92 -3.46 60.12
C ARG H 11 17.66 -2.65 59.08
N THR H 12 16.96 -2.23 58.03
CA THR H 12 17.53 -1.20 57.19
C THR H 12 17.37 0.17 57.90
N ALA H 13 18.13 1.17 57.46
CA ALA H 13 17.74 2.54 57.79
C ALA H 13 16.36 2.76 57.10
N VAL H 14 15.59 3.72 57.59
CA VAL H 14 14.27 3.98 57.10
C VAL H 14 14.34 5.11 56.14
N GLY H 15 13.78 4.87 54.95
CA GLY H 15 13.83 5.80 53.83
C GLY H 15 12.66 6.81 53.92
N LYS H 16 12.91 8.04 53.51
CA LYS H 16 11.87 9.05 53.32
C LYS H 16 11.05 8.67 52.10
N PHE H 17 9.82 9.18 52.04
CA PHE H 17 8.95 9.00 50.89
C PHE H 17 9.65 9.52 49.64
N GLY H 18 9.78 8.69 48.61
CA GLY H 18 10.48 9.06 47.40
C GLY H 18 11.99 9.20 47.62
N GLY H 19 12.54 8.72 48.74
CA GLY H 19 13.92 8.92 49.09
C GLY H 19 14.81 7.75 48.71
N SER H 20 15.76 7.43 49.59
CA SER H 20 16.84 6.58 49.21
C SER H 20 16.49 5.16 48.88
N LEU H 21 15.40 4.64 49.45
CA LEU H 21 14.98 3.27 49.15
C LEU H 21 13.85 3.16 48.11
N ALA H 22 13.40 4.27 47.55
CA ALA H 22 12.14 4.28 46.78
C ALA H 22 12.11 3.33 45.56
N LYS H 23 13.27 3.06 44.98
CA LYS H 23 13.38 2.24 43.79
C LYS H 23 13.72 0.82 44.13
N ILE H 24 13.85 0.49 45.43
CA ILE H 24 14.19 -0.86 45.86
C ILE H 24 12.92 -1.58 46.32
N PRO H 25 12.46 -2.58 45.54
CA PRO H 25 11.30 -3.32 45.93
C PRO H 25 11.33 -3.89 47.35
N ALA H 26 10.17 -3.89 47.97
CA ALA H 26 10.14 -4.34 49.34
C ALA H 26 10.83 -5.71 49.60
N PRO H 27 10.61 -6.71 48.74
CA PRO H 27 11.28 -8.00 49.03
C PRO H 27 12.79 -7.94 48.99
N GLU H 28 13.35 -7.01 48.18
CA GLU H 28 14.81 -6.83 48.19
C GLU H 28 15.25 -6.19 49.52
N LEU H 29 14.47 -5.29 50.08
CA LEU H 29 14.80 -4.73 51.41
C LEU H 29 14.73 -5.85 52.46
N GLY H 30 13.65 -6.61 52.40
CA GLY H 30 13.49 -7.81 53.24
C GLY H 30 14.67 -8.76 53.05
N ALA H 31 15.10 -9.02 51.81
CA ALA H 31 16.28 -9.84 51.58
C ALA H 31 17.56 -9.41 52.34
N VAL H 32 17.80 -8.10 52.36
CA VAL H 32 18.90 -7.47 53.05
C VAL H 32 18.89 -7.86 54.52
N VAL H 33 17.74 -7.70 55.17
CA VAL H 33 17.63 -7.91 56.60
C VAL H 33 17.55 -9.39 56.96
N ILE H 34 17.01 -10.25 56.10
CA ILE H 34 17.01 -11.67 56.35
C ILE H 34 18.45 -12.23 56.30
N LYS H 35 19.17 -11.85 55.27
CA LYS H 35 20.57 -12.25 55.11
C LYS H 35 21.43 -11.77 56.28
N ALA H 36 21.32 -10.49 56.59
CA ALA H 36 22.11 -9.87 57.72
C ALA H 36 21.75 -10.55 59.04
N ALA H 37 20.45 -10.67 59.31
CA ALA H 37 20.03 -11.35 60.59
C ALA H 37 20.56 -12.76 60.74
N LEU H 38 20.57 -13.55 59.66
CA LEU H 38 21.16 -14.87 59.70
C LEU H 38 22.70 -14.80 59.92
N GLU H 39 23.42 -13.91 59.24
CA GLU H 39 24.90 -13.83 59.43
C GLU H 39 25.12 -13.48 60.86
N ARG H 40 24.34 -12.54 61.38
CA ARG H 40 24.56 -12.05 62.72
C ARG H 40 24.24 -13.09 63.70
N ALA H 41 23.23 -13.91 63.44
CA ALA H 41 22.93 -15.06 64.29
C ALA H 41 23.90 -16.24 64.26
N GLY H 42 24.84 -16.30 63.31
CA GLY H 42 25.62 -17.56 63.08
C GLY H 42 24.77 -18.75 62.61
N VAL H 43 23.69 -18.50 61.84
CA VAL H 43 22.78 -19.54 61.34
C VAL H 43 22.85 -19.49 59.84
N LYS H 44 23.12 -20.62 59.22
CA LYS H 44 23.24 -20.68 57.75
C LYS H 44 21.84 -20.83 57.14
N PRO H 45 21.70 -20.40 55.87
CA PRO H 45 20.35 -20.31 55.24
C PRO H 45 19.64 -21.65 55.22
N GLU H 46 20.39 -22.73 55.02
CA GLU H 46 19.77 -24.04 55.00
C GLU H 46 19.29 -24.55 56.33
N GLN H 47 19.64 -23.93 57.43
CA GLN H 47 19.07 -24.36 58.71
C GLN H 47 17.68 -23.74 58.98
N VAL H 48 17.21 -22.84 58.13
CA VAL H 48 16.00 -22.08 58.45
C VAL H 48 14.79 -22.94 58.22
N SER H 49 13.87 -23.06 59.19
CA SER H 49 12.63 -23.80 58.92
C SER H 49 11.52 -23.01 58.16
N GLU H 50 11.48 -21.69 58.31
CA GLU H 50 10.43 -20.87 57.69
C GLU H 50 10.86 -19.40 57.70
N VAL H 51 10.40 -18.66 56.69
CA VAL H 51 10.52 -17.22 56.73
C VAL H 51 9.07 -16.65 56.83
N ILE H 52 8.84 -15.64 57.68
CA ILE H 52 7.52 -15.01 57.80
C ILE H 52 7.77 -13.52 57.74
N MET H 53 7.30 -12.87 56.66
CA MET H 53 7.41 -11.38 56.55
C MET H 53 6.05 -10.74 56.33
N GLY H 54 5.85 -9.67 57.08
CA GLY H 54 4.76 -8.76 56.89
C GLY H 54 5.08 -7.84 55.69
N GLN H 55 4.06 -7.55 54.88
CA GLN H 55 4.06 -6.55 53.79
C GLN H 55 2.61 -6.21 53.53
N VAL H 56 2.25 -4.94 53.71
CA VAL H 56 0.87 -4.55 53.52
C VAL H 56 0.52 -4.29 52.05
N LEU H 57 1.39 -3.56 51.31
CA LEU H 57 1.05 -3.04 50.02
C LEU H 57 1.69 -3.98 49.02
N THR H 58 0.90 -4.83 48.39
CA THR H 58 1.45 -5.90 47.56
C THR H 58 0.91 -5.90 46.12
N ALA H 59 0.26 -4.83 45.76
CA ALA H 59 -0.32 -4.71 44.40
C ALA H 59 0.76 -4.73 43.33
N GLY H 60 0.78 -5.73 42.50
CA GLY H 60 1.82 -5.90 41.53
C GLY H 60 3.15 -6.31 42.04
N SER H 61 3.23 -6.69 43.32
CA SER H 61 4.48 -7.09 43.89
C SER H 61 4.95 -8.49 43.36
N GLY H 62 4.10 -9.28 42.73
CA GLY H 62 4.45 -10.64 42.33
C GLY H 62 4.09 -11.65 43.41
N GLN H 63 4.08 -12.93 43.05
CA GLN H 63 3.70 -14.00 43.98
C GLN H 63 4.48 -13.97 45.32
N ASN H 64 3.77 -13.91 46.43
CA ASN H 64 4.29 -14.17 47.80
C ASN H 64 5.58 -13.41 48.11
N PRO H 65 5.46 -12.11 48.41
CA PRO H 65 6.58 -11.28 48.72
C PRO H 65 7.60 -11.83 49.73
N ALA H 66 7.15 -12.57 50.76
CA ALA H 66 8.06 -13.14 51.75
C ALA H 66 8.98 -14.18 51.11
N ARG H 67 8.44 -15.04 50.24
CA ARG H 67 9.21 -15.98 49.49
C ARG H 67 10.21 -15.33 48.53
N GLN H 68 9.81 -14.26 47.85
CA GLN H 68 10.78 -13.42 47.12
C GLN H 68 11.96 -12.94 47.97
N ALA H 69 11.67 -12.40 49.15
CA ALA H 69 12.75 -11.92 50.00
C ALA H 69 13.69 -13.07 50.46
N ALA H 70 13.12 -14.23 50.80
CA ALA H 70 13.89 -15.39 51.22
C ALA H 70 14.82 -15.86 50.11
N ILE H 71 14.30 -15.99 48.91
CA ILE H 71 15.10 -16.45 47.75
C ILE H 71 16.19 -15.45 47.45
N LYS H 72 15.81 -14.20 47.44
CA LYS H 72 16.77 -13.12 47.20
C LYS H 72 17.83 -13.00 48.31
N ALA H 73 17.52 -13.43 49.51
CA ALA H 73 18.52 -13.40 50.56
C ALA H 73 19.46 -14.62 50.47
N GLY H 74 19.23 -15.54 49.54
CA GLY H 74 20.04 -16.75 49.32
C GLY H 74 19.55 -17.99 50.01
N LEU H 75 18.33 -18.00 50.58
CA LEU H 75 17.88 -19.21 51.22
C LEU H 75 17.52 -20.22 50.15
N PRO H 76 17.72 -21.49 50.44
CA PRO H 76 17.37 -22.42 49.36
C PRO H 76 15.86 -22.60 49.16
N ALA H 77 15.48 -23.17 48.02
CA ALA H 77 14.14 -23.38 47.64
C ALA H 77 13.41 -24.23 48.65
N MET H 78 14.12 -25.11 49.37
CA MET H 78 13.49 -25.95 50.36
C MET H 78 12.93 -25.19 51.56
N VAL H 79 13.31 -23.94 51.79
CA VAL H 79 12.85 -23.22 52.97
C VAL H 79 11.50 -22.50 52.59
N PRO H 80 10.39 -22.89 53.18
CA PRO H 80 9.14 -22.15 52.87
C PRO H 80 9.02 -20.79 53.48
N ALA H 81 8.13 -19.99 52.89
CA ALA H 81 7.89 -18.65 53.41
C ALA H 81 6.46 -18.28 53.23
N MET H 82 6.01 -17.33 54.03
CA MET H 82 4.64 -16.86 54.02
C MET H 82 4.65 -15.34 54.22
N THR H 83 3.76 -14.64 53.49
CA THR H 83 3.57 -13.16 53.68
C THR H 83 2.34 -12.94 54.57
N ILE H 84 2.41 -12.03 55.55
CA ILE H 84 1.26 -11.66 56.26
C ILE H 84 0.91 -10.17 56.20
N ASN H 85 -0.32 -9.90 56.57
CA ASN H 85 -0.87 -8.52 56.62
C ASN H 85 -1.78 -8.39 57.84
N LYS H 86 -1.28 -7.73 58.91
CA LYS H 86 -2.10 -7.28 60.04
C LYS H 86 -1.87 -5.75 60.11
N VAL H 87 -1.92 -5.09 58.93
CA VAL H 87 -1.51 -3.62 58.76
C VAL H 87 -0.22 -3.27 59.50
N SER H 88 -0.17 -2.20 60.29
CA SER H 88 1.03 -1.89 61.08
C SER H 88 1.43 -2.93 62.10
N GLY H 89 0.57 -3.87 62.40
CA GLY H 89 0.95 -4.92 63.35
C GLY H 89 1.80 -5.96 62.69
N SER H 90 1.82 -5.97 61.36
CA SER H 90 2.37 -7.08 60.63
C SER H 90 3.74 -7.57 61.03
N GLY H 91 4.68 -6.66 61.10
CA GLY H 91 6.06 -6.98 61.40
C GLY H 91 6.29 -7.58 62.78
N LEU H 92 5.45 -7.24 63.74
CA LEU H 92 5.55 -7.81 65.09
C LEU H 92 4.75 -9.08 65.15
N LYS H 93 3.57 -9.11 64.53
CA LYS H 93 2.79 -10.33 64.41
C LYS H 93 3.59 -11.47 63.81
N ALA H 94 4.46 -11.15 62.88
CA ALA H 94 5.35 -12.19 62.30
C ALA H 94 6.16 -12.93 63.35
N VAL H 95 6.68 -12.16 64.28
CA VAL H 95 7.46 -12.69 65.39
C VAL H 95 6.61 -13.54 66.31
N MET H 96 5.38 -13.10 66.50
CA MET H 96 4.43 -13.87 67.30
C MET H 96 4.07 -15.21 66.66
N LEU H 97 3.79 -15.21 65.37
CA LEU H 97 3.59 -16.43 64.63
C LEU H 97 4.85 -17.34 64.71
N ALA H 98 6.03 -16.76 64.62
CA ALA H 98 7.25 -17.57 64.66
C ALA H 98 7.31 -18.27 66.01
N ALA H 99 7.10 -17.48 67.07
CA ALA H 99 7.10 -18.09 68.42
C ALA H 99 6.02 -19.16 68.62
N ASN H 100 4.79 -18.94 68.12
CA ASN H 100 3.82 -20.02 68.11
C ASN H 100 4.29 -21.31 67.42
N ALA H 101 4.89 -21.19 66.27
CA ALA H 101 5.25 -22.32 65.47
C ALA H 101 6.29 -23.13 66.22
N ILE H 102 7.22 -22.41 66.84
CA ILE H 102 8.30 -23.05 67.57
C ILE H 102 7.78 -23.82 68.82
N MET H 103 6.94 -23.15 69.59
CA MET H 103 6.32 -23.73 70.77
C MET H 103 5.45 -24.92 70.42
N ALA H 104 4.76 -24.86 69.28
CA ALA H 104 3.98 -26.00 68.84
C ALA H 104 4.83 -27.14 68.26
N GLY H 105 6.14 -26.96 68.15
CA GLY H 105 7.02 -27.94 67.45
C GLY H 105 6.86 -27.93 65.92
N ASP H 106 6.25 -26.89 65.36
CA ASP H 106 6.03 -26.83 63.91
C ASP H 106 7.31 -26.44 63.18
N ALA H 107 8.12 -25.59 63.78
CA ALA H 107 9.31 -25.08 63.18
C ALA H 107 10.38 -25.04 64.24
N GLU H 108 11.63 -25.06 63.82
CA GLU H 108 12.75 -24.88 64.73
C GLU H 108 13.38 -23.53 64.68
N ILE H 109 13.75 -23.09 63.47
CA ILE H 109 14.36 -21.74 63.32
C ILE H 109 13.54 -20.93 62.31
N VAL H 110 13.10 -19.75 62.73
CA VAL H 110 12.20 -18.90 61.93
C VAL H 110 12.85 -17.54 61.81
N VAL H 111 12.92 -17.04 60.58
CA VAL H 111 13.27 -15.64 60.42
C VAL H 111 11.95 -14.88 60.25
N ALA H 112 11.72 -13.87 61.07
CA ALA H 112 10.44 -13.18 61.15
C ALA H 112 10.64 -11.70 61.11
N GLY H 113 9.81 -11.01 60.32
CA GLY H 113 9.85 -9.55 60.28
C GLY H 113 8.88 -8.90 59.32
N GLY H 114 9.29 -7.81 58.68
CA GLY H 114 8.45 -7.16 57.71
C GLY H 114 9.24 -6.23 56.83
N GLN H 115 8.59 -5.81 55.74
CA GLN H 115 9.23 -5.09 54.65
C GLN H 115 8.16 -4.23 54.06
N GLU H 116 8.51 -3.01 53.65
CA GLU H 116 7.52 -2.16 53.05
C GLU H 116 8.20 -1.11 52.22
N ASN H 117 7.68 -0.93 51.01
CA ASN H 117 8.09 0.21 50.17
C ASN H 117 6.85 1.00 49.83
N MET H 118 6.56 2.03 50.61
CA MET H 118 5.35 2.84 50.37
C MET H 118 5.52 3.75 49.17
N SER H 119 6.75 4.22 48.95
CA SER H 119 7.05 5.06 47.76
C SER H 119 6.64 4.40 46.43
N ALA H 120 6.88 3.08 46.31
CA ALA H 120 6.61 2.30 45.12
C ALA H 120 5.19 1.88 44.99
N ALA H 121 4.34 2.13 45.99
CA ALA H 121 2.95 1.69 45.85
C ALA H 121 2.22 2.28 44.62
N PRO H 122 1.52 1.44 43.86
CA PRO H 122 0.91 1.95 42.61
C PRO H 122 -0.53 2.31 42.76
N HIS H 123 -1.11 2.80 41.66
CA HIS H 123 -2.53 3.00 41.61
C HIS H 123 -3.12 1.80 40.93
N VAL H 124 -4.37 1.53 41.22
CA VAL H 124 -5.09 0.42 40.68
C VAL H 124 -6.35 0.99 40.01
N LEU H 125 -6.89 0.23 39.08
CA LEU H 125 -8.07 0.57 38.31
C LEU H 125 -9.15 -0.46 38.53
N PRO H 126 -10.05 -0.25 39.51
CA PRO H 126 -11.08 -1.25 39.75
C PRO H 126 -12.07 -1.22 38.60
N GLY H 127 -12.61 -2.40 38.23
CA GLY H 127 -13.53 -2.56 37.11
C GLY H 127 -12.83 -2.67 35.77
N SER H 128 -11.50 -2.74 35.76
CA SER H 128 -10.72 -2.68 34.54
C SER H 128 -11.01 -3.87 33.62
N ARG H 129 -11.44 -4.96 34.24
CA ARG H 129 -11.68 -6.17 33.54
C ARG H 129 -12.98 -6.07 32.75
N ASP H 130 -13.99 -5.37 33.26
CA ASP H 130 -15.22 -5.21 32.52
C ASP H 130 -15.19 -3.98 31.60
N GLY H 131 -14.27 -3.05 31.81
CA GLY H 131 -14.28 -1.79 31.03
C GLY H 131 -15.19 -0.68 31.53
N PHE H 132 -15.11 0.49 30.89
CA PHE H 132 -15.81 1.69 31.29
C PHE H 132 -16.56 2.20 30.04
N ARG H 133 -17.77 1.70 29.88
CA ARG H 133 -18.57 1.86 28.68
C ARG H 133 -18.74 3.36 28.35
N MET H 134 -18.88 4.20 29.37
CA MET H 134 -19.03 5.62 29.20
C MET H 134 -18.81 6.32 30.54
N GLY H 135 -18.07 7.41 30.57
CA GLY H 135 -17.94 8.15 31.77
C GLY H 135 -16.55 7.93 32.38
N ASP H 136 -16.26 8.75 33.34
CA ASP H 136 -14.98 8.77 34.00
C ASP H 136 -14.80 7.55 34.91
N ALA H 137 -13.56 7.18 35.17
CA ALA H 137 -13.22 6.07 36.08
C ALA H 137 -12.10 6.51 37.04
N LYS H 138 -12.04 5.85 38.17
CA LYS H 138 -11.15 6.27 39.28
C LYS H 138 -9.89 5.37 39.21
N LEU H 139 -8.69 5.94 39.26
CA LEU H 139 -7.46 5.24 39.64
C LEU H 139 -7.25 5.50 41.14
N VAL H 140 -7.21 4.42 41.88
CA VAL H 140 -7.26 4.41 43.32
C VAL H 140 -5.83 4.22 43.84
N ASP H 141 -5.44 5.00 44.85
CA ASP H 141 -4.08 5.00 45.36
C ASP H 141 -4.01 3.78 46.34
N THR H 142 -3.22 2.75 46.02
CA THR H 142 -3.27 1.51 46.88
C THR H 142 -2.63 1.85 48.18
N MET H 143 -1.65 2.76 48.21
CA MET H 143 -1.07 3.16 49.49
C MET H 143 -2.13 3.64 50.48
N ILE H 144 -3.04 4.45 50.02
CA ILE H 144 -4.08 4.97 50.86
C ILE H 144 -5.15 3.95 51.15
N VAL H 145 -5.70 3.32 50.10
CA VAL H 145 -6.84 2.45 50.34
C VAL H 145 -6.44 1.21 51.12
N ASP H 146 -5.31 0.61 50.75
CA ASP H 146 -4.87 -0.67 51.34
C ASP H 146 -4.11 -0.46 52.65
N GLY H 147 -3.47 0.71 52.76
CA GLY H 147 -2.62 1.03 53.88
C GLY H 147 -3.16 1.93 54.91
N LEU H 148 -3.96 2.94 54.52
CA LEU H 148 -4.18 4.13 55.38
C LEU H 148 -5.66 4.56 55.59
N TRP H 149 -6.57 3.72 55.14
CA TRP H 149 -7.97 4.13 55.03
C TRP H 149 -8.84 3.17 55.79
N ASP H 150 -9.67 3.65 56.72
CA ASP H 150 -10.52 2.75 57.47
C ASP H 150 -11.69 2.26 56.61
N VAL H 151 -11.87 0.94 56.56
CA VAL H 151 -12.89 0.38 55.71
C VAL H 151 -14.27 0.68 56.25
N TYR H 152 -14.41 0.64 57.57
CA TYR H 152 -15.76 0.67 58.23
C TYR H 152 -16.32 2.07 58.32
N ASN H 153 -15.44 3.05 58.49
CA ASN H 153 -15.86 4.45 58.59
C ASN H 153 -15.54 5.30 57.42
N GLN H 154 -14.74 4.77 56.51
CA GLN H 154 -14.36 5.41 55.27
C GLN H 154 -13.74 6.82 55.51
N TYR H 155 -12.72 6.84 56.32
CA TYR H 155 -11.87 7.96 56.44
C TYR H 155 -10.44 7.58 56.80
N HIS H 156 -9.55 8.57 56.75
CA HIS H 156 -8.12 8.31 56.92
C HIS H 156 -7.78 7.87 58.37
N MET H 157 -6.68 7.11 58.53
CA MET H 157 -6.17 6.81 59.88
C MET H 157 -6.03 8.11 60.71
N GLY H 158 -5.74 9.20 60.05
CA GLY H 158 -5.56 10.48 60.71
C GLY H 158 -6.82 10.97 61.41
N ILE H 159 -7.98 10.63 60.85
CA ILE H 159 -9.25 10.90 61.54
C ILE H 159 -9.47 10.00 62.77
N THR H 160 -8.98 8.75 62.71
CA THR H 160 -9.03 7.93 63.97
C THR H 160 -8.21 8.59 65.08
N ALA H 161 -7.09 9.21 64.67
CA ALA H 161 -6.26 9.88 65.63
C ALA H 161 -6.95 11.11 66.25
N GLU H 162 -7.66 11.87 65.43
CA GLU H 162 -8.51 12.98 65.92
C GLU H 162 -9.57 12.46 66.89
N ASN H 163 -10.17 11.28 66.58
CA ASN H 163 -11.14 10.68 67.50
C ASN H 163 -10.53 10.37 68.84
N VAL H 164 -9.29 9.85 68.83
CA VAL H 164 -8.59 9.50 70.05
C VAL H 164 -8.23 10.78 70.82
N ALA H 165 -7.75 11.79 70.11
CA ALA H 165 -7.37 13.09 70.74
C ALA H 165 -8.53 13.67 71.56
N LYS H 166 -9.67 13.74 70.89
CA LYS H 166 -10.88 14.23 71.50
C LYS H 166 -11.33 13.34 72.64
N GLU H 167 -11.33 12.02 72.45
CA GLU H 167 -11.90 11.21 73.50
C GLU H 167 -11.01 11.18 74.75
N TYR H 168 -9.70 11.25 74.60
CA TYR H 168 -8.79 11.18 75.75
C TYR H 168 -8.17 12.53 76.13
N GLY H 169 -8.63 13.61 75.48
CA GLY H 169 -8.24 14.97 75.80
C GLY H 169 -6.79 15.22 75.58
N ILE H 170 -6.30 14.78 74.42
CA ILE H 170 -4.90 14.98 74.07
C ILE H 170 -4.84 16.22 73.19
N THR H 171 -4.19 17.27 73.67
CA THR H 171 -4.25 18.56 73.02
C THR H 171 -3.20 18.70 71.98
N ARG H 172 -3.44 19.68 71.11
CA ARG H 172 -2.47 20.10 70.10
C ARG H 172 -1.07 20.39 70.71
N GLU H 173 -1.05 21.12 71.83
CA GLU H 173 0.24 21.43 72.50
C GLU H 173 0.94 20.17 73.02
N ALA H 174 0.18 19.28 73.66
CA ALA H 174 0.76 18.06 74.13
C ALA H 174 1.36 17.31 72.91
N GLN H 175 0.63 17.31 71.80
CA GLN H 175 1.08 16.54 70.66
C GLN H 175 2.36 17.10 70.09
N ASP H 176 2.45 18.42 69.97
CA ASP H 176 3.63 19.03 69.42
C ASP H 176 4.83 18.88 70.34
N GLU H 177 4.61 18.92 71.65
CA GLU H 177 5.72 18.73 72.57
C GLU H 177 6.29 17.29 72.42
N PHE H 178 5.37 16.33 72.28
CA PHE H 178 5.72 14.92 72.10
C PHE H 178 6.51 14.76 70.79
N ALA H 179 6.02 15.36 69.74
CA ALA H 179 6.68 15.27 68.40
C ALA H 179 8.07 15.89 68.39
N VAL H 180 8.22 17.07 68.98
CA VAL H 180 9.54 17.67 69.03
C VAL H 180 10.45 16.82 69.87
N GLY H 181 9.94 16.21 70.93
CA GLY H 181 10.79 15.31 71.73
C GLY H 181 11.32 14.11 70.96
N SER H 182 10.48 13.59 70.06
CA SER H 182 10.84 12.42 69.28
C SER H 182 11.97 12.77 68.29
N GLN H 183 11.80 13.89 67.61
CA GLN H 183 12.84 14.44 66.69
C GLN H 183 14.14 14.67 67.42
N ASN H 184 14.06 15.28 68.60
CA ASN H 184 15.30 15.59 69.32
C ASN H 184 15.95 14.37 69.85
N LYS H 185 15.17 13.44 70.37
CA LYS H 185 15.77 12.23 70.87
C LYS H 185 16.39 11.42 69.70
N ALA H 186 15.73 11.35 68.56
CA ALA H 186 16.35 10.66 67.41
C ALA H 186 17.66 11.33 66.96
N GLU H 187 17.63 12.65 66.86
CA GLU H 187 18.84 13.38 66.52
C GLU H 187 19.98 13.07 67.50
N ALA H 188 19.71 13.04 68.83
CA ALA H 188 20.70 12.68 69.84
C ALA H 188 21.19 11.21 69.73
N ALA H 189 20.29 10.32 69.40
CA ALA H 189 20.66 8.94 69.23
C ALA H 189 21.56 8.78 67.98
N GLN H 190 21.31 9.55 66.94
CA GLN H 190 22.15 9.53 65.72
C GLN H 190 23.51 10.05 66.10
N LYS H 191 23.59 11.16 66.84
CA LYS H 191 24.89 11.64 67.29
C LYS H 191 25.64 10.66 68.15
N ALA H 192 24.95 9.86 68.95
CA ALA H 192 25.68 8.92 69.77
C ALA H 192 25.94 7.60 69.09
N GLY H 193 25.49 7.42 67.85
CA GLY H 193 25.81 6.17 67.15
C GLY H 193 25.00 5.04 67.65
N LYS H 194 23.86 5.36 68.26
CA LYS H 194 22.99 4.32 68.83
C LYS H 194 22.46 3.29 67.77
N PHE H 195 22.32 3.72 66.54
CA PHE H 195 21.74 2.86 65.49
C PHE H 195 22.81 2.17 64.60
N ASP H 196 24.09 2.36 64.95
CA ASP H 196 25.20 1.87 64.11
C ASP H 196 25.20 0.38 64.09
N GLU H 197 25.00 -0.22 65.21
CA GLU H 197 24.96 -1.64 65.21
C GLU H 197 23.71 -2.33 64.53
N GLU H 198 22.52 -1.84 64.80
CA GLU H 198 21.33 -2.49 64.25
C GLU H 198 21.15 -2.31 62.71
N ILE H 199 21.62 -1.22 62.15
CA ILE H 199 21.31 -0.88 60.78
C ILE H 199 22.15 -1.64 59.82
N VAL H 200 21.57 -2.27 58.79
CA VAL H 200 22.36 -2.88 57.72
C VAL H 200 22.32 -1.97 56.49
N PRO H 201 23.49 -1.58 55.97
CA PRO H 201 23.47 -0.72 54.78
C PRO H 201 22.79 -1.31 53.61
N VAL H 202 22.18 -0.47 52.79
CA VAL H 202 21.64 -0.90 51.50
C VAL H 202 22.42 -0.08 50.47
N LEU H 203 23.00 -0.75 49.48
CA LEU H 203 23.78 -0.07 48.43
C LEU H 203 22.86 0.49 47.37
N ILE H 204 22.92 1.79 47.12
CA ILE H 204 21.96 2.43 46.22
C ILE H 204 22.67 2.78 44.91
N PRO H 205 22.36 2.09 43.80
CA PRO H 205 22.99 2.40 42.47
C PRO H 205 22.91 3.89 42.12
N GLN H 206 24.02 4.51 41.70
CA GLN H 206 24.07 5.95 41.33
C GLN H 206 24.11 6.15 39.80
N ARG H 207 23.58 7.26 39.29
CA ARG H 207 23.53 7.45 37.84
C ARG H 207 24.92 7.33 37.20
N LYS H 208 25.94 7.74 37.94
CA LYS H 208 27.33 7.42 37.59
C LYS H 208 28.20 7.42 38.84
N GLY H 209 29.21 6.56 38.87
CA GLY H 209 30.04 6.41 40.06
C GLY H 209 29.55 5.17 40.77
N ASP H 210 30.18 4.79 41.87
CA ASP H 210 29.84 3.54 42.60
C ASP H 210 28.60 3.68 43.50
N PRO H 211 27.90 2.55 43.79
CA PRO H 211 26.66 2.58 44.59
C PRO H 211 26.96 3.20 45.91
N VAL H 212 26.07 4.04 46.41
CA VAL H 212 26.30 4.68 47.70
C VAL H 212 25.57 3.83 48.77
N ALA H 213 26.23 3.63 49.90
CA ALA H 213 25.68 2.94 51.07
C ALA H 213 24.63 3.83 51.74
N PHE H 214 23.39 3.38 51.79
CA PHE H 214 22.37 4.10 52.54
C PHE H 214 22.25 3.50 53.93
N LYS H 215 22.54 4.27 54.97
CA LYS H 215 22.62 3.70 56.31
C LYS H 215 22.25 4.65 57.46
N THR H 216 21.51 5.68 57.13
CA THR H 216 21.10 6.68 58.06
C THR H 216 19.59 6.90 57.96
N ASP H 217 18.95 7.11 59.12
CA ASP H 217 17.50 7.41 59.13
C ASP H 217 17.22 8.77 58.65
N GLU H 218 17.06 8.91 57.32
CA GLU H 218 17.10 10.16 56.66
C GLU H 218 15.83 10.98 56.90
N PHE H 219 14.79 10.42 57.51
CA PHE H 219 13.56 11.21 57.76
C PHE H 219 13.64 12.12 59.01
N VAL H 220 14.61 11.81 59.86
CA VAL H 220 14.79 12.46 61.18
C VAL H 220 15.13 13.91 60.88
N ARG H 221 14.43 14.85 61.49
CA ARG H 221 14.68 16.29 61.30
C ARG H 221 15.65 16.76 62.41
N GLN H 222 16.83 17.19 62.00
CA GLN H 222 17.83 17.73 62.91
C GLN H 222 17.45 19.16 63.35
N GLY H 223 17.78 19.52 64.59
CA GLY H 223 17.44 20.84 65.14
C GLY H 223 15.97 21.21 65.04
N ALA H 224 15.08 20.24 65.26
CA ALA H 224 13.67 20.58 65.17
C ALA H 224 13.27 21.37 66.41
N THR H 225 12.36 22.30 66.26
CA THR H 225 11.91 23.06 67.41
C THR H 225 10.40 23.11 67.51
N LEU H 226 9.91 23.46 68.70
CA LEU H 226 8.47 23.60 68.93
C LEU H 226 7.86 24.63 67.99
N ASP H 227 8.55 25.76 67.82
CA ASP H 227 8.12 26.83 66.91
C ASP H 227 7.93 26.36 65.49
N SER H 228 8.76 25.42 65.01
CA SER H 228 8.59 24.84 63.65
C SER H 228 7.28 24.03 63.50
N MET H 229 6.64 23.64 64.62
CA MET H 229 5.41 22.75 64.60
C MET H 229 4.11 23.45 65.06
N SER H 230 4.26 24.38 66.03
CA SER H 230 3.11 24.95 66.72
C SER H 230 2.27 25.80 65.85
N GLY H 231 2.83 26.19 64.71
CA GLY H 231 2.12 27.04 63.79
C GLY H 231 1.44 26.33 62.63
N LEU H 232 1.75 25.06 62.41
CA LEU H 232 1.28 24.40 61.17
C LEU H 232 -0.22 24.19 61.17
N LYS H 233 -0.76 24.12 59.96
CA LYS H 233 -2.06 23.73 59.58
C LYS H 233 -2.43 22.24 59.97
N PRO H 234 -3.70 21.96 60.28
CA PRO H 234 -4.09 20.53 60.52
C PRO H 234 -4.06 19.74 59.21
N ALA H 235 -3.66 18.46 59.27
CA ALA H 235 -3.47 17.69 58.08
C ALA H 235 -4.79 17.02 57.62
N PHE H 236 -5.73 16.72 58.52
CA PHE H 236 -6.81 15.85 58.15
C PHE H 236 -8.22 16.46 58.32
N ASP H 237 -8.35 17.40 59.22
CA ASP H 237 -9.65 17.97 59.54
C ASP H 237 -9.33 19.41 59.98
N LYS H 238 -10.12 20.37 59.50
CA LYS H 238 -9.94 21.80 59.77
C LYS H 238 -9.99 22.14 61.24
N ALA H 239 -10.80 21.40 61.98
CA ALA H 239 -10.88 21.54 63.42
C ALA H 239 -9.93 20.62 64.18
N GLY H 240 -8.93 20.04 63.50
CA GLY H 240 -8.11 18.95 64.04
C GLY H 240 -6.93 19.39 64.84
N THR H 241 -6.31 18.44 65.52
CA THR H 241 -5.08 18.65 66.23
C THR H 241 -3.92 18.01 65.51
N VAL H 242 -4.18 17.15 64.52
CA VAL H 242 -3.13 16.39 63.88
C VAL H 242 -2.57 17.12 62.68
N THR H 243 -1.23 17.17 62.60
CA THR H 243 -0.50 17.88 61.54
C THR H 243 0.48 16.94 60.90
N ALA H 244 1.18 17.44 59.90
CA ALA H 244 2.26 16.68 59.28
C ALA H 244 3.44 16.51 60.23
N ALA H 245 3.58 17.37 61.24
CA ALA H 245 4.73 17.28 62.10
C ALA H 245 4.47 16.42 63.32
N ASN H 246 3.21 16.25 63.72
CA ASN H 246 2.89 15.39 64.89
C ASN H 246 2.33 14.01 64.58
N ALA H 247 2.47 13.64 63.32
CA ALA H 247 2.26 12.27 62.84
C ALA H 247 3.50 11.76 62.13
N SER H 248 3.66 10.45 61.91
CA SER H 248 4.86 10.00 61.16
C SER H 248 4.57 10.17 59.70
N GLY H 249 5.43 9.66 58.83
CA GLY H 249 5.31 9.97 57.40
C GLY H 249 4.96 8.71 56.63
N LEU H 250 5.24 8.72 55.35
CA LEU H 250 5.04 7.56 54.54
C LEU H 250 6.46 7.12 54.24
N ASN H 251 6.82 5.89 54.56
CA ASN H 251 8.25 5.47 54.55
C ASN H 251 8.56 4.09 54.01
N ASP H 252 9.84 3.84 53.78
CA ASP H 252 10.31 2.57 53.21
C ASP H 252 11.35 1.97 54.11
N GLY H 253 11.40 0.64 54.18
CA GLY H 253 12.32 -0.09 55.02
C GLY H 253 11.90 -1.52 55.34
N ALA H 254 12.83 -2.25 55.97
CA ALA H 254 12.62 -3.60 56.45
C ALA H 254 13.34 -3.92 57.74
N ALA H 255 12.95 -5.05 58.33
CA ALA H 255 13.55 -5.56 59.58
C ALA H 255 13.24 -6.98 59.76
N ALA H 256 14.13 -7.70 60.44
CA ALA H 256 13.92 -9.07 60.69
C ALA H 256 14.69 -9.51 61.96
N VAL H 257 14.16 -10.52 62.63
CA VAL H 257 14.86 -11.22 63.70
C VAL H 257 14.91 -12.69 63.36
N VAL H 258 15.84 -13.37 64.02
CA VAL H 258 15.95 -14.80 63.99
C VAL H 258 15.49 -15.35 65.33
N VAL H 259 14.57 -16.31 65.28
CA VAL H 259 13.87 -16.85 66.48
C VAL H 259 14.07 -18.33 66.49
N MET H 260 14.20 -18.92 67.69
CA MET H 260 14.31 -20.40 67.84
C MET H 260 14.10 -20.75 69.36
N SER H 261 13.96 -22.01 69.72
CA SER H 261 13.83 -22.32 71.18
C SER H 261 15.15 -22.03 71.92
N ALA H 262 15.08 -21.89 73.24
CA ALA H 262 16.29 -21.66 74.04
C ALA H 262 17.17 -22.92 73.90
N ALA H 263 16.57 -24.07 73.85
CA ALA H 263 17.34 -25.32 73.81
C ALA H 263 18.13 -25.38 72.47
N LYS H 264 17.44 -25.03 71.36
CA LYS H 264 18.11 -25.01 70.04
C LYS H 264 19.28 -24.07 70.01
N ALA H 265 19.12 -22.88 70.61
CA ALA H 265 20.23 -21.94 70.65
C ALA H 265 21.40 -22.53 71.44
N LYS H 266 21.09 -23.16 72.57
CA LYS H 266 22.20 -23.71 73.39
C LYS H 266 22.87 -24.85 72.61
N GLU H 267 22.08 -25.74 72.03
CA GLU H 267 22.60 -26.80 71.20
C GLU H 267 23.48 -26.25 70.06
N LEU H 268 23.18 -25.08 69.52
CA LEU H 268 23.97 -24.53 68.41
C LEU H 268 25.02 -23.63 68.89
N GLY H 269 25.11 -23.47 70.20
CA GLY H 269 26.16 -22.63 70.73
C GLY H 269 25.91 -21.15 70.54
N LEU H 270 24.66 -20.70 70.47
CA LEU H 270 24.48 -19.30 70.15
C LEU H 270 24.06 -18.61 71.42
N THR H 271 24.48 -17.36 71.57
CA THR H 271 23.97 -16.54 72.66
C THR H 271 22.79 -15.65 72.27
N PRO H 272 21.63 -15.84 72.87
CA PRO H 272 20.45 -15.01 72.55
C PRO H 272 20.60 -13.53 72.91
N LEU H 273 19.92 -12.67 72.17
CA LEU H 273 19.71 -11.28 72.55
C LEU H 273 18.68 -11.23 73.68
N ALA H 274 17.67 -12.06 73.62
CA ALA H 274 16.64 -12.04 74.67
C ALA H 274 15.76 -13.21 74.58
N THR H 275 14.98 -13.41 75.63
CA THR H 275 13.91 -14.36 75.63
C THR H 275 12.59 -13.62 75.39
N ILE H 276 11.71 -14.23 74.61
CA ILE H 276 10.36 -13.70 74.39
C ILE H 276 9.59 -14.11 75.64
N LYS H 277 9.16 -13.12 76.43
CA LYS H 277 8.50 -13.39 77.69
C LYS H 277 7.05 -13.74 77.41
N SER H 278 6.42 -12.92 76.58
CA SER H 278 5.01 -13.10 76.28
C SER H 278 4.65 -12.21 75.10
N TYR H 279 3.42 -12.37 74.61
CA TYR H 279 2.88 -11.52 73.54
C TYR H 279 1.33 -11.64 73.53
N ALA H 280 0.71 -10.67 72.91
CA ALA H 280 -0.73 -10.68 72.78
C ALA H 280 -1.21 -9.77 71.66
N ASN H 281 -2.38 -10.07 71.14
CA ASN H 281 -3.11 -9.12 70.32
C ASN H 281 -4.33 -8.63 71.08
N ALA H 282 -5.06 -7.73 70.43
CA ALA H 282 -6.29 -7.15 70.99
C ALA H 282 -7.07 -6.43 69.89
N GLY H 283 -8.37 -6.23 70.13
CA GLY H 283 -9.18 -5.54 69.14
C GLY H 283 -9.90 -4.41 69.81
N VAL H 284 -10.05 -3.28 69.13
CA VAL H 284 -10.81 -2.16 69.70
C VAL H 284 -11.70 -1.66 68.56
N ASP H 285 -12.56 -0.72 68.84
CA ASP H 285 -13.33 -0.07 67.79
C ASP H 285 -12.41 0.55 66.75
N PRO H 286 -12.70 0.36 65.47
CA PRO H 286 -11.88 0.96 64.38
C PRO H 286 -11.74 2.48 64.51
N LYS H 287 -12.81 3.12 64.98
CA LYS H 287 -12.80 4.57 65.25
C LYS H 287 -11.63 5.06 66.13
N VAL H 288 -11.19 4.20 67.03
CA VAL H 288 -10.16 4.56 67.98
C VAL H 288 -9.02 3.54 67.92
N MET H 289 -8.70 3.17 66.68
CA MET H 289 -7.68 2.10 66.45
C MET H 289 -6.38 2.35 67.18
N GLY H 290 -6.02 3.63 67.34
CA GLY H 290 -4.81 4.06 68.02
C GLY H 290 -4.69 3.61 69.47
N MET H 291 -5.80 3.21 70.09
CA MET H 291 -5.74 2.68 71.46
C MET H 291 -5.41 1.16 71.57
N GLY H 292 -5.29 0.50 70.44
CA GLY H 292 -4.99 -0.93 70.43
C GLY H 292 -3.90 -1.40 71.36
N PRO H 293 -2.81 -0.64 71.44
CA PRO H 293 -1.70 -1.01 72.30
C PRO H 293 -2.09 -1.10 73.77
N VAL H 294 -3.16 -0.42 74.21
CA VAL H 294 -3.56 -0.53 75.65
C VAL H 294 -4.08 -1.97 76.02
N PRO H 295 -5.20 -2.46 75.45
CA PRO H 295 -5.53 -3.85 75.82
C PRO H 295 -4.41 -4.85 75.39
N ALA H 296 -3.71 -4.59 74.28
CA ALA H 296 -2.59 -5.54 73.92
C ALA H 296 -1.45 -5.53 74.92
N SER H 297 -1.03 -4.37 75.35
CA SER H 297 0.06 -4.35 76.31
C SER H 297 -0.39 -4.91 77.70
N LYS H 298 -1.59 -4.54 78.15
CA LYS H 298 -2.17 -5.14 79.39
C LYS H 298 -2.22 -6.65 79.33
N ARG H 299 -2.69 -7.20 78.22
CA ARG H 299 -2.72 -8.65 78.08
C ARG H 299 -1.33 -9.25 78.07
N ALA H 300 -0.38 -8.63 77.38
CA ALA H 300 1.02 -9.14 77.37
C ALA H 300 1.68 -9.08 78.73
N LEU H 301 1.53 -7.96 79.41
CA LEU H 301 2.04 -7.84 80.78
C LEU H 301 1.39 -8.87 81.69
N SER H 302 0.08 -9.06 81.56
CA SER H 302 -0.62 -10.04 82.36
C SER H 302 -0.08 -11.44 82.09
N ARG H 303 0.09 -11.79 80.81
CA ARG H 303 0.67 -13.07 80.46
C ARG H 303 2.10 -13.22 80.99
N ALA H 304 2.83 -12.13 81.08
CA ALA H 304 4.19 -12.12 81.67
C ALA H 304 4.20 -12.12 83.22
N GLU H 305 3.08 -11.80 83.87
CA GLU H 305 3.07 -11.55 85.31
C GLU H 305 4.02 -10.43 85.67
N TRP H 306 3.96 -9.37 84.87
CA TRP H 306 4.62 -8.13 85.10
C TRP H 306 3.60 -7.02 85.23
N THR H 307 4.04 -5.90 85.78
CA THR H 307 3.25 -4.69 85.95
C THR H 307 3.91 -3.74 84.99
N PRO H 308 3.20 -2.67 84.58
CA PRO H 308 3.81 -1.63 83.75
C PRO H 308 5.07 -1.05 84.36
N GLN H 309 5.14 -1.03 85.69
CA GLN H 309 6.29 -0.51 86.36
C GLN H 309 7.47 -1.45 86.33
N ASP H 310 7.29 -2.74 86.05
CA ASP H 310 8.44 -3.67 85.94
C ASP H 310 9.36 -3.40 84.72
N LEU H 311 8.80 -2.69 83.75
CA LEU H 311 9.49 -2.47 82.47
C LEU H 311 10.68 -1.53 82.61
N ASP H 312 11.78 -1.83 81.91
CA ASP H 312 12.90 -0.90 81.83
C ASP H 312 12.86 -0.03 80.60
N LEU H 313 12.25 -0.55 79.52
CA LEU H 313 12.35 0.11 78.24
C LEU H 313 11.14 -0.41 77.40
N MET H 314 10.54 0.53 76.67
CA MET H 314 9.42 0.24 75.82
C MET H 314 9.66 0.88 74.46
N GLU H 315 9.17 0.20 73.41
CA GLU H 315 8.99 0.81 72.08
C GLU H 315 7.48 0.73 71.73
N ILE H 316 6.83 1.87 71.77
CA ILE H 316 5.41 2.02 71.48
C ILE H 316 5.33 2.93 70.24
N ASN H 317 4.82 2.40 69.13
CA ASN H 317 4.93 3.10 67.85
C ASN H 317 4.18 4.41 67.85
N GLU H 318 4.70 5.39 67.10
CA GLU H 318 4.14 6.74 67.14
C GLU H 318 3.55 7.07 65.81
N ALA H 319 2.58 6.31 65.34
CA ALA H 319 1.93 6.67 64.08
C ALA H 319 1.40 8.11 64.16
N PHE H 320 0.81 8.44 65.31
CA PHE H 320 0.29 9.76 65.63
C PHE H 320 0.58 10.06 67.07
N ALA H 321 1.16 11.25 67.29
CA ALA H 321 1.35 11.73 68.66
C ALA H 321 0.07 11.58 69.44
N ALA H 322 -1.05 11.89 68.80
CA ALA H 322 -2.34 11.79 69.48
C ALA H 322 -2.60 10.45 70.13
N GLN H 323 -2.33 9.34 69.41
CA GLN H 323 -2.64 8.05 69.95
C GLN H 323 -1.52 7.56 70.86
N ALA H 324 -0.28 7.85 70.52
CA ALA H 324 0.80 7.45 71.42
C ALA H 324 0.53 8.07 72.83
N LEU H 325 0.15 9.34 72.87
CA LEU H 325 -0.02 10.02 74.17
C LEU H 325 -1.20 9.43 74.96
N ALA H 326 -2.25 9.03 74.29
CA ALA H 326 -3.41 8.42 74.94
C ALA H 326 -3.09 7.02 75.45
N VAL H 327 -2.23 6.33 74.71
CA VAL H 327 -1.77 5.04 75.18
C VAL H 327 -1.04 5.22 76.52
N HIS H 328 -0.09 6.18 76.55
CA HIS H 328 0.71 6.49 77.75
C HIS H 328 -0.22 6.89 78.91
N GLN H 329 -1.16 7.78 78.62
CA GLN H 329 -2.16 8.17 79.61
C GLN H 329 -2.88 6.99 80.20
N GLN H 330 -3.33 6.05 79.37
CA GLN H 330 -4.08 4.88 79.88
C GLN H 330 -3.19 3.79 80.49
N MET H 331 -1.93 3.66 80.10
CA MET H 331 -1.12 2.66 80.74
C MET H 331 -0.53 3.11 82.07
N GLY H 332 -0.27 4.40 82.24
CA GLY H 332 0.30 4.91 83.48
C GLY H 332 1.79 4.64 83.68
N TRP H 333 2.49 4.22 82.64
CA TRP H 333 3.91 3.88 82.80
C TRP H 333 4.72 5.11 82.59
N ASP H 334 6.01 4.99 82.96
CA ASP H 334 6.93 6.10 82.86
C ASP H 334 7.32 6.34 81.38
N THR H 335 6.90 7.47 80.81
CA THR H 335 7.14 7.74 79.38
C THR H 335 8.57 8.10 79.04
N SER H 336 9.39 8.31 80.07
CA SER H 336 10.79 8.53 79.88
C SER H 336 11.52 7.20 79.46
N LYS H 337 10.93 6.05 79.77
CA LYS H 337 11.42 4.75 79.34
C LYS H 337 11.02 4.34 77.87
N VAL H 338 10.26 5.23 77.25
CA VAL H 338 9.61 4.98 75.98
C VAL H 338 10.28 5.66 74.83
N ASN H 339 10.49 4.89 73.74
CA ASN H 339 11.14 5.42 72.53
C ASN H 339 12.39 6.31 72.81
N VAL H 340 13.32 5.75 73.58
CA VAL H 340 14.39 6.55 74.17
C VAL H 340 15.28 7.12 73.08
N ASN H 341 15.37 6.42 71.93
CA ASN H 341 16.12 6.93 70.81
C ASN H 341 15.28 7.56 69.75
N GLY H 342 14.06 7.95 70.09
CA GLY H 342 13.20 8.57 69.12
C GLY H 342 12.22 7.51 68.58
N GLY H 343 11.12 7.99 68.05
CA GLY H 343 10.14 7.08 67.44
C GLY H 343 9.74 7.44 66.03
N ALA H 344 8.65 6.82 65.55
CA ALA H 344 8.32 6.94 64.10
C ALA H 344 8.07 8.36 63.60
N ILE H 345 7.72 9.27 64.50
CA ILE H 345 7.48 10.62 64.02
C ILE H 345 8.74 11.16 63.32
N ALA H 346 9.87 10.82 63.92
CA ALA H 346 11.21 11.18 63.44
C ALA H 346 11.82 10.11 62.53
N ILE H 347 11.76 8.87 62.93
CA ILE H 347 12.42 7.82 62.12
C ILE H 347 11.62 7.43 60.85
N GLY H 348 10.30 7.51 60.94
CA GLY H 348 9.42 7.12 59.86
C GLY H 348 8.70 5.76 60.14
N HIS H 349 7.66 5.49 59.33
CA HIS H 349 6.75 4.39 59.57
C HIS H 349 6.41 3.57 58.33
N PRO H 350 7.35 2.74 57.87
CA PRO H 350 7.11 1.80 56.79
C PRO H 350 6.16 0.65 57.32
N ILE H 351 4.85 0.75 57.00
CA ILE H 351 3.80 0.14 57.83
C ILE H 351 4.04 -1.37 58.08
N GLY H 352 4.35 -2.14 57.03
CA GLY H 352 4.44 -3.63 57.26
C GLY H 352 5.72 -4.08 58.00
N ALA H 353 6.68 -3.18 58.05
CA ALA H 353 7.96 -3.38 58.71
C ALA H 353 8.05 -2.80 60.12
N SER H 354 7.27 -1.78 60.45
CA SER H 354 7.49 -1.04 61.65
C SER H 354 7.41 -1.88 62.89
N GLY H 355 6.60 -2.90 62.86
CA GLY H 355 6.45 -3.75 64.05
C GLY H 355 7.70 -4.52 64.44
N CYS H 356 8.46 -4.91 63.41
CA CYS H 356 9.79 -5.50 63.68
C CYS H 356 10.91 -4.45 63.82
N ARG H 357 10.80 -3.34 63.07
CA ARG H 357 11.71 -2.22 63.20
C ARG H 357 11.84 -1.81 64.67
N ILE H 358 10.70 -1.61 65.32
CA ILE H 358 10.76 -1.15 66.70
C ILE H 358 11.32 -2.18 67.67
N LEU H 359 11.06 -3.44 67.37
CA LEU H 359 11.63 -4.50 68.17
C LEU H 359 13.14 -4.58 68.06
N VAL H 360 13.63 -4.39 66.85
CA VAL H 360 15.07 -4.35 66.60
C VAL H 360 15.71 -3.21 67.41
N THR H 361 15.13 -2.04 67.33
CA THR H 361 15.62 -0.88 68.07
C THR H 361 15.59 -1.12 69.61
N LEU H 362 14.49 -1.72 70.08
CA LEU H 362 14.35 -2.08 71.50
C LEU H 362 15.50 -2.99 71.98
N LEU H 363 15.79 -4.01 71.18
CA LEU H 363 16.68 -5.04 71.59
C LEU H 363 18.08 -4.54 71.66
N HIS H 364 18.47 -3.65 70.76
CA HIS H 364 19.82 -3.17 70.78
C HIS H 364 20.05 -2.17 71.92
N GLU H 365 19.01 -1.42 72.24
CA GLU H 365 19.13 -0.45 73.32
C GLU H 365 19.14 -1.20 74.66
N MET H 366 18.33 -2.21 74.81
CA MET H 366 18.41 -3.06 76.01
C MET H 366 19.80 -3.64 76.27
N LYS H 367 20.41 -4.15 75.22
CA LYS H 367 21.73 -4.67 75.33
C LYS H 367 22.64 -3.59 75.80
N ARG H 368 22.62 -2.42 75.17
CA ARG H 368 23.59 -1.40 75.51
C ARG H 368 23.44 -0.87 76.93
N ARG H 369 22.24 -0.84 77.46
CA ARG H 369 21.99 -0.35 78.83
C ARG H 369 22.02 -1.44 79.88
N ASP H 370 22.14 -2.69 79.42
CA ASP H 370 21.88 -3.86 80.19
C ASP H 370 20.53 -3.80 80.91
N ALA H 371 19.49 -3.31 80.22
CA ALA H 371 18.12 -3.37 80.73
C ALA H 371 17.63 -4.78 80.67
N LYS H 372 16.71 -5.11 81.58
CA LYS H 372 16.26 -6.45 81.72
C LYS H 372 14.90 -6.79 81.11
N LYS H 373 13.97 -5.83 81.15
CA LYS H 373 12.57 -6.09 80.81
C LYS H 373 12.14 -5.03 79.85
N GLY H 374 11.58 -5.47 78.71
CA GLY H 374 11.13 -4.51 77.70
C GLY H 374 9.85 -4.98 77.02
N LEU H 375 9.26 -4.06 76.29
CA LEU H 375 7.98 -4.29 75.57
C LEU H 375 7.95 -3.42 74.30
N ALA H 376 7.41 -3.99 73.22
CA ALA H 376 7.17 -3.29 72.00
C ALA H 376 5.70 -3.42 71.70
N SER H 377 5.06 -2.38 71.21
CA SER H 377 3.61 -2.49 70.91
C SER H 377 3.25 -1.52 69.84
N LEU H 378 2.22 -1.87 69.05
CA LEU H 378 1.77 -0.95 68.00
C LEU H 378 0.29 -0.97 67.82
N CYS H 379 -0.26 0.14 67.32
CA CYS H 379 -1.67 0.19 66.92
C CYS H 379 -1.81 -0.27 65.51
N ILE H 380 -3.07 -0.57 65.12
CA ILE H 380 -3.33 -1.25 63.88
C ILE H 380 -4.67 -0.79 63.30
N GLY H 381 -4.57 -0.27 62.09
CA GLY H 381 -5.73 0.22 61.36
C GLY H 381 -6.79 -0.85 61.31
N GLY H 382 -8.06 -0.46 61.51
CA GLY H 382 -9.13 -1.46 61.54
C GLY H 382 -9.46 -1.84 62.97
N GLY H 383 -8.65 -1.33 63.90
CA GLY H 383 -8.95 -1.44 65.32
C GLY H 383 -8.28 -2.62 66.08
N MET H 384 -6.93 -2.70 66.07
CA MET H 384 -6.26 -3.77 66.79
C MET H 384 -4.97 -3.28 67.39
N GLY H 385 -4.43 -4.08 68.29
CA GLY H 385 -3.14 -3.86 68.83
C GLY H 385 -2.35 -5.14 68.89
N VAL H 386 -1.03 -5.04 68.85
CA VAL H 386 -0.18 -6.17 69.16
C VAL H 386 0.87 -5.66 70.15
N ALA H 387 1.29 -6.53 71.03
CA ALA H 387 2.36 -6.21 72.01
C ALA H 387 3.19 -7.46 72.26
N LEU H 388 4.48 -7.27 72.55
CA LEU H 388 5.38 -8.40 72.79
C LEU H 388 6.44 -7.98 73.77
N ALA H 389 6.65 -8.86 74.74
CA ALA H 389 7.52 -8.57 75.87
C ALA H 389 8.77 -9.51 75.79
N VAL H 390 9.90 -8.90 76.02
CA VAL H 390 11.18 -9.55 76.07
C VAL H 390 11.91 -9.38 77.44
N GLU H 391 12.75 -10.37 77.75
CA GLU H 391 13.54 -10.36 78.99
C GLU H 391 14.97 -10.82 78.70
N ARG H 392 15.90 -10.09 79.24
CA ARG H 392 17.32 -10.44 79.20
C ARG H 392 17.76 -10.86 80.61
N LYS H 393 18.58 -11.88 80.65
CA LYS H 393 18.99 -12.53 81.89
C LYS H 393 19.72 -11.54 82.75
#